data_6Y07
#
_entry.id   6Y07
#
_entity_poly.entity_id   1
_entity_poly.type   'polypeptide(L)'
_entity_poly.pdbx_seq_one_letter_code
;MGSSHHHHHHSSGLVPRGSHMMTSDYIIEQIQRKQEEARLKVEEMERKLEAVKEASKRGVSSDQLLNLILDLADIITTLI
QIIEESNEAIKELIKNQKGPTSDYIIEQIQRDQEEARKKVEEAEERLERVKEASKRGVSSDQLLDLIRELAEIIEELIRI
IRRSNEAIKELIKNQ
;
_entity_poly.pdbx_strand_id   A
#
# COMPACT_ATOMS: atom_id res chain seq x y z
N MET A 22 22.98 -8.19 16.01
CA MET A 22 23.26 -6.75 16.00
C MET A 22 23.28 -6.20 17.42
N THR A 23 24.01 -5.12 17.63
CA THR A 23 24.02 -4.45 18.93
C THR A 23 22.95 -3.38 18.96
N SER A 24 22.24 -3.27 20.08
CA SER A 24 21.15 -2.32 20.19
C SER A 24 21.66 -0.90 19.94
N ASP A 25 20.85 -0.10 19.25
CA ASP A 25 21.21 1.28 18.97
C ASP A 25 19.96 2.09 18.65
N TYR A 26 20.09 3.42 18.69
CA TYR A 26 18.93 4.28 18.50
C TYR A 26 18.28 4.08 17.13
N ILE A 27 19.10 3.98 16.09
CA ILE A 27 18.57 3.89 14.74
C ILE A 27 17.78 2.59 14.53
N ILE A 28 18.18 1.51 15.18
CA ILE A 28 17.47 0.23 15.04
C ILE A 28 15.99 0.42 15.44
N GLU A 29 15.76 1.01 16.60
CA GLU A 29 14.40 1.14 17.11
C GLU A 29 13.58 2.13 16.27
N GLN A 30 14.22 3.13 15.67
CA GLN A 30 13.52 4.05 14.79
C GLN A 30 12.95 3.30 13.59
N ILE A 31 13.74 2.38 13.04
CA ILE A 31 13.25 1.51 11.96
C ILE A 31 12.13 0.61 12.48
N GLN A 32 12.31 0.09 13.70
CA GLN A 32 11.37 -0.86 14.27
C GLN A 32 9.96 -0.26 14.35
N ARG A 33 9.85 0.97 14.84
CA ARG A 33 8.54 1.59 15.04
C ARG A 33 7.80 1.76 13.72
N LYS A 34 8.48 2.27 12.69
CA LYS A 34 7.85 2.46 11.39
C LYS A 34 7.32 1.14 10.83
N GLN A 35 8.04 0.05 11.07
CA GLN A 35 7.56 -1.26 10.67
C GLN A 35 6.24 -1.57 11.38
N GLU A 36 6.16 -1.22 12.66
CA GLU A 36 4.92 -1.41 13.42
C GLU A 36 3.84 -0.44 12.95
N GLU A 37 4.22 0.80 12.70
CA GLU A 37 3.25 1.80 12.25
C GLU A 37 2.74 1.48 10.86
N ALA A 38 3.65 1.04 9.98
CA ALA A 38 3.25 0.66 8.64
C ALA A 38 2.36 -0.58 8.70
N ARG A 39 2.79 -1.57 9.47
CA ARG A 39 1.99 -2.76 9.69
C ARG A 39 0.64 -2.38 10.30
N LEU A 40 0.67 -1.47 11.27
CA LEU A 40 -0.55 -1.08 11.97
C LEU A 40 -1.63 -0.67 10.98
N LYS A 41 -1.32 0.35 10.17
CA LYS A 41 -2.28 0.87 9.21
C LYS A 41 -2.77 -0.23 8.27
N VAL A 42 -1.85 -1.05 7.76
CA VAL A 42 -2.22 -2.09 6.82
C VAL A 42 -3.27 -3.02 7.44
N GLU A 43 -3.05 -3.42 8.69
CA GLU A 43 -3.96 -4.37 9.34
C GLU A 43 -5.36 -3.79 9.49
N GLU A 44 -5.47 -2.50 9.80
CA GLU A 44 -6.78 -1.90 10.03
C GLU A 44 -7.49 -1.76 8.68
N MET A 45 -6.83 -1.06 7.76
CA MET A 45 -7.41 -0.77 6.46
C MET A 45 -7.65 -2.05 5.65
N GLU A 46 -6.90 -3.12 5.92
CA GLU A 46 -7.17 -4.41 5.30
C GLU A 46 -8.65 -4.81 5.45
N ARG A 47 -9.23 -4.45 6.59
CA ARG A 47 -10.65 -4.69 6.82
C ARG A 47 -11.50 -4.04 5.72
N LYS A 48 -11.06 -2.88 5.24
CA LYS A 48 -11.73 -2.23 4.12
C LYS A 48 -11.63 -3.12 2.89
N LEU A 49 -10.41 -3.56 2.60
CA LEU A 49 -10.17 -4.38 1.41
C LEU A 49 -11.02 -5.64 1.44
N GLU A 50 -11.00 -6.34 2.56
CA GLU A 50 -11.79 -7.57 2.69
C GLU A 50 -13.28 -7.26 2.73
N ALA A 51 -13.66 -6.17 3.38
CA ALA A 51 -15.06 -5.78 3.45
C ALA A 51 -15.59 -5.41 2.08
N VAL A 52 -14.77 -4.73 1.29
CA VAL A 52 -15.18 -4.30 -0.04
C VAL A 52 -15.40 -5.50 -0.95
N LYS A 53 -14.45 -6.46 -0.93
CA LYS A 53 -14.63 -7.67 -1.72
C LYS A 53 -15.86 -8.43 -1.24
N GLU A 54 -15.97 -8.56 0.07
CA GLU A 54 -17.09 -9.29 0.66
C GLU A 54 -18.42 -8.69 0.21
N ALA A 55 -18.48 -7.37 0.17
CA ALA A 55 -19.66 -6.68 -0.35
C ALA A 55 -19.85 -6.97 -1.85
N SER A 56 -18.74 -7.06 -2.58
CA SER A 56 -18.81 -7.29 -4.02
C SER A 56 -19.49 -8.61 -4.33
N LYS A 57 -19.19 -9.64 -3.56
CA LYS A 57 -19.76 -10.96 -3.81
C LYS A 57 -21.29 -10.90 -3.71
N ARG A 58 -21.77 -10.25 -2.67
CA ARG A 58 -23.21 -10.21 -2.38
C ARG A 58 -23.98 -9.51 -3.51
N GLY A 59 -23.38 -8.48 -4.10
CA GLY A 59 -24.04 -7.73 -5.15
C GLY A 59 -24.93 -6.64 -4.57
N VAL A 60 -24.34 -5.80 -3.72
CA VAL A 60 -25.09 -4.72 -3.08
C VAL A 60 -25.63 -3.75 -4.13
N SER A 61 -26.80 -3.17 -3.83
CA SER A 61 -27.47 -2.28 -4.79
C SER A 61 -26.69 -1.00 -4.98
N SER A 62 -27.15 -0.18 -5.94
CA SER A 62 -26.43 1.03 -6.32
C SER A 62 -26.25 1.98 -5.14
N ASP A 63 -27.32 2.21 -4.39
CA ASP A 63 -27.27 3.20 -3.31
C ASP A 63 -26.13 2.90 -2.34
N GLN A 64 -25.99 1.63 -1.98
CA GLN A 64 -24.91 1.20 -1.09
C GLN A 64 -23.54 1.25 -1.79
N LEU A 65 -23.52 1.09 -3.12
CA LEU A 65 -22.27 0.97 -3.85
C LEU A 65 -21.35 2.17 -3.59
N LEU A 66 -21.94 3.35 -3.43
CA LEU A 66 -21.15 4.56 -3.21
C LEU A 66 -20.20 4.40 -2.03
N ASN A 67 -20.66 3.70 -0.99
CA ASN A 67 -19.85 3.49 0.20
C ASN A 67 -18.52 2.81 -0.15
N LEU A 68 -18.55 1.90 -1.11
CA LEU A 68 -17.36 1.13 -1.47
C LEU A 68 -16.28 2.03 -2.04
N ILE A 69 -16.68 2.99 -2.88
CA ILE A 69 -15.71 3.87 -3.53
C ILE A 69 -14.89 4.62 -2.48
N LEU A 70 -15.59 5.17 -1.48
CA LEU A 70 -14.91 5.87 -0.40
C LEU A 70 -14.01 4.93 0.38
N ASP A 71 -14.47 3.70 0.58
CA ASP A 71 -13.68 2.71 1.33
C ASP A 71 -12.36 2.42 0.62
N LEU A 72 -12.42 2.25 -0.70
CA LEU A 72 -11.21 2.00 -1.48
C LEU A 72 -10.32 3.24 -1.49
N ALA A 73 -10.93 4.42 -1.58
CA ALA A 73 -10.17 5.66 -1.59
C ALA A 73 -9.31 5.78 -0.35
N ASP A 74 -9.88 5.40 0.80
CA ASP A 74 -9.15 5.46 2.06
C ASP A 74 -7.91 4.56 2.00
N ILE A 75 -8.06 3.38 1.41
CA ILE A 75 -6.96 2.43 1.34
C ILE A 75 -5.82 2.99 0.50
N ILE A 76 -6.14 3.45 -0.71
CA ILE A 76 -5.11 3.94 -1.62
C ILE A 76 -4.38 5.12 -0.99
N THR A 77 -5.15 6.08 -0.47
CA THR A 77 -4.55 7.26 0.13
C THR A 77 -3.61 6.87 1.27
N THR A 78 -4.05 5.94 2.12
CA THR A 78 -3.22 5.49 3.23
C THR A 78 -1.93 4.88 2.72
N LEU A 79 -2.01 4.04 1.69
CA LEU A 79 -0.83 3.35 1.17
C LEU A 79 0.19 4.35 0.64
N ILE A 80 -0.28 5.39 -0.04
CA ILE A 80 0.62 6.41 -0.59
C ILE A 80 1.49 7.00 0.51
N GLN A 81 0.88 7.30 1.66
CA GLN A 81 1.65 7.80 2.79
C GLN A 81 2.71 6.78 3.20
N ILE A 82 2.33 5.51 3.24
CA ILE A 82 3.27 4.45 3.61
C ILE A 82 4.43 4.41 2.62
N ILE A 83 4.12 4.48 1.33
CA ILE A 83 5.16 4.48 0.30
C ILE A 83 6.13 5.64 0.54
N GLU A 84 5.60 6.80 0.91
CA GLU A 84 6.45 7.95 1.22
C GLU A 84 7.34 7.65 2.44
N GLU A 85 6.77 6.99 3.44
CA GLU A 85 7.53 6.66 4.65
C GLU A 85 8.57 5.60 4.35
N SER A 86 8.21 4.61 3.55
CA SER A 86 9.14 3.54 3.22
C SER A 86 10.37 4.10 2.51
N ASN A 87 10.16 5.08 1.64
CA ASN A 87 11.28 5.71 0.94
C ASN A 87 12.21 6.40 1.94
N GLU A 88 11.61 7.07 2.93
CA GLU A 88 12.38 7.74 3.97
C GLU A 88 13.13 6.74 4.84
N ALA A 89 12.52 5.57 5.07
CA ALA A 89 13.13 4.56 5.93
C ALA A 89 14.52 4.18 5.41
N ILE A 90 14.62 4.02 4.10
CA ILE A 90 15.91 3.71 3.48
C ILE A 90 16.90 4.85 3.73
N LYS A 91 16.42 6.08 3.56
CA LYS A 91 17.28 7.24 3.70
C LYS A 91 17.87 7.33 5.10
N GLU A 92 17.03 7.11 6.11
CA GLU A 92 17.48 7.19 7.50
C GLU A 92 18.45 6.06 7.84
N LEU A 93 18.20 4.88 7.27
CA LEU A 93 18.99 3.70 7.62
C LEU A 93 20.46 3.88 7.23
N ILE A 94 20.72 4.38 6.03
CA ILE A 94 22.09 4.43 5.52
C ILE A 94 22.91 5.54 6.18
N LYS A 95 22.28 6.65 6.54
CA LYS A 95 23.00 7.74 7.19
C LYS A 95 23.56 7.29 8.53
N ASN A 96 22.75 6.55 9.29
CA ASN A 96 23.14 6.14 10.64
C ASN A 96 23.77 4.74 10.70
N GLN A 97 24.10 4.15 9.55
CA GLN A 97 24.70 2.82 9.54
C GLN A 97 26.21 2.91 9.53
N LYS A 98 26.84 2.24 10.50
CA LYS A 98 28.30 2.15 10.57
C LYS A 98 28.77 0.73 10.32
N GLY A 99 29.54 0.55 9.25
CA GLY A 99 29.93 -0.77 8.78
C GLY A 99 29.73 -0.85 7.25
N PRO A 100 30.05 -1.96 6.63
CA PRO A 100 29.94 -2.06 5.14
C PRO A 100 28.52 -2.44 4.68
N THR A 101 27.72 -1.43 4.36
CA THR A 101 26.37 -1.68 3.86
C THR A 101 26.42 -2.02 2.37
N SER A 102 25.73 -3.09 1.99
CA SER A 102 25.73 -3.52 0.59
C SER A 102 24.80 -2.66 -0.25
N ASP A 103 25.25 -2.30 -1.45
CA ASP A 103 24.47 -1.45 -2.33
C ASP A 103 23.25 -2.20 -2.90
N TYR A 104 23.43 -3.50 -3.16
CA TYR A 104 22.40 -4.28 -3.84
C TYR A 104 21.11 -4.40 -3.03
N ILE A 105 21.23 -4.63 -1.73
CA ILE A 105 20.06 -4.74 -0.86
C ILE A 105 19.33 -3.40 -0.82
N ILE A 106 20.07 -2.31 -0.60
CA ILE A 106 19.47 -0.98 -0.57
C ILE A 106 18.78 -0.71 -1.92
N GLU A 107 19.48 -0.98 -3.01
CA GLU A 107 18.92 -0.77 -4.34
C GLU A 107 17.71 -1.69 -4.55
N GLN A 108 17.83 -2.93 -4.10
CA GLN A 108 16.77 -3.92 -4.28
C GLN A 108 15.45 -3.41 -3.71
N ILE A 109 15.52 -2.83 -2.51
CA ILE A 109 14.33 -2.29 -1.88
C ILE A 109 13.78 -1.11 -2.68
N GLN A 110 14.68 -0.25 -3.16
CA GLN A 110 14.26 0.92 -3.92
C GLN A 110 13.52 0.52 -5.19
N ARG A 111 14.00 -0.54 -5.86
CA ARG A 111 13.34 -1.01 -7.07
C ARG A 111 11.93 -1.51 -6.76
N ASP A 112 11.77 -2.17 -5.63
CA ASP A 112 10.44 -2.62 -5.21
C ASP A 112 9.52 -1.42 -5.02
N GLN A 113 10.05 -0.37 -4.40
CA GLN A 113 9.30 0.88 -4.27
C GLN A 113 9.08 1.50 -5.64
N GLU A 114 10.08 1.43 -6.52
CA GLU A 114 9.94 1.98 -7.86
C GLU A 114 8.79 1.31 -8.60
N GLU A 115 8.67 0.00 -8.44
CA GLU A 115 7.54 -0.74 -9.00
C GLU A 115 6.23 -0.29 -8.35
N ALA A 116 6.28 -0.04 -7.04
CA ALA A 116 5.11 0.42 -6.32
C ALA A 116 4.64 1.76 -6.89
N ARG A 117 5.58 2.64 -7.19
CA ARG A 117 5.24 3.93 -7.77
C ARG A 117 4.54 3.77 -9.11
N LYS A 118 5.01 2.84 -9.93
CA LYS A 118 4.40 2.61 -11.23
C LYS A 118 2.97 2.10 -11.09
N LYS A 119 2.81 1.03 -10.31
CA LYS A 119 1.51 0.38 -10.19
C LYS A 119 0.46 1.30 -9.57
N VAL A 120 0.84 2.02 -8.52
CA VAL A 120 -0.12 2.86 -7.82
C VAL A 120 -0.80 3.86 -8.77
N GLU A 121 -0.09 4.26 -9.84
CA GLU A 121 -0.68 5.17 -10.82
C GLU A 121 -1.95 4.55 -11.41
N GLU A 122 -1.90 3.24 -11.67
CA GLU A 122 -3.07 2.55 -12.19
C GLU A 122 -4.20 2.53 -11.16
N ALA A 123 -3.84 2.35 -9.89
CA ALA A 123 -4.83 2.33 -8.83
C ALA A 123 -5.54 3.68 -8.74
N GLU A 124 -4.75 4.75 -8.81
CA GLU A 124 -5.31 6.10 -8.80
C GLU A 124 -6.12 6.37 -10.05
N GLU A 125 -5.68 5.84 -11.19
CA GLU A 125 -6.34 6.11 -12.46
C GLU A 125 -7.79 5.61 -12.43
N ARG A 126 -7.96 4.34 -12.11
CA ARG A 126 -9.30 3.76 -12.02
C ARG A 126 -10.10 4.33 -10.85
N LEU A 127 -9.43 4.73 -9.77
CA LEU A 127 -10.11 5.44 -8.69
C LEU A 127 -10.78 6.70 -9.23
N GLU A 128 -10.07 7.40 -10.12
CA GLU A 128 -10.61 8.61 -10.74
C GLU A 128 -11.67 8.28 -11.78
N ARG A 129 -11.44 7.23 -12.57
CA ARG A 129 -12.38 6.85 -13.61
C ARG A 129 -13.76 6.55 -13.03
N VAL A 130 -13.79 5.67 -12.04
CA VAL A 130 -15.07 5.25 -11.46
C VAL A 130 -15.80 6.46 -10.88
N LYS A 131 -15.07 7.34 -10.20
CA LYS A 131 -15.67 8.56 -9.66
C LYS A 131 -16.22 9.41 -10.79
N GLU A 132 -15.42 9.56 -11.84
CA GLU A 132 -15.85 10.33 -13.01
C GLU A 132 -17.08 9.68 -13.65
N ALA A 133 -17.11 8.35 -13.67
CA ALA A 133 -18.25 7.61 -14.21
C ALA A 133 -19.49 7.84 -13.33
N SER A 134 -19.29 7.87 -12.02
CA SER A 134 -20.40 8.04 -11.09
C SER A 134 -21.12 9.36 -11.31
N LYS A 135 -20.36 10.43 -11.52
CA LYS A 135 -20.95 11.75 -11.74
C LYS A 135 -21.89 11.73 -12.95
N ARG A 136 -21.42 11.12 -14.03
CA ARG A 136 -22.19 11.10 -15.29
C ARG A 136 -23.49 10.31 -15.12
N GLY A 137 -23.46 9.28 -14.28
CA GLY A 137 -24.64 8.44 -14.09
C GLY A 137 -24.55 7.17 -14.93
N VAL A 138 -23.44 6.46 -14.78
CA VAL A 138 -23.23 5.22 -15.52
C VAL A 138 -23.89 4.06 -14.78
N SER A 139 -24.41 3.10 -15.54
CA SER A 139 -25.19 2.00 -14.97
C SER A 139 -24.46 1.34 -13.80
N SER A 140 -25.24 0.74 -12.90
CA SER A 140 -24.70 0.16 -11.67
C SER A 140 -23.68 -0.94 -11.97
N ASP A 141 -24.02 -1.83 -12.92
CA ASP A 141 -23.17 -2.98 -13.18
C ASP A 141 -21.77 -2.57 -13.61
N GLN A 142 -21.66 -1.49 -14.38
CA GLN A 142 -20.35 -1.02 -14.83
C GLN A 142 -19.53 -0.52 -13.64
N LEU A 143 -20.18 0.21 -12.74
CA LEU A 143 -19.48 0.77 -11.59
C LEU A 143 -18.95 -0.34 -10.69
N LEU A 144 -19.75 -1.38 -10.50
CA LEU A 144 -19.33 -2.52 -9.68
C LEU A 144 -18.14 -3.23 -10.32
N ASP A 145 -18.16 -3.36 -11.64
CA ASP A 145 -17.08 -4.03 -12.36
C ASP A 145 -15.75 -3.33 -12.09
N LEU A 146 -15.77 -2.00 -12.08
CA LEU A 146 -14.56 -1.23 -11.81
C LEU A 146 -14.07 -1.41 -10.38
N ILE A 147 -15.01 -1.53 -9.45
CA ILE A 147 -14.67 -1.69 -8.03
C ILE A 147 -13.90 -3.00 -7.85
N ARG A 148 -14.52 -4.12 -8.22
CA ARG A 148 -13.88 -5.41 -8.01
C ARG A 148 -12.54 -5.47 -8.76
N GLU A 149 -12.52 -4.94 -9.98
CA GLU A 149 -11.28 -4.86 -10.74
C GLU A 149 -10.26 -3.98 -10.02
N LEU A 150 -10.74 -2.86 -9.49
CA LEU A 150 -9.87 -1.94 -8.74
C LEU A 150 -9.29 -2.65 -7.52
N ALA A 151 -10.11 -3.45 -6.85
CA ALA A 151 -9.66 -4.15 -5.66
C ALA A 151 -8.49 -5.08 -6.00
N GLU A 152 -8.59 -5.76 -7.13
CA GLU A 152 -7.55 -6.69 -7.54
C GLU A 152 -6.21 -5.98 -7.74
N ILE A 153 -6.26 -4.78 -8.30
CA ILE A 153 -5.02 -4.04 -8.57
C ILE A 153 -4.32 -3.71 -7.25
N ILE A 154 -5.09 -3.33 -6.24
CA ILE A 154 -4.52 -3.03 -4.93
C ILE A 154 -3.83 -4.25 -4.34
N GLU A 155 -4.43 -5.44 -4.56
CA GLU A 155 -3.81 -6.67 -4.09
C GLU A 155 -2.42 -6.83 -4.69
N GLU A 156 -2.28 -6.50 -5.97
CA GLU A 156 -0.96 -6.54 -6.61
C GLU A 156 -0.04 -5.49 -5.99
N LEU A 157 -0.61 -4.32 -5.67
CA LEU A 157 0.18 -3.24 -5.09
C LEU A 157 0.74 -3.62 -3.72
N ILE A 158 -0.10 -4.23 -2.88
CA ILE A 158 0.30 -4.50 -1.51
C ILE A 158 1.33 -5.62 -1.41
N ARG A 159 1.36 -6.53 -2.38
CA ARG A 159 2.38 -7.59 -2.39
C ARG A 159 3.78 -6.97 -2.37
N ILE A 160 3.96 -5.92 -3.15
CA ILE A 160 5.23 -5.22 -3.24
C ILE A 160 5.61 -4.64 -1.87
N ILE A 161 4.62 -4.04 -1.22
CA ILE A 161 4.85 -3.37 0.06
C ILE A 161 5.17 -4.38 1.16
N ARG A 162 4.41 -5.46 1.22
CA ARG A 162 4.58 -6.45 2.29
C ARG A 162 5.96 -7.10 2.25
N ARG A 163 6.42 -7.48 1.06
CA ARG A 163 7.72 -8.15 0.96
C ARG A 163 8.85 -7.18 1.28
N SER A 164 8.72 -5.94 0.80
CA SER A 164 9.73 -4.92 1.12
C SER A 164 9.80 -4.70 2.62
N ASN A 165 8.66 -4.75 3.29
CA ASN A 165 8.62 -4.65 4.75
C ASN A 165 9.44 -5.78 5.36
N GLU A 166 9.26 -6.98 4.82
CA GLU A 166 10.02 -8.15 5.27
C GLU A 166 11.51 -8.00 4.96
N ALA A 167 11.83 -7.37 3.83
CA ALA A 167 13.21 -7.22 3.42
C ALA A 167 14.02 -6.50 4.48
N ILE A 168 13.43 -5.47 5.09
CA ILE A 168 14.11 -4.72 6.14
C ILE A 168 14.42 -5.63 7.33
N LYS A 169 13.47 -6.49 7.68
CA LYS A 169 13.62 -7.35 8.85
C LYS A 169 14.86 -8.24 8.73
N GLU A 170 15.07 -8.80 7.55
CA GLU A 170 16.20 -9.68 7.33
C GLU A 170 17.52 -8.92 7.42
N LEU A 171 17.54 -7.74 6.81
CA LEU A 171 18.76 -6.95 6.75
C LEU A 171 19.24 -6.56 8.14
N ILE A 172 18.33 -5.99 8.94
CA ILE A 172 18.72 -5.42 10.22
C ILE A 172 19.22 -6.50 11.18
N LYS A 173 18.58 -7.67 11.16
CA LYS A 173 18.94 -8.75 12.08
C LYS A 173 20.33 -9.31 11.79
N ASN A 174 20.70 -9.37 10.51
CA ASN A 174 21.95 -10.02 10.11
C ASN A 174 23.18 -9.12 10.33
N GLN A 175 23.02 -8.00 11.04
CA GLN A 175 24.14 -7.10 11.31
C GLN A 175 24.80 -7.47 12.63
N MET A 22 29.79 0.98 11.29
CA MET A 22 29.27 0.14 12.37
C MET A 22 27.80 0.49 12.62
N THR A 23 27.15 -0.26 13.52
CA THR A 23 25.75 0.02 13.84
C THR A 23 25.50 -0.12 15.35
N SER A 24 24.42 0.50 15.81
CA SER A 24 24.05 0.43 17.23
C SER A 24 22.64 -0.13 17.37
N ASP A 25 22.42 -0.91 18.42
CA ASP A 25 21.12 -1.53 18.65
C ASP A 25 20.05 -0.48 18.97
N TYR A 26 20.45 0.58 19.68
CA TYR A 26 19.49 1.59 20.12
C TYR A 26 18.74 2.19 18.93
N ILE A 27 19.46 2.48 17.86
CA ILE A 27 18.85 3.09 16.68
C ILE A 27 17.75 2.18 16.11
N ILE A 28 18.02 0.88 16.09
CA ILE A 28 17.06 -0.07 15.54
C ILE A 28 15.71 0.02 16.27
N GLU A 29 15.77 0.17 17.60
CA GLU A 29 14.55 0.20 18.40
C GLU A 29 13.61 1.30 17.92
N GLN A 30 14.18 2.44 17.55
CA GLN A 30 13.38 3.55 17.01
C GLN A 30 12.76 3.16 15.67
N ILE A 31 13.54 2.51 14.82
CA ILE A 31 13.08 2.15 13.49
C ILE A 31 12.00 1.06 13.56
N GLN A 32 12.19 0.07 14.44
CA GLN A 32 11.20 -0.98 14.60
C GLN A 32 9.86 -0.39 15.03
N ARG A 33 9.89 0.63 15.88
CA ARG A 33 8.67 1.32 16.30
C ARG A 33 7.90 1.85 15.10
N LYS A 34 8.63 2.46 14.15
CA LYS A 34 7.98 3.08 13.01
C LYS A 34 7.22 2.06 12.16
N GLN A 35 7.80 0.88 12.00
CA GLN A 35 7.14 -0.15 11.21
C GLN A 35 6.11 -0.95 12.02
N GLU A 36 6.15 -0.88 13.36
CA GLU A 36 5.04 -1.32 14.17
C GLU A 36 3.84 -0.40 13.96
N GLU A 37 4.11 0.91 13.93
CA GLU A 37 3.06 1.88 13.63
C GLU A 37 2.59 1.74 12.19
N ALA A 38 3.53 1.49 11.27
CA ALA A 38 3.18 1.25 9.89
C ALA A 38 2.33 -0.01 9.78
N ARG A 39 2.74 -1.05 10.49
CA ARG A 39 1.97 -2.28 10.55
C ARG A 39 0.60 -2.04 11.19
N LEU A 40 0.56 -1.22 12.22
CA LEU A 40 -0.68 -1.01 12.96
C LEU A 40 -1.79 -0.54 12.06
N LYS A 41 -1.55 0.55 11.32
CA LYS A 41 -2.59 1.13 10.49
C LYS A 41 -2.98 0.24 9.32
N VAL A 42 -2.01 -0.37 8.65
CA VAL A 42 -2.30 -1.16 7.45
C VAL A 42 -3.26 -2.31 7.77
N GLU A 43 -3.09 -2.92 8.94
CA GLU A 43 -3.99 -4.01 9.36
C GLU A 43 -5.43 -3.52 9.41
N GLU A 44 -5.63 -2.30 9.90
CA GLU A 44 -6.97 -1.74 10.03
C GLU A 44 -7.60 -1.52 8.66
N MET A 45 -6.81 -1.00 7.72
CA MET A 45 -7.32 -0.69 6.40
C MET A 45 -7.76 -1.95 5.66
N GLU A 46 -7.06 -3.06 5.89
CA GLU A 46 -7.42 -4.32 5.26
C GLU A 46 -8.84 -4.75 5.65
N ARG A 47 -9.20 -4.52 6.92
CA ARG A 47 -10.52 -4.93 7.39
C ARG A 47 -11.61 -4.28 6.55
N LYS A 48 -11.42 -3.01 6.22
CA LYS A 48 -12.33 -2.32 5.32
C LYS A 48 -12.25 -2.94 3.93
N LEU A 49 -11.04 -3.25 3.48
CA LEU A 49 -10.84 -3.85 2.17
C LEU A 49 -11.59 -5.18 2.08
N GLU A 50 -11.53 -5.96 3.15
CA GLU A 50 -12.26 -7.22 3.20
C GLU A 50 -13.77 -6.97 3.10
N ALA A 51 -14.24 -5.88 3.70
CA ALA A 51 -15.66 -5.54 3.64
C ALA A 51 -16.09 -5.28 2.20
N VAL A 52 -15.22 -4.65 1.42
CA VAL A 52 -15.53 -4.35 0.02
C VAL A 52 -15.73 -5.63 -0.78
N LYS A 53 -14.81 -6.59 -0.61
CA LYS A 53 -14.94 -7.86 -1.30
C LYS A 53 -16.21 -8.59 -0.85
N GLU A 54 -16.46 -8.56 0.45
CA GLU A 54 -17.62 -9.22 1.02
C GLU A 54 -18.92 -8.58 0.54
N ALA A 55 -18.94 -7.25 0.54
CA ALA A 55 -20.14 -6.51 0.14
C ALA A 55 -20.31 -6.50 -1.37
N SER A 56 -19.20 -6.37 -2.09
CA SER A 56 -19.26 -6.24 -3.55
C SER A 56 -19.80 -7.50 -4.20
N LYS A 57 -21.08 -7.47 -4.55
CA LYS A 57 -21.69 -8.57 -5.29
C LYS A 57 -22.77 -8.05 -6.21
N ARG A 58 -23.27 -8.92 -7.08
CA ARG A 58 -24.25 -8.52 -8.08
C ARG A 58 -25.56 -8.10 -7.42
N GLY A 59 -26.25 -7.14 -8.03
CA GLY A 59 -27.55 -6.71 -7.51
C GLY A 59 -27.40 -5.70 -6.37
N VAL A 60 -26.47 -4.77 -6.51
CA VAL A 60 -26.26 -3.72 -5.52
C VAL A 60 -26.63 -2.36 -6.11
N SER A 61 -27.32 -1.55 -5.33
CA SER A 61 -27.73 -0.23 -5.78
C SER A 61 -26.52 0.69 -5.91
N SER A 62 -26.62 1.66 -6.81
CA SER A 62 -25.52 2.59 -7.05
C SER A 62 -25.17 3.41 -5.81
N ASP A 63 -26.17 3.67 -4.97
CA ASP A 63 -25.95 4.51 -3.78
C ASP A 63 -24.85 3.93 -2.91
N GLN A 64 -24.88 2.61 -2.70
CA GLN A 64 -23.87 1.95 -1.88
C GLN A 64 -22.49 2.02 -2.54
N LEU A 65 -22.45 1.96 -3.87
CA LEU A 65 -21.18 1.96 -4.58
C LEU A 65 -20.36 3.19 -4.23
N LEU A 66 -21.01 4.34 -4.12
CA LEU A 66 -20.29 5.58 -3.83
C LEU A 66 -19.53 5.44 -2.51
N ASN A 67 -20.18 4.87 -1.51
CA ASN A 67 -19.53 4.63 -0.22
C ASN A 67 -18.39 3.64 -0.36
N LEU A 68 -18.59 2.62 -1.19
CA LEU A 68 -17.56 1.60 -1.40
C LEU A 68 -16.31 2.21 -2.02
N ILE A 69 -16.51 3.09 -2.99
CA ILE A 69 -15.37 3.81 -3.58
C ILE A 69 -14.72 4.71 -2.53
N LEU A 70 -15.55 5.37 -1.73
CA LEU A 70 -15.05 6.24 -0.66
C LEU A 70 -14.14 5.44 0.28
N ASP A 71 -14.56 4.23 0.61
CA ASP A 71 -13.77 3.38 1.49
C ASP A 71 -12.42 3.09 0.86
N LEU A 72 -12.43 2.67 -0.40
CA LEU A 72 -11.19 2.38 -1.11
C LEU A 72 -10.36 3.65 -1.26
N ALA A 73 -11.02 4.78 -1.51
CA ALA A 73 -10.31 6.05 -1.64
C ALA A 73 -9.55 6.36 -0.35
N ASP A 74 -10.17 6.07 0.79
CA ASP A 74 -9.51 6.27 2.07
C ASP A 74 -8.24 5.42 2.18
N ILE A 75 -8.30 4.20 1.66
CA ILE A 75 -7.15 3.30 1.73
C ILE A 75 -5.94 3.93 1.04
N ILE A 76 -6.14 4.47 -0.16
CA ILE A 76 -5.03 5.09 -0.91
C ILE A 76 -4.41 6.20 -0.07
N THR A 77 -5.19 7.21 0.29
CA THR A 77 -4.65 8.38 0.98
C THR A 77 -3.91 7.97 2.26
N THR A 78 -4.50 7.05 3.02
CA THR A 78 -3.87 6.57 4.24
C THR A 78 -2.63 5.74 3.91
N LEU A 79 -2.76 4.89 2.89
CA LEU A 79 -1.68 4.00 2.49
C LEU A 79 -0.47 4.80 2.00
N ILE A 80 -0.72 5.92 1.32
CA ILE A 80 0.38 6.77 0.86
C ILE A 80 1.23 7.21 2.07
N GLN A 81 0.57 7.52 3.17
CA GLN A 81 1.27 7.87 4.40
C GLN A 81 2.11 6.69 4.90
N ILE A 82 1.58 5.47 4.77
CA ILE A 82 2.32 4.28 5.18
C ILE A 82 3.61 4.20 4.38
N ILE A 83 3.50 4.32 3.07
CA ILE A 83 4.67 4.32 2.19
C ILE A 83 5.58 5.50 2.53
N GLU A 84 4.97 6.66 2.80
CA GLU A 84 5.74 7.86 3.14
C GLU A 84 6.55 7.65 4.40
N GLU A 85 6.00 6.93 5.37
CA GLU A 85 6.74 6.60 6.58
C GLU A 85 7.74 5.46 6.32
N SER A 86 7.31 4.48 5.53
CA SER A 86 8.13 3.30 5.31
C SER A 86 9.45 3.64 4.62
N ASN A 87 9.39 4.51 3.63
CA ASN A 87 10.59 4.84 2.85
C ASN A 87 11.52 5.83 3.56
N GLU A 88 11.13 6.31 4.75
CA GLU A 88 12.03 7.12 5.57
C GLU A 88 12.86 6.20 6.48
N ALA A 89 12.20 5.21 7.07
CA ALA A 89 12.88 4.27 7.94
C ALA A 89 13.85 3.40 7.14
N ILE A 90 13.39 2.90 6.01
CA ILE A 90 14.25 2.11 5.12
C ILE A 90 15.45 2.96 4.69
N LYS A 91 15.20 4.22 4.37
CA LYS A 91 16.27 5.12 3.96
C LYS A 91 17.33 5.22 5.05
N GLU A 92 16.90 5.46 6.28
CA GLU A 92 17.83 5.64 7.39
C GLU A 92 18.51 4.33 7.78
N LEU A 93 17.75 3.24 7.75
CA LEU A 93 18.26 1.96 8.22
C LEU A 93 19.43 1.47 7.36
N ILE A 94 19.25 1.48 6.05
CA ILE A 94 20.23 0.87 5.15
C ILE A 94 21.61 1.53 5.25
N LYS A 95 21.65 2.80 5.63
CA LYS A 95 22.92 3.53 5.70
C LYS A 95 23.85 2.87 6.71
N ASN A 96 23.31 2.67 7.91
CA ASN A 96 24.09 2.16 9.03
C ASN A 96 24.51 0.72 8.82
N GLN A 97 23.61 -0.09 8.28
CA GLN A 97 23.86 -1.53 8.19
C GLN A 97 24.94 -1.85 7.17
N LYS A 98 24.80 -1.32 5.96
CA LYS A 98 25.77 -1.60 4.89
C LYS A 98 26.63 -0.39 4.54
N GLY A 99 26.76 0.58 5.45
CA GLY A 99 27.51 1.79 5.17
C GLY A 99 26.71 2.72 4.26
N PRO A 100 27.27 3.84 3.83
CA PRO A 100 26.51 4.82 3.00
C PRO A 100 26.46 4.43 1.52
N THR A 101 27.52 3.78 1.04
CA THR A 101 27.57 3.36 -0.36
C THR A 101 27.65 1.84 -0.47
N SER A 102 26.74 1.26 -1.26
CA SER A 102 26.72 -0.17 -1.48
C SER A 102 25.99 -0.50 -2.77
N ASP A 103 26.24 -1.69 -3.31
CA ASP A 103 25.60 -2.10 -4.56
C ASP A 103 24.08 -2.17 -4.42
N TYR A 104 23.62 -2.65 -3.27
CA TYR A 104 22.19 -2.84 -3.06
C TYR A 104 21.44 -1.50 -3.06
N ILE A 105 22.04 -0.49 -2.44
CA ILE A 105 21.38 0.82 -2.29
C ILE A 105 20.94 1.36 -3.65
N ILE A 106 21.83 1.29 -4.64
CA ILE A 106 21.49 1.79 -5.97
C ILE A 106 20.47 0.89 -6.67
N GLU A 107 20.45 -0.40 -6.33
CA GLU A 107 19.47 -1.31 -6.91
C GLU A 107 18.06 -1.00 -6.43
N GLN A 108 17.92 -0.54 -5.19
CA GLN A 108 16.59 -0.30 -4.63
C GLN A 108 15.81 0.69 -5.49
N ILE A 109 16.47 1.78 -5.90
CA ILE A 109 15.79 2.83 -6.63
C ILE A 109 15.52 2.47 -8.10
N GLN A 110 16.29 1.54 -8.65
CA GLN A 110 16.17 1.19 -10.06
C GLN A 110 14.96 0.31 -10.35
N ARG A 111 14.54 -0.54 -9.40
CA ARG A 111 13.34 -1.35 -9.62
C ARG A 111 12.52 -1.56 -8.35
N ASP A 112 13.15 -1.86 -7.21
CA ASP A 112 12.41 -2.15 -5.99
C ASP A 112 11.42 -1.02 -5.66
N GLN A 113 11.88 0.21 -5.86
CA GLN A 113 11.02 1.38 -5.73
C GLN A 113 9.99 1.44 -6.86
N GLU A 114 10.43 1.07 -8.06
CA GLU A 114 9.62 1.26 -9.26
C GLU A 114 8.35 0.40 -9.24
N GLU A 115 8.51 -0.91 -9.00
CA GLU A 115 7.34 -1.80 -9.04
C GLU A 115 6.29 -1.34 -8.03
N ALA A 116 6.74 -0.89 -6.86
CA ALA A 116 5.82 -0.37 -5.86
C ALA A 116 5.29 1.00 -6.28
N ARG A 117 6.19 1.85 -6.77
CA ARG A 117 5.81 3.22 -7.11
C ARG A 117 4.80 3.26 -8.26
N LYS A 118 5.04 2.47 -9.31
CA LYS A 118 4.10 2.38 -10.42
C LYS A 118 2.76 1.84 -9.94
N LYS A 119 2.81 0.85 -9.05
CA LYS A 119 1.59 0.21 -8.57
C LYS A 119 0.67 1.26 -7.93
N VAL A 120 1.25 2.22 -7.22
CA VAL A 120 0.49 3.33 -6.68
C VAL A 120 -0.22 4.08 -7.81
N GLU A 121 0.52 4.33 -8.90
CA GLU A 121 -0.05 5.00 -10.05
C GLU A 121 -1.13 4.13 -10.69
N GLU A 122 -0.91 2.82 -10.73
CA GLU A 122 -1.90 1.90 -11.28
C GLU A 122 -3.17 1.95 -10.45
N ALA A 123 -3.01 1.97 -9.14
CA ALA A 123 -4.16 2.11 -8.24
C ALA A 123 -4.80 3.47 -8.43
N GLU A 124 -3.98 4.51 -8.54
CA GLU A 124 -4.47 5.85 -8.79
C GLU A 124 -5.21 5.93 -10.12
N GLU A 125 -4.75 5.18 -11.10
CA GLU A 125 -5.34 5.22 -12.44
C GLU A 125 -6.81 4.79 -12.39
N ARG A 126 -7.06 3.56 -11.96
CA ARG A 126 -8.42 3.05 -11.87
C ARG A 126 -9.23 3.74 -10.78
N LEU A 127 -8.57 4.18 -9.70
CA LEU A 127 -9.28 4.87 -8.62
C LEU A 127 -10.04 6.08 -9.16
N GLU A 128 -9.43 6.78 -10.12
CA GLU A 128 -10.08 7.95 -10.72
C GLU A 128 -11.20 7.53 -11.66
N ARG A 129 -10.98 6.45 -12.41
CA ARG A 129 -11.94 5.99 -13.39
C ARG A 129 -13.26 5.58 -12.73
N VAL A 130 -13.18 4.93 -11.57
CA VAL A 130 -14.38 4.47 -10.90
C VAL A 130 -15.25 5.64 -10.46
N LYS A 131 -14.63 6.71 -9.99
CA LYS A 131 -15.36 7.94 -9.69
C LYS A 131 -15.95 8.52 -10.96
N GLU A 132 -15.13 8.54 -12.02
CA GLU A 132 -15.54 9.12 -13.30
C GLU A 132 -16.74 8.38 -13.87
N ALA A 133 -16.77 7.06 -13.71
CA ALA A 133 -17.85 6.26 -14.26
C ALA A 133 -19.18 6.57 -13.57
N SER A 134 -19.14 6.72 -12.25
CA SER A 134 -20.35 6.99 -11.49
C SER A 134 -21.00 8.31 -11.91
N LYS A 135 -20.17 9.30 -12.24
CA LYS A 135 -20.69 10.60 -12.66
C LYS A 135 -21.55 10.44 -13.91
N ARG A 136 -21.01 9.74 -14.91
CA ARG A 136 -21.71 9.53 -16.16
C ARG A 136 -22.94 8.65 -15.97
N GLY A 137 -22.80 7.64 -15.12
CA GLY A 137 -23.90 6.71 -14.87
C GLY A 137 -23.85 5.52 -15.82
N VAL A 138 -22.66 4.95 -16.00
CA VAL A 138 -22.50 3.76 -16.81
C VAL A 138 -23.26 2.59 -16.21
N SER A 139 -23.44 1.52 -16.98
CA SER A 139 -24.19 0.37 -16.51
C SER A 139 -23.62 -0.17 -15.21
N SER A 140 -24.50 -0.63 -14.32
CA SER A 140 -24.08 -1.10 -13.01
C SER A 140 -23.29 -2.40 -13.12
N ASP A 141 -23.81 -3.36 -13.89
CA ASP A 141 -23.20 -4.69 -13.96
C ASP A 141 -21.75 -4.60 -14.39
N GLN A 142 -21.46 -3.79 -15.42
CA GLN A 142 -20.10 -3.63 -15.90
C GLN A 142 -19.21 -2.94 -14.86
N LEU A 143 -19.78 -1.97 -14.16
CA LEU A 143 -19.03 -1.18 -13.19
C LEU A 143 -18.47 -2.04 -12.06
N LEU A 144 -19.26 -3.01 -11.60
CA LEU A 144 -18.86 -3.83 -10.46
C LEU A 144 -17.52 -4.52 -10.74
N ASP A 145 -17.34 -5.00 -11.97
CA ASP A 145 -16.09 -5.64 -12.34
C ASP A 145 -14.93 -4.67 -12.21
N LEU A 146 -15.14 -3.44 -12.66
CA LEU A 146 -14.11 -2.41 -12.59
C LEU A 146 -13.73 -2.14 -11.13
N ILE A 147 -14.73 -2.08 -10.26
CA ILE A 147 -14.47 -1.87 -8.83
C ILE A 147 -13.74 -3.08 -8.26
N ARG A 148 -14.14 -4.28 -8.67
CA ARG A 148 -13.49 -5.50 -8.18
C ARG A 148 -12.00 -5.45 -8.48
N GLU A 149 -11.63 -4.94 -9.66
CA GLU A 149 -10.24 -4.77 -10.01
C GLU A 149 -9.57 -3.75 -9.09
N LEU A 150 -10.30 -2.67 -8.79
CA LEU A 150 -9.78 -1.66 -7.88
C LEU A 150 -9.48 -2.29 -6.52
N ALA A 151 -10.37 -3.16 -6.05
CA ALA A 151 -10.11 -3.90 -4.82
C ALA A 151 -8.93 -4.85 -4.99
N GLU A 152 -8.83 -5.46 -6.17
CA GLU A 152 -7.78 -6.42 -6.44
C GLU A 152 -6.40 -5.76 -6.42
N ILE A 153 -6.28 -4.62 -7.11
CA ILE A 153 -4.99 -3.92 -7.19
C ILE A 153 -4.58 -3.39 -5.81
N ILE A 154 -5.54 -2.80 -5.09
CA ILE A 154 -5.25 -2.34 -3.74
C ILE A 154 -4.84 -3.54 -2.87
N GLU A 155 -5.60 -4.63 -2.99
CA GLU A 155 -5.28 -5.85 -2.25
C GLU A 155 -3.84 -6.30 -2.55
N GLU A 156 -3.43 -6.17 -3.81
CA GLU A 156 -2.08 -6.53 -4.20
C GLU A 156 -1.06 -5.50 -3.68
N LEU A 157 -1.43 -4.23 -3.77
CA LEU A 157 -0.52 -3.15 -3.34
C LEU A 157 -0.18 -3.29 -1.86
N ILE A 158 -1.17 -3.63 -1.04
CA ILE A 158 -0.94 -3.81 0.39
C ILE A 158 0.13 -4.89 0.61
N ARG A 159 0.02 -6.00 -0.11
CA ARG A 159 0.90 -7.14 0.12
C ARG A 159 2.35 -6.87 -0.27
N ILE A 160 2.57 -6.14 -1.35
CA ILE A 160 3.94 -5.85 -1.79
C ILE A 160 4.68 -5.03 -0.74
N ILE A 161 3.99 -4.04 -0.18
CA ILE A 161 4.60 -3.18 0.83
C ILE A 161 5.01 -4.02 2.06
N ARG A 162 4.18 -4.99 2.44
CA ARG A 162 4.54 -5.85 3.57
C ARG A 162 5.86 -6.58 3.30
N ARG A 163 5.91 -7.30 2.18
CA ARG A 163 7.06 -8.14 1.89
C ARG A 163 8.35 -7.33 1.84
N SER A 164 8.27 -6.11 1.32
CA SER A 164 9.44 -5.24 1.29
C SER A 164 9.84 -4.81 2.70
N ASN A 165 8.84 -4.54 3.53
CA ASN A 165 9.10 -4.11 4.91
C ASN A 165 9.69 -5.24 5.74
N GLU A 166 9.18 -6.46 5.53
CA GLU A 166 9.65 -7.62 6.27
C GLU A 166 11.12 -7.92 5.99
N ALA A 167 11.56 -7.64 4.76
CA ALA A 167 12.94 -7.92 4.37
C ALA A 167 13.93 -7.21 5.29
N ILE A 168 13.58 -6.02 5.76
CA ILE A 168 14.43 -5.25 6.66
C ILE A 168 14.82 -6.10 7.88
N LYS A 169 13.92 -6.94 8.35
CA LYS A 169 14.18 -7.76 9.54
C LYS A 169 15.44 -8.61 9.34
N GLU A 170 15.66 -9.08 8.12
CA GLU A 170 16.86 -9.87 7.82
C GLU A 170 18.12 -9.00 7.90
N LEU A 171 18.00 -7.74 7.47
CA LEU A 171 19.16 -6.86 7.41
C LEU A 171 19.73 -6.57 8.79
N ILE A 172 18.86 -6.40 9.79
CA ILE A 172 19.33 -6.06 11.13
C ILE A 172 20.08 -7.23 11.77
N LYS A 173 19.63 -8.45 11.49
CA LYS A 173 20.30 -9.64 12.03
C LYS A 173 21.67 -9.86 11.38
N ASN A 174 21.79 -9.50 10.09
CA ASN A 174 22.98 -9.85 9.33
C ASN A 174 23.86 -8.64 9.04
N GLN A 175 25.17 -8.90 8.90
CA GLN A 175 26.13 -7.89 8.49
C GLN A 175 26.65 -8.19 7.08
N MET A 22 30.46 -0.92 15.87
CA MET A 22 29.60 -1.40 16.94
C MET A 22 28.13 -1.19 16.61
N THR A 23 27.35 -2.26 16.68
CA THR A 23 25.92 -2.17 16.42
C THR A 23 25.19 -1.72 17.69
N SER A 24 23.99 -1.17 17.53
CA SER A 24 23.23 -0.66 18.67
C SER A 24 21.80 -1.16 18.64
N ASP A 25 21.34 -1.71 19.76
CA ASP A 25 19.94 -2.10 19.90
C ASP A 25 19.01 -0.89 19.82
N TYR A 26 19.47 0.24 20.34
CA TYR A 26 18.67 1.46 20.38
C TYR A 26 18.12 1.82 19.00
N ILE A 27 18.99 1.80 17.99
CA ILE A 27 18.59 2.17 16.64
C ILE A 27 17.68 1.08 16.09
N ILE A 28 18.04 -0.19 16.29
CA ILE A 28 17.19 -1.29 15.86
C ILE A 28 15.79 -1.18 16.47
N GLU A 29 15.73 -0.68 17.72
CA GLU A 29 14.44 -0.53 18.40
C GLU A 29 13.52 0.42 17.65
N GLN A 30 13.95 1.66 17.48
CA GLN A 30 13.08 2.70 16.89
C GLN A 30 12.52 2.24 15.54
N ILE A 31 13.38 1.74 14.66
CA ILE A 31 12.93 1.26 13.35
C ILE A 31 11.87 0.18 13.54
N GLN A 32 12.08 -0.71 14.52
CA GLN A 32 11.11 -1.76 14.80
C GLN A 32 9.76 -1.16 15.18
N ARG A 33 9.78 -0.07 15.94
CA ARG A 33 8.56 0.62 16.35
C ARG A 33 7.82 1.14 15.12
N LYS A 34 8.55 1.75 14.20
CA LYS A 34 7.95 2.30 13.00
C LYS A 34 7.29 1.20 12.17
N GLN A 35 7.91 0.02 12.15
CA GLN A 35 7.31 -1.12 11.45
C GLN A 35 5.91 -1.41 12.01
N GLU A 36 5.79 -1.31 13.32
CA GLU A 36 4.50 -1.52 13.97
C GLU A 36 3.51 -0.41 13.59
N GLU A 37 4.01 0.83 13.53
CA GLU A 37 3.15 1.96 13.17
C GLU A 37 2.73 1.83 11.71
N ALA A 38 3.67 1.48 10.84
CA ALA A 38 3.34 1.25 9.44
C ALA A 38 2.35 0.10 9.32
N ARG A 39 2.58 -0.95 10.10
CA ARG A 39 1.68 -2.10 10.13
C ARG A 39 0.27 -1.66 10.52
N LEU A 40 0.18 -0.81 11.54
CA LEU A 40 -1.12 -0.40 12.06
C LEU A 40 -1.92 0.36 11.01
N LYS A 41 -1.25 1.23 10.26
CA LYS A 41 -1.94 2.02 9.25
C LYS A 41 -2.59 1.12 8.20
N VAL A 42 -1.88 0.09 7.77
CA VAL A 42 -2.39 -0.81 6.75
C VAL A 42 -3.58 -1.61 7.28
N GLU A 43 -3.43 -2.18 8.47
CA GLU A 43 -4.47 -3.05 9.02
C GLU A 43 -5.82 -2.34 9.08
N GLU A 44 -5.80 -1.05 9.39
CA GLU A 44 -7.05 -0.28 9.41
C GLU A 44 -7.62 -0.20 8.00
N MET A 45 -6.76 0.09 7.03
CA MET A 45 -7.17 0.18 5.63
C MET A 45 -7.62 -1.17 5.08
N GLU A 46 -7.04 -2.26 5.57
CA GLU A 46 -7.45 -3.58 5.13
C GLU A 46 -8.93 -3.81 5.44
N ARG A 47 -9.36 -3.36 6.62
CA ARG A 47 -10.77 -3.47 6.98
C ARG A 47 -11.65 -2.76 5.97
N LYS A 48 -11.18 -1.60 5.50
CA LYS A 48 -11.90 -0.87 4.46
C LYS A 48 -11.96 -1.72 3.19
N LEU A 49 -10.81 -2.27 2.79
CA LEU A 49 -10.71 -3.05 1.56
C LEU A 49 -11.63 -4.27 1.62
N GLU A 50 -11.68 -4.93 2.77
CA GLU A 50 -12.55 -6.10 2.93
C GLU A 50 -14.00 -5.73 2.67
N ALA A 51 -14.40 -4.55 3.10
CA ALA A 51 -15.76 -4.07 2.87
C ALA A 51 -16.02 -3.88 1.38
N VAL A 52 -15.02 -3.34 0.67
CA VAL A 52 -15.15 -3.12 -0.76
C VAL A 52 -15.30 -4.46 -1.49
N LYS A 53 -14.48 -5.44 -1.10
CA LYS A 53 -14.52 -6.75 -1.74
C LYS A 53 -15.88 -7.41 -1.55
N GLU A 54 -16.40 -7.37 -0.33
CA GLU A 54 -17.70 -7.96 -0.04
C GLU A 54 -18.81 -7.19 -0.76
N ALA A 55 -18.69 -5.87 -0.79
CA ALA A 55 -19.66 -5.03 -1.49
C ALA A 55 -19.53 -5.15 -3.02
N SER A 56 -18.41 -5.67 -3.52
CA SER A 56 -18.20 -5.81 -4.96
C SER A 56 -18.99 -6.99 -5.56
N LYS A 57 -19.46 -7.91 -4.73
CA LYS A 57 -20.15 -9.10 -5.22
C LYS A 57 -21.50 -8.72 -5.81
N ARG A 58 -21.98 -9.47 -6.80
CA ARG A 58 -23.29 -9.19 -7.38
C ARG A 58 -24.37 -9.51 -6.35
N GLY A 59 -25.44 -8.74 -6.39
CA GLY A 59 -26.53 -8.93 -5.44
C GLY A 59 -26.33 -8.08 -4.19
N VAL A 60 -25.91 -6.83 -4.40
CA VAL A 60 -25.71 -5.91 -3.28
C VAL A 60 -26.42 -4.58 -3.57
N SER A 61 -26.93 -3.94 -2.52
CA SER A 61 -27.71 -2.72 -2.70
C SER A 61 -26.93 -1.67 -3.49
N SER A 62 -27.64 -0.93 -4.34
CA SER A 62 -27.00 0.07 -5.19
C SER A 62 -26.47 1.24 -4.37
N ASP A 63 -27.23 1.64 -3.35
CA ASP A 63 -26.84 2.78 -2.53
C ASP A 63 -25.50 2.54 -1.86
N GLN A 64 -25.28 1.31 -1.40
CA GLN A 64 -24.03 0.96 -0.72
C GLN A 64 -22.82 1.27 -1.60
N LEU A 65 -22.96 1.05 -2.90
CA LEU A 65 -21.84 1.19 -3.84
C LEU A 65 -21.26 2.60 -3.80
N LEU A 66 -22.14 3.60 -3.66
CA LEU A 66 -21.69 4.99 -3.70
C LEU A 66 -20.63 5.27 -2.64
N ASN A 67 -20.80 4.67 -1.47
CA ASN A 67 -19.88 4.90 -0.35
C ASN A 67 -18.46 4.46 -0.68
N LEU A 68 -18.33 3.42 -1.50
CA LEU A 68 -17.03 2.80 -1.75
C LEU A 68 -16.01 3.82 -2.27
N ILE A 69 -16.47 4.78 -3.07
CA ILE A 69 -15.56 5.74 -3.68
C ILE A 69 -14.76 6.48 -2.61
N LEU A 70 -15.44 6.96 -1.57
CA LEU A 70 -14.76 7.68 -0.50
C LEU A 70 -13.84 6.73 0.28
N ASP A 71 -14.32 5.52 0.52
CA ASP A 71 -13.54 4.53 1.27
C ASP A 71 -12.26 4.19 0.52
N LEU A 72 -12.38 3.98 -0.79
CA LEU A 72 -11.22 3.66 -1.61
C LEU A 72 -10.24 4.83 -1.61
N ALA A 73 -10.77 6.05 -1.69
CA ALA A 73 -9.91 7.24 -1.72
C ALA A 73 -8.99 7.28 -0.51
N ASP A 74 -9.52 6.90 0.65
CA ASP A 74 -8.74 6.90 1.89
C ASP A 74 -7.55 5.95 1.77
N ILE A 75 -7.81 4.74 1.30
CA ILE A 75 -6.77 3.73 1.19
C ILE A 75 -5.66 4.18 0.24
N ILE A 76 -6.05 4.64 -0.95
CA ILE A 76 -5.09 5.06 -1.95
C ILE A 76 -4.13 6.11 -1.39
N THR A 77 -4.68 7.10 -0.71
CA THR A 77 -3.87 8.20 -0.19
C THR A 77 -3.10 7.80 1.07
N THR A 78 -3.65 6.88 1.86
CA THR A 78 -3.00 6.46 3.09
C THR A 78 -1.76 5.61 2.79
N LEU A 79 -1.88 4.69 1.83
CA LEU A 79 -0.79 3.76 1.54
C LEU A 79 0.43 4.47 0.99
N ILE A 80 0.23 5.42 0.07
CA ILE A 80 1.36 6.12 -0.54
C ILE A 80 2.19 6.88 0.50
N GLN A 81 1.55 7.32 1.59
CA GLN A 81 2.29 7.92 2.70
C GLN A 81 3.22 6.89 3.34
N ILE A 82 2.73 5.65 3.47
CA ILE A 82 3.54 4.57 4.01
C ILE A 82 4.76 4.29 3.12
N ILE A 83 4.58 4.40 1.80
CA ILE A 83 5.69 4.21 0.86
C ILE A 83 6.88 5.08 1.25
N GLU A 84 6.61 6.37 1.47
CA GLU A 84 7.68 7.30 1.82
C GLU A 84 8.30 6.94 3.16
N GLU A 85 7.46 6.55 4.12
CA GLU A 85 7.96 6.23 5.45
C GLU A 85 8.83 4.97 5.42
N SER A 86 8.45 4.00 4.58
CA SER A 86 9.26 2.80 4.42
C SER A 86 10.65 3.17 3.93
N ASN A 87 10.71 4.08 2.96
CA ASN A 87 11.97 4.53 2.40
C ASN A 87 12.90 5.05 3.50
N GLU A 88 12.38 5.98 4.29
CA GLU A 88 13.19 6.63 5.32
C GLU A 88 13.69 5.62 6.34
N ALA A 89 12.86 4.65 6.68
CA ALA A 89 13.25 3.61 7.63
C ALA A 89 14.36 2.74 7.06
N ILE A 90 14.25 2.42 5.78
CA ILE A 90 15.25 1.60 5.11
C ILE A 90 16.59 2.32 5.08
N LYS A 91 16.64 3.52 4.50
CA LYS A 91 17.91 4.20 4.30
C LYS A 91 18.64 4.40 5.63
N GLU A 92 17.94 4.97 6.59
CA GLU A 92 18.55 5.28 7.88
C GLU A 92 19.10 4.01 8.54
N LEU A 93 18.39 2.90 8.39
CA LEU A 93 18.85 1.62 8.92
C LEU A 93 20.21 1.27 8.33
N ILE A 94 20.36 1.50 7.02
CA ILE A 94 21.63 1.25 6.36
C ILE A 94 22.69 2.24 6.82
N LYS A 95 22.29 3.51 6.92
CA LYS A 95 23.22 4.57 7.30
C LYS A 95 23.80 4.33 8.68
N ASN A 96 22.95 3.97 9.63
CA ASN A 96 23.38 3.77 11.02
C ASN A 96 24.15 2.47 11.19
N GLN A 97 23.69 1.42 10.50
CA GLN A 97 24.31 0.10 10.65
C GLN A 97 25.65 0.01 9.92
N LYS A 98 25.60 0.07 8.59
CA LYS A 98 26.80 -0.17 7.79
C LYS A 98 27.45 1.13 7.36
N GLY A 99 26.85 1.82 6.40
CA GLY A 99 27.43 3.06 5.89
C GLY A 99 26.43 3.82 5.01
N PRO A 100 26.69 5.08 4.70
CA PRO A 100 25.76 5.87 3.84
C PRO A 100 25.51 5.20 2.49
N THR A 101 26.54 4.59 1.93
CA THR A 101 26.42 3.92 0.64
C THR A 101 26.38 2.40 0.81
N SER A 102 25.56 1.73 0.00
CA SER A 102 25.47 0.28 0.04
C SER A 102 25.00 -0.26 -1.31
N ASP A 103 25.33 -1.52 -1.58
CA ASP A 103 24.95 -2.15 -2.83
C ASP A 103 23.44 -2.15 -3.02
N TYR A 104 22.70 -2.31 -1.93
CA TYR A 104 21.25 -2.45 -1.99
C TYR A 104 20.58 -1.22 -2.61
N ILE A 105 21.06 -0.03 -2.27
CA ILE A 105 20.40 1.21 -2.67
C ILE A 105 20.28 1.27 -4.20
N ILE A 106 21.40 1.21 -4.90
CA ILE A 106 21.39 1.37 -6.36
C ILE A 106 20.40 0.41 -7.02
N GLU A 107 20.28 -0.79 -6.47
CA GLU A 107 19.34 -1.78 -7.00
C GLU A 107 17.90 -1.42 -6.63
N GLN A 108 17.68 -1.02 -5.37
CA GLN A 108 16.32 -0.85 -4.87
C GLN A 108 15.59 0.28 -5.61
N ILE A 109 16.31 1.36 -5.89
CA ILE A 109 15.71 2.49 -6.59
C ILE A 109 15.26 2.12 -8.01
N GLN A 110 15.96 1.17 -8.63
CA GLN A 110 15.63 0.77 -9.99
C GLN A 110 14.30 0.02 -10.07
N ARG A 111 13.94 -0.74 -9.03
CA ARG A 111 12.72 -1.56 -9.11
C ARG A 111 12.05 -1.79 -7.76
N ASP A 112 12.81 -1.97 -6.67
CA ASP A 112 12.19 -2.25 -5.37
C ASP A 112 11.17 -1.18 -5.00
N GLN A 113 11.49 0.07 -5.28
CA GLN A 113 10.58 1.18 -5.01
C GLN A 113 9.64 1.43 -6.19
N GLU A 114 10.17 1.34 -7.40
CA GLU A 114 9.37 1.62 -8.59
C GLU A 114 8.23 0.63 -8.72
N GLU A 115 8.49 -0.63 -8.40
CA GLU A 115 7.42 -1.63 -8.37
C GLU A 115 6.33 -1.21 -7.37
N ALA A 116 6.74 -0.68 -6.23
CA ALA A 116 5.78 -0.15 -5.27
C ALA A 116 5.11 1.11 -5.79
N ARG A 117 5.88 1.95 -6.50
CA ARG A 117 5.39 3.24 -6.96
C ARG A 117 4.40 3.08 -8.12
N LYS A 118 4.81 2.35 -9.16
CA LYS A 118 3.95 2.17 -10.33
C LYS A 118 2.64 1.47 -9.95
N LYS A 119 2.74 0.51 -9.03
CA LYS A 119 1.56 -0.25 -8.61
C LYS A 119 0.46 0.68 -8.12
N VAL A 120 0.85 1.77 -7.45
CA VAL A 120 -0.13 2.78 -7.04
C VAL A 120 -0.70 3.50 -8.25
N GLU A 121 0.17 3.89 -9.19
CA GLU A 121 -0.24 4.69 -10.33
C GLU A 121 -1.34 4.00 -11.14
N GLU A 122 -1.13 2.73 -11.47
CA GLU A 122 -2.15 1.98 -12.19
C GLU A 122 -3.39 1.73 -11.32
N ALA A 123 -3.23 1.73 -10.00
CA ALA A 123 -4.38 1.68 -9.11
C ALA A 123 -5.19 2.97 -9.21
N GLU A 124 -4.50 4.10 -9.34
CA GLU A 124 -5.18 5.39 -9.45
C GLU A 124 -5.97 5.52 -10.75
N GLU A 125 -5.41 5.01 -11.86
CA GLU A 125 -6.08 5.14 -13.15
C GLU A 125 -7.46 4.50 -13.09
N ARG A 126 -7.53 3.31 -12.51
CA ARG A 126 -8.82 2.64 -12.34
C ARG A 126 -9.68 3.31 -11.27
N LEU A 127 -9.04 3.91 -10.26
CA LEU A 127 -9.77 4.72 -9.28
C LEU A 127 -10.49 5.85 -10.00
N GLU A 128 -9.85 6.44 -11.00
CA GLU A 128 -10.48 7.51 -11.77
C GLU A 128 -11.65 6.97 -12.60
N ARG A 129 -11.53 5.74 -13.10
CA ARG A 129 -12.58 5.13 -13.90
C ARG A 129 -13.85 4.91 -13.08
N VAL A 130 -13.69 4.48 -11.82
CA VAL A 130 -14.85 4.30 -10.95
C VAL A 130 -15.42 5.65 -10.52
N LYS A 131 -14.57 6.64 -10.34
CA LYS A 131 -15.03 8.00 -10.08
C LYS A 131 -15.78 8.53 -11.30
N GLU A 132 -15.18 8.32 -12.46
CA GLU A 132 -15.76 8.80 -13.71
C GLU A 132 -17.04 8.04 -14.06
N ALA A 133 -17.03 6.73 -13.84
CA ALA A 133 -18.18 5.90 -14.17
C ALA A 133 -19.39 6.27 -13.31
N SER A 134 -19.14 6.55 -12.04
CA SER A 134 -20.22 6.86 -11.11
C SER A 134 -20.95 8.12 -11.54
N LYS A 135 -20.19 9.12 -11.99
CA LYS A 135 -20.79 10.38 -12.43
C LYS A 135 -21.66 10.16 -13.66
N ARG A 136 -21.21 9.30 -14.57
CA ARG A 136 -22.00 8.97 -15.76
C ARG A 136 -23.34 8.37 -15.35
N GLY A 137 -23.33 7.53 -14.32
CA GLY A 137 -24.54 6.84 -13.88
C GLY A 137 -24.75 5.51 -14.61
N VAL A 138 -23.66 4.85 -14.99
CA VAL A 138 -23.76 3.56 -15.65
C VAL A 138 -24.37 2.52 -14.72
N SER A 139 -24.93 1.47 -15.30
CA SER A 139 -25.61 0.44 -14.53
C SER A 139 -24.68 -0.18 -13.48
N SER A 140 -25.27 -0.85 -12.49
CA SER A 140 -24.50 -1.42 -11.39
C SER A 140 -23.50 -2.46 -11.88
N ASP A 141 -23.91 -3.27 -12.85
CA ASP A 141 -23.06 -4.37 -13.32
C ASP A 141 -21.69 -3.88 -13.77
N GLN A 142 -21.67 -2.73 -14.45
CA GLN A 142 -20.42 -2.19 -14.96
C GLN A 142 -19.48 -1.82 -13.82
N LEU A 143 -20.03 -1.25 -12.75
CA LEU A 143 -19.22 -0.81 -11.62
C LEU A 143 -18.58 -1.99 -10.90
N LEU A 144 -19.37 -3.03 -10.64
CA LEU A 144 -18.91 -4.13 -9.81
C LEU A 144 -17.61 -4.73 -10.36
N ASP A 145 -17.55 -4.88 -11.68
CA ASP A 145 -16.37 -5.44 -12.32
C ASP A 145 -15.14 -4.57 -12.05
N LEU A 146 -15.33 -3.26 -12.14
CA LEU A 146 -14.21 -2.33 -11.97
C LEU A 146 -13.73 -2.27 -10.53
N ILE A 147 -14.66 -2.32 -9.57
CA ILE A 147 -14.29 -2.24 -8.16
C ILE A 147 -13.33 -3.38 -7.79
N ARG A 148 -13.75 -4.61 -8.03
CA ARG A 148 -12.91 -5.76 -7.66
C ARG A 148 -11.57 -5.70 -8.36
N GLU A 149 -11.58 -5.31 -9.64
CA GLU A 149 -10.33 -5.23 -10.40
C GLU A 149 -9.36 -4.28 -9.72
N LEU A 150 -9.87 -3.15 -9.23
CA LEU A 150 -9.08 -2.22 -8.44
C LEU A 150 -8.66 -2.85 -7.12
N ALA A 151 -9.57 -3.59 -6.51
CA ALA A 151 -9.32 -4.17 -5.19
C ALA A 151 -8.11 -5.11 -5.23
N GLU A 152 -7.99 -5.89 -6.30
CA GLU A 152 -6.88 -6.82 -6.41
C GLU A 152 -5.55 -6.07 -6.56
N ILE A 153 -5.57 -4.97 -7.32
CA ILE A 153 -4.37 -4.15 -7.45
C ILE A 153 -3.95 -3.63 -6.07
N ILE A 154 -4.92 -3.14 -5.31
CA ILE A 154 -4.62 -2.69 -3.95
C ILE A 154 -4.22 -3.88 -3.08
N GLU A 155 -4.90 -5.02 -3.25
CA GLU A 155 -4.57 -6.20 -2.43
C GLU A 155 -3.11 -6.58 -2.62
N GLU A 156 -2.65 -6.56 -3.86
CA GLU A 156 -1.22 -6.75 -4.13
C GLU A 156 -0.41 -5.59 -3.56
N LEU A 157 -0.91 -4.37 -3.74
CA LEU A 157 -0.22 -3.19 -3.22
C LEU A 157 0.01 -3.34 -1.71
N ILE A 158 -0.98 -3.87 -1.00
CA ILE A 158 -0.82 -4.19 0.42
C ILE A 158 0.35 -5.16 0.57
N ARG A 159 0.39 -6.18 -0.28
CA ARG A 159 1.47 -7.16 -0.24
C ARG A 159 2.82 -6.50 -0.52
N ILE A 160 2.83 -5.59 -1.50
CA ILE A 160 4.04 -4.82 -1.78
C ILE A 160 4.40 -3.96 -0.57
N ILE A 161 3.39 -3.34 0.03
CA ILE A 161 3.60 -2.58 1.26
C ILE A 161 4.19 -3.50 2.33
N ARG A 162 3.64 -4.71 2.44
CA ARG A 162 4.13 -5.66 3.43
C ARG A 162 5.55 -6.11 3.11
N ARG A 163 5.80 -6.53 1.86
CA ARG A 163 7.13 -7.03 1.52
C ARG A 163 8.18 -5.94 1.71
N SER A 164 7.82 -4.69 1.40
CA SER A 164 8.74 -3.58 1.64
C SER A 164 9.14 -3.52 3.12
N ASN A 165 8.20 -3.83 4.00
CA ASN A 165 8.50 -3.98 5.43
C ASN A 165 9.28 -5.27 5.68
N GLU A 166 8.96 -6.33 4.93
CA GLU A 166 9.71 -7.58 5.06
C GLU A 166 11.19 -7.36 4.77
N ALA A 167 11.49 -6.46 3.84
CA ALA A 167 12.87 -6.09 3.55
C ALA A 167 13.62 -5.67 4.82
N ILE A 168 12.91 -5.06 5.76
CA ILE A 168 13.50 -4.66 7.04
C ILE A 168 14.10 -5.89 7.72
N LYS A 169 13.32 -6.96 7.75
CA LYS A 169 13.74 -8.18 8.44
C LYS A 169 14.99 -8.78 7.80
N GLU A 170 15.10 -8.68 6.48
CA GLU A 170 16.23 -9.28 5.77
C GLU A 170 17.54 -8.68 6.24
N LEU A 171 17.54 -7.37 6.49
CA LEU A 171 18.77 -6.67 6.85
C LEU A 171 19.29 -7.12 8.22
N ILE A 172 18.39 -7.23 9.19
CA ILE A 172 18.80 -7.64 10.53
C ILE A 172 19.23 -9.11 10.56
N LYS A 173 18.55 -9.93 9.77
CA LYS A 173 18.90 -11.34 9.67
C LYS A 173 20.29 -11.53 9.06
N ASN A 174 20.69 -10.62 8.17
CA ASN A 174 21.95 -10.75 7.45
C ASN A 174 23.04 -9.86 8.07
N GLN A 175 24.26 -10.38 8.07
CA GLN A 175 25.42 -9.61 8.52
C GLN A 175 26.28 -9.21 7.31
N MET A 22 21.70 7.96 23.03
CA MET A 22 22.33 8.88 22.09
C MET A 22 21.41 9.16 20.91
N THR A 23 21.83 10.06 20.04
CA THR A 23 21.01 10.45 18.88
C THR A 23 20.82 9.26 17.93
N SER A 24 21.87 8.47 17.75
CA SER A 24 21.82 7.33 16.85
C SER A 24 20.74 6.33 17.28
N ASP A 25 20.61 6.14 18.59
CA ASP A 25 19.65 5.17 19.12
C ASP A 25 18.22 5.51 18.71
N TYR A 26 17.91 6.80 18.63
CA TYR A 26 16.54 7.24 18.41
C TYR A 26 15.96 6.63 17.12
N ILE A 27 16.71 6.69 16.04
CA ILE A 27 16.20 6.25 14.75
C ILE A 27 15.79 4.77 14.79
N ILE A 28 16.70 3.92 15.24
CA ILE A 28 16.46 2.47 15.21
C ILE A 28 15.18 2.13 15.98
N GLU A 29 14.97 2.80 17.11
CA GLU A 29 13.78 2.55 17.91
C GLU A 29 12.52 2.97 17.16
N GLN A 30 12.53 4.18 16.61
CA GLN A 30 11.36 4.71 15.92
C GLN A 30 10.96 3.85 14.73
N ILE A 31 11.94 3.27 14.03
CA ILE A 31 11.64 2.40 12.91
C ILE A 31 10.76 1.24 13.39
N GLN A 32 11.21 0.55 14.43
CA GLN A 32 10.48 -0.61 14.94
C GLN A 32 9.07 -0.22 15.39
N ARG A 33 8.95 0.90 16.08
CA ARG A 33 7.64 1.35 16.56
C ARG A 33 6.72 1.62 15.37
N LYS A 34 7.25 2.22 14.31
CA LYS A 34 6.46 2.44 13.11
C LYS A 34 5.94 1.13 12.53
N GLN A 35 6.74 0.06 12.63
CA GLN A 35 6.27 -1.25 12.20
C GLN A 35 5.03 -1.66 12.99
N GLU A 36 5.07 -1.39 14.30
CA GLU A 36 3.93 -1.69 15.16
C GLU A 36 2.72 -0.86 14.76
N GLU A 37 2.96 0.41 14.47
CA GLU A 37 1.88 1.28 13.99
C GLU A 37 1.37 0.81 12.63
N ALA A 38 2.29 0.38 11.77
CA ALA A 38 1.93 -0.09 10.44
C ALA A 38 1.08 -1.35 10.53
N ARG A 39 1.47 -2.26 11.40
CA ARG A 39 0.77 -3.53 11.53
C ARG A 39 -0.71 -3.32 11.86
N LEU A 40 -0.99 -2.39 12.76
CA LEU A 40 -2.37 -2.13 13.17
C LEU A 40 -3.19 -1.65 11.99
N LYS A 41 -2.62 -0.76 11.19
CA LYS A 41 -3.32 -0.23 10.03
C LYS A 41 -3.52 -1.31 8.97
N VAL A 42 -2.53 -2.19 8.81
CA VAL A 42 -2.60 -3.24 7.80
C VAL A 42 -3.72 -4.23 8.14
N GLU A 43 -3.80 -4.64 9.42
CA GLU A 43 -4.80 -5.62 9.81
C GLU A 43 -6.22 -5.09 9.60
N GLU A 44 -6.43 -3.82 9.93
CA GLU A 44 -7.74 -3.19 9.71
C GLU A 44 -7.98 -2.88 8.24
N MET A 45 -6.92 -2.58 7.49
CA MET A 45 -7.04 -2.32 6.07
C MET A 45 -7.69 -3.50 5.36
N GLU A 46 -7.26 -4.71 5.75
CA GLU A 46 -7.77 -5.92 5.12
C GLU A 46 -9.26 -6.11 5.39
N ARG A 47 -9.70 -5.73 6.60
CA ARG A 47 -11.11 -5.85 6.94
C ARG A 47 -11.97 -5.01 6.01
N LYS A 48 -11.49 -3.81 5.67
CA LYS A 48 -12.18 -2.99 4.69
C LYS A 48 -12.04 -3.60 3.30
N LEU A 49 -10.84 -4.03 2.98
CA LEU A 49 -10.56 -4.58 1.65
C LEU A 49 -11.41 -5.81 1.37
N GLU A 50 -11.48 -6.71 2.35
CA GLU A 50 -12.28 -7.92 2.20
C GLU A 50 -13.77 -7.60 2.22
N ALA A 51 -14.17 -6.65 3.05
CA ALA A 51 -15.57 -6.26 3.14
C ALA A 51 -16.07 -5.74 1.80
N VAL A 52 -15.23 -4.96 1.12
CA VAL A 52 -15.58 -4.47 -0.21
C VAL A 52 -15.70 -5.63 -1.19
N LYS A 53 -14.78 -6.59 -1.09
CA LYS A 53 -14.79 -7.73 -1.99
C LYS A 53 -16.07 -8.55 -1.85
N GLU A 54 -16.43 -8.87 -0.61
CA GLU A 54 -17.60 -9.72 -0.39
C GLU A 54 -18.89 -9.01 -0.80
N ALA A 55 -19.02 -7.77 -0.36
CA ALA A 55 -20.24 -7.01 -0.60
C ALA A 55 -20.41 -6.67 -2.08
N SER A 56 -19.30 -6.32 -2.72
CA SER A 56 -19.35 -5.89 -4.12
C SER A 56 -19.89 -7.00 -5.02
N LYS A 57 -19.30 -8.18 -4.92
CA LYS A 57 -19.69 -9.30 -5.79
C LYS A 57 -21.14 -9.70 -5.54
N ARG A 58 -21.52 -9.79 -4.28
CA ARG A 58 -22.89 -10.12 -3.92
C ARG A 58 -23.88 -9.09 -4.46
N GLY A 59 -23.48 -7.82 -4.45
CA GLY A 59 -24.35 -6.74 -4.92
C GLY A 59 -24.83 -5.90 -3.73
N VAL A 60 -24.72 -4.58 -3.87
CA VAL A 60 -25.09 -3.67 -2.80
C VAL A 60 -26.02 -2.57 -3.31
N SER A 61 -26.74 -1.93 -2.39
CA SER A 61 -27.62 -0.83 -2.75
C SER A 61 -26.78 0.39 -3.15
N SER A 62 -27.39 1.31 -3.90
CA SER A 62 -26.68 2.50 -4.35
C SER A 62 -26.08 3.27 -3.18
N ASP A 63 -26.83 3.35 -2.08
CA ASP A 63 -26.36 4.08 -0.91
C ASP A 63 -25.11 3.43 -0.33
N GLN A 64 -25.16 2.11 -0.13
CA GLN A 64 -24.01 1.37 0.37
C GLN A 64 -22.85 1.40 -0.64
N LEU A 65 -23.21 1.30 -1.92
CA LEU A 65 -22.21 1.32 -2.99
C LEU A 65 -21.33 2.56 -2.89
N LEU A 66 -21.96 3.69 -2.57
CA LEU A 66 -21.21 4.94 -2.47
C LEU A 66 -20.09 4.81 -1.43
N ASN A 67 -20.41 4.21 -0.30
CA ASN A 67 -19.42 4.03 0.76
C ASN A 67 -18.25 3.17 0.29
N LEU A 68 -18.53 2.18 -0.55
CA LEU A 68 -17.48 1.28 -1.02
C LEU A 68 -16.41 2.08 -1.77
N ILE A 69 -16.83 3.04 -2.58
CA ILE A 69 -15.89 3.86 -3.33
C ILE A 69 -15.02 4.67 -2.37
N LEU A 70 -15.65 5.25 -1.34
CA LEU A 70 -14.91 6.02 -0.36
C LEU A 70 -13.93 5.13 0.40
N ASP A 71 -14.35 3.91 0.72
CA ASP A 71 -13.51 2.99 1.46
C ASP A 71 -12.20 2.73 0.72
N LEU A 72 -12.30 2.44 -0.57
CA LEU A 72 -11.11 2.20 -1.38
C LEU A 72 -10.23 3.45 -1.42
N ALA A 73 -10.85 4.62 -1.49
CA ALA A 73 -10.10 5.88 -1.48
C ALA A 73 -9.25 5.97 -0.21
N ASP A 74 -9.81 5.56 0.91
CA ASP A 74 -9.08 5.58 2.17
C ASP A 74 -7.87 4.65 2.11
N ILE A 75 -8.07 3.45 1.56
CA ILE A 75 -7.00 2.47 1.51
C ILE A 75 -5.82 3.00 0.68
N ILE A 76 -6.11 3.63 -0.45
CA ILE A 76 -5.06 4.21 -1.28
C ILE A 76 -4.26 5.23 -0.47
N THR A 77 -4.98 6.10 0.24
CA THR A 77 -4.33 7.13 1.04
C THR A 77 -3.44 6.50 2.12
N THR A 78 -3.95 5.46 2.76
CA THR A 78 -3.21 4.81 3.84
C THR A 78 -1.89 4.24 3.34
N LEU A 79 -1.89 3.62 2.17
CA LEU A 79 -0.72 2.88 1.69
C LEU A 79 0.43 3.81 1.31
N ILE A 80 0.14 4.92 0.61
CA ILE A 80 1.20 5.79 0.13
C ILE A 80 2.06 6.27 1.29
N GLN A 81 1.44 6.62 2.40
CA GLN A 81 2.18 7.04 3.58
C GLN A 81 3.12 5.94 4.04
N ILE A 82 2.66 4.69 3.97
CA ILE A 82 3.50 3.56 4.35
C ILE A 82 4.70 3.45 3.41
N ILE A 83 4.44 3.56 2.11
CA ILE A 83 5.51 3.40 1.12
C ILE A 83 6.57 4.47 1.28
N GLU A 84 6.14 5.70 1.56
CA GLU A 84 7.09 6.80 1.72
C GLU A 84 8.00 6.58 2.92
N GLU A 85 7.43 6.09 4.01
CA GLU A 85 8.21 5.87 5.23
C GLU A 85 9.19 4.71 5.07
N SER A 86 8.77 3.65 4.38
CA SER A 86 9.62 2.48 4.22
C SER A 86 10.84 2.79 3.37
N ASN A 87 10.68 3.62 2.35
CA ASN A 87 11.80 3.99 1.48
C ASN A 87 12.97 4.54 2.29
N GLU A 88 12.68 5.45 3.22
CA GLU A 88 13.70 6.00 4.08
C GLU A 88 14.13 4.99 5.14
N ALA A 89 13.18 4.23 5.66
CA ALA A 89 13.49 3.26 6.71
C ALA A 89 14.48 2.22 6.18
N ILE A 90 14.21 1.71 4.99
CA ILE A 90 15.13 0.79 4.33
C ILE A 90 16.47 1.50 4.09
N LYS A 91 16.40 2.72 3.57
CA LYS A 91 17.61 3.44 3.17
C LYS A 91 18.57 3.63 4.34
N GLU A 92 18.05 4.10 5.47
CA GLU A 92 18.90 4.42 6.61
C GLU A 92 19.56 3.16 7.18
N LEU A 93 18.82 2.06 7.21
CA LEU A 93 19.33 0.82 7.79
C LEU A 93 20.48 0.25 6.97
N ILE A 94 20.30 0.21 5.65
CA ILE A 94 21.31 -0.38 4.78
C ILE A 94 22.60 0.44 4.82
N LYS A 95 22.47 1.76 4.85
CA LYS A 95 23.64 2.63 4.92
C LYS A 95 24.48 2.34 6.16
N ASN A 96 23.79 2.04 7.27
CA ASN A 96 24.48 1.81 8.54
C ASN A 96 24.91 0.36 8.70
N GLN A 97 23.94 -0.55 8.67
CA GLN A 97 24.20 -1.94 9.01
C GLN A 97 25.24 -2.56 8.06
N LYS A 98 25.13 -2.26 6.77
CA LYS A 98 26.09 -2.79 5.81
C LYS A 98 27.40 -2.01 5.84
N GLY A 99 27.38 -0.75 5.40
CA GLY A 99 28.57 0.08 5.42
C GLY A 99 28.68 0.97 4.18
N PRO A 100 29.77 1.70 4.02
CA PRO A 100 29.93 2.62 2.84
C PRO A 100 29.88 1.90 1.49
N THR A 101 29.98 0.58 1.49
CA THR A 101 29.94 -0.19 0.25
C THR A 101 28.51 -0.61 -0.13
N SER A 102 27.51 0.09 0.38
CA SER A 102 26.11 -0.25 0.09
C SER A 102 25.60 0.39 -1.21
N ASP A 103 26.41 1.20 -1.90
CA ASP A 103 25.94 1.97 -3.04
C ASP A 103 25.21 1.11 -4.06
N TYR A 104 25.73 -0.09 -4.33
CA TYR A 104 25.13 -0.95 -5.35
C TYR A 104 23.73 -1.39 -4.95
N ILE A 105 23.57 -1.84 -3.72
CA ILE A 105 22.28 -2.35 -3.25
C ILE A 105 21.23 -1.22 -3.25
N ILE A 106 21.63 -0.03 -2.81
CA ILE A 106 20.69 1.09 -2.73
C ILE A 106 20.00 1.33 -4.08
N GLU A 107 20.75 1.22 -5.17
CA GLU A 107 20.21 1.52 -6.49
C GLU A 107 19.08 0.55 -6.86
N GLN A 108 19.30 -0.74 -6.62
CA GLN A 108 18.31 -1.75 -6.98
C GLN A 108 17.08 -1.69 -6.07
N ILE A 109 17.28 -1.33 -4.80
CA ILE A 109 16.16 -1.17 -3.87
C ILE A 109 15.18 -0.12 -4.44
N GLN A 110 15.72 0.99 -4.95
CA GLN A 110 14.88 2.02 -5.55
C GLN A 110 14.09 1.44 -6.72
N ARG A 111 14.71 0.57 -7.51
CA ARG A 111 14.01 -0.11 -8.59
C ARG A 111 12.93 -1.03 -8.02
N ASP A 112 13.26 -1.73 -6.94
CA ASP A 112 12.27 -2.60 -6.29
C ASP A 112 11.08 -1.77 -5.83
N GLN A 113 11.35 -0.62 -5.22
CA GLN A 113 10.29 0.30 -4.83
C GLN A 113 9.60 0.90 -6.06
N GLU A 114 10.37 1.12 -7.13
CA GLU A 114 9.85 1.75 -8.33
C GLU A 114 8.62 1.01 -8.86
N GLU A 115 8.63 -0.32 -8.75
CA GLU A 115 7.50 -1.12 -9.21
C GLU A 115 6.21 -0.72 -8.48
N ALA A 116 6.32 -0.38 -7.20
CA ALA A 116 5.16 0.01 -6.42
C ALA A 116 4.57 1.34 -6.93
N ARG A 117 5.43 2.34 -7.07
CA ARG A 117 4.97 3.67 -7.47
C ARG A 117 4.12 3.63 -8.74
N LYS A 118 4.54 2.80 -9.69
CA LYS A 118 3.77 2.65 -10.93
C LYS A 118 2.42 2.04 -10.61
N LYS A 119 2.39 1.04 -9.72
CA LYS A 119 1.13 0.45 -9.30
C LYS A 119 0.26 1.47 -8.57
N VAL A 120 0.90 2.32 -7.76
CA VAL A 120 0.17 3.33 -7.00
C VAL A 120 -0.57 4.28 -7.95
N GLU A 121 0.10 4.74 -8.99
CA GLU A 121 -0.54 5.67 -9.94
C GLU A 121 -1.64 4.97 -10.75
N GLU A 122 -1.51 3.67 -10.98
CA GLU A 122 -2.58 2.92 -11.64
C GLU A 122 -3.88 2.98 -10.84
N ALA A 123 -3.76 2.97 -9.52
CA ALA A 123 -4.94 3.00 -8.65
C ALA A 123 -5.72 4.30 -8.83
N GLU A 124 -5.02 5.40 -9.01
CA GLU A 124 -5.68 6.71 -9.15
C GLU A 124 -6.29 6.83 -10.54
N GLU A 125 -5.62 6.31 -11.56
CA GLU A 125 -6.18 6.35 -12.91
C GLU A 125 -7.54 5.68 -12.96
N ARG A 126 -7.60 4.47 -12.43
CA ARG A 126 -8.87 3.76 -12.31
C ARG A 126 -9.81 4.46 -11.32
N LEU A 127 -9.25 5.08 -10.28
CA LEU A 127 -10.06 5.87 -9.36
C LEU A 127 -10.79 6.98 -10.12
N GLU A 128 -10.08 7.61 -11.07
CA GLU A 128 -10.69 8.63 -11.90
C GLU A 128 -11.74 8.03 -12.82
N ARG A 129 -11.51 6.82 -13.31
CA ARG A 129 -12.52 6.12 -14.11
C ARG A 129 -13.79 5.92 -13.30
N VAL A 130 -13.63 5.56 -12.03
CA VAL A 130 -14.78 5.41 -11.15
C VAL A 130 -15.50 6.76 -11.00
N LYS A 131 -14.72 7.82 -10.80
CA LYS A 131 -15.29 9.16 -10.72
C LYS A 131 -15.98 9.54 -12.03
N GLU A 132 -15.35 9.16 -13.15
CA GLU A 132 -15.88 9.50 -14.46
C GLU A 132 -17.25 8.85 -14.68
N ALA A 133 -17.39 7.61 -14.23
CA ALA A 133 -18.64 6.89 -14.40
C ALA A 133 -19.74 7.47 -13.50
N SER A 134 -19.37 7.87 -12.30
CA SER A 134 -20.35 8.36 -11.33
C SER A 134 -21.11 9.58 -11.86
N LYS A 135 -20.37 10.58 -12.32
CA LYS A 135 -21.00 11.78 -12.85
C LYS A 135 -21.75 11.49 -14.14
N ARG A 136 -21.15 10.68 -15.00
CA ARG A 136 -21.76 10.37 -16.29
C ARG A 136 -23.12 9.69 -16.10
N GLY A 137 -23.23 8.84 -15.09
CA GLY A 137 -24.50 8.19 -14.78
C GLY A 137 -24.65 6.83 -15.46
N VAL A 138 -23.53 6.18 -15.78
CA VAL A 138 -23.59 4.85 -16.39
C VAL A 138 -24.11 3.82 -15.39
N SER A 139 -24.79 2.79 -15.89
CA SER A 139 -25.42 1.80 -15.04
C SER A 139 -24.41 1.20 -14.05
N SER A 140 -24.92 0.76 -12.91
CA SER A 140 -24.07 0.13 -11.90
C SER A 140 -23.41 -1.14 -12.42
N ASP A 141 -24.10 -1.86 -13.29
CA ASP A 141 -23.55 -3.08 -13.88
C ASP A 141 -22.22 -2.75 -14.60
N GLN A 142 -22.21 -1.63 -15.31
CA GLN A 142 -20.98 -1.14 -15.91
C GLN A 142 -19.95 -0.78 -14.83
N LEU A 143 -20.44 -0.16 -13.77
CA LEU A 143 -19.59 0.42 -12.74
C LEU A 143 -18.80 -0.63 -11.96
N LEU A 144 -19.45 -1.73 -11.60
CA LEU A 144 -18.82 -2.72 -10.73
C LEU A 144 -17.49 -3.23 -11.31
N ASP A 145 -17.41 -3.32 -12.63
CA ASP A 145 -16.20 -3.81 -13.28
C ASP A 145 -14.98 -2.98 -12.86
N LEU A 146 -15.17 -1.67 -12.75
CA LEU A 146 -14.07 -0.78 -12.37
C LEU A 146 -13.65 -1.04 -10.92
N ILE A 147 -14.63 -1.27 -10.05
CA ILE A 147 -14.36 -1.54 -8.64
C ILE A 147 -13.49 -2.80 -8.51
N ARG A 148 -13.81 -3.82 -9.30
CA ARG A 148 -13.06 -5.07 -9.22
C ARG A 148 -11.58 -4.84 -9.47
N GLU A 149 -11.26 -4.02 -10.46
CA GLU A 149 -9.86 -3.77 -10.80
C GLU A 149 -9.25 -2.75 -9.84
N LEU A 150 -10.03 -1.76 -9.41
CA LEU A 150 -9.55 -0.80 -8.42
C LEU A 150 -9.13 -1.53 -7.14
N ALA A 151 -9.90 -2.54 -6.74
CA ALA A 151 -9.58 -3.33 -5.56
C ALA A 151 -8.45 -4.31 -5.84
N GLU A 152 -8.50 -4.95 -7.01
CA GLU A 152 -7.51 -5.97 -7.37
C GLU A 152 -6.09 -5.39 -7.37
N ILE A 153 -5.96 -4.17 -7.86
CA ILE A 153 -4.65 -3.50 -7.90
C ILE A 153 -4.07 -3.44 -6.49
N ILE A 154 -4.90 -3.16 -5.49
CA ILE A 154 -4.43 -3.10 -4.11
C ILE A 154 -3.88 -4.45 -3.65
N GLU A 155 -4.51 -5.54 -4.11
CA GLU A 155 -4.12 -6.88 -3.68
C GLU A 155 -2.65 -7.15 -3.97
N GLU A 156 -2.21 -6.75 -5.16
CA GLU A 156 -0.80 -6.90 -5.53
C GLU A 156 0.08 -5.94 -4.74
N LEU A 157 -0.42 -4.75 -4.48
CA LEU A 157 0.36 -3.73 -3.77
C LEU A 157 0.69 -4.19 -2.34
N ILE A 158 -0.25 -4.84 -1.67
CA ILE A 158 -0.02 -5.28 -0.30
C ILE A 158 1.17 -6.24 -0.20
N ARG A 159 1.43 -6.99 -1.26
CA ARG A 159 2.60 -7.88 -1.29
C ARG A 159 3.88 -7.07 -1.14
N ILE A 160 3.92 -5.88 -1.75
CA ILE A 160 5.07 -4.99 -1.58
C ILE A 160 5.24 -4.65 -0.10
N ILE A 161 4.12 -4.37 0.57
CA ILE A 161 4.14 -3.99 1.98
C ILE A 161 4.76 -5.10 2.83
N ARG A 162 4.39 -6.35 2.53
CA ARG A 162 4.96 -7.48 3.26
C ARG A 162 6.46 -7.56 3.06
N ARG A 163 6.90 -7.47 1.80
CA ARG A 163 8.32 -7.54 1.50
C ARG A 163 9.08 -6.43 2.23
N SER A 164 8.58 -5.20 2.15
CA SER A 164 9.29 -4.08 2.75
C SER A 164 9.49 -4.30 4.24
N ASN A 165 8.47 -4.82 4.92
CA ASN A 165 8.60 -5.13 6.34
C ASN A 165 9.57 -6.29 6.55
N GLU A 166 9.48 -7.31 5.69
CA GLU A 166 10.37 -8.46 5.82
C GLU A 166 11.83 -8.08 5.57
N ALA A 167 12.05 -7.16 4.63
CA ALA A 167 13.41 -6.71 4.33
C ALA A 167 14.04 -6.06 5.56
N ILE A 168 13.25 -5.27 6.28
CA ILE A 168 13.74 -4.61 7.48
C ILE A 168 14.19 -5.65 8.51
N LYS A 169 13.40 -6.71 8.70
CA LYS A 169 13.69 -7.69 9.75
C LYS A 169 15.12 -8.21 9.64
N GLU A 170 15.56 -8.48 8.42
CA GLU A 170 16.92 -8.95 8.20
C GLU A 170 17.94 -7.87 8.56
N LEU A 171 17.61 -6.62 8.24
CA LEU A 171 18.50 -5.50 8.53
C LEU A 171 18.67 -5.29 10.04
N ILE A 172 17.57 -5.46 10.79
CA ILE A 172 17.64 -5.31 12.24
C ILE A 172 18.52 -6.41 12.84
N LYS A 173 18.37 -7.63 12.33
CA LYS A 173 19.18 -8.75 12.78
C LYS A 173 20.59 -8.78 12.15
N ASN A 174 20.88 -7.89 11.20
CA ASN A 174 22.18 -7.88 10.55
C ASN A 174 22.45 -9.20 9.85
N GLN A 175 21.75 -9.44 8.75
CA GLN A 175 21.92 -10.66 7.97
C GLN A 175 22.59 -10.30 6.64
N MET A 22 20.71 13.94 16.37
CA MET A 22 20.06 12.71 16.81
C MET A 22 21.11 11.74 17.37
N THR A 23 20.70 10.54 17.73
CA THR A 23 21.63 9.52 18.19
C THR A 23 21.36 8.19 17.49
N SER A 24 22.43 7.49 17.10
CA SER A 24 22.28 6.27 16.32
C SER A 24 21.40 5.25 17.05
N ASP A 25 21.60 5.13 18.35
CA ASP A 25 20.89 4.12 19.13
C ASP A 25 19.37 4.26 18.96
N TYR A 26 18.90 5.50 18.92
CA TYR A 26 17.47 5.76 18.83
C TYR A 26 16.90 5.38 17.46
N ILE A 27 17.58 5.82 16.40
CA ILE A 27 17.08 5.59 15.05
C ILE A 27 17.02 4.08 14.76
N ILE A 28 17.95 3.30 15.29
CA ILE A 28 17.95 1.85 15.08
C ILE A 28 16.60 1.28 15.53
N GLU A 29 16.12 1.74 16.68
CA GLU A 29 14.88 1.23 17.26
C GLU A 29 13.65 1.79 16.55
N GLN A 30 13.67 3.08 16.21
CA GLN A 30 12.49 3.71 15.64
C GLN A 30 12.17 3.12 14.27
N ILE A 31 13.16 3.01 13.40
CA ILE A 31 12.96 2.37 12.10
C ILE A 31 12.51 0.92 12.32
N GLN A 32 13.13 0.24 13.28
CA GLN A 32 12.79 -1.15 13.57
C GLN A 32 11.30 -1.30 13.85
N ARG A 33 10.77 -0.36 14.63
CA ARG A 33 9.36 -0.39 15.00
C ARG A 33 8.45 0.06 13.88
N LYS A 34 8.82 1.11 13.15
CA LYS A 34 7.93 1.68 12.15
C LYS A 34 7.54 0.64 11.11
N GLN A 35 8.49 -0.19 10.68
CA GLN A 35 8.17 -1.25 9.73
C GLN A 35 7.10 -2.17 10.29
N GLU A 36 7.22 -2.48 11.58
CA GLU A 36 6.21 -3.29 12.26
C GLU A 36 4.89 -2.52 12.36
N GLU A 37 4.97 -1.22 12.61
CA GLU A 37 3.78 -0.40 12.68
C GLU A 37 3.03 -0.43 11.36
N ALA A 38 3.77 -0.35 10.27
CA ALA A 38 3.19 -0.48 8.94
C ALA A 38 2.67 -1.90 8.73
N ARG A 39 3.43 -2.88 9.21
CA ARG A 39 3.05 -4.28 9.07
C ARG A 39 1.66 -4.51 9.67
N LEU A 40 1.36 -3.85 10.78
CA LEU A 40 0.04 -3.96 11.39
C LEU A 40 -1.03 -3.36 10.49
N LYS A 41 -0.75 -2.20 9.90
CA LYS A 41 -1.69 -1.57 8.98
C LYS A 41 -1.93 -2.45 7.76
N VAL A 42 -0.88 -3.11 7.28
CA VAL A 42 -1.02 -4.02 6.15
C VAL A 42 -2.02 -5.13 6.51
N GLU A 43 -1.91 -5.65 7.71
CA GLU A 43 -2.85 -6.65 8.20
C GLU A 43 -4.22 -6.03 8.44
N GLU A 44 -4.23 -4.82 9.00
CA GLU A 44 -5.48 -4.13 9.30
C GLU A 44 -6.27 -3.87 8.02
N MET A 45 -5.62 -3.28 7.03
CA MET A 45 -6.26 -3.02 5.75
C MET A 45 -6.69 -4.33 5.08
N GLU A 46 -5.90 -5.38 5.27
CA GLU A 46 -6.23 -6.68 4.70
C GLU A 46 -7.58 -7.18 5.19
N ARG A 47 -7.87 -6.94 6.46
CA ARG A 47 -9.12 -7.41 7.05
C ARG A 47 -10.32 -6.60 6.55
N LYS A 48 -10.14 -5.29 6.36
CA LYS A 48 -11.18 -4.51 5.71
C LYS A 48 -11.40 -5.01 4.29
N LEU A 49 -10.31 -5.18 3.55
CA LEU A 49 -10.41 -5.47 2.12
C LEU A 49 -11.32 -6.66 1.84
N GLU A 50 -11.13 -7.75 2.58
CA GLU A 50 -11.99 -8.91 2.42
C GLU A 50 -13.44 -8.57 2.74
N ALA A 51 -13.66 -7.70 3.71
CA ALA A 51 -14.99 -7.21 4.01
C ALA A 51 -15.52 -6.32 2.87
N VAL A 52 -14.63 -5.51 2.30
CA VAL A 52 -15.01 -4.61 1.23
C VAL A 52 -15.48 -5.42 0.02
N LYS A 53 -14.73 -6.45 -0.36
CA LYS A 53 -15.09 -7.24 -1.53
C LYS A 53 -16.51 -7.81 -1.40
N GLU A 54 -16.82 -8.35 -0.23
CA GLU A 54 -18.14 -8.94 0.01
C GLU A 54 -19.25 -7.94 -0.31
N ALA A 55 -19.01 -6.67 0.04
CA ALA A 55 -19.97 -5.61 -0.26
C ALA A 55 -20.05 -5.35 -1.77
N SER A 56 -18.90 -5.42 -2.44
CA SER A 56 -18.85 -5.15 -3.88
C SER A 56 -19.63 -6.20 -4.69
N LYS A 57 -19.73 -7.42 -4.19
CA LYS A 57 -20.45 -8.47 -4.90
C LYS A 57 -21.96 -8.16 -4.99
N ARG A 58 -22.46 -7.35 -4.06
CA ARG A 58 -23.90 -7.10 -3.92
C ARG A 58 -24.32 -5.88 -4.74
N GLY A 59 -25.63 -5.72 -4.90
CA GLY A 59 -26.18 -4.59 -5.64
C GLY A 59 -26.30 -3.35 -4.76
N VAL A 60 -25.20 -2.99 -4.11
CA VAL A 60 -25.19 -1.81 -3.24
C VAL A 60 -25.36 -0.54 -4.07
N SER A 61 -26.16 0.39 -3.56
CA SER A 61 -26.39 1.66 -4.26
C SER A 61 -26.63 2.79 -3.27
N SER A 62 -26.48 4.02 -3.75
CA SER A 62 -26.73 5.20 -2.93
C SER A 62 -25.76 5.26 -1.73
N ASP A 63 -26.25 5.17 -0.48
CA ASP A 63 -25.40 5.36 0.69
C ASP A 63 -24.30 4.31 0.77
N GLN A 64 -24.67 3.05 0.59
CA GLN A 64 -23.70 1.96 0.68
C GLN A 64 -22.63 2.10 -0.41
N LEU A 65 -23.05 2.51 -1.60
CA LEU A 65 -22.10 2.76 -2.67
C LEU A 65 -21.16 3.89 -2.27
N LEU A 66 -21.72 4.95 -1.69
CA LEU A 66 -20.90 6.08 -1.25
C LEU A 66 -19.91 5.65 -0.18
N ASN A 67 -20.39 4.84 0.77
CA ASN A 67 -19.52 4.36 1.85
C ASN A 67 -18.43 3.45 1.30
N LEU A 68 -18.78 2.61 0.33
CA LEU A 68 -17.83 1.66 -0.22
C LEU A 68 -16.64 2.37 -0.84
N ILE A 69 -16.90 3.46 -1.57
CA ILE A 69 -15.84 4.25 -2.18
C ILE A 69 -14.92 4.80 -1.08
N LEU A 70 -15.51 5.34 -0.01
CA LEU A 70 -14.71 5.86 1.09
C LEU A 70 -13.83 4.77 1.69
N ASP A 71 -14.39 3.57 1.82
CA ASP A 71 -13.62 2.44 2.34
C ASP A 71 -12.43 2.15 1.45
N LEU A 72 -12.66 2.17 0.13
CA LEU A 72 -11.59 1.95 -0.83
C LEU A 72 -10.54 3.05 -0.72
N ALA A 73 -10.98 4.28 -0.49
CA ALA A 73 -10.06 5.40 -0.36
C ALA A 73 -9.14 5.20 0.85
N ASP A 74 -9.72 4.72 1.95
CA ASP A 74 -8.94 4.49 3.16
C ASP A 74 -7.84 3.46 2.91
N ILE A 75 -8.18 2.38 2.22
CA ILE A 75 -7.22 1.31 1.98
C ILE A 75 -6.06 1.80 1.11
N ILE A 76 -6.37 2.36 -0.05
CA ILE A 76 -5.32 2.80 -0.98
C ILE A 76 -4.49 3.93 -0.37
N THR A 77 -5.14 4.91 0.25
CA THR A 77 -4.42 6.06 0.78
C THR A 77 -3.44 5.63 1.87
N THR A 78 -3.90 4.77 2.76
CA THR A 78 -3.06 4.30 3.86
C THR A 78 -1.84 3.56 3.32
N LEU A 79 -2.05 2.71 2.32
CA LEU A 79 -0.97 1.94 1.74
C LEU A 79 0.07 2.84 1.10
N ILE A 80 -0.40 3.88 0.41
CA ILE A 80 0.51 4.85 -0.21
C ILE A 80 1.35 5.56 0.84
N GLN A 81 0.77 5.83 2.00
CA GLN A 81 1.52 6.46 3.09
C GLN A 81 2.67 5.55 3.54
N ILE A 82 2.41 4.25 3.60
CA ILE A 82 3.43 3.30 4.04
C ILE A 82 4.66 3.39 3.16
N ILE A 83 4.48 3.19 1.86
CA ILE A 83 5.60 3.26 0.92
C ILE A 83 6.27 4.64 0.95
N GLU A 84 5.49 5.68 1.21
CA GLU A 84 6.04 7.02 1.31
C GLU A 84 7.00 7.14 2.49
N GLU A 85 6.57 6.60 3.64
CA GLU A 85 7.38 6.69 4.85
C GLU A 85 8.59 5.77 4.81
N SER A 86 8.43 4.58 4.23
CA SER A 86 9.54 3.64 4.14
C SER A 86 10.70 4.27 3.35
N ASN A 87 10.36 4.98 2.29
CA ASN A 87 11.37 5.69 1.51
C ASN A 87 12.10 6.71 2.39
N GLU A 88 11.33 7.40 3.23
CA GLU A 88 11.90 8.35 4.18
C GLU A 88 12.78 7.65 5.22
N ALA A 89 12.38 6.45 5.62
CA ALA A 89 13.10 5.71 6.66
C ALA A 89 14.54 5.43 6.23
N ILE A 90 14.72 5.07 4.98
CA ILE A 90 16.05 4.76 4.46
C ILE A 90 16.96 6.00 4.49
N LYS A 91 16.38 7.17 4.23
CA LYS A 91 17.16 8.40 4.18
C LYS A 91 17.94 8.62 5.47
N GLU A 92 17.30 8.36 6.60
CA GLU A 92 17.94 8.54 7.90
C GLU A 92 18.56 7.25 8.45
N LEU A 93 18.08 6.09 7.99
CA LEU A 93 18.63 4.82 8.44
C LEU A 93 20.10 4.70 8.07
N ILE A 94 20.46 5.15 6.88
CA ILE A 94 21.81 5.00 6.38
C ILE A 94 22.84 5.76 7.22
N LYS A 95 22.45 6.94 7.72
CA LYS A 95 23.37 7.75 8.50
C LYS A 95 23.57 7.15 9.90
N ASN A 96 22.50 6.65 10.48
CA ASN A 96 22.51 6.17 11.86
C ASN A 96 22.84 4.68 11.99
N GLN A 97 23.18 4.01 10.88
CA GLN A 97 23.53 2.59 10.95
C GLN A 97 25.04 2.42 11.04
N LYS A 98 25.49 1.76 12.10
CA LYS A 98 26.92 1.65 12.38
C LYS A 98 27.56 0.56 11.50
N GLY A 99 26.81 -0.53 11.29
CA GLY A 99 27.33 -1.69 10.57
C GLY A 99 27.60 -1.37 9.09
N PRO A 100 28.52 -2.06 8.45
CA PRO A 100 28.81 -1.82 7.00
C PRO A 100 27.58 -2.04 6.12
N THR A 101 27.26 -1.02 5.32
CA THR A 101 26.11 -1.12 4.43
C THR A 101 26.42 -2.00 3.22
N SER A 102 25.40 -2.68 2.70
CA SER A 102 25.57 -3.54 1.54
C SER A 102 24.67 -3.05 0.41
N ASP A 103 25.28 -2.69 -0.72
CA ASP A 103 24.55 -2.10 -1.83
C ASP A 103 23.49 -3.04 -2.39
N TYR A 104 23.75 -4.34 -2.35
CA TYR A 104 22.88 -5.32 -3.00
C TYR A 104 21.40 -5.13 -2.62
N ILE A 105 21.15 -4.94 -1.33
CA ILE A 105 19.78 -4.77 -0.86
C ILE A 105 19.27 -3.34 -1.17
N ILE A 106 20.18 -2.36 -1.17
CA ILE A 106 19.77 -0.98 -1.41
C ILE A 106 19.09 -0.81 -2.76
N GLU A 107 19.54 -1.56 -3.77
CA GLU A 107 18.99 -1.39 -5.12
C GLU A 107 17.75 -2.25 -5.33
N GLN A 108 17.71 -3.43 -4.73
CA GLN A 108 16.55 -4.30 -4.87
C GLN A 108 15.28 -3.63 -4.33
N ILE A 109 15.40 -2.94 -3.20
CA ILE A 109 14.26 -2.25 -2.61
C ILE A 109 13.79 -1.10 -3.49
N GLN A 110 14.72 -0.40 -4.13
CA GLN A 110 14.35 0.68 -5.05
C GLN A 110 13.56 0.12 -6.22
N ARG A 111 14.01 -1.02 -6.74
CA ARG A 111 13.28 -1.71 -7.79
C ARG A 111 11.93 -2.22 -7.28
N ASP A 112 11.91 -2.70 -6.04
CA ASP A 112 10.69 -3.21 -5.44
C ASP A 112 9.62 -2.11 -5.43
N GLN A 113 10.03 -0.91 -5.05
CA GLN A 113 9.12 0.23 -5.10
C GLN A 113 8.68 0.49 -6.54
N GLU A 114 9.65 0.46 -7.45
CA GLU A 114 9.42 0.87 -8.83
C GLU A 114 8.26 0.10 -9.45
N GLU A 115 8.22 -1.20 -9.20
CA GLU A 115 7.09 -2.01 -9.68
C GLU A 115 5.80 -1.58 -9.02
N ALA A 116 5.88 -1.27 -7.72
CA ALA A 116 4.71 -0.82 -6.98
C ALA A 116 4.21 0.52 -7.52
N ARG A 117 5.11 1.39 -7.97
CA ARG A 117 4.71 2.70 -8.48
C ARG A 117 3.71 2.54 -9.61
N LYS A 118 3.95 1.56 -10.48
CA LYS A 118 3.08 1.32 -11.62
C LYS A 118 1.68 0.90 -11.16
N LYS A 119 1.62 -0.07 -10.26
CA LYS A 119 0.33 -0.49 -9.71
C LYS A 119 -0.39 0.67 -9.03
N VAL A 120 0.37 1.55 -8.38
CA VAL A 120 -0.19 2.77 -7.83
C VAL A 120 -0.71 3.65 -8.97
N GLU A 121 0.09 3.76 -10.03
CA GLU A 121 -0.30 4.55 -11.19
C GLU A 121 -1.58 3.98 -11.80
N GLU A 122 -1.64 2.66 -11.90
CA GLU A 122 -2.85 2.00 -12.38
C GLU A 122 -4.01 2.21 -11.41
N ALA A 123 -3.72 2.17 -10.12
CA ALA A 123 -4.75 2.39 -9.11
C ALA A 123 -5.33 3.79 -9.23
N GLU A 124 -4.47 4.77 -9.47
CA GLU A 124 -4.93 6.13 -9.70
C GLU A 124 -5.83 6.20 -10.94
N GLU A 125 -5.48 5.43 -11.97
CA GLU A 125 -6.29 5.40 -13.18
C GLU A 125 -7.70 4.91 -12.87
N ARG A 126 -7.82 3.65 -12.45
CA ARG A 126 -9.13 3.07 -12.16
C ARG A 126 -9.92 3.95 -11.19
N LEU A 127 -9.22 4.52 -10.21
CA LEU A 127 -9.85 5.42 -9.24
C LEU A 127 -10.53 6.58 -9.98
N GLU A 128 -9.86 7.11 -10.99
CA GLU A 128 -10.42 8.21 -11.77
C GLU A 128 -11.55 7.73 -12.67
N ARG A 129 -11.37 6.55 -13.29
CA ARG A 129 -12.40 6.00 -14.16
C ARG A 129 -13.71 5.82 -13.38
N VAL A 130 -13.60 5.36 -12.14
CA VAL A 130 -14.77 5.22 -11.27
C VAL A 130 -15.37 6.59 -10.97
N LYS A 131 -14.51 7.60 -10.78
CA LYS A 131 -14.98 8.94 -10.49
C LYS A 131 -15.88 9.44 -11.62
N GLU A 132 -15.38 9.35 -12.84
CA GLU A 132 -16.14 9.79 -14.00
C GLU A 132 -17.37 8.91 -14.22
N ALA A 133 -17.21 7.61 -13.99
CA ALA A 133 -18.30 6.68 -14.22
C ALA A 133 -19.53 7.06 -13.41
N SER A 134 -19.32 7.51 -12.18
CA SER A 134 -20.42 7.96 -11.34
C SER A 134 -21.01 9.27 -11.85
N LYS A 135 -20.14 10.18 -12.30
CA LYS A 135 -20.61 11.45 -12.85
C LYS A 135 -21.38 11.25 -14.16
N ARG A 136 -20.72 10.65 -15.15
CA ARG A 136 -21.32 10.49 -16.46
C ARG A 136 -22.65 9.74 -16.40
N GLY A 137 -22.78 8.82 -15.45
CA GLY A 137 -24.00 8.03 -15.32
C GLY A 137 -23.81 6.62 -15.92
N VAL A 138 -22.62 6.07 -15.76
CA VAL A 138 -22.35 4.71 -16.24
C VAL A 138 -23.14 3.72 -15.41
N SER A 139 -23.73 2.72 -16.07
CA SER A 139 -24.57 1.75 -15.38
C SER A 139 -23.83 1.09 -14.23
N SER A 140 -24.56 0.74 -13.18
CA SER A 140 -23.98 0.05 -12.03
C SER A 140 -23.35 -1.28 -12.44
N ASP A 141 -23.91 -1.93 -13.46
CA ASP A 141 -23.37 -3.20 -13.93
C ASP A 141 -21.91 -3.02 -14.37
N GLN A 142 -21.68 -2.00 -15.20
CA GLN A 142 -20.33 -1.69 -15.66
C GLN A 142 -19.50 -1.09 -14.53
N LEU A 143 -20.13 -0.23 -13.73
CA LEU A 143 -19.42 0.47 -12.66
C LEU A 143 -18.73 -0.51 -11.71
N LEU A 144 -19.49 -1.50 -11.22
CA LEU A 144 -18.95 -2.44 -10.25
C LEU A 144 -17.77 -3.22 -10.82
N ASP A 145 -17.86 -3.58 -12.11
CA ASP A 145 -16.77 -4.30 -12.75
C ASP A 145 -15.47 -3.50 -12.66
N LEU A 146 -15.57 -2.19 -12.85
CA LEU A 146 -14.39 -1.33 -12.74
C LEU A 146 -13.85 -1.32 -11.32
N ILE A 147 -14.76 -1.28 -10.34
CA ILE A 147 -14.35 -1.22 -8.94
C ILE A 147 -13.69 -2.52 -8.51
N ARG A 148 -14.15 -3.67 -9.04
CA ARG A 148 -13.52 -4.94 -8.71
C ARG A 148 -12.07 -4.97 -9.21
N GLU A 149 -11.83 -4.37 -10.39
CA GLU A 149 -10.47 -4.27 -10.90
C GLU A 149 -9.61 -3.43 -9.96
N LEU A 150 -10.18 -2.35 -9.43
CA LEU A 150 -9.49 -1.54 -8.42
C LEU A 150 -9.15 -2.41 -7.21
N ALA A 151 -10.10 -3.26 -6.81
CA ALA A 151 -9.89 -4.17 -5.70
C ALA A 151 -8.74 -5.13 -5.99
N GLU A 152 -8.67 -5.62 -7.22
CA GLU A 152 -7.59 -6.50 -7.62
C GLU A 152 -6.25 -5.77 -7.59
N ILE A 153 -6.25 -4.49 -7.95
CA ILE A 153 -5.02 -3.70 -7.93
C ILE A 153 -4.48 -3.60 -6.49
N ILE A 154 -5.38 -3.47 -5.52
CA ILE A 154 -4.99 -3.49 -4.12
C ILE A 154 -4.24 -4.78 -3.80
N GLU A 155 -4.75 -5.88 -4.30
CA GLU A 155 -4.15 -7.18 -4.00
C GLU A 155 -2.76 -7.30 -4.63
N GLU A 156 -2.63 -6.88 -5.88
CA GLU A 156 -1.34 -6.93 -6.55
C GLU A 156 -0.35 -5.95 -5.93
N LEU A 157 -0.85 -4.78 -5.54
CA LEU A 157 -0.01 -3.74 -4.95
C LEU A 157 0.39 -4.10 -3.52
N ILE A 158 -0.57 -4.55 -2.72
CA ILE A 158 -0.35 -4.69 -1.28
C ILE A 158 0.76 -5.70 -0.97
N ARG A 159 0.85 -6.77 -1.76
CA ARG A 159 1.90 -7.78 -1.54
C ARG A 159 3.25 -7.30 -2.06
N ILE A 160 3.26 -6.40 -3.05
CA ILE A 160 4.51 -5.74 -3.46
C ILE A 160 5.08 -4.97 -2.27
N ILE A 161 4.19 -4.25 -1.57
CA ILE A 161 4.56 -3.48 -0.39
C ILE A 161 5.11 -4.40 0.71
N ARG A 162 4.59 -5.63 0.80
CA ARG A 162 5.16 -6.60 1.73
C ARG A 162 6.63 -6.82 1.45
N ARG A 163 6.97 -7.03 0.18
CA ARG A 163 8.37 -7.23 -0.18
C ARG A 163 9.19 -5.99 0.15
N SER A 164 8.61 -4.81 -0.09
CA SER A 164 9.34 -3.57 0.11
C SER A 164 9.83 -3.46 1.55
N ASN A 165 8.89 -3.48 2.49
CA ASN A 165 9.25 -3.36 3.91
C ASN A 165 9.85 -4.66 4.48
N GLU A 166 9.68 -5.78 3.79
CA GLU A 166 10.38 -7.01 4.18
C GLU A 166 11.88 -6.87 3.92
N ALA A 167 12.22 -6.27 2.78
CA ALA A 167 13.63 -6.05 2.42
C ALA A 167 14.30 -5.11 3.42
N ILE A 168 13.57 -4.10 3.91
CA ILE A 168 14.11 -3.17 4.89
C ILE A 168 14.61 -3.93 6.12
N LYS A 169 13.84 -4.92 6.55
CA LYS A 169 14.25 -5.72 7.70
C LYS A 169 15.55 -6.46 7.41
N GLU A 170 15.71 -6.94 6.19
CA GLU A 170 16.94 -7.64 5.80
C GLU A 170 18.13 -6.69 5.80
N LEU A 171 17.90 -5.47 5.34
CA LEU A 171 18.96 -4.46 5.31
C LEU A 171 19.55 -4.24 6.70
N ILE A 172 18.68 -4.24 7.71
CA ILE A 172 19.12 -4.07 9.10
C ILE A 172 19.20 -5.38 9.88
N LYS A 173 18.86 -6.51 9.25
CA LYS A 173 18.89 -7.80 9.95
C LYS A 173 17.98 -7.78 11.18
N ASN A 174 16.67 -7.71 10.94
CA ASN A 174 15.70 -7.75 12.03
C ASN A 174 14.63 -8.79 11.73
N GLN A 175 14.08 -9.43 12.76
CA GLN A 175 13.08 -10.47 12.57
C GLN A 175 11.80 -10.11 13.32
N MET A 22 20.33 13.49 17.53
CA MET A 22 20.12 12.07 17.81
C MET A 22 21.45 11.34 17.83
N THR A 23 21.41 10.02 17.99
CA THR A 23 22.61 9.20 17.91
C THR A 23 22.33 7.95 17.08
N SER A 24 23.38 7.40 16.46
CA SER A 24 23.20 6.30 15.52
C SER A 24 22.41 5.15 16.14
N ASP A 25 22.64 4.89 17.43
CA ASP A 25 21.94 3.82 18.12
C ASP A 25 20.43 4.02 18.08
N TYR A 26 20.01 5.27 18.27
CA TYR A 26 18.58 5.58 18.35
C TYR A 26 17.92 5.57 16.97
N ILE A 27 18.67 5.90 15.92
CA ILE A 27 18.10 5.97 14.58
C ILE A 27 17.46 4.64 14.21
N ILE A 28 18.21 3.55 14.30
CA ILE A 28 17.74 2.26 13.84
C ILE A 28 16.43 1.87 14.53
N GLU A 29 16.38 2.09 15.85
CA GLU A 29 15.22 1.66 16.62
C GLU A 29 13.94 2.35 16.13
N GLN A 30 14.04 3.65 15.84
CA GLN A 30 12.87 4.40 15.38
C GLN A 30 12.45 3.96 13.98
N ILE A 31 13.42 3.70 13.11
CA ILE A 31 13.11 3.24 11.75
C ILE A 31 12.31 1.93 11.83
N GLN A 32 12.68 1.06 12.75
CA GLN A 32 11.99 -0.22 12.90
C GLN A 32 10.52 0.01 13.19
N ARG A 33 10.21 0.97 14.06
CA ARG A 33 8.82 1.29 14.37
C ARG A 33 8.08 1.71 13.11
N LYS A 34 8.70 2.54 12.28
CA LYS A 34 8.05 3.00 11.06
C LYS A 34 7.64 1.83 10.19
N GLN A 35 8.50 0.81 10.12
CA GLN A 35 8.13 -0.42 9.42
C GLN A 35 7.00 -1.14 10.14
N GLU A 36 7.00 -1.09 11.48
CA GLU A 36 5.92 -1.69 12.25
C GLU A 36 4.60 -0.96 12.01
N GLU A 37 4.65 0.37 11.93
CA GLU A 37 3.44 1.15 11.66
C GLU A 37 2.96 0.88 10.25
N ALA A 38 3.88 0.89 9.30
CA ALA A 38 3.53 0.59 7.91
C ALA A 38 2.93 -0.81 7.81
N ARG A 39 3.56 -1.75 8.52
CA ARG A 39 3.03 -3.10 8.63
C ARG A 39 1.64 -3.07 9.28
N LEU A 40 1.51 -2.30 10.36
CA LEU A 40 0.27 -2.31 11.14
C LEU A 40 -0.91 -1.85 10.30
N LYS A 41 -0.73 -0.75 9.56
CA LYS A 41 -1.79 -0.27 8.68
C LYS A 41 -2.18 -1.33 7.66
N VAL A 42 -1.19 -1.88 6.97
CA VAL A 42 -1.45 -2.80 5.86
C VAL A 42 -2.40 -3.92 6.28
N GLU A 43 -2.12 -4.58 7.40
CA GLU A 43 -3.00 -5.64 7.88
C GLU A 43 -4.40 -5.07 8.18
N GLU A 44 -4.46 -3.84 8.67
CA GLU A 44 -5.74 -3.20 8.94
C GLU A 44 -6.49 -2.94 7.63
N MET A 45 -5.79 -2.41 6.62
CA MET A 45 -6.45 -2.11 5.35
C MET A 45 -6.78 -3.38 4.57
N GLU A 46 -6.01 -4.46 4.76
CA GLU A 46 -6.28 -5.71 4.07
C GLU A 46 -7.68 -6.22 4.40
N ARG A 47 -8.07 -6.14 5.67
CA ARG A 47 -9.42 -6.53 6.05
C ARG A 47 -10.44 -5.60 5.39
N LYS A 48 -10.13 -4.31 5.36
CA LYS A 48 -10.99 -3.34 4.68
C LYS A 48 -11.15 -3.74 3.21
N LEU A 49 -10.04 -4.13 2.59
CA LEU A 49 -10.09 -4.64 1.23
C LEU A 49 -10.94 -5.91 1.20
N GLU A 50 -10.69 -6.80 2.15
CA GLU A 50 -11.39 -8.08 2.19
C GLU A 50 -12.90 -7.87 2.28
N ALA A 51 -13.33 -6.90 3.07
CA ALA A 51 -14.75 -6.60 3.20
C ALA A 51 -15.32 -6.14 1.86
N VAL A 52 -14.55 -5.32 1.14
CA VAL A 52 -14.96 -4.87 -0.18
C VAL A 52 -15.00 -6.05 -1.16
N LYS A 53 -14.04 -6.97 -1.04
CA LYS A 53 -14.06 -8.18 -1.86
C LYS A 53 -15.36 -8.95 -1.66
N GLU A 54 -15.69 -9.22 -0.41
CA GLU A 54 -16.86 -10.03 -0.09
C GLU A 54 -18.15 -9.34 -0.49
N ALA A 55 -18.20 -8.02 -0.33
CA ALA A 55 -19.40 -7.26 -0.67
C ALA A 55 -19.65 -7.29 -2.17
N SER A 56 -18.59 -7.10 -2.95
CA SER A 56 -18.70 -7.10 -4.40
C SER A 56 -19.04 -8.50 -4.93
N LYS A 57 -18.51 -9.53 -4.29
CA LYS A 57 -18.73 -10.90 -4.74
C LYS A 57 -20.20 -11.29 -4.70
N ARG A 58 -20.92 -10.86 -3.67
CA ARG A 58 -22.32 -11.25 -3.50
C ARG A 58 -23.16 -10.16 -2.85
N GLY A 59 -24.47 -10.30 -2.99
CA GLY A 59 -25.41 -9.37 -2.36
C GLY A 59 -25.09 -7.92 -2.71
N VAL A 60 -25.24 -7.57 -3.99
CA VAL A 60 -24.96 -6.20 -4.43
C VAL A 60 -26.24 -5.40 -4.45
N SER A 61 -26.24 -4.30 -3.69
CA SER A 61 -27.39 -3.38 -3.68
C SER A 61 -26.92 -1.98 -4.07
N SER A 62 -27.78 -1.25 -4.77
CA SER A 62 -27.40 0.07 -5.28
C SER A 62 -26.99 0.99 -4.14
N ASP A 63 -27.69 0.90 -3.00
CA ASP A 63 -27.39 1.75 -1.86
C ASP A 63 -26.07 1.35 -1.22
N GLN A 64 -25.86 0.05 -1.06
CA GLN A 64 -24.61 -0.46 -0.49
C GLN A 64 -23.42 -0.25 -1.42
N LEU A 65 -23.67 -0.32 -2.72
CA LEU A 65 -22.62 -0.23 -3.73
C LEU A 65 -21.76 1.02 -3.52
N LEU A 66 -22.40 2.14 -3.23
CA LEU A 66 -21.68 3.41 -3.08
C LEU A 66 -20.65 3.34 -1.96
N ASN A 67 -20.98 2.62 -0.89
CA ASN A 67 -20.08 2.52 0.25
C ASN A 67 -18.71 1.97 -0.15
N LEU A 68 -18.70 1.03 -1.08
CA LEU A 68 -17.44 0.45 -1.56
C LEU A 68 -16.51 1.54 -2.10
N ILE A 69 -17.08 2.58 -2.71
CA ILE A 69 -16.29 3.69 -3.23
C ILE A 69 -15.46 4.32 -2.11
N LEU A 70 -16.09 4.51 -0.95
CA LEU A 70 -15.45 5.17 0.17
C LEU A 70 -14.29 4.33 0.72
N ASP A 71 -14.52 3.02 0.84
CA ASP A 71 -13.53 2.14 1.44
C ASP A 71 -12.23 2.12 0.64
N LEU A 72 -12.35 1.95 -0.68
CA LEU A 72 -11.17 1.89 -1.54
C LEU A 72 -10.41 3.21 -1.51
N ALA A 73 -11.14 4.32 -1.45
CA ALA A 73 -10.50 5.63 -1.34
C ALA A 73 -9.72 5.72 -0.04
N ASP A 74 -10.29 5.22 1.04
CA ASP A 74 -9.63 5.23 2.33
C ASP A 74 -8.31 4.47 2.29
N ILE A 75 -8.32 3.32 1.62
CA ILE A 75 -7.12 2.49 1.53
C ILE A 75 -5.99 3.25 0.82
N ILE A 76 -6.23 3.63 -0.43
CA ILE A 76 -5.17 4.24 -1.23
C ILE A 76 -4.67 5.54 -0.59
N THR A 77 -5.59 6.35 -0.07
CA THR A 77 -5.22 7.62 0.53
C THR A 77 -4.25 7.41 1.69
N THR A 78 -4.51 6.39 2.50
CA THR A 78 -3.63 6.08 3.62
C THR A 78 -2.26 5.65 3.15
N LEU A 79 -2.23 4.81 2.12
CA LEU A 79 -0.98 4.21 1.66
C LEU A 79 -0.07 5.23 0.96
N ILE A 80 -0.66 6.15 0.20
CA ILE A 80 0.14 7.04 -0.65
C ILE A 80 1.17 7.84 0.15
N GLN A 81 0.80 8.30 1.34
CA GLN A 81 1.70 9.14 2.12
C GLN A 81 2.67 8.33 2.98
N ILE A 82 2.37 7.06 3.25
CA ILE A 82 3.32 6.18 3.92
C ILE A 82 4.57 5.98 3.06
N ILE A 83 4.35 5.86 1.75
CA ILE A 83 5.45 5.59 0.82
C ILE A 83 6.47 6.73 0.86
N GLU A 84 5.99 7.97 0.87
CA GLU A 84 6.89 9.12 0.92
C GLU A 84 7.72 9.10 2.19
N GLU A 85 7.10 8.71 3.31
CA GLU A 85 7.83 8.55 4.55
C GLU A 85 8.85 7.41 4.43
N SER A 86 8.49 6.35 3.72
CA SER A 86 9.41 5.23 3.52
C SER A 86 10.68 5.71 2.83
N ASN A 87 10.52 6.57 1.82
CA ASN A 87 11.67 7.07 1.07
C ASN A 87 12.66 7.76 2.01
N GLU A 88 12.14 8.54 2.95
CA GLU A 88 12.99 9.22 3.92
C GLU A 88 13.66 8.23 4.87
N ALA A 89 12.95 7.15 5.21
CA ALA A 89 13.48 6.17 6.16
C ALA A 89 14.69 5.44 5.60
N ILE A 90 14.60 5.01 4.34
CA ILE A 90 15.70 4.25 3.74
C ILE A 90 16.96 5.09 3.63
N LYS A 91 16.82 6.35 3.23
CA LYS A 91 17.98 7.22 3.10
C LYS A 91 18.73 7.33 4.43
N GLU A 92 17.99 7.45 5.52
CA GLU A 92 18.61 7.49 6.85
C GLU A 92 19.12 6.11 7.25
N LEU A 93 18.37 5.08 6.90
CA LEU A 93 18.69 3.72 7.33
C LEU A 93 20.01 3.23 6.74
N ILE A 94 20.26 3.54 5.47
CA ILE A 94 21.42 2.97 4.78
C ILE A 94 22.72 3.58 5.26
N LYS A 95 22.70 4.84 5.68
CA LYS A 95 23.91 5.50 6.15
C LYS A 95 24.24 5.07 7.58
N ASN A 96 23.23 5.06 8.44
CA ASN A 96 23.43 4.81 9.85
C ASN A 96 23.37 3.32 10.23
N GLN A 97 23.43 2.43 9.24
CA GLN A 97 23.31 1.00 9.52
C GLN A 97 24.59 0.46 10.14
N LYS A 98 24.44 -0.48 11.07
CA LYS A 98 25.59 -1.03 11.80
C LYS A 98 26.16 -2.26 11.11
N GLY A 99 27.48 -2.41 11.23
CA GLY A 99 28.18 -3.62 10.80
C GLY A 99 27.96 -3.94 9.32
N PRO A 100 28.69 -4.89 8.76
CA PRO A 100 28.48 -5.31 7.34
C PRO A 100 27.00 -5.50 7.00
N THR A 101 26.64 -5.13 5.77
CA THR A 101 25.28 -5.33 5.29
C THR A 101 25.30 -5.82 3.84
N SER A 102 24.25 -6.53 3.44
CA SER A 102 24.18 -7.09 2.10
C SER A 102 23.76 -6.02 1.09
N ASP A 103 24.52 -5.90 0.01
CA ASP A 103 24.18 -4.96 -1.06
C ASP A 103 22.93 -5.41 -1.83
N TYR A 104 22.71 -6.72 -1.90
CA TYR A 104 21.59 -7.27 -2.65
C TYR A 104 20.26 -6.64 -2.24
N ILE A 105 20.03 -6.53 -0.93
CA ILE A 105 18.77 -5.98 -0.45
C ILE A 105 18.64 -4.52 -0.83
N ILE A 106 19.73 -3.78 -0.74
CA ILE A 106 19.70 -2.33 -0.95
C ILE A 106 19.25 -1.98 -2.36
N GLU A 107 19.69 -2.77 -3.34
CA GLU A 107 19.28 -2.53 -4.71
C GLU A 107 17.82 -2.93 -4.93
N GLN A 108 17.43 -4.07 -4.38
CA GLN A 108 16.08 -4.60 -4.57
C GLN A 108 15.03 -3.73 -3.87
N ILE A 109 15.36 -3.22 -2.68
CA ILE A 109 14.44 -2.35 -1.96
C ILE A 109 14.22 -1.04 -2.72
N GLN A 110 15.26 -0.55 -3.38
CA GLN A 110 15.20 0.78 -3.99
C GLN A 110 14.18 0.81 -5.13
N ARG A 111 14.25 -0.17 -6.04
CA ARG A 111 13.34 -0.20 -7.17
C ARG A 111 11.89 -0.29 -6.71
N ASP A 112 11.65 -1.04 -5.63
CA ASP A 112 10.30 -1.20 -5.10
C ASP A 112 9.70 0.15 -4.74
N GLN A 113 10.52 1.05 -4.20
CA GLN A 113 10.03 2.37 -3.78
C GLN A 113 9.45 3.12 -4.97
N GLU A 114 10.12 3.05 -6.12
CA GLU A 114 9.61 3.72 -7.31
C GLU A 114 8.58 2.87 -8.05
N GLU A 115 8.66 1.54 -7.92
CA GLU A 115 7.58 0.69 -8.43
C GLU A 115 6.28 1.00 -7.69
N ALA A 116 6.38 1.24 -6.39
CA ALA A 116 5.21 1.61 -5.59
C ALA A 116 4.59 2.90 -6.13
N ARG A 117 5.42 3.84 -6.58
CA ARG A 117 4.91 5.08 -7.15
C ARG A 117 3.99 4.78 -8.34
N LYS A 118 4.42 3.86 -9.20
CA LYS A 118 3.66 3.57 -10.41
C LYS A 118 2.33 2.91 -10.10
N LYS A 119 2.35 1.91 -9.21
CA LYS A 119 1.12 1.24 -8.82
C LYS A 119 0.11 2.23 -8.25
N VAL A 120 0.60 3.21 -7.50
CA VAL A 120 -0.27 4.26 -6.99
C VAL A 120 -0.88 5.01 -8.17
N GLU A 121 -0.05 5.44 -9.11
CA GLU A 121 -0.54 6.16 -10.28
C GLU A 121 -1.51 5.29 -11.07
N GLU A 122 -1.17 4.02 -11.21
CA GLU A 122 -2.04 3.08 -11.92
C GLU A 122 -3.40 2.99 -11.23
N ALA A 123 -3.39 3.00 -9.90
CA ALA A 123 -4.64 2.99 -9.14
C ALA A 123 -5.34 4.34 -9.23
N GLU A 124 -4.56 5.42 -9.17
CA GLU A 124 -5.12 6.76 -9.21
C GLU A 124 -5.80 7.08 -10.54
N GLU A 125 -5.19 6.68 -11.66
CA GLU A 125 -5.79 6.97 -12.96
C GLU A 125 -7.18 6.37 -13.06
N ARG A 126 -7.30 5.10 -12.67
CA ARG A 126 -8.60 4.45 -12.61
C ARG A 126 -9.44 5.04 -11.47
N LEU A 127 -8.82 5.41 -10.36
CA LEU A 127 -9.54 6.01 -9.24
C LEU A 127 -10.33 7.23 -9.70
N GLU A 128 -9.71 8.04 -10.56
CA GLU A 128 -10.39 9.21 -11.10
C GLU A 128 -11.60 8.78 -11.93
N ARG A 129 -11.47 7.68 -12.67
CA ARG A 129 -12.58 7.15 -13.45
C ARG A 129 -13.73 6.72 -12.55
N VAL A 130 -13.40 6.17 -11.38
CA VAL A 130 -14.43 5.73 -10.44
C VAL A 130 -15.27 6.92 -9.97
N LYS A 131 -14.59 8.00 -9.56
CA LYS A 131 -15.30 9.20 -9.15
C LYS A 131 -16.05 9.81 -10.34
N GLU A 132 -15.37 9.91 -11.48
CA GLU A 132 -15.96 10.50 -12.67
C GLU A 132 -17.17 9.70 -13.13
N ALA A 133 -17.08 8.38 -13.03
CA ALA A 133 -18.18 7.51 -13.45
C ALA A 133 -19.40 7.71 -12.56
N SER A 134 -19.17 7.92 -11.27
CA SER A 134 -20.27 8.06 -10.32
C SER A 134 -21.09 9.31 -10.60
N LYS A 135 -20.42 10.41 -10.91
CA LYS A 135 -21.11 11.68 -11.17
C LYS A 135 -21.95 11.58 -12.44
N ARG A 136 -21.28 11.19 -13.53
CA ARG A 136 -21.93 11.14 -14.83
C ARG A 136 -23.09 10.16 -14.85
N GLY A 137 -22.94 9.04 -14.14
CA GLY A 137 -24.00 8.04 -14.07
C GLY A 137 -23.69 6.84 -14.96
N VAL A 138 -22.69 6.06 -14.57
CA VAL A 138 -22.38 4.83 -15.27
C VAL A 138 -23.21 3.71 -14.65
N SER A 139 -23.65 2.76 -15.48
CA SER A 139 -24.58 1.73 -15.02
C SER A 139 -24.05 1.02 -13.78
N SER A 140 -24.98 0.73 -12.86
CA SER A 140 -24.63 0.09 -11.60
C SER A 140 -23.92 -1.24 -11.84
N ASP A 141 -24.33 -1.97 -12.87
CA ASP A 141 -23.79 -3.31 -13.10
C ASP A 141 -22.29 -3.26 -13.43
N GLN A 142 -21.87 -2.32 -14.27
CA GLN A 142 -20.45 -2.24 -14.65
C GLN A 142 -19.67 -1.24 -13.78
N LEU A 143 -20.36 -0.32 -13.09
CA LEU A 143 -19.70 0.49 -12.06
C LEU A 143 -19.07 -0.42 -11.01
N LEU A 144 -19.76 -1.49 -10.68
CA LEU A 144 -19.21 -2.52 -9.81
C LEU A 144 -17.91 -3.07 -10.42
N ASP A 145 -17.92 -3.28 -11.74
CA ASP A 145 -16.74 -3.80 -12.41
C ASP A 145 -15.54 -2.89 -12.19
N LEU A 146 -15.78 -1.58 -12.22
CA LEU A 146 -14.72 -0.61 -11.95
C LEU A 146 -14.21 -0.77 -10.52
N ILE A 147 -15.13 -0.99 -9.59
CA ILE A 147 -14.76 -1.18 -8.20
C ILE A 147 -13.96 -2.48 -8.04
N ARG A 148 -14.41 -3.54 -8.70
CA ARG A 148 -13.66 -4.79 -8.70
C ARG A 148 -12.30 -4.61 -9.37
N GLU A 149 -12.30 -3.89 -10.49
CA GLU A 149 -11.07 -3.68 -11.24
C GLU A 149 -10.07 -2.88 -10.41
N LEU A 150 -10.55 -1.84 -9.75
CA LEU A 150 -9.68 -1.02 -8.90
C LEU A 150 -9.15 -1.86 -7.74
N ALA A 151 -10.01 -2.66 -7.14
CA ALA A 151 -9.65 -3.44 -5.97
C ALA A 151 -8.45 -4.32 -6.25
N GLU A 152 -8.40 -4.91 -7.45
CA GLU A 152 -7.31 -5.80 -7.82
C GLU A 152 -5.99 -5.03 -7.90
N ILE A 153 -6.04 -3.82 -8.47
CA ILE A 153 -4.86 -2.98 -8.56
C ILE A 153 -4.40 -2.57 -7.17
N ILE A 154 -5.35 -2.23 -6.29
CA ILE A 154 -5.02 -1.91 -4.91
C ILE A 154 -4.32 -3.11 -4.26
N GLU A 155 -4.83 -4.31 -4.53
CA GLU A 155 -4.23 -5.52 -3.97
C GLU A 155 -2.77 -5.67 -4.39
N GLU A 156 -2.45 -5.27 -5.62
CA GLU A 156 -1.08 -5.37 -6.10
C GLU A 156 -0.13 -4.51 -5.26
N LEU A 157 -0.60 -3.33 -4.87
CA LEU A 157 0.21 -2.44 -4.05
C LEU A 157 0.56 -3.08 -2.71
N ILE A 158 -0.39 -3.83 -2.16
CA ILE A 158 -0.19 -4.45 -0.83
C ILE A 158 1.07 -5.31 -0.82
N ARG A 159 1.30 -6.04 -1.91
CA ARG A 159 2.45 -6.94 -1.98
C ARG A 159 3.75 -6.16 -1.85
N ILE A 160 3.84 -5.05 -2.57
CA ILE A 160 5.05 -4.23 -2.58
C ILE A 160 5.35 -3.75 -1.15
N ILE A 161 4.34 -3.27 -0.44
CA ILE A 161 4.56 -2.75 0.90
C ILE A 161 5.12 -3.85 1.81
N ARG A 162 4.55 -5.04 1.73
CA ARG A 162 5.01 -6.14 2.57
C ARG A 162 6.42 -6.58 2.15
N ARG A 163 6.57 -7.00 0.89
CA ARG A 163 7.85 -7.55 0.46
C ARG A 163 8.99 -6.53 0.68
N SER A 164 8.69 -5.26 0.49
CA SER A 164 9.68 -4.21 0.68
C SER A 164 10.22 -4.23 2.12
N ASN A 165 9.33 -4.29 3.10
CA ASN A 165 9.77 -4.32 4.50
C ASN A 165 9.97 -5.75 5.03
N GLU A 166 9.70 -6.77 4.22
CA GLU A 166 10.18 -8.13 4.55
C GLU A 166 11.69 -8.20 4.43
N ALA A 167 12.23 -7.55 3.39
CA ALA A 167 13.67 -7.56 3.15
C ALA A 167 14.41 -6.88 4.29
N ILE A 168 13.86 -5.79 4.81
CA ILE A 168 14.53 -5.03 5.86
C ILE A 168 14.64 -5.85 7.14
N LYS A 169 13.62 -6.68 7.43
CA LYS A 169 13.71 -7.59 8.56
C LYS A 169 14.92 -8.52 8.42
N GLU A 170 15.21 -8.94 7.19
CA GLU A 170 16.41 -9.72 6.93
C GLU A 170 17.67 -8.85 7.05
N LEU A 171 17.57 -7.59 6.64
CA LEU A 171 18.73 -6.70 6.63
C LEU A 171 19.30 -6.54 8.03
N ILE A 172 18.42 -6.43 9.03
CA ILE A 172 18.83 -6.37 10.43
C ILE A 172 18.63 -7.71 11.17
N LYS A 173 17.88 -8.63 10.56
CA LYS A 173 17.64 -9.95 11.13
C LYS A 173 16.81 -9.86 12.42
N ASN A 174 15.69 -9.16 12.33
CA ASN A 174 14.75 -9.08 13.45
C ASN A 174 13.56 -9.99 13.18
N GLN A 175 12.75 -10.24 14.21
CA GLN A 175 11.58 -11.11 14.06
C GLN A 175 10.33 -10.42 14.61
N MET A 22 18.14 -8.83 20.93
CA MET A 22 19.14 -8.10 20.17
C MET A 22 19.55 -6.82 20.89
N THR A 23 20.82 -6.45 20.74
CA THR A 23 21.28 -5.16 21.22
C THR A 23 21.11 -4.13 20.12
N SER A 24 20.40 -3.04 20.43
CA SER A 24 20.05 -2.05 19.41
C SER A 24 20.82 -0.76 19.62
N ASP A 25 21.16 -0.11 18.49
CA ASP A 25 21.80 1.20 18.55
C ASP A 25 20.72 2.27 18.63
N TYR A 26 21.12 3.49 18.97
CA TYR A 26 20.18 4.58 19.14
C TYR A 26 19.33 4.77 17.87
N ILE A 27 19.98 4.67 16.72
CA ILE A 27 19.28 4.81 15.46
C ILE A 27 18.26 3.68 15.29
N ILE A 28 18.67 2.46 15.65
CA ILE A 28 17.83 1.29 15.39
C ILE A 28 16.52 1.35 16.17
N GLU A 29 16.58 1.84 17.40
CA GLU A 29 15.41 1.80 18.29
C GLU A 29 14.21 2.53 17.68
N GLN A 30 14.42 3.76 17.22
CA GLN A 30 13.31 4.55 16.66
C GLN A 30 12.77 3.89 15.40
N ILE A 31 13.62 3.25 14.61
CA ILE A 31 13.17 2.53 13.42
C ILE A 31 12.14 1.47 13.82
N GLN A 32 12.41 0.76 14.92
CA GLN A 32 11.51 -0.27 15.39
C GLN A 32 10.15 0.33 15.75
N ARG A 33 10.16 1.47 16.42
CA ARG A 33 8.91 2.11 16.83
C ARG A 33 8.01 2.37 15.61
N LYS A 34 8.60 2.89 14.52
CA LYS A 34 7.81 3.19 13.34
C LYS A 34 7.14 1.92 12.81
N GLN A 35 7.83 0.78 12.93
CA GLN A 35 7.24 -0.50 12.52
C GLN A 35 6.00 -0.80 13.36
N GLU A 36 6.10 -0.59 14.67
CA GLU A 36 4.96 -0.81 15.56
C GLU A 36 3.87 0.21 15.28
N GLU A 37 4.26 1.46 15.05
CA GLU A 37 3.29 2.49 14.67
C GLU A 37 2.57 2.12 13.38
N ALA A 38 3.28 1.49 12.46
CA ALA A 38 2.68 1.06 11.21
C ALA A 38 1.57 0.04 11.46
N ARG A 39 1.80 -0.86 12.42
CA ARG A 39 0.82 -1.89 12.73
C ARG A 39 -0.55 -1.30 13.06
N LEU A 40 -0.55 -0.12 13.69
CA LEU A 40 -1.81 0.50 14.09
C LEU A 40 -2.68 0.75 12.86
N LYS A 41 -2.07 1.27 11.81
CA LYS A 41 -2.79 1.55 10.58
C LYS A 41 -3.27 0.25 9.91
N VAL A 42 -2.43 -0.78 9.97
CA VAL A 42 -2.79 -2.06 9.37
C VAL A 42 -4.06 -2.60 10.01
N GLU A 43 -4.15 -2.50 11.33
CA GLU A 43 -5.32 -2.98 12.05
C GLU A 43 -6.53 -2.09 11.76
N GLU A 44 -6.31 -0.78 11.66
CA GLU A 44 -7.40 0.15 11.42
C GLU A 44 -8.06 -0.11 10.07
N MET A 45 -7.24 -0.21 9.03
CA MET A 45 -7.73 -0.52 7.69
C MET A 45 -8.45 -1.87 7.68
N GLU A 46 -7.96 -2.83 8.47
CA GLU A 46 -8.45 -4.19 8.40
C GLU A 46 -9.96 -4.28 8.63
N ARG A 47 -10.44 -3.62 9.68
CA ARG A 47 -11.86 -3.71 10.02
C ARG A 47 -12.76 -3.29 8.87
N LYS A 48 -12.45 -2.16 8.23
CA LYS A 48 -13.18 -1.77 7.03
C LYS A 48 -12.93 -2.74 5.89
N LEU A 49 -11.69 -3.22 5.77
CA LEU A 49 -11.31 -4.08 4.66
C LEU A 49 -12.18 -5.34 4.62
N GLU A 50 -12.40 -5.94 5.78
CA GLU A 50 -13.17 -7.18 5.84
C GLU A 50 -14.55 -7.02 5.21
N ALA A 51 -15.15 -5.85 5.36
CA ALA A 51 -16.49 -5.60 4.85
C ALA A 51 -16.48 -5.47 3.34
N VAL A 52 -15.72 -4.51 2.82
CA VAL A 52 -15.65 -4.28 1.38
C VAL A 52 -15.01 -5.46 0.64
N LYS A 53 -14.14 -6.21 1.32
CA LYS A 53 -13.49 -7.37 0.73
C LYS A 53 -14.51 -8.33 0.10
N GLU A 54 -15.48 -8.76 0.90
CA GLU A 54 -16.45 -9.74 0.44
C GLU A 54 -17.44 -9.14 -0.56
N ALA A 55 -17.89 -7.92 -0.30
CA ALA A 55 -18.94 -7.31 -1.11
C ALA A 55 -18.42 -6.86 -2.48
N SER A 56 -17.23 -6.26 -2.49
CA SER A 56 -16.72 -5.63 -3.70
C SER A 56 -16.65 -6.59 -4.88
N LYS A 57 -16.07 -7.77 -4.66
CA LYS A 57 -15.84 -8.70 -5.75
C LYS A 57 -17.16 -9.19 -6.35
N ARG A 58 -18.03 -9.76 -5.52
CA ARG A 58 -19.31 -10.26 -6.00
C ARG A 58 -20.16 -9.12 -6.60
N GLY A 59 -20.07 -7.94 -6.00
CA GLY A 59 -20.85 -6.80 -6.48
C GLY A 59 -22.16 -6.67 -5.71
N VAL A 60 -22.63 -5.44 -5.55
CA VAL A 60 -23.86 -5.18 -4.81
C VAL A 60 -24.75 -4.19 -5.57
N SER A 61 -25.96 -3.97 -5.06
CA SER A 61 -26.89 -3.06 -5.71
C SER A 61 -26.26 -1.68 -5.89
N SER A 62 -26.72 -0.96 -6.91
CA SER A 62 -26.13 0.33 -7.26
C SER A 62 -26.19 1.32 -6.10
N ASP A 63 -27.28 1.28 -5.33
CA ASP A 63 -27.46 2.24 -4.25
C ASP A 63 -26.31 2.19 -3.26
N GLN A 64 -26.00 0.99 -2.77
CA GLN A 64 -24.87 0.82 -1.85
C GLN A 64 -23.54 1.00 -2.58
N LEU A 65 -23.48 0.57 -3.84
CA LEU A 65 -22.23 0.55 -4.58
C LEU A 65 -21.60 1.94 -4.65
N LEU A 66 -22.43 2.97 -4.83
CA LEU A 66 -21.92 4.34 -4.86
C LEU A 66 -21.26 4.71 -3.53
N ASN A 67 -21.84 4.23 -2.43
CA ASN A 67 -21.21 4.40 -1.12
C ASN A 67 -19.98 3.50 -0.95
N LEU A 68 -20.00 2.33 -1.60
CA LEU A 68 -18.98 1.32 -1.37
C LEU A 68 -17.57 1.81 -1.67
N ILE A 69 -17.38 2.52 -2.78
CA ILE A 69 -16.03 2.93 -3.18
C ILE A 69 -15.41 3.95 -2.21
N LEU A 70 -16.23 4.64 -1.44
CA LEU A 70 -15.71 5.60 -0.45
C LEU A 70 -14.79 4.87 0.54
N ASP A 71 -15.24 3.71 1.01
CA ASP A 71 -14.43 2.90 1.90
C ASP A 71 -13.22 2.34 1.16
N LEU A 72 -13.43 1.89 -0.07
CA LEU A 72 -12.34 1.34 -0.87
C LEU A 72 -11.23 2.38 -1.02
N ALA A 73 -11.61 3.60 -1.38
CA ALA A 73 -10.62 4.67 -1.57
C ALA A 73 -9.87 4.93 -0.28
N ASP A 74 -10.57 4.89 0.85
CA ASP A 74 -9.94 5.11 2.13
C ASP A 74 -8.85 4.07 2.39
N ILE A 75 -9.15 2.81 2.09
CA ILE A 75 -8.18 1.73 2.27
C ILE A 75 -7.02 1.93 1.29
N ILE A 76 -7.33 2.32 0.05
CA ILE A 76 -6.29 2.60 -0.95
C ILE A 76 -5.36 3.69 -0.40
N THR A 77 -5.95 4.79 0.06
CA THR A 77 -5.18 5.90 0.59
C THR A 77 -4.36 5.45 1.79
N THR A 78 -4.99 4.70 2.70
CA THR A 78 -4.31 4.24 3.89
C THR A 78 -3.07 3.41 3.54
N LEU A 79 -3.20 2.58 2.51
CA LEU A 79 -2.08 1.73 2.09
C LEU A 79 -0.89 2.58 1.65
N ILE A 80 -1.18 3.68 0.95
CA ILE A 80 -0.12 4.58 0.53
C ILE A 80 0.64 5.12 1.74
N GLN A 81 -0.10 5.46 2.79
CA GLN A 81 0.52 5.98 4.01
C GLN A 81 1.55 4.98 4.55
N ILE A 82 1.22 3.69 4.48
CA ILE A 82 2.14 2.66 4.93
C ILE A 82 3.42 2.72 4.13
N ILE A 83 3.28 2.84 2.81
CA ILE A 83 4.43 2.86 1.90
C ILE A 83 5.29 4.09 2.16
N GLU A 84 4.67 5.23 2.45
CA GLU A 84 5.41 6.47 2.67
C GLU A 84 6.32 6.36 3.88
N GLU A 85 5.82 5.73 4.94
CA GLU A 85 6.62 5.56 6.16
C GLU A 85 7.79 4.62 5.89
N SER A 86 7.53 3.55 5.15
CA SER A 86 8.58 2.60 4.81
C SER A 86 9.58 3.20 3.83
N ASN A 87 9.09 4.05 2.91
CA ASN A 87 9.98 4.72 1.98
C ASN A 87 11.06 5.51 2.71
N GLU A 88 10.64 6.22 3.76
CA GLU A 88 11.58 6.97 4.58
C GLU A 88 12.50 6.04 5.35
N ALA A 89 11.95 4.93 5.84
CA ALA A 89 12.73 3.96 6.60
C ALA A 89 13.91 3.46 5.77
N ILE A 90 13.64 3.15 4.51
CA ILE A 90 14.71 2.77 3.58
C ILE A 90 15.67 3.94 3.41
N LYS A 91 15.15 5.10 3.03
CA LYS A 91 15.98 6.25 2.71
C LYS A 91 16.89 6.64 3.87
N GLU A 92 16.35 6.64 5.09
CA GLU A 92 17.15 7.01 6.25
C GLU A 92 18.31 6.04 6.46
N LEU A 93 18.05 4.75 6.23
CA LEU A 93 19.10 3.75 6.36
C LEU A 93 20.18 3.90 5.30
N ILE A 94 19.80 4.37 4.10
CA ILE A 94 20.78 4.63 3.06
C ILE A 94 21.76 5.72 3.55
N LYS A 95 21.23 6.77 4.16
CA LYS A 95 22.08 7.85 4.65
C LYS A 95 23.02 7.34 5.72
N ASN A 96 22.46 6.73 6.76
CA ASN A 96 23.25 6.15 7.84
C ASN A 96 24.14 5.01 7.35
N GLN A 97 23.75 4.36 6.24
CA GLN A 97 24.45 3.22 5.68
C GLN A 97 24.93 2.23 6.74
N LYS A 98 23.95 1.69 7.47
CA LYS A 98 24.21 0.58 8.40
C LYS A 98 24.03 -0.75 7.68
N GLY A 99 24.71 -1.78 8.17
CA GLY A 99 24.59 -3.10 7.57
C GLY A 99 25.69 -3.33 6.53
N PRO A 100 25.71 -4.47 5.88
CA PRO A 100 26.75 -4.78 4.86
C PRO A 100 26.37 -4.22 3.49
N THR A 101 26.75 -2.97 3.26
CA THR A 101 26.37 -2.27 2.03
C THR A 101 27.15 -2.80 0.82
N SER A 102 26.42 -3.06 -0.26
CA SER A 102 27.05 -3.46 -1.52
C SER A 102 26.29 -2.81 -2.68
N ASP A 103 27.01 -2.48 -3.74
CA ASP A 103 26.40 -1.73 -4.84
C ASP A 103 25.16 -2.42 -5.41
N TYR A 104 25.21 -3.74 -5.54
CA TYR A 104 24.11 -4.46 -6.18
C TYR A 104 22.89 -4.61 -5.27
N ILE A 105 23.09 -4.57 -3.96
CA ILE A 105 21.97 -4.54 -3.03
C ILE A 105 21.18 -3.25 -3.25
N ILE A 106 21.89 -2.12 -3.25
CA ILE A 106 21.25 -0.81 -3.34
C ILE A 106 20.34 -0.74 -4.57
N GLU A 107 20.80 -1.28 -5.70
CA GLU A 107 20.03 -1.20 -6.93
C GLU A 107 18.69 -1.92 -6.80
N GLN A 108 18.71 -3.09 -6.16
CA GLN A 108 17.49 -3.89 -6.02
C GLN A 108 16.45 -3.18 -5.16
N ILE A 109 16.88 -2.57 -4.06
CA ILE A 109 15.97 -1.86 -3.17
C ILE A 109 15.26 -0.75 -3.96
N GLN A 110 16.02 0.07 -4.68
CA GLN A 110 15.43 1.16 -5.44
C GLN A 110 14.43 0.63 -6.46
N ARG A 111 14.75 -0.52 -7.08
CA ARG A 111 13.83 -1.14 -8.00
C ARG A 111 12.55 -1.57 -7.28
N ASP A 112 12.71 -2.16 -6.10
CA ASP A 112 11.57 -2.61 -5.32
C ASP A 112 10.67 -1.43 -4.95
N GLN A 113 11.30 -0.36 -4.47
CA GLN A 113 10.56 0.86 -4.15
C GLN A 113 9.99 1.50 -5.41
N GLU A 114 10.75 1.46 -6.49
CA GLU A 114 10.29 2.01 -7.77
C GLU A 114 8.99 1.35 -8.19
N GLU A 115 8.99 0.01 -8.25
CA GLU A 115 7.78 -0.73 -8.60
C GLU A 115 6.65 -0.45 -7.60
N ALA A 116 7.01 -0.26 -6.33
CA ALA A 116 6.01 0.04 -5.31
C ALA A 116 5.25 1.31 -5.68
N ARG A 117 5.98 2.31 -6.17
CA ARG A 117 5.34 3.57 -6.60
C ARG A 117 4.43 3.31 -7.79
N LYS A 118 4.87 2.46 -8.72
CA LYS A 118 4.07 2.18 -9.91
C LYS A 118 2.70 1.65 -9.53
N LYS A 119 2.67 0.72 -8.58
CA LYS A 119 1.40 0.21 -8.07
C LYS A 119 0.58 1.32 -7.43
N VAL A 120 1.25 2.25 -6.75
CA VAL A 120 0.56 3.40 -6.18
C VAL A 120 -0.01 4.27 -7.29
N GLU A 121 0.82 4.59 -8.29
CA GLU A 121 0.36 5.40 -9.41
C GLU A 121 -0.77 4.67 -10.13
N GLU A 122 -0.59 3.38 -10.38
CA GLU A 122 -1.65 2.59 -10.99
C GLU A 122 -2.91 2.58 -10.11
N ALA A 123 -2.72 2.55 -8.80
CA ALA A 123 -3.85 2.65 -7.88
C ALA A 123 -4.51 4.02 -8.01
N GLU A 124 -3.70 5.05 -8.12
CA GLU A 124 -4.21 6.41 -8.31
C GLU A 124 -4.97 6.54 -9.63
N GLU A 125 -4.43 5.97 -10.70
CA GLU A 125 -5.07 6.07 -12.01
C GLU A 125 -6.44 5.41 -11.98
N ARG A 126 -6.52 4.24 -11.33
CA ARG A 126 -7.79 3.54 -11.19
C ARG A 126 -8.76 4.31 -10.30
N LEU A 127 -8.25 5.03 -9.31
CA LEU A 127 -9.11 5.93 -8.53
C LEU A 127 -9.72 6.98 -9.45
N GLU A 128 -8.88 7.55 -10.32
CA GLU A 128 -9.34 8.58 -11.24
C GLU A 128 -10.42 8.04 -12.17
N ARG A 129 -10.21 6.82 -12.66
CA ARG A 129 -11.21 6.18 -13.51
C ARG A 129 -12.52 6.01 -12.75
N VAL A 130 -12.43 5.65 -11.46
CA VAL A 130 -13.64 5.55 -10.64
C VAL A 130 -14.28 6.94 -10.52
N LYS A 131 -13.46 7.97 -10.35
CA LYS A 131 -13.98 9.34 -10.34
C LYS A 131 -14.66 9.65 -11.67
N GLU A 132 -14.04 9.21 -12.76
CA GLU A 132 -14.60 9.44 -14.09
C GLU A 132 -15.96 8.75 -14.23
N ALA A 133 -16.07 7.55 -13.69
CA ALA A 133 -17.32 6.81 -13.74
C ALA A 133 -18.40 7.55 -12.95
N SER A 134 -18.03 8.07 -11.79
CA SER A 134 -18.97 8.83 -10.96
C SER A 134 -19.39 10.12 -11.66
N LYS A 135 -18.43 10.75 -12.34
CA LYS A 135 -18.70 12.03 -12.99
C LYS A 135 -19.83 11.88 -14.01
N ARG A 136 -19.70 10.91 -14.90
CA ARG A 136 -20.77 10.59 -15.84
C ARG A 136 -21.95 9.95 -15.11
N GLY A 137 -21.66 9.06 -14.18
CA GLY A 137 -22.70 8.25 -13.56
C GLY A 137 -22.97 7.01 -14.42
N VAL A 138 -21.93 6.22 -14.63
CA VAL A 138 -22.02 5.06 -15.50
C VAL A 138 -23.14 4.12 -15.04
N SER A 139 -23.81 3.49 -16.00
CA SER A 139 -24.90 2.57 -15.69
C SER A 139 -24.42 1.48 -14.74
N SER A 140 -25.37 0.80 -14.12
CA SER A 140 -25.07 -0.19 -13.09
C SER A 140 -24.28 -1.38 -13.65
N ASP A 141 -24.70 -1.87 -14.82
CA ASP A 141 -24.11 -3.08 -15.37
C ASP A 141 -22.68 -2.84 -15.88
N GLN A 142 -22.49 -1.74 -16.58
CA GLN A 142 -21.17 -1.40 -17.12
C GLN A 142 -20.15 -1.12 -16.00
N LEU A 143 -20.63 -0.51 -14.92
CA LEU A 143 -19.76 -0.07 -13.84
C LEU A 143 -18.97 -1.22 -13.21
N LEU A 144 -19.50 -2.44 -13.30
CA LEU A 144 -18.87 -3.59 -12.64
C LEU A 144 -17.38 -3.70 -12.99
N ASP A 145 -17.04 -3.48 -14.25
CA ASP A 145 -15.68 -3.70 -14.71
C ASP A 145 -14.67 -2.85 -13.92
N LEU A 146 -14.95 -1.56 -13.81
CA LEU A 146 -14.02 -0.66 -13.13
C LEU A 146 -13.94 -0.92 -11.64
N ILE A 147 -15.05 -1.34 -11.04
CA ILE A 147 -15.16 -1.37 -9.59
C ILE A 147 -14.24 -2.46 -8.98
N ARG A 148 -14.14 -3.61 -9.65
CA ARG A 148 -13.28 -4.68 -9.13
C ARG A 148 -11.81 -4.49 -9.54
N GLU A 149 -11.55 -3.72 -10.59
CA GLU A 149 -10.18 -3.27 -10.86
C GLU A 149 -9.66 -2.47 -9.68
N LEU A 150 -10.51 -1.61 -9.14
CA LEU A 150 -10.23 -0.90 -7.89
C LEU A 150 -10.05 -1.88 -6.74
N ALA A 151 -10.81 -2.98 -6.75
CA ALA A 151 -10.73 -3.96 -5.68
C ALA A 151 -9.44 -4.78 -5.77
N GLU A 152 -9.18 -5.35 -6.93
CA GLU A 152 -8.02 -6.23 -7.11
C GLU A 152 -6.70 -5.48 -6.92
N ILE A 153 -6.67 -4.19 -7.22
CA ILE A 153 -5.45 -3.41 -7.05
C ILE A 153 -5.04 -3.32 -5.56
N ILE A 154 -6.00 -3.44 -4.65
CA ILE A 154 -5.70 -3.38 -3.22
C ILE A 154 -4.78 -4.53 -2.81
N GLU A 155 -5.20 -5.76 -3.09
CA GLU A 155 -4.39 -6.92 -2.72
C GLU A 155 -3.00 -6.85 -3.35
N GLU A 156 -2.89 -6.23 -4.53
CA GLU A 156 -1.57 -5.98 -5.11
C GLU A 156 -0.76 -5.05 -4.22
N LEU A 157 -1.43 -4.03 -3.67
CA LEU A 157 -0.77 -3.13 -2.73
C LEU A 157 -0.39 -3.87 -1.44
N ILE A 158 -1.26 -4.78 -0.99
CA ILE A 158 -0.96 -5.57 0.20
C ILE A 158 0.35 -6.34 0.00
N ARG A 159 0.44 -7.08 -1.10
CA ARG A 159 1.65 -7.83 -1.39
C ARG A 159 2.86 -6.91 -1.60
N ILE A 160 2.63 -5.75 -2.17
CA ILE A 160 3.69 -4.73 -2.27
C ILE A 160 4.15 -4.36 -0.84
N ILE A 161 3.19 -4.26 0.08
CA ILE A 161 3.52 -4.03 1.49
C ILE A 161 4.40 -5.18 2.00
N ARG A 162 4.10 -6.40 1.57
CA ARG A 162 4.89 -7.56 2.01
C ARG A 162 6.33 -7.46 1.51
N ARG A 163 6.51 -7.11 0.24
CA ARG A 163 7.85 -7.10 -0.34
C ARG A 163 8.71 -6.06 0.37
N SER A 164 8.13 -4.93 0.75
CA SER A 164 8.85 -3.94 1.55
C SER A 164 9.21 -4.52 2.91
N ASN A 165 8.29 -5.28 3.50
CA ASN A 165 8.57 -5.96 4.77
C ASN A 165 9.69 -6.98 4.60
N GLU A 166 9.72 -7.66 3.46
CA GLU A 166 10.79 -8.61 3.16
C GLU A 166 12.09 -7.89 2.84
N ALA A 167 11.98 -6.78 2.11
CA ALA A 167 13.15 -6.04 1.66
C ALA A 167 13.88 -5.36 2.81
N ILE A 168 13.12 -4.77 3.72
CA ILE A 168 13.71 -4.01 4.82
C ILE A 168 14.62 -4.88 5.67
N LYS A 169 14.25 -6.15 5.85
CA LYS A 169 15.06 -7.07 6.65
C LYS A 169 16.43 -7.28 6.00
N GLU A 170 16.43 -7.49 4.69
CA GLU A 170 17.68 -7.73 3.97
C GLU A 170 18.58 -6.50 3.96
N LEU A 171 17.97 -5.31 3.95
CA LEU A 171 18.74 -4.08 3.87
C LEU A 171 19.79 -4.00 4.99
N ILE A 172 19.42 -4.45 6.19
CA ILE A 172 20.36 -4.46 7.32
C ILE A 172 20.64 -5.88 7.83
N LYS A 173 20.08 -6.91 7.20
CA LYS A 173 20.32 -8.28 7.63
C LYS A 173 19.83 -8.47 9.07
N ASN A 174 18.57 -8.12 9.30
CA ASN A 174 17.98 -8.26 10.63
C ASN A 174 16.64 -8.98 10.54
N GLN A 175 16.17 -9.52 11.66
CA GLN A 175 14.91 -10.25 11.67
C GLN A 175 14.19 -10.06 13.01
N MET A 22 20.67 13.16 20.37
CA MET A 22 20.25 11.86 20.89
C MET A 22 21.36 10.83 20.63
N THR A 23 21.29 10.08 19.53
CA THR A 23 22.34 9.13 19.18
C THR A 23 22.32 8.80 17.69
N SER A 24 23.45 8.30 17.19
CA SER A 24 23.57 7.92 15.80
C SER A 24 22.59 6.81 15.41
N ASP A 25 22.33 5.90 16.34
CA ASP A 25 21.46 4.75 16.05
C ASP A 25 19.96 5.08 16.18
N TYR A 26 19.62 6.35 16.43
CA TYR A 26 18.24 6.72 16.71
C TYR A 26 17.31 6.33 15.57
N ILE A 27 17.74 6.57 14.34
CA ILE A 27 16.89 6.28 13.18
C ILE A 27 16.51 4.80 13.13
N ILE A 28 17.42 3.93 13.56
CA ILE A 28 17.13 2.50 13.61
C ILE A 28 15.96 2.22 14.55
N GLU A 29 15.86 2.98 15.64
CA GLU A 29 14.73 2.88 16.54
C GLU A 29 13.45 3.40 15.87
N GLN A 30 13.58 4.48 15.09
CA GLN A 30 12.43 5.06 14.43
C GLN A 30 11.86 4.12 13.37
N ILE A 31 12.73 3.57 12.53
CA ILE A 31 12.28 2.62 11.51
C ILE A 31 11.75 1.34 12.16
N GLN A 32 12.37 0.93 13.27
CA GLN A 32 11.91 -0.25 13.99
C GLN A 32 10.46 -0.05 14.43
N ARG A 33 10.17 1.09 15.03
CA ARG A 33 8.81 1.41 15.45
C ARG A 33 7.89 1.57 14.26
N LYS A 34 8.38 2.19 13.20
CA LYS A 34 7.54 2.49 12.04
C LYS A 34 6.97 1.20 11.46
N GLN A 35 7.80 0.17 11.31
CA GLN A 35 7.33 -1.11 10.79
C GLN A 35 6.26 -1.71 11.70
N GLU A 36 6.45 -1.58 13.00
CA GLU A 36 5.46 -2.10 13.95
C GLU A 36 4.13 -1.38 13.77
N GLU A 37 4.18 -0.07 13.58
CA GLU A 37 2.98 0.69 13.27
C GLU A 37 2.45 0.30 11.90
N ALA A 38 3.35 0.08 10.95
CA ALA A 38 2.96 -0.28 9.60
C ALA A 38 2.12 -1.56 9.61
N ARG A 39 2.59 -2.55 10.36
CA ARG A 39 1.89 -3.83 10.42
C ARG A 39 0.46 -3.63 10.91
N LEU A 40 0.29 -2.81 11.94
CA LEU A 40 -1.03 -2.64 12.53
C LEU A 40 -2.00 -1.98 11.55
N LYS A 41 -1.54 -0.94 10.87
CA LYS A 41 -2.41 -0.19 9.97
C LYS A 41 -2.73 -1.00 8.71
N VAL A 42 -1.72 -1.69 8.19
CA VAL A 42 -1.90 -2.46 6.96
C VAL A 42 -3.01 -3.50 7.14
N GLU A 43 -3.03 -4.16 8.30
CA GLU A 43 -4.05 -5.16 8.56
C GLU A 43 -5.44 -4.54 8.50
N GLU A 44 -5.57 -3.32 9.01
CA GLU A 44 -6.87 -2.63 8.96
C GLU A 44 -7.30 -2.39 7.53
N MET A 45 -6.34 -1.99 6.68
CA MET A 45 -6.61 -1.73 5.28
C MET A 45 -7.12 -2.99 4.58
N GLU A 46 -6.57 -4.14 4.95
CA GLU A 46 -6.97 -5.40 4.35
C GLU A 46 -8.41 -5.77 4.73
N ARG A 47 -8.77 -5.54 5.98
CA ARG A 47 -10.12 -5.85 6.43
C ARG A 47 -11.15 -5.08 5.61
N LYS A 48 -10.87 -3.81 5.36
CA LYS A 48 -11.74 -3.00 4.51
C LYS A 48 -11.64 -3.45 3.06
N LEU A 49 -10.43 -3.76 2.61
CA LEU A 49 -10.21 -4.16 1.23
C LEU A 49 -10.94 -5.46 0.92
N GLU A 50 -10.81 -6.45 1.80
CA GLU A 50 -11.49 -7.72 1.63
C GLU A 50 -13.01 -7.54 1.66
N ALA A 51 -13.49 -6.63 2.51
CA ALA A 51 -14.92 -6.35 2.56
C ALA A 51 -15.42 -5.90 1.19
N VAL A 52 -14.62 -5.08 0.52
CA VAL A 52 -14.96 -4.62 -0.83
C VAL A 52 -14.93 -5.80 -1.80
N LYS A 53 -13.90 -6.63 -1.68
CA LYS A 53 -13.74 -7.77 -2.59
C LYS A 53 -14.93 -8.72 -2.48
N GLU A 54 -15.40 -8.94 -1.25
CA GLU A 54 -16.57 -9.80 -1.05
C GLU A 54 -17.81 -9.18 -1.66
N ALA A 55 -17.94 -7.86 -1.55
CA ALA A 55 -19.11 -7.17 -2.08
C ALA A 55 -19.11 -7.18 -3.61
N SER A 56 -17.99 -6.79 -4.19
CA SER A 56 -17.85 -6.78 -5.64
C SER A 56 -18.04 -8.19 -6.21
N LYS A 57 -17.48 -9.17 -5.52
CA LYS A 57 -17.58 -10.56 -5.96
C LYS A 57 -19.04 -10.98 -6.07
N ARG A 58 -19.86 -10.58 -5.12
CA ARG A 58 -21.29 -10.82 -5.17
C ARG A 58 -22.01 -9.93 -6.16
N GLY A 59 -21.52 -8.70 -6.37
CA GLY A 59 -22.18 -7.77 -7.28
C GLY A 59 -23.36 -7.08 -6.60
N VAL A 60 -23.07 -6.43 -5.49
CA VAL A 60 -24.12 -5.76 -4.71
C VAL A 60 -24.80 -4.68 -5.55
N SER A 61 -26.08 -4.47 -5.26
CA SER A 61 -26.87 -3.48 -6.01
C SER A 61 -26.39 -2.06 -5.71
N SER A 62 -27.00 -1.10 -6.39
CA SER A 62 -26.53 0.29 -6.36
C SER A 62 -26.54 0.89 -4.96
N ASP A 63 -27.54 0.56 -4.14
CA ASP A 63 -27.65 1.17 -2.81
C ASP A 63 -26.40 0.90 -1.98
N GLN A 64 -25.94 -0.35 -2.01
CA GLN A 64 -24.67 -0.72 -1.39
C GLN A 64 -23.48 -0.17 -2.18
N LEU A 65 -23.62 -0.10 -3.50
CA LEU A 65 -22.52 0.26 -4.39
C LEU A 65 -21.83 1.54 -3.93
N LEU A 66 -22.61 2.51 -3.47
CA LEU A 66 -22.04 3.80 -3.07
C LEU A 66 -21.02 3.64 -1.95
N ASN A 67 -21.29 2.72 -1.02
CA ASN A 67 -20.44 2.55 0.15
C ASN A 67 -19.03 2.10 -0.23
N LEU A 68 -18.93 1.23 -1.22
CA LEU A 68 -17.63 0.67 -1.59
C LEU A 68 -16.66 1.77 -2.01
N ILE A 69 -17.16 2.73 -2.77
CA ILE A 69 -16.33 3.83 -3.24
C ILE A 69 -15.73 4.60 -2.06
N LEU A 70 -16.54 4.80 -1.01
CA LEU A 70 -16.05 5.51 0.17
C LEU A 70 -14.91 4.74 0.82
N ASP A 71 -15.04 3.42 0.89
CA ASP A 71 -14.02 2.59 1.51
C ASP A 71 -12.70 2.69 0.77
N LEU A 72 -12.76 2.61 -0.56
CA LEU A 72 -11.54 2.64 -1.37
C LEU A 72 -10.77 3.93 -1.13
N ALA A 73 -11.50 5.04 -1.05
CA ALA A 73 -10.86 6.34 -0.84
C ALA A 73 -10.10 6.34 0.48
N ASP A 74 -10.70 5.76 1.52
CA ASP A 74 -10.05 5.72 2.83
C ASP A 74 -8.77 4.91 2.79
N ILE A 75 -8.80 3.77 2.10
CA ILE A 75 -7.61 2.92 2.01
C ILE A 75 -6.50 3.68 1.27
N ILE A 76 -6.84 4.27 0.14
CA ILE A 76 -5.87 5.06 -0.62
C ILE A 76 -5.37 6.24 0.22
N THR A 77 -6.28 6.95 0.87
CA THR A 77 -5.91 8.13 1.65
C THR A 77 -4.99 7.75 2.81
N THR A 78 -5.28 6.62 3.46
CA THR A 78 -4.44 6.15 4.57
C THR A 78 -3.15 5.53 4.05
N LEU A 79 -3.28 4.69 3.02
CA LEU A 79 -2.14 3.94 2.49
C LEU A 79 -1.08 4.87 1.90
N ILE A 80 -1.51 5.90 1.17
CA ILE A 80 -0.55 6.78 0.50
C ILE A 80 0.39 7.45 1.51
N GLN A 81 -0.13 7.79 2.69
CA GLN A 81 0.69 8.41 3.72
C GLN A 81 1.77 7.44 4.22
N ILE A 82 1.40 6.17 4.36
CA ILE A 82 2.34 5.16 4.81
C ILE A 82 3.52 5.05 3.84
N ILE A 83 3.23 5.14 2.55
CA ILE A 83 4.28 5.12 1.53
C ILE A 83 5.26 6.26 1.76
N GLU A 84 4.73 7.45 2.04
CA GLU A 84 5.58 8.63 2.12
C GLU A 84 6.53 8.60 3.30
N GLU A 85 6.00 8.36 4.50
CA GLU A 85 6.82 8.45 5.70
C GLU A 85 7.85 7.33 5.75
N SER A 86 7.45 6.12 5.38
CA SER A 86 8.36 4.99 5.39
C SER A 86 9.45 5.14 4.31
N ASN A 87 9.04 5.50 3.11
CA ASN A 87 9.97 5.58 1.99
C ASN A 87 11.14 6.49 2.30
N GLU A 88 10.86 7.62 2.94
CA GLU A 88 11.92 8.56 3.32
C GLU A 88 12.89 7.92 4.31
N ALA A 89 12.35 7.12 5.23
CA ALA A 89 13.20 6.43 6.21
C ALA A 89 14.07 5.38 5.52
N ILE A 90 13.49 4.67 4.56
CA ILE A 90 14.23 3.66 3.81
C ILE A 90 15.45 4.30 3.12
N LYS A 91 15.23 5.37 2.36
CA LYS A 91 16.30 5.99 1.60
C LYS A 91 17.41 6.49 2.53
N GLU A 92 17.03 7.12 3.63
CA GLU A 92 18.02 7.67 4.57
C GLU A 92 18.77 6.55 5.30
N LEU A 93 18.06 5.49 5.65
CA LEU A 93 18.65 4.41 6.45
C LEU A 93 19.80 3.73 5.71
N ILE A 94 19.60 3.47 4.41
CA ILE A 94 20.60 2.71 3.65
C ILE A 94 21.88 3.51 3.41
N LYS A 95 21.79 4.85 3.42
CA LYS A 95 22.99 5.67 3.25
C LYS A 95 24.00 5.39 4.36
N ASN A 96 23.50 5.19 5.58
CA ASN A 96 24.39 5.02 6.74
C ASN A 96 24.79 3.57 6.96
N GLN A 97 23.89 2.64 6.61
CA GLN A 97 24.11 1.22 6.91
C GLN A 97 24.99 0.55 5.87
N LYS A 98 25.90 -0.30 6.35
CA LYS A 98 26.75 -1.10 5.48
C LYS A 98 26.76 -2.56 5.92
N GLY A 99 26.79 -3.47 4.96
CA GLY A 99 26.85 -4.89 5.27
C GLY A 99 27.58 -5.67 4.16
N PRO A 100 28.07 -6.86 4.43
CA PRO A 100 28.79 -7.65 3.39
C PRO A 100 27.84 -8.22 2.34
N THR A 101 26.68 -8.68 2.79
CA THR A 101 25.67 -9.23 1.88
C THR A 101 24.54 -8.23 1.56
N SER A 102 24.58 -7.03 2.16
CA SER A 102 23.51 -6.06 1.95
C SER A 102 23.38 -5.64 0.50
N ASP A 103 24.51 -5.58 -0.22
CA ASP A 103 24.55 -5.01 -1.56
C ASP A 103 23.42 -5.52 -2.45
N TYR A 104 23.11 -6.80 -2.35
CA TYR A 104 22.02 -7.37 -3.14
C TYR A 104 20.65 -6.94 -2.62
N ILE A 105 20.52 -6.88 -1.30
CA ILE A 105 19.24 -6.59 -0.65
C ILE A 105 18.87 -5.11 -0.91
N ILE A 106 19.83 -4.21 -0.78
CA ILE A 106 19.56 -2.77 -0.95
C ILE A 106 18.90 -2.51 -2.31
N GLU A 107 19.46 -3.09 -3.37
CA GLU A 107 18.91 -2.89 -4.70
C GLU A 107 17.49 -3.46 -4.80
N GLN A 108 17.25 -4.59 -4.15
CA GLN A 108 15.96 -5.24 -4.21
C GLN A 108 14.89 -4.37 -3.56
N ILE A 109 15.23 -3.78 -2.42
CA ILE A 109 14.28 -2.93 -1.71
C ILE A 109 14.01 -1.64 -2.47
N GLN A 110 15.05 -1.09 -3.12
CA GLN A 110 14.90 0.17 -3.82
C GLN A 110 13.81 0.10 -4.87
N ARG A 111 13.87 -0.89 -5.76
CA ARG A 111 12.88 -1.00 -6.82
C ARG A 111 11.48 -1.22 -6.22
N ASP A 112 11.40 -2.02 -5.17
CA ASP A 112 10.12 -2.32 -4.55
C ASP A 112 9.41 -1.03 -4.13
N GLN A 113 10.17 -0.13 -3.51
CA GLN A 113 9.64 1.19 -3.17
C GLN A 113 9.38 2.02 -4.42
N GLU A 114 10.27 1.90 -5.41
CA GLU A 114 10.11 2.64 -6.66
C GLU A 114 8.81 2.26 -7.35
N GLU A 115 8.48 0.97 -7.35
CA GLU A 115 7.22 0.51 -7.92
C GLU A 115 6.02 1.02 -7.12
N ALA A 116 6.18 1.11 -5.80
CA ALA A 116 5.10 1.61 -4.95
C ALA A 116 4.71 3.02 -5.37
N ARG A 117 5.71 3.85 -5.68
CA ARG A 117 5.46 5.19 -6.20
C ARG A 117 4.65 5.13 -7.50
N LYS A 118 4.86 4.10 -8.30
CA LYS A 118 4.15 3.95 -9.57
C LYS A 118 2.75 3.39 -9.35
N LYS A 119 2.66 2.28 -8.61
CA LYS A 119 1.37 1.63 -8.37
C LYS A 119 0.40 2.57 -7.66
N VAL A 120 0.90 3.35 -6.71
CA VAL A 120 0.04 4.29 -6.00
C VAL A 120 -0.58 5.30 -6.98
N GLU A 121 0.21 5.72 -7.97
CA GLU A 121 -0.32 6.59 -9.03
C GLU A 121 -1.33 5.83 -9.90
N GLU A 122 -1.02 4.56 -10.18
CA GLU A 122 -1.93 3.74 -10.96
C GLU A 122 -3.25 3.54 -10.21
N ALA A 123 -3.14 3.30 -8.91
CA ALA A 123 -4.32 3.18 -8.06
C ALA A 123 -5.04 4.52 -7.96
N GLU A 124 -4.26 5.59 -7.79
CA GLU A 124 -4.82 6.92 -7.67
C GLU A 124 -5.51 7.35 -8.96
N GLU A 125 -4.92 7.02 -10.10
CA GLU A 125 -5.47 7.42 -11.39
C GLU A 125 -6.84 6.78 -11.62
N ARG A 126 -6.92 5.48 -11.43
CA ARG A 126 -8.21 4.78 -11.53
C ARG A 126 -9.16 5.17 -10.41
N LEU A 127 -8.62 5.53 -9.24
CA LEU A 127 -9.47 6.02 -8.15
C LEU A 127 -10.27 7.23 -8.61
N GLU A 128 -9.62 8.12 -9.35
CA GLU A 128 -10.29 9.29 -9.91
C GLU A 128 -11.32 8.86 -10.96
N ARG A 129 -10.96 7.88 -11.77
CA ARG A 129 -11.90 7.35 -12.77
C ARG A 129 -13.16 6.82 -12.09
N VAL A 130 -12.98 6.15 -10.96
CA VAL A 130 -14.11 5.61 -10.22
C VAL A 130 -14.96 6.75 -9.65
N LYS A 131 -14.30 7.75 -9.08
CA LYS A 131 -15.00 8.89 -8.49
C LYS A 131 -15.81 9.62 -9.57
N GLU A 132 -15.18 9.89 -10.70
CA GLU A 132 -15.84 10.58 -11.80
C GLU A 132 -16.96 9.73 -12.38
N ALA A 133 -16.74 8.42 -12.46
CA ALA A 133 -17.74 7.52 -13.03
C ALA A 133 -19.03 7.57 -12.22
N SER A 134 -18.91 7.60 -10.90
CA SER A 134 -20.07 7.65 -10.03
C SER A 134 -20.82 8.98 -10.19
N LYS A 135 -20.06 10.06 -10.36
CA LYS A 135 -20.67 11.39 -10.53
C LYS A 135 -21.52 11.43 -11.79
N ARG A 136 -21.03 10.84 -12.87
CA ARG A 136 -21.72 10.87 -14.15
C ARG A 136 -22.92 9.91 -14.21
N GLY A 137 -22.96 8.92 -13.32
CA GLY A 137 -24.06 7.96 -13.31
C GLY A 137 -23.78 6.77 -14.20
N VAL A 138 -22.54 6.29 -14.16
CA VAL A 138 -22.15 5.12 -14.94
C VAL A 138 -22.84 3.87 -14.40
N SER A 139 -23.27 3.00 -15.30
CA SER A 139 -24.02 1.81 -14.92
C SER A 139 -23.23 0.95 -13.95
N SER A 140 -23.94 0.29 -13.04
CA SER A 140 -23.33 -0.59 -12.05
C SER A 140 -22.55 -1.73 -12.73
N ASP A 141 -23.03 -2.17 -13.90
CA ASP A 141 -22.43 -3.29 -14.61
C ASP A 141 -20.92 -3.08 -14.79
N GLN A 142 -20.53 -1.92 -15.30
CA GLN A 142 -19.13 -1.66 -15.56
C GLN A 142 -18.42 -1.07 -14.34
N LEU A 143 -19.12 -0.24 -13.58
CA LEU A 143 -18.51 0.44 -12.44
C LEU A 143 -17.91 -0.56 -11.46
N LEU A 144 -18.58 -1.69 -11.27
CA LEU A 144 -18.06 -2.73 -10.38
C LEU A 144 -16.72 -3.23 -10.89
N ASP A 145 -16.59 -3.39 -12.19
CA ASP A 145 -15.36 -3.91 -12.78
C ASP A 145 -14.16 -3.06 -12.36
N LEU A 146 -14.34 -1.75 -12.36
CA LEU A 146 -13.29 -0.83 -11.91
C LEU A 146 -12.97 -1.08 -10.44
N ILE A 147 -14.00 -1.35 -9.64
CA ILE A 147 -13.81 -1.61 -8.22
C ILE A 147 -12.96 -2.88 -8.03
N ARG A 148 -13.21 -3.90 -8.85
CA ARG A 148 -12.39 -5.12 -8.76
C ARG A 148 -10.95 -4.76 -9.11
N GLU A 149 -10.79 -4.04 -10.21
CA GLU A 149 -9.47 -3.76 -10.76
C GLU A 149 -8.65 -2.92 -9.80
N LEU A 150 -9.25 -1.86 -9.26
CA LEU A 150 -8.55 -1.01 -8.30
C LEU A 150 -8.20 -1.82 -7.05
N ALA A 151 -9.11 -2.68 -6.62
CA ALA A 151 -8.88 -3.47 -5.42
C ALA A 151 -7.64 -4.33 -5.56
N GLU A 152 -7.46 -4.93 -6.73
CA GLU A 152 -6.30 -5.79 -6.97
C GLU A 152 -5.00 -4.98 -7.01
N ILE A 153 -5.04 -3.80 -7.63
CA ILE A 153 -3.87 -2.94 -7.68
C ILE A 153 -3.42 -2.59 -6.26
N ILE A 154 -4.38 -2.26 -5.40
CA ILE A 154 -4.07 -2.04 -3.99
C ILE A 154 -3.51 -3.33 -3.39
N GLU A 155 -4.14 -4.46 -3.72
CA GLU A 155 -3.73 -5.73 -3.15
C GLU A 155 -2.26 -5.99 -3.47
N GLU A 156 -1.86 -5.74 -4.71
CA GLU A 156 -0.47 -5.89 -5.09
C GLU A 156 0.40 -4.89 -4.33
N LEU A 157 -0.09 -3.67 -4.18
CA LEU A 157 0.64 -2.64 -3.44
C LEU A 157 0.89 -3.09 -2.00
N ILE A 158 -0.09 -3.75 -1.40
CA ILE A 158 0.06 -4.28 -0.05
C ILE A 158 1.17 -5.34 -0.04
N ARG A 159 1.17 -6.25 -1.02
CA ARG A 159 2.18 -7.30 -1.07
C ARG A 159 3.59 -6.71 -1.09
N ILE A 160 3.77 -5.63 -1.86
CA ILE A 160 5.06 -4.96 -1.92
C ILE A 160 5.46 -4.43 -0.54
N ILE A 161 4.47 -3.92 0.21
CA ILE A 161 4.74 -3.43 1.56
C ILE A 161 5.27 -4.58 2.42
N ARG A 162 4.61 -5.73 2.36
CA ARG A 162 5.06 -6.89 3.12
C ARG A 162 6.44 -7.34 2.65
N ARG A 163 6.58 -7.56 1.35
CA ARG A 163 7.84 -8.05 0.80
C ARG A 163 8.97 -7.08 1.15
N SER A 164 8.69 -5.79 1.04
CA SER A 164 9.66 -4.78 1.47
C SER A 164 9.96 -4.91 2.95
N ASN A 165 8.91 -5.17 3.74
CA ASN A 165 9.08 -5.33 5.18
C ASN A 165 10.00 -6.50 5.50
N GLU A 166 9.82 -7.62 4.81
CA GLU A 166 10.67 -8.78 5.02
C GLU A 166 12.13 -8.46 4.70
N ALA A 167 12.36 -7.62 3.70
CA ALA A 167 13.71 -7.27 3.29
C ALA A 167 14.34 -6.26 4.25
N ILE A 168 13.63 -5.17 4.53
CA ILE A 168 14.20 -4.09 5.32
C ILE A 168 14.60 -4.56 6.72
N LYS A 169 13.87 -5.52 7.28
CA LYS A 169 14.24 -6.10 8.57
C LYS A 169 15.64 -6.72 8.50
N GLU A 170 15.97 -7.34 7.38
CA GLU A 170 17.23 -8.06 7.26
C GLU A 170 18.42 -7.15 7.56
N LEU A 171 18.33 -5.89 7.13
CA LEU A 171 19.41 -4.95 7.36
C LEU A 171 19.66 -4.72 8.85
N ILE A 172 18.58 -4.70 9.63
CA ILE A 172 18.69 -4.53 11.08
C ILE A 172 18.47 -5.83 11.87
N LYS A 173 18.35 -6.97 11.17
CA LYS A 173 18.05 -8.26 11.80
C LYS A 173 16.92 -8.15 12.82
N ASN A 174 15.68 -8.13 12.33
CA ASN A 174 14.51 -8.11 13.21
C ASN A 174 13.47 -9.12 12.73
N GLN A 175 12.61 -9.58 13.63
CA GLN A 175 11.58 -10.55 13.27
C GLN A 175 10.19 -9.94 13.45
N MET A 22 23.04 -6.59 14.83
CA MET A 22 22.07 -5.71 15.47
C MET A 22 22.73 -4.89 16.58
N THR A 23 22.58 -3.57 16.50
CA THR A 23 23.16 -2.68 17.50
C THR A 23 22.06 -1.86 18.17
N SER A 24 22.18 -1.65 19.48
CA SER A 24 21.18 -0.89 20.21
C SER A 24 21.42 0.62 20.07
N ASP A 25 21.54 1.07 18.82
CA ASP A 25 21.77 2.49 18.55
C ASP A 25 20.44 3.23 18.54
N TYR A 26 20.47 4.46 19.08
CA TYR A 26 19.25 5.26 19.19
C TYR A 26 18.55 5.39 17.84
N ILE A 27 19.34 5.65 16.79
CA ILE A 27 18.79 5.81 15.45
C ILE A 27 18.06 4.52 15.06
N ILE A 28 18.73 3.39 15.22
CA ILE A 28 18.16 2.10 14.84
C ILE A 28 16.82 1.89 15.57
N GLU A 29 16.77 2.23 16.86
CA GLU A 29 15.57 1.99 17.65
C GLU A 29 14.38 2.75 17.10
N GLN A 30 14.56 4.01 16.73
CA GLN A 30 13.45 4.81 16.22
C GLN A 30 12.94 4.26 14.89
N ILE A 31 13.87 3.82 14.04
CA ILE A 31 13.49 3.18 12.79
C ILE A 31 12.60 1.95 13.07
N GLN A 32 12.97 1.18 14.08
CA GLN A 32 12.25 -0.04 14.42
C GLN A 32 10.81 0.25 14.84
N ARG A 33 10.61 1.27 15.67
CA ARG A 33 9.28 1.55 16.20
C ARG A 33 8.29 1.90 15.09
N LYS A 34 8.67 2.85 14.23
CA LYS A 34 7.80 3.25 13.13
C LYS A 34 7.57 2.09 12.15
N GLN A 35 8.59 1.25 11.96
CA GLN A 35 8.48 0.14 11.01
C GLN A 35 7.26 -0.74 11.33
N GLU A 36 6.99 -0.91 12.63
CA GLU A 36 5.85 -1.69 13.06
C GLU A 36 4.55 -1.02 12.64
N GLU A 37 4.50 0.30 12.72
CA GLU A 37 3.30 1.05 12.34
C GLU A 37 3.07 0.97 10.84
N ALA A 38 4.14 1.11 10.06
CA ALA A 38 4.03 0.99 8.62
C ALA A 38 3.56 -0.41 8.26
N ARG A 39 4.17 -1.41 8.90
CA ARG A 39 3.76 -2.79 8.71
C ARG A 39 2.30 -2.99 9.13
N LEU A 40 1.93 -2.36 10.25
CA LEU A 40 0.62 -2.59 10.85
C LEU A 40 -0.51 -2.31 9.86
N LYS A 41 -0.47 -1.16 9.22
CA LYS A 41 -1.54 -0.77 8.29
C LYS A 41 -1.73 -1.82 7.20
N VAL A 42 -0.61 -2.29 6.63
CA VAL A 42 -0.67 -3.21 5.49
C VAL A 42 -1.59 -4.40 5.78
N GLU A 43 -1.53 -4.93 7.00
CA GLU A 43 -2.34 -6.10 7.34
C GLU A 43 -3.80 -5.73 7.57
N GLU A 44 -4.05 -4.61 8.24
CA GLU A 44 -5.42 -4.25 8.60
C GLU A 44 -6.18 -3.59 7.46
N MET A 45 -5.51 -2.70 6.70
CA MET A 45 -6.16 -2.15 5.50
C MET A 45 -6.47 -3.27 4.51
N GLU A 46 -5.62 -4.30 4.46
CA GLU A 46 -5.88 -5.47 3.63
C GLU A 46 -7.24 -6.09 3.98
N ARG A 47 -7.59 -6.07 5.27
CA ARG A 47 -8.88 -6.60 5.69
C ARG A 47 -10.01 -5.85 4.98
N LYS A 48 -9.89 -4.53 4.86
CA LYS A 48 -10.90 -3.77 4.12
C LYS A 48 -10.94 -4.21 2.66
N LEU A 49 -9.77 -4.36 2.04
CA LEU A 49 -9.73 -4.72 0.63
C LEU A 49 -10.47 -6.05 0.41
N GLU A 50 -10.27 -6.99 1.33
CA GLU A 50 -11.06 -8.21 1.31
C GLU A 50 -12.54 -7.88 1.53
N ALA A 51 -12.80 -6.94 2.44
CA ALA A 51 -14.17 -6.54 2.75
C ALA A 51 -14.86 -5.96 1.53
N VAL A 52 -14.12 -5.20 0.72
CA VAL A 52 -14.68 -4.64 -0.52
C VAL A 52 -15.16 -5.78 -1.40
N LYS A 53 -14.35 -6.83 -1.52
CA LYS A 53 -14.76 -8.00 -2.28
C LYS A 53 -15.98 -8.66 -1.64
N GLU A 54 -15.92 -8.87 -0.34
CA GLU A 54 -17.02 -9.51 0.37
C GLU A 54 -18.31 -8.69 0.24
N ALA A 55 -18.18 -7.37 0.32
CA ALA A 55 -19.32 -6.50 0.20
C ALA A 55 -19.89 -6.53 -1.22
N SER A 56 -19.01 -6.61 -2.21
CA SER A 56 -19.43 -6.61 -3.61
C SER A 56 -20.23 -7.87 -3.94
N LYS A 57 -19.87 -9.00 -3.33
CA LYS A 57 -20.58 -10.25 -3.59
C LYS A 57 -22.05 -10.13 -3.23
N ARG A 58 -22.32 -9.53 -2.08
CA ARG A 58 -23.63 -9.65 -1.44
C ARG A 58 -24.43 -8.35 -1.57
N GLY A 59 -25.67 -8.48 -2.05
CA GLY A 59 -26.57 -7.32 -2.13
C GLY A 59 -26.01 -6.24 -3.06
N VAL A 60 -26.19 -6.43 -4.36
CA VAL A 60 -25.77 -5.41 -5.33
C VAL A 60 -26.81 -4.29 -5.37
N SER A 61 -26.47 -3.16 -4.77
CA SER A 61 -27.38 -2.03 -4.72
C SER A 61 -26.65 -0.73 -5.05
N SER A 62 -27.38 0.24 -5.60
CA SER A 62 -26.78 1.49 -6.02
C SER A 62 -26.11 2.20 -4.84
N ASP A 63 -26.79 2.22 -3.70
CA ASP A 63 -26.27 2.92 -2.53
C ASP A 63 -25.03 2.23 -1.97
N GLN A 64 -25.02 0.90 -1.97
CA GLN A 64 -23.89 0.16 -1.44
C GLN A 64 -22.63 0.39 -2.25
N LEU A 65 -22.77 0.41 -3.57
CA LEU A 65 -21.62 0.60 -4.45
C LEU A 65 -20.91 1.91 -4.15
N LEU A 66 -21.68 2.96 -3.90
CA LEU A 66 -21.12 4.26 -3.57
C LEU A 66 -20.27 4.16 -2.30
N ASN A 67 -20.77 3.40 -1.32
CA ASN A 67 -20.04 3.23 -0.07
C ASN A 67 -18.68 2.60 -0.30
N LEU A 68 -18.61 1.65 -1.25
CA LEU A 68 -17.35 1.00 -1.55
C LEU A 68 -16.30 2.00 -2.03
N ILE A 69 -16.74 2.99 -2.81
CA ILE A 69 -15.82 3.98 -3.34
C ILE A 69 -15.07 4.69 -2.22
N LEU A 70 -15.81 5.18 -1.23
CA LEU A 70 -15.20 5.88 -0.11
C LEU A 70 -14.24 4.94 0.64
N ASP A 71 -14.67 3.69 0.83
CA ASP A 71 -13.81 2.71 1.48
C ASP A 71 -12.55 2.48 0.64
N LEU A 72 -12.72 2.38 -0.68
CA LEU A 72 -11.58 2.21 -1.57
C LEU A 72 -10.63 3.38 -1.42
N ALA A 73 -11.18 4.59 -1.40
CA ALA A 73 -10.35 5.80 -1.28
C ALA A 73 -9.53 5.75 0.00
N ASP A 74 -10.11 5.25 1.07
CA ASP A 74 -9.38 5.10 2.34
C ASP A 74 -8.16 4.22 2.14
N ILE A 75 -8.35 3.12 1.41
CA ILE A 75 -7.25 2.21 1.12
C ILE A 75 -6.21 2.92 0.25
N ILE A 76 -6.66 3.73 -0.71
CA ILE A 76 -5.74 4.52 -1.52
C ILE A 76 -4.93 5.45 -0.63
N THR A 77 -5.61 6.39 0.02
CA THR A 77 -4.92 7.45 0.74
C THR A 77 -3.95 6.90 1.78
N THR A 78 -4.41 5.94 2.58
CA THR A 78 -3.58 5.40 3.65
C THR A 78 -2.27 4.86 3.09
N LEU A 79 -2.37 4.01 2.08
CA LEU A 79 -1.20 3.34 1.54
C LEU A 79 -0.15 4.34 1.05
N ILE A 80 -0.59 5.34 0.28
CA ILE A 80 0.33 6.27 -0.35
C ILE A 80 1.29 6.90 0.66
N GLN A 81 0.74 7.47 1.73
CA GLN A 81 1.58 8.13 2.72
C GLN A 81 2.24 7.16 3.71
N ILE A 82 1.83 5.88 3.72
CA ILE A 82 2.64 4.86 4.37
C ILE A 82 3.96 4.73 3.61
N ILE A 83 3.88 4.72 2.29
CA ILE A 83 5.09 4.68 1.47
C ILE A 83 5.96 5.90 1.77
N GLU A 84 5.33 7.06 1.96
CA GLU A 84 6.08 8.28 2.24
C GLU A 84 6.85 8.15 3.55
N GLU A 85 6.21 7.58 4.55
CA GLU A 85 6.86 7.33 5.84
C GLU A 85 7.93 6.25 5.68
N SER A 86 7.60 5.20 4.93
CA SER A 86 8.53 4.11 4.70
C SER A 86 9.77 4.61 3.96
N ASN A 87 9.56 5.47 2.97
CA ASN A 87 10.64 5.98 2.15
C ASN A 87 11.70 6.65 3.03
N GLU A 88 11.23 7.51 3.94
CA GLU A 88 12.13 8.24 4.81
C GLU A 88 12.95 7.28 5.68
N ALA A 89 12.29 6.22 6.16
CA ALA A 89 12.96 5.24 7.00
C ALA A 89 14.08 4.55 6.23
N ILE A 90 13.82 4.21 4.98
CA ILE A 90 14.80 3.51 4.16
C ILE A 90 16.01 4.42 3.92
N LYS A 91 15.76 5.65 3.48
CA LYS A 91 16.86 6.58 3.19
C LYS A 91 17.76 6.76 4.40
N GLU A 92 17.14 7.05 5.55
CA GLU A 92 17.90 7.29 6.77
C GLU A 92 18.69 6.05 7.19
N LEU A 93 18.10 4.87 6.99
CA LEU A 93 18.75 3.63 7.38
C LEU A 93 20.09 3.46 6.68
N ILE A 94 20.12 3.81 5.40
CA ILE A 94 21.36 3.72 4.62
C ILE A 94 22.34 4.83 5.07
N LYS A 95 21.83 6.00 5.45
CA LYS A 95 22.69 7.06 5.96
C LYS A 95 23.50 6.57 7.16
N ASN A 96 22.80 5.93 8.10
CA ASN A 96 23.44 5.45 9.32
C ASN A 96 23.90 3.99 9.21
N GLN A 97 24.10 3.49 7.98
CA GLN A 97 24.52 2.12 7.78
C GLN A 97 25.91 1.91 8.39
N LYS A 98 26.02 0.92 9.29
CA LYS A 98 27.29 0.61 9.93
C LYS A 98 27.71 -0.83 9.63
N GLY A 99 26.75 -1.75 9.68
CA GLY A 99 27.04 -3.16 9.44
C GLY A 99 27.32 -3.42 7.96
N PRO A 100 27.55 -4.66 7.56
CA PRO A 100 27.85 -4.98 6.13
C PRO A 100 26.86 -4.30 5.17
N THR A 101 27.19 -4.35 3.89
CA THR A 101 26.39 -3.65 2.88
C THR A 101 25.05 -4.35 2.64
N SER A 102 25.01 -5.68 2.75
CA SER A 102 23.83 -6.46 2.36
C SER A 102 23.34 -6.04 0.96
N ASP A 103 24.27 -6.10 0.01
CA ASP A 103 24.10 -5.47 -1.29
C ASP A 103 22.81 -5.88 -1.99
N TYR A 104 22.48 -7.17 -1.93
CA TYR A 104 21.32 -7.67 -2.67
C TYR A 104 20.03 -7.00 -2.23
N ILE A 105 19.81 -6.95 -0.91
CA ILE A 105 18.53 -6.50 -0.37
C ILE A 105 18.25 -5.06 -0.80
N ILE A 106 19.23 -4.17 -0.62
CA ILE A 106 19.05 -2.75 -0.93
C ILE A 106 18.56 -2.57 -2.37
N GLU A 107 19.11 -3.38 -3.28
CA GLU A 107 18.69 -3.30 -4.68
C GLU A 107 17.20 -3.64 -4.82
N GLN A 108 16.75 -4.62 -4.05
CA GLN A 108 15.34 -5.04 -4.10
C GLN A 108 14.43 -3.95 -3.54
N ILE A 109 14.88 -3.28 -2.49
CA ILE A 109 14.10 -2.21 -1.87
C ILE A 109 13.77 -1.13 -2.91
N GLN A 110 14.77 -0.72 -3.67
CA GLN A 110 14.57 0.32 -4.68
C GLN A 110 13.65 -0.16 -5.79
N ARG A 111 13.83 -1.41 -6.22
CA ARG A 111 12.97 -1.97 -7.27
C ARG A 111 11.53 -2.01 -6.77
N ASP A 112 11.34 -2.58 -5.59
CA ASP A 112 10.01 -2.61 -4.98
C ASP A 112 9.49 -1.19 -4.79
N GLN A 113 10.37 -0.29 -4.35
CA GLN A 113 10.01 1.11 -4.18
C GLN A 113 9.58 1.73 -5.50
N GLU A 114 10.30 1.38 -6.58
CA GLU A 114 9.99 1.92 -7.89
C GLU A 114 8.66 1.39 -8.41
N GLU A 115 8.45 0.09 -8.28
CA GLU A 115 7.20 -0.52 -8.71
C GLU A 115 6.01 0.01 -7.91
N ALA A 116 6.23 0.27 -6.62
CA ALA A 116 5.17 0.77 -5.75
C ALA A 116 4.71 2.16 -6.20
N ARG A 117 5.66 3.03 -6.53
CA ARG A 117 5.32 4.38 -6.94
C ARG A 117 4.44 4.38 -8.18
N LYS A 118 4.87 3.64 -9.20
CA LYS A 118 4.13 3.61 -10.46
C LYS A 118 2.76 2.95 -10.29
N LYS A 119 2.69 1.95 -9.43
CA LYS A 119 1.43 1.22 -9.23
C LYS A 119 0.34 2.12 -8.64
N VAL A 120 0.73 3.16 -7.91
CA VAL A 120 -0.22 4.09 -7.31
C VAL A 120 -0.94 4.90 -8.39
N GLU A 121 -0.20 5.41 -9.37
CA GLU A 121 -0.79 6.31 -10.36
C GLU A 121 -1.88 5.61 -11.19
N GLU A 122 -1.72 4.31 -11.43
CA GLU A 122 -2.81 3.56 -12.08
C GLU A 122 -3.99 3.39 -11.11
N ALA A 123 -3.69 3.25 -9.81
CA ALA A 123 -4.75 3.19 -8.81
C ALA A 123 -5.53 4.50 -8.78
N GLU A 124 -4.79 5.62 -8.85
CA GLU A 124 -5.42 6.93 -8.84
C GLU A 124 -6.24 7.15 -10.12
N GLU A 125 -5.68 6.75 -11.25
CA GLU A 125 -6.31 7.01 -12.53
C GLU A 125 -7.68 6.35 -12.62
N ARG A 126 -7.76 5.09 -12.22
CA ARG A 126 -9.03 4.37 -12.21
C ARG A 126 -9.94 4.84 -11.07
N LEU A 127 -9.36 5.26 -9.95
CA LEU A 127 -10.15 5.84 -8.88
C LEU A 127 -10.90 7.07 -9.38
N GLU A 128 -10.25 7.88 -10.20
CA GLU A 128 -10.91 9.05 -10.79
C GLU A 128 -12.01 8.63 -11.77
N ARG A 129 -11.73 7.60 -12.55
CA ARG A 129 -12.69 7.11 -13.54
C ARG A 129 -13.98 6.63 -12.89
N VAL A 130 -13.84 5.89 -11.79
CA VAL A 130 -15.01 5.28 -11.15
C VAL A 130 -15.91 6.33 -10.51
N LYS A 131 -15.32 7.35 -9.90
CA LYS A 131 -16.13 8.44 -9.33
C LYS A 131 -16.87 9.17 -10.44
N GLU A 132 -16.12 9.61 -11.43
CA GLU A 132 -16.70 10.34 -12.55
C GLU A 132 -17.76 9.49 -13.25
N ALA A 133 -17.52 8.18 -13.36
CA ALA A 133 -18.48 7.30 -14.00
C ALA A 133 -19.81 7.34 -13.26
N SER A 134 -19.76 7.35 -11.94
CA SER A 134 -20.97 7.42 -11.12
C SER A 134 -21.57 8.82 -11.12
N LYS A 135 -20.72 9.85 -11.18
CA LYS A 135 -21.22 11.22 -11.24
C LYS A 135 -22.04 11.46 -12.50
N ARG A 136 -21.48 11.09 -13.65
CA ARG A 136 -22.13 11.37 -14.92
C ARG A 136 -23.35 10.49 -15.13
N GLY A 137 -23.26 9.22 -14.70
CA GLY A 137 -24.39 8.30 -14.83
C GLY A 137 -24.02 7.06 -15.63
N VAL A 138 -23.07 6.28 -15.11
CA VAL A 138 -22.69 5.02 -15.75
C VAL A 138 -23.38 3.86 -15.03
N SER A 139 -23.82 2.87 -15.81
CA SER A 139 -24.62 1.78 -15.27
C SER A 139 -23.96 1.14 -14.05
N SER A 140 -24.79 0.68 -13.12
CA SER A 140 -24.29 0.06 -11.89
C SER A 140 -23.50 -1.22 -12.19
N ASP A 141 -23.91 -1.95 -13.22
CA ASP A 141 -23.27 -3.22 -13.54
C ASP A 141 -21.80 -3.03 -13.88
N GLN A 142 -21.49 -1.95 -14.61
CA GLN A 142 -20.11 -1.71 -15.03
C GLN A 142 -19.31 -0.96 -13.96
N LEU A 143 -19.98 -0.16 -13.13
CA LEU A 143 -19.29 0.44 -11.98
C LEU A 143 -18.70 -0.64 -11.08
N LEU A 144 -19.47 -1.70 -10.89
CA LEU A 144 -18.99 -2.88 -10.17
C LEU A 144 -17.71 -3.42 -10.81
N ASP A 145 -17.66 -3.39 -12.14
CA ASP A 145 -16.50 -3.87 -12.87
C ASP A 145 -15.25 -3.05 -12.54
N LEU A 146 -15.42 -1.74 -12.37
CA LEU A 146 -14.28 -0.87 -12.09
C LEU A 146 -13.77 -1.07 -10.67
N ILE A 147 -14.67 -1.34 -9.72
CA ILE A 147 -14.24 -1.72 -8.37
C ILE A 147 -13.56 -3.08 -8.42
N ARG A 148 -14.22 -4.01 -9.12
CA ARG A 148 -13.69 -5.34 -9.38
C ARG A 148 -12.30 -5.25 -10.01
N GLU A 149 -12.13 -4.32 -10.93
CA GLU A 149 -10.85 -4.15 -11.60
C GLU A 149 -9.88 -3.39 -10.70
N LEU A 150 -10.38 -2.32 -10.07
CA LEU A 150 -9.54 -1.51 -9.20
C LEU A 150 -8.99 -2.36 -8.08
N ALA A 151 -9.84 -3.17 -7.46
CA ALA A 151 -9.42 -3.98 -6.32
C ALA A 151 -8.20 -4.84 -6.68
N GLU A 152 -8.23 -5.44 -7.88
CA GLU A 152 -7.12 -6.26 -8.32
C GLU A 152 -5.83 -5.44 -8.39
N ILE A 153 -5.94 -4.19 -8.86
CA ILE A 153 -4.78 -3.29 -8.90
C ILE A 153 -4.27 -3.10 -7.46
N ILE A 154 -5.19 -2.85 -6.53
CA ILE A 154 -4.84 -2.63 -5.14
C ILE A 154 -4.02 -3.82 -4.60
N GLU A 155 -4.49 -5.04 -4.87
CA GLU A 155 -3.86 -6.23 -4.29
C GLU A 155 -2.37 -6.26 -4.59
N GLU A 156 -1.99 -5.87 -5.80
CA GLU A 156 -0.58 -5.77 -6.15
C GLU A 156 0.11 -4.68 -5.35
N LEU A 157 -0.59 -3.57 -5.12
CA LEU A 157 -0.04 -2.47 -4.35
C LEU A 157 0.23 -2.90 -2.90
N ILE A 158 -0.66 -3.71 -2.35
CA ILE A 158 -0.51 -4.20 -0.98
C ILE A 158 0.76 -5.05 -0.84
N ARG A 159 0.92 -6.04 -1.71
CA ARG A 159 2.00 -7.01 -1.55
C ARG A 159 3.38 -6.39 -1.67
N ILE A 160 3.57 -5.54 -2.69
CA ILE A 160 4.89 -4.93 -2.92
C ILE A 160 5.31 -4.14 -1.68
N ILE A 161 4.37 -3.41 -1.09
CA ILE A 161 4.67 -2.66 0.12
C ILE A 161 5.06 -3.60 1.26
N ARG A 162 4.40 -4.76 1.34
CA ARG A 162 4.73 -5.74 2.38
C ARG A 162 6.13 -6.31 2.14
N ARG A 163 6.42 -6.69 0.90
CA ARG A 163 7.71 -7.29 0.58
C ARG A 163 8.86 -6.36 1.00
N SER A 164 8.67 -5.06 0.80
CA SER A 164 9.66 -4.10 1.27
C SER A 164 9.72 -4.08 2.81
N ASN A 165 8.55 -4.23 3.45
CA ASN A 165 8.48 -4.28 4.90
C ASN A 165 9.16 -5.53 5.44
N GLU A 166 9.04 -6.65 4.71
CA GLU A 166 9.71 -7.89 5.11
C GLU A 166 11.22 -7.79 4.87
N ALA A 167 11.59 -7.19 3.75
CA ALA A 167 13.00 -7.10 3.37
C ALA A 167 13.80 -6.26 4.35
N ILE A 168 13.22 -5.16 4.81
CA ILE A 168 13.95 -4.23 5.68
C ILE A 168 14.33 -4.88 7.01
N LYS A 169 13.54 -5.85 7.48
CA LYS A 169 13.88 -6.59 8.69
C LYS A 169 15.25 -7.23 8.56
N GLU A 170 15.52 -7.81 7.40
CA GLU A 170 16.82 -8.42 7.14
C GLU A 170 17.91 -7.36 7.03
N LEU A 171 17.57 -6.22 6.42
CA LEU A 171 18.55 -5.15 6.20
C LEU A 171 18.99 -4.54 7.52
N ILE A 172 18.02 -4.25 8.39
CA ILE A 172 18.33 -3.65 9.69
C ILE A 172 18.99 -4.64 10.65
N LYS A 173 18.72 -5.94 10.46
CA LYS A 173 19.24 -6.97 11.35
C LYS A 173 20.77 -6.93 11.39
N ASN A 174 21.39 -6.87 10.22
CA ASN A 174 22.86 -6.87 10.15
C ASN A 174 23.45 -5.67 10.87
N GLN A 175 22.79 -4.53 10.80
CA GLN A 175 23.32 -3.29 11.36
C GLN A 175 23.52 -3.44 12.87
N MET A 22 24.92 -8.64 11.75
CA MET A 22 24.08 -7.80 12.61
C MET A 22 24.94 -6.96 13.56
N THR A 23 24.49 -5.75 13.81
CA THR A 23 25.20 -4.83 14.69
C THR A 23 24.26 -4.26 15.76
N SER A 24 24.85 -3.72 16.83
CA SER A 24 24.05 -3.15 17.91
C SER A 24 24.10 -1.62 17.86
N ASP A 25 22.93 -1.02 17.82
CA ASP A 25 22.82 0.44 17.79
C ASP A 25 21.38 0.85 18.07
N TYR A 26 21.20 2.05 18.59
CA TYR A 26 19.87 2.52 18.95
C TYR A 26 18.98 2.61 17.71
N ILE A 27 19.52 3.15 16.63
CA ILE A 27 18.73 3.36 15.43
C ILE A 27 18.12 2.06 14.93
N ILE A 28 18.82 0.95 15.11
CA ILE A 28 18.29 -0.36 14.69
C ILE A 28 16.93 -0.61 15.33
N GLU A 29 16.80 -0.26 16.60
CA GLU A 29 15.55 -0.44 17.31
C GLU A 29 14.49 0.56 16.83
N GLN A 30 14.91 1.79 16.55
CA GLN A 30 13.98 2.84 16.18
C GLN A 30 13.24 2.49 14.88
N ILE A 31 13.97 2.00 13.90
CA ILE A 31 13.37 1.60 12.62
C ILE A 31 12.35 0.47 12.91
N GLN A 32 12.79 -0.57 13.61
CA GLN A 32 11.93 -1.72 13.84
C GLN A 32 10.61 -1.31 14.49
N ARG A 33 10.66 -0.37 15.43
CA ARG A 33 9.45 0.07 16.10
C ARG A 33 8.50 0.72 15.08
N LYS A 34 9.07 1.54 14.19
CA LYS A 34 8.26 2.20 13.17
C LYS A 34 7.59 1.18 12.26
N GLN A 35 8.29 0.09 11.95
CA GLN A 35 7.69 -0.99 11.17
C GLN A 35 6.49 -1.56 11.92
N GLU A 36 6.62 -1.71 13.24
CA GLU A 36 5.52 -2.17 14.07
C GLU A 36 4.42 -1.12 14.13
N GLU A 37 4.81 0.15 14.20
CA GLU A 37 3.83 1.24 14.21
C GLU A 37 3.08 1.28 12.89
N ALA A 38 3.83 1.14 11.80
CA ALA A 38 3.22 1.08 10.47
C ALA A 38 2.34 -0.16 10.31
N ARG A 39 2.76 -1.26 10.92
CA ARG A 39 2.03 -2.52 10.82
C ARG A 39 0.57 -2.34 11.21
N LEU A 40 0.33 -1.59 12.28
CA LEU A 40 -1.03 -1.45 12.80
C LEU A 40 -1.96 -0.81 11.79
N LYS A 41 -1.52 0.28 11.17
CA LYS A 41 -2.36 0.97 10.19
C LYS A 41 -2.58 0.09 8.96
N VAL A 42 -1.53 -0.58 8.52
CA VAL A 42 -1.58 -1.37 7.30
C VAL A 42 -2.62 -2.48 7.43
N GLU A 43 -2.64 -3.13 8.59
CA GLU A 43 -3.61 -4.22 8.81
C GLU A 43 -5.04 -3.70 8.73
N GLU A 44 -5.27 -2.49 9.23
CA GLU A 44 -6.61 -1.91 9.19
C GLU A 44 -7.06 -1.67 7.76
N MET A 45 -6.16 -1.15 6.94
CA MET A 45 -6.47 -0.88 5.54
C MET A 45 -6.84 -2.17 4.81
N GLU A 46 -6.15 -3.26 5.15
CA GLU A 46 -6.47 -4.57 4.55
C GLU A 46 -7.90 -4.98 4.91
N ARG A 47 -8.29 -4.72 6.15
CA ARG A 47 -9.63 -5.09 6.62
C ARG A 47 -10.70 -4.31 5.87
N LYS A 48 -10.45 -3.04 5.58
CA LYS A 48 -11.34 -2.29 4.69
C LYS A 48 -11.39 -2.96 3.32
N LEU A 49 -10.20 -3.28 2.80
CA LEU A 49 -10.11 -3.88 1.49
C LEU A 49 -10.88 -5.20 1.46
N GLU A 50 -10.68 -6.03 2.47
CA GLU A 50 -11.44 -7.28 2.59
C GLU A 50 -12.92 -6.99 2.79
N ALA A 51 -13.23 -5.94 3.54
CA ALA A 51 -14.61 -5.56 3.77
C ALA A 51 -15.31 -5.23 2.45
N VAL A 52 -14.60 -4.54 1.56
CA VAL A 52 -15.14 -4.20 0.26
C VAL A 52 -15.34 -5.48 -0.57
N LYS A 53 -14.37 -6.38 -0.50
CA LYS A 53 -14.48 -7.65 -1.23
C LYS A 53 -15.71 -8.44 -0.80
N GLU A 54 -15.83 -8.67 0.51
CA GLU A 54 -16.91 -9.51 1.02
C GLU A 54 -18.28 -8.93 0.65
N ALA A 55 -18.39 -7.61 0.71
CA ALA A 55 -19.66 -6.95 0.42
C ALA A 55 -20.00 -7.05 -1.07
N SER A 56 -18.99 -6.96 -1.92
CA SER A 56 -19.20 -6.95 -3.37
C SER A 56 -19.69 -8.30 -3.89
N LYS A 57 -19.34 -9.39 -3.20
CA LYS A 57 -19.71 -10.73 -3.66
C LYS A 57 -21.23 -10.84 -3.87
N ARG A 58 -22.00 -10.15 -3.03
CA ARG A 58 -23.45 -10.27 -3.06
C ARG A 58 -24.04 -9.32 -4.09
N GLY A 59 -25.36 -9.31 -4.20
CA GLY A 59 -26.03 -8.37 -5.11
C GLY A 59 -25.61 -6.93 -4.81
N VAL A 60 -25.74 -6.05 -5.81
CA VAL A 60 -25.29 -4.67 -5.66
C VAL A 60 -26.38 -3.68 -6.08
N SER A 61 -26.33 -2.49 -5.48
CA SER A 61 -27.23 -1.41 -5.83
C SER A 61 -26.43 -0.15 -6.15
N SER A 62 -26.98 0.71 -6.99
CA SER A 62 -26.27 1.92 -7.40
C SER A 62 -25.84 2.75 -6.19
N ASP A 63 -26.74 2.86 -5.21
CA ASP A 63 -26.43 3.60 -4.00
C ASP A 63 -25.40 2.87 -3.14
N GLN A 64 -25.49 1.54 -3.11
CA GLN A 64 -24.58 0.74 -2.30
C GLN A 64 -23.14 0.90 -2.78
N LEU A 65 -22.96 0.90 -4.09
CA LEU A 65 -21.61 1.02 -4.67
C LEU A 65 -21.00 2.38 -4.35
N LEU A 66 -21.82 3.43 -4.32
CA LEU A 66 -21.33 4.78 -4.09
C LEU A 66 -20.56 4.85 -2.78
N ASN A 67 -21.08 4.20 -1.74
CA ASN A 67 -20.41 4.17 -0.45
C ASN A 67 -19.01 3.57 -0.57
N LEU A 68 -18.89 2.54 -1.40
CA LEU A 68 -17.60 1.88 -1.59
C LEU A 68 -16.56 2.83 -2.17
N ILE A 69 -17.00 3.77 -3.00
CA ILE A 69 -16.07 4.71 -3.66
C ILE A 69 -15.22 5.44 -2.62
N LEU A 70 -15.88 5.99 -1.60
CA LEU A 70 -15.18 6.77 -0.60
C LEU A 70 -14.23 5.87 0.21
N ASP A 71 -14.70 4.69 0.58
CA ASP A 71 -13.88 3.77 1.37
C ASP A 71 -12.64 3.36 0.60
N LEU A 72 -12.80 3.09 -0.69
CA LEU A 72 -11.69 2.68 -1.54
C LEU A 72 -10.63 3.77 -1.61
N ALA A 73 -11.08 5.01 -1.77
CA ALA A 73 -10.15 6.14 -1.84
C ALA A 73 -9.37 6.27 -0.54
N ASP A 74 -10.04 6.03 0.58
CA ASP A 74 -9.39 6.08 1.89
C ASP A 74 -8.23 5.09 1.93
N ILE A 75 -8.44 3.91 1.37
CA ILE A 75 -7.38 2.90 1.37
C ILE A 75 -6.18 3.37 0.56
N ILE A 76 -6.42 3.83 -0.67
CA ILE A 76 -5.34 4.25 -1.55
C ILE A 76 -4.54 5.39 -0.92
N THR A 77 -5.24 6.43 -0.47
CA THR A 77 -4.58 7.61 0.06
C THR A 77 -3.67 7.25 1.23
N THR A 78 -4.15 6.40 2.13
CA THR A 78 -3.39 6.04 3.31
C THR A 78 -2.08 5.34 2.93
N LEU A 79 -2.14 4.41 2.00
CA LEU A 79 -0.96 3.64 1.62
C LEU A 79 0.14 4.53 1.04
N ILE A 80 -0.25 5.59 0.34
CA ILE A 80 0.73 6.53 -0.21
C ILE A 80 1.62 7.09 0.90
N GLN A 81 1.02 7.37 2.05
CA GLN A 81 1.77 7.94 3.18
C GLN A 81 2.88 6.99 3.62
N ILE A 82 2.58 5.69 3.62
CA ILE A 82 3.55 4.68 4.03
C ILE A 82 4.80 4.79 3.14
N ILE A 83 4.62 5.06 1.85
CA ILE A 83 5.75 5.18 0.94
C ILE A 83 6.70 6.28 1.44
N GLU A 84 6.12 7.41 1.86
CA GLU A 84 6.92 8.52 2.35
C GLU A 84 7.64 8.13 3.64
N GLU A 85 6.95 7.40 4.50
CA GLU A 85 7.54 6.98 5.78
C GLU A 85 8.61 5.90 5.56
N SER A 86 8.27 4.89 4.77
CA SER A 86 9.20 3.80 4.50
C SER A 86 10.44 4.30 3.76
N ASN A 87 10.24 5.25 2.84
CA ASN A 87 11.36 5.80 2.10
C ASN A 87 12.38 6.43 3.06
N GLU A 88 11.91 7.39 3.85
CA GLU A 88 12.79 8.05 4.81
C GLU A 88 13.20 7.14 5.98
N ALA A 89 12.47 6.04 6.18
CA ALA A 89 12.84 5.07 7.21
C ALA A 89 14.20 4.48 6.91
N ILE A 90 14.42 4.11 5.64
CA ILE A 90 15.70 3.57 5.22
C ILE A 90 16.76 4.67 5.05
N LYS A 91 16.33 5.91 4.79
CA LYS A 91 17.28 7.00 4.58
C LYS A 91 18.14 7.22 5.84
N GLU A 92 17.52 7.20 7.01
CA GLU A 92 18.27 7.38 8.25
C GLU A 92 19.29 6.26 8.39
N LEU A 93 18.80 5.04 8.18
CA LEU A 93 19.61 3.85 8.36
C LEU A 93 20.92 3.92 7.58
N ILE A 94 20.82 4.02 6.26
CA ILE A 94 22.01 3.93 5.41
C ILE A 94 23.06 4.97 5.81
N LYS A 95 22.62 6.14 6.27
CA LYS A 95 23.55 7.18 6.70
C LYS A 95 24.33 6.74 7.94
N ASN A 96 23.63 6.11 8.88
CA ASN A 96 24.22 5.80 10.18
C ASN A 96 24.72 4.36 10.30
N GLN A 97 24.89 3.66 9.17
CA GLN A 97 25.40 2.29 9.21
C GLN A 97 26.93 2.29 9.26
N LYS A 98 27.47 2.00 10.44
CA LYS A 98 28.92 1.83 10.59
C LYS A 98 29.44 0.68 9.72
N GLY A 99 28.64 -0.38 9.59
CA GLY A 99 29.00 -1.49 8.74
C GLY A 99 28.89 -1.10 7.26
N PRO A 100 29.15 -2.01 6.34
CA PRO A 100 29.09 -1.68 4.88
C PRO A 100 27.67 -1.78 4.33
N THR A 101 27.28 -0.82 3.49
CA THR A 101 25.97 -0.85 2.86
C THR A 101 25.91 -1.98 1.84
N SER A 102 24.80 -2.71 1.85
CA SER A 102 24.64 -3.85 0.93
C SER A 102 23.97 -3.39 -0.36
N ASP A 103 24.77 -2.89 -1.30
CA ASP A 103 24.24 -2.32 -2.53
C ASP A 103 23.25 -3.26 -3.22
N TYR A 104 23.57 -4.55 -3.21
CA TYR A 104 22.72 -5.53 -3.86
C TYR A 104 21.35 -5.63 -3.18
N ILE A 105 21.34 -5.69 -1.85
CA ILE A 105 20.09 -5.84 -1.12
C ILE A 105 19.28 -4.55 -1.12
N ILE A 106 19.96 -3.41 -1.01
CA ILE A 106 19.29 -2.11 -0.96
C ILE A 106 18.43 -1.94 -2.21
N GLU A 107 18.97 -2.31 -3.36
CA GLU A 107 18.27 -2.10 -4.62
C GLU A 107 16.88 -2.76 -4.61
N GLN A 108 16.81 -3.96 -4.06
CA GLN A 108 15.54 -4.69 -4.01
C GLN A 108 14.49 -3.89 -3.25
N ILE A 109 14.92 -3.18 -2.20
CA ILE A 109 14.00 -2.40 -1.37
C ILE A 109 13.29 -1.33 -2.22
N GLN A 110 14.06 -0.59 -3.00
CA GLN A 110 13.52 0.60 -3.67
C GLN A 110 13.17 0.37 -5.15
N ARG A 111 13.48 -0.80 -5.70
CA ARG A 111 12.85 -1.22 -6.95
C ARG A 111 11.36 -1.45 -6.71
N ASP A 112 11.03 -2.07 -5.58
CA ASP A 112 9.64 -2.26 -5.19
C ASP A 112 8.95 -0.91 -4.96
N GLN A 113 9.67 0.03 -4.37
CA GLN A 113 9.14 1.37 -4.19
C GLN A 113 8.81 2.00 -5.54
N GLU A 114 9.67 1.77 -6.52
CA GLU A 114 9.40 2.22 -7.89
C GLU A 114 8.13 1.56 -8.40
N GLU A 115 7.98 0.26 -8.12
CA GLU A 115 6.73 -0.44 -8.43
C GLU A 115 5.56 0.13 -7.65
N ALA A 116 5.81 0.63 -6.44
CA ALA A 116 4.74 1.20 -5.62
C ALA A 116 4.00 2.30 -6.38
N ARG A 117 4.71 3.36 -6.76
CA ARG A 117 4.07 4.50 -7.41
C ARG A 117 3.23 4.09 -8.62
N LYS A 118 3.80 3.25 -9.49
CA LYS A 118 3.07 2.84 -10.69
C LYS A 118 2.00 1.76 -10.43
N LYS A 119 1.74 1.47 -9.16
CA LYS A 119 0.48 0.84 -8.75
C LYS A 119 -0.52 1.91 -8.27
N VAL A 120 -0.01 2.94 -7.61
CA VAL A 120 -0.84 4.02 -7.08
C VAL A 120 -1.56 4.79 -8.20
N GLU A 121 -0.83 5.15 -9.25
CA GLU A 121 -1.43 5.96 -10.32
C GLU A 121 -2.57 5.19 -10.99
N GLU A 122 -2.27 4.00 -11.53
CA GLU A 122 -3.33 3.20 -12.14
C GLU A 122 -4.44 2.90 -11.13
N ALA A 123 -4.10 2.81 -9.84
CA ALA A 123 -5.10 2.61 -8.81
C ALA A 123 -6.07 3.79 -8.78
N GLU A 124 -5.57 5.01 -8.98
CA GLU A 124 -6.44 6.18 -9.01
C GLU A 124 -6.92 6.52 -10.43
N GLU A 125 -6.30 5.95 -11.47
CA GLU A 125 -6.84 6.09 -12.83
C GLU A 125 -8.23 5.47 -12.89
N ARG A 126 -8.34 4.27 -12.33
CA ARG A 126 -9.63 3.61 -12.19
C ARG A 126 -10.55 4.42 -11.30
N LEU A 127 -9.99 4.98 -10.22
CA LEU A 127 -10.78 5.74 -9.26
C LEU A 127 -11.40 6.96 -9.94
N GLU A 128 -10.62 7.66 -10.73
CA GLU A 128 -11.15 8.78 -11.51
C GLU A 128 -12.13 8.28 -12.57
N ARG A 129 -11.81 7.14 -13.18
CA ARG A 129 -12.69 6.54 -14.16
C ARG A 129 -14.05 6.19 -13.55
N VAL A 130 -14.04 5.64 -12.34
CA VAL A 130 -15.28 5.13 -11.76
C VAL A 130 -16.20 6.28 -11.33
N LYS A 131 -15.64 7.34 -10.75
CA LYS A 131 -16.45 8.51 -10.43
C LYS A 131 -17.04 9.10 -11.72
N GLU A 132 -16.19 9.18 -12.74
CA GLU A 132 -16.63 9.64 -14.05
C GLU A 132 -17.76 8.76 -14.57
N ALA A 133 -17.64 7.46 -14.35
CA ALA A 133 -18.69 6.53 -14.75
C ALA A 133 -19.97 6.80 -13.97
N SER A 134 -19.84 6.96 -12.65
CA SER A 134 -20.99 7.29 -11.82
C SER A 134 -21.57 8.66 -12.21
N LYS A 135 -20.71 9.58 -12.62
CA LYS A 135 -21.15 10.92 -13.03
C LYS A 135 -22.12 10.82 -14.20
N ARG A 136 -21.71 10.08 -15.23
CA ARG A 136 -22.54 9.93 -16.43
C ARG A 136 -23.77 9.06 -16.13
N GLY A 137 -23.59 8.03 -15.30
CA GLY A 137 -24.67 7.10 -15.01
C GLY A 137 -24.51 5.79 -15.77
N VAL A 138 -23.34 5.16 -15.60
CA VAL A 138 -23.05 3.91 -16.28
C VAL A 138 -23.63 2.74 -15.50
N SER A 139 -24.01 1.68 -16.21
CA SER A 139 -24.65 0.53 -15.59
C SER A 139 -23.85 0.01 -14.39
N SER A 140 -24.56 -0.36 -13.33
CA SER A 140 -23.93 -0.77 -12.09
C SER A 140 -22.97 -1.94 -12.30
N ASP A 141 -23.34 -2.85 -13.21
CA ASP A 141 -22.51 -4.04 -13.44
C ASP A 141 -21.13 -3.64 -13.92
N GLN A 142 -21.07 -2.67 -14.84
CA GLN A 142 -19.78 -2.19 -15.33
C GLN A 142 -19.05 -1.43 -14.24
N LEU A 143 -19.77 -0.66 -13.43
CA LEU A 143 -19.18 0.00 -12.27
C LEU A 143 -18.54 -1.04 -11.35
N LEU A 144 -19.26 -2.13 -11.13
CA LEU A 144 -18.75 -3.22 -10.31
C LEU A 144 -17.45 -3.78 -10.89
N ASP A 145 -17.38 -3.87 -12.22
CA ASP A 145 -16.22 -4.45 -12.88
C ASP A 145 -14.96 -3.66 -12.56
N LEU A 146 -15.02 -2.34 -12.69
CA LEU A 146 -13.87 -1.49 -12.42
C LEU A 146 -13.50 -1.54 -10.94
N ILE A 147 -14.50 -1.57 -10.07
CA ILE A 147 -14.28 -1.76 -8.63
C ILE A 147 -13.57 -3.10 -8.43
N ARG A 148 -14.11 -4.14 -9.05
CA ARG A 148 -13.59 -5.48 -8.86
C ARG A 148 -12.12 -5.54 -9.27
N GLU A 149 -11.78 -4.88 -10.38
CA GLU A 149 -10.38 -4.75 -10.78
C GLU A 149 -9.62 -3.89 -9.77
N LEU A 150 -10.24 -2.80 -9.34
CA LEU A 150 -9.60 -1.86 -8.43
C LEU A 150 -9.14 -2.57 -7.16
N ALA A 151 -9.99 -3.46 -6.64
CA ALA A 151 -9.67 -4.16 -5.41
C ALA A 151 -8.38 -4.95 -5.55
N GLU A 152 -8.21 -5.60 -6.70
CA GLU A 152 -7.02 -6.40 -6.95
C GLU A 152 -5.80 -5.52 -7.16
N ILE A 153 -5.98 -4.40 -7.86
CA ILE A 153 -4.88 -3.45 -8.06
C ILE A 153 -4.39 -2.95 -6.70
N ILE A 154 -5.31 -2.60 -5.82
CA ILE A 154 -4.96 -2.21 -4.46
C ILE A 154 -4.32 -3.41 -3.74
N GLU A 155 -4.83 -4.61 -3.98
CA GLU A 155 -4.33 -5.79 -3.31
C GLU A 155 -2.83 -5.94 -3.52
N GLU A 156 -2.41 -5.92 -4.79
CA GLU A 156 -0.99 -6.05 -5.11
C GLU A 156 -0.18 -4.94 -4.48
N LEU A 157 -0.75 -3.75 -4.35
CA LEU A 157 -0.06 -2.65 -3.67
C LEU A 157 0.23 -3.05 -2.23
N ILE A 158 -0.73 -3.69 -1.57
CA ILE A 158 -0.51 -4.22 -0.23
C ILE A 158 0.62 -5.25 -0.26
N ARG A 159 0.63 -6.10 -1.29
CA ARG A 159 1.70 -7.09 -1.43
C ARG A 159 3.06 -6.41 -1.50
N ILE A 160 3.13 -5.28 -2.21
CA ILE A 160 4.39 -4.55 -2.36
C ILE A 160 4.84 -4.01 -1.00
N ILE A 161 3.91 -3.38 -0.27
CA ILE A 161 4.22 -2.89 1.08
C ILE A 161 4.63 -4.06 1.98
N ARG A 162 3.97 -5.20 1.82
CA ARG A 162 4.33 -6.39 2.60
C ARG A 162 5.79 -6.77 2.38
N ARG A 163 6.22 -6.82 1.13
CA ARG A 163 7.60 -7.18 0.85
C ARG A 163 8.55 -6.12 1.37
N SER A 164 8.17 -4.86 1.22
CA SER A 164 9.02 -3.76 1.66
C SER A 164 9.25 -3.80 3.17
N ASN A 165 8.19 -4.13 3.92
CA ASN A 165 8.27 -4.20 5.37
C ASN A 165 9.11 -5.39 5.81
N GLU A 166 8.98 -6.51 5.11
CA GLU A 166 9.74 -7.71 5.43
C GLU A 166 11.19 -7.59 4.96
N ALA A 167 11.37 -6.98 3.79
CA ALA A 167 12.69 -6.87 3.19
C ALA A 167 13.62 -6.02 4.06
N ILE A 168 13.12 -4.86 4.49
CA ILE A 168 13.93 -3.98 5.33
C ILE A 168 14.35 -4.69 6.62
N LYS A 169 13.48 -5.55 7.16
CA LYS A 169 13.85 -6.35 8.33
C LYS A 169 15.05 -7.22 8.02
N GLU A 170 15.02 -7.86 6.85
CA GLU A 170 16.12 -8.69 6.40
C GLU A 170 17.40 -7.86 6.22
N LEU A 171 17.23 -6.63 5.75
CA LEU A 171 18.36 -5.74 5.52
C LEU A 171 19.17 -5.55 6.80
N ILE A 172 18.49 -5.43 7.93
CA ILE A 172 19.14 -5.17 9.21
C ILE A 172 19.98 -6.37 9.65
N LYS A 173 19.50 -7.58 9.38
CA LYS A 173 20.17 -8.80 9.85
C LYS A 173 21.02 -9.45 8.76
N ASN A 174 21.41 -8.70 7.73
CA ASN A 174 22.32 -9.20 6.70
C ASN A 174 23.52 -8.27 6.48
N GLN A 175 23.80 -7.36 7.43
CA GLN A 175 24.96 -6.48 7.33
C GLN A 175 25.94 -6.77 8.47
N MET A 22 22.03 -7.59 14.31
CA MET A 22 21.44 -6.39 14.90
C MET A 22 22.39 -5.76 15.92
N THR A 23 22.44 -4.44 15.92
CA THR A 23 23.25 -3.71 16.91
C THR A 23 22.41 -2.58 17.51
N SER A 24 22.76 -2.19 18.73
CA SER A 24 21.97 -1.19 19.45
C SER A 24 22.35 0.23 19.05
N ASP A 25 21.50 0.86 18.26
CA ASP A 25 21.65 2.27 17.91
C ASP A 25 20.30 2.96 17.94
N TYR A 26 20.25 4.15 18.52
CA TYR A 26 18.98 4.83 18.73
C TYR A 26 18.20 4.99 17.43
N ILE A 27 18.86 5.45 16.38
CA ILE A 27 18.19 5.68 15.11
C ILE A 27 17.63 4.37 14.55
N ILE A 28 18.37 3.28 14.71
CA ILE A 28 17.90 1.97 14.27
C ILE A 28 16.60 1.61 15.00
N GLU A 29 16.57 1.87 16.30
CA GLU A 29 15.38 1.60 17.10
C GLU A 29 14.19 2.43 16.62
N GLN A 30 14.45 3.68 16.23
CA GLN A 30 13.40 4.55 15.72
C GLN A 30 12.80 4.00 14.43
N ILE A 31 13.63 3.39 13.59
CA ILE A 31 13.12 2.72 12.39
C ILE A 31 12.18 1.58 12.79
N GLN A 32 12.52 0.86 13.85
CA GLN A 32 11.65 -0.20 14.35
C GLN A 32 10.32 0.36 14.84
N ARG A 33 10.35 1.56 15.42
CA ARG A 33 9.11 2.19 15.89
C ARG A 33 8.13 2.36 14.74
N LYS A 34 8.61 2.97 13.65
CA LYS A 34 7.75 3.23 12.50
C LYS A 34 7.28 1.93 11.86
N GLN A 35 8.20 0.97 11.76
CA GLN A 35 7.85 -0.33 11.21
C GLN A 35 6.77 -1.00 12.07
N GLU A 36 6.87 -0.84 13.39
CA GLU A 36 5.85 -1.35 14.29
C GLU A 36 4.51 -0.69 14.00
N GLU A 37 4.54 0.62 13.77
CA GLU A 37 3.31 1.36 13.44
C GLU A 37 2.79 0.93 12.08
N ALA A 38 3.69 0.72 11.13
CA ALA A 38 3.29 0.27 9.81
C ALA A 38 2.71 -1.14 9.90
N ARG A 39 3.43 -2.02 10.60
CA ARG A 39 3.00 -3.40 10.74
C ARG A 39 1.59 -3.47 11.33
N LEU A 40 1.33 -2.63 12.32
CA LEU A 40 0.04 -2.63 12.99
C LEU A 40 -1.11 -2.38 12.04
N LYS A 41 -1.10 -1.24 11.33
CA LYS A 41 -2.26 -0.85 10.52
C LYS A 41 -2.22 -1.42 9.09
N VAL A 42 -1.10 -2.04 8.68
CA VAL A 42 -1.10 -2.81 7.44
C VAL A 42 -2.14 -3.93 7.54
N GLU A 43 -2.22 -4.58 8.69
CA GLU A 43 -3.25 -5.57 8.95
C GLU A 43 -4.64 -4.96 8.83
N GLU A 44 -4.78 -3.73 9.29
CA GLU A 44 -6.09 -3.08 9.33
C GLU A 44 -6.64 -2.84 7.93
N MET A 45 -5.78 -2.44 6.99
CA MET A 45 -6.23 -2.25 5.61
C MET A 45 -6.70 -3.58 5.05
N GLU A 46 -5.92 -4.64 5.34
CA GLU A 46 -6.15 -5.96 4.79
C GLU A 46 -7.51 -6.50 5.21
N ARG A 47 -7.87 -6.32 6.49
CA ARG A 47 -9.15 -6.80 6.97
C ARG A 47 -10.30 -6.16 6.19
N LYS A 48 -10.22 -4.85 5.97
CA LYS A 48 -11.21 -4.20 5.11
C LYS A 48 -11.09 -4.74 3.69
N LEU A 49 -9.86 -4.86 3.19
CA LEU A 49 -9.65 -5.32 1.82
C LEU A 49 -10.34 -6.66 1.57
N GLU A 50 -10.22 -7.56 2.53
CA GLU A 50 -10.88 -8.87 2.41
C GLU A 50 -12.40 -8.69 2.44
N ALA A 51 -12.89 -7.78 3.27
CA ALA A 51 -14.32 -7.55 3.37
C ALA A 51 -14.87 -6.92 2.08
N VAL A 52 -14.09 -6.03 1.47
CA VAL A 52 -14.53 -5.36 0.27
C VAL A 52 -14.71 -6.36 -0.88
N LYS A 53 -13.75 -7.27 -1.06
CA LYS A 53 -13.84 -8.21 -2.18
C LYS A 53 -15.08 -9.09 -2.05
N GLU A 54 -15.27 -9.67 -0.87
CA GLU A 54 -16.39 -10.59 -0.65
C GLU A 54 -17.71 -9.92 -0.99
N ALA A 55 -17.84 -8.63 -0.65
CA ALA A 55 -19.02 -7.87 -1.01
C ALA A 55 -19.01 -7.53 -2.51
N SER A 56 -17.83 -7.22 -3.05
CA SER A 56 -17.70 -6.86 -4.46
C SER A 56 -18.20 -7.99 -5.34
N LYS A 57 -17.77 -9.21 -5.03
CA LYS A 57 -18.15 -10.39 -5.80
C LYS A 57 -19.65 -10.63 -5.68
N ARG A 58 -20.17 -10.50 -4.46
CA ARG A 58 -21.56 -10.85 -4.16
C ARG A 58 -22.52 -10.05 -5.03
N GLY A 59 -22.22 -8.77 -5.21
CA GLY A 59 -23.15 -7.84 -5.86
C GLY A 59 -23.78 -6.94 -4.80
N VAL A 60 -23.70 -5.63 -5.02
CA VAL A 60 -24.12 -4.67 -3.99
C VAL A 60 -25.09 -3.64 -4.55
N SER A 61 -25.82 -2.99 -3.64
CA SER A 61 -26.77 -1.95 -4.02
C SER A 61 -26.03 -0.66 -4.37
N SER A 62 -26.72 0.24 -5.06
CA SER A 62 -26.09 1.49 -5.51
C SER A 62 -25.51 2.27 -4.34
N ASP A 63 -26.25 2.37 -3.24
CA ASP A 63 -25.79 3.16 -2.09
C ASP A 63 -24.52 2.55 -1.50
N GLN A 64 -24.54 1.22 -1.33
CA GLN A 64 -23.35 0.52 -0.83
C GLN A 64 -22.20 0.58 -1.83
N LEU A 65 -22.53 0.55 -3.12
CA LEU A 65 -21.53 0.60 -4.18
C LEU A 65 -20.61 1.81 -4.00
N LEU A 66 -21.21 2.94 -3.64
CA LEU A 66 -20.43 4.15 -3.36
C LEU A 66 -19.55 3.95 -2.13
N ASN A 67 -20.09 3.29 -1.12
CA ASN A 67 -19.37 3.09 0.13
C ASN A 67 -18.07 2.33 -0.11
N LEU A 68 -18.11 1.33 -1.00
CA LEU A 68 -16.93 0.54 -1.30
C LEU A 68 -15.80 1.44 -1.80
N ILE A 69 -16.14 2.41 -2.63
CA ILE A 69 -15.16 3.35 -3.13
C ILE A 69 -14.55 4.13 -1.97
N LEU A 70 -15.39 4.53 -1.02
CA LEU A 70 -14.90 5.24 0.16
C LEU A 70 -13.94 4.35 0.95
N ASP A 71 -14.31 3.07 1.11
CA ASP A 71 -13.45 2.13 1.81
C ASP A 71 -12.13 1.97 1.07
N LEU A 72 -12.21 1.85 -0.25
CA LEU A 72 -11.01 1.77 -1.08
C LEU A 72 -10.20 3.07 -0.99
N ALA A 73 -10.90 4.20 -0.90
CA ALA A 73 -10.24 5.49 -0.81
C ALA A 73 -9.41 5.58 0.46
N ASP A 74 -9.95 5.07 1.56
CA ASP A 74 -9.24 5.12 2.83
C ASP A 74 -7.92 4.35 2.74
N ILE A 75 -7.95 3.20 2.07
CA ILE A 75 -6.77 2.37 1.94
C ILE A 75 -5.71 3.07 1.09
N ILE A 76 -6.07 3.48 -0.12
CA ILE A 76 -5.12 4.10 -1.03
C ILE A 76 -4.56 5.39 -0.42
N THR A 77 -5.41 6.17 0.23
CA THR A 77 -4.96 7.40 0.89
C THR A 77 -3.90 7.05 1.95
N THR A 78 -4.14 5.98 2.69
CA THR A 78 -3.18 5.51 3.68
C THR A 78 -1.89 5.05 3.01
N LEU A 79 -2.03 4.37 1.86
CA LEU A 79 -0.87 3.79 1.20
C LEU A 79 0.12 4.86 0.73
N ILE A 80 -0.38 6.02 0.32
CA ILE A 80 0.51 7.10 -0.09
C ILE A 80 1.45 7.48 1.07
N GLN A 81 0.92 7.49 2.29
CA GLN A 81 1.69 7.91 3.45
C GLN A 81 2.78 6.91 3.80
N ILE A 82 2.44 5.62 3.84
CA ILE A 82 3.38 4.61 4.30
C ILE A 82 4.59 4.48 3.36
N ILE A 83 4.36 4.65 2.06
CA ILE A 83 5.46 4.61 1.10
C ILE A 83 6.49 5.68 1.44
N GLU A 84 6.01 6.88 1.78
CA GLU A 84 6.91 7.96 2.17
C GLU A 84 7.64 7.62 3.46
N GLU A 85 6.92 7.03 4.42
CA GLU A 85 7.53 6.66 5.70
C GLU A 85 8.60 5.59 5.50
N SER A 86 8.31 4.62 4.64
CA SER A 86 9.30 3.61 4.30
C SER A 86 10.48 4.24 3.57
N ASN A 87 10.19 5.21 2.69
CA ASN A 87 11.24 5.91 1.97
C ASN A 87 12.17 6.62 2.95
N GLU A 88 11.59 7.21 4.00
CA GLU A 88 12.37 7.82 5.07
C GLU A 88 13.13 6.75 5.86
N ALA A 89 12.51 5.58 6.04
CA ALA A 89 13.15 4.50 6.78
C ALA A 89 14.47 4.12 6.12
N ILE A 90 14.42 3.82 4.82
CA ILE A 90 15.62 3.51 4.07
C ILE A 90 16.56 4.73 3.97
N LYS A 91 15.99 5.93 3.97
CA LYS A 91 16.78 7.15 3.81
C LYS A 91 17.87 7.26 4.88
N GLU A 92 17.50 7.02 6.13
CA GLU A 92 18.45 7.20 7.23
C GLU A 92 19.58 6.18 7.17
N LEU A 93 19.27 4.96 6.76
CA LEU A 93 20.26 3.88 6.80
C LEU A 93 21.43 4.16 5.85
N ILE A 94 21.13 4.65 4.65
CA ILE A 94 22.16 4.87 3.64
C ILE A 94 23.08 6.03 4.07
N LYS A 95 22.49 7.16 4.45
CA LYS A 95 23.28 8.34 4.77
C LYS A 95 24.32 8.02 5.86
N ASN A 96 23.89 7.28 6.87
CA ASN A 96 24.81 6.84 7.92
C ASN A 96 25.48 5.50 7.58
N GLN A 97 25.18 4.92 6.42
CA GLN A 97 25.81 3.68 6.00
C GLN A 97 25.64 2.58 7.04
N LYS A 98 24.41 2.41 7.54
CA LYS A 98 24.11 1.28 8.42
C LYS A 98 23.77 0.05 7.58
N GLY A 99 24.54 -1.01 7.74
CA GLY A 99 24.28 -2.27 7.05
C GLY A 99 24.98 -2.30 5.69
N PRO A 100 25.39 -3.47 5.20
CA PRO A 100 26.05 -3.56 3.86
C PRO A 100 25.10 -3.18 2.73
N THR A 101 25.41 -2.09 2.04
CA THR A 101 24.60 -1.65 0.90
C THR A 101 24.65 -2.65 -0.25
N SER A 102 25.80 -3.33 -0.41
CA SER A 102 25.95 -4.33 -1.47
C SER A 102 25.10 -5.59 -1.25
N ASP A 103 24.43 -5.69 -0.10
CA ASP A 103 23.64 -6.89 0.21
C ASP A 103 22.48 -7.08 -0.76
N TYR A 104 22.08 -8.33 -0.94
CA TYR A 104 21.00 -8.69 -1.84
C TYR A 104 19.74 -7.85 -1.56
N ILE A 105 19.31 -7.85 -0.30
CA ILE A 105 18.01 -7.30 0.04
C ILE A 105 17.87 -5.81 -0.27
N ILE A 106 18.99 -5.09 -0.29
CA ILE A 106 18.94 -3.65 -0.51
C ILE A 106 18.27 -3.33 -1.85
N GLU A 107 18.65 -4.05 -2.90
CA GLU A 107 18.11 -3.79 -4.22
C GLU A 107 16.60 -4.04 -4.25
N GLN A 108 16.14 -5.04 -3.50
CA GLN A 108 14.72 -5.36 -3.43
C GLN A 108 13.91 -4.17 -2.90
N ILE A 109 14.50 -3.41 -1.97
CA ILE A 109 13.79 -2.27 -1.38
C ILE A 109 13.43 -1.26 -2.46
N GLN A 110 14.42 -0.89 -3.27
CA GLN A 110 14.24 0.20 -4.23
C GLN A 110 13.21 -0.14 -5.31
N ARG A 111 13.29 -1.35 -5.85
CA ARG A 111 12.36 -1.75 -6.91
C ARG A 111 10.93 -1.76 -6.39
N ASP A 112 10.73 -2.29 -5.17
CA ASP A 112 9.39 -2.33 -4.58
C ASP A 112 8.81 -0.92 -4.50
N GLN A 113 9.65 0.02 -4.08
CA GLN A 113 9.24 1.43 -4.01
C GLN A 113 9.07 2.00 -5.42
N GLU A 114 9.97 1.62 -6.33
CA GLU A 114 9.90 2.09 -7.70
C GLU A 114 8.59 1.66 -8.35
N GLU A 115 8.25 0.39 -8.14
CA GLU A 115 6.96 -0.14 -8.60
C GLU A 115 5.81 0.44 -7.79
N ALA A 116 6.05 0.71 -6.50
CA ALA A 116 4.98 1.12 -5.61
C ALA A 116 4.21 2.32 -6.17
N ARG A 117 4.94 3.37 -6.53
CA ARG A 117 4.26 4.58 -7.03
C ARG A 117 3.57 4.30 -8.35
N LYS A 118 4.19 3.47 -9.20
CA LYS A 118 3.61 3.18 -10.51
C LYS A 118 2.21 2.59 -10.35
N LYS A 119 2.03 1.74 -9.33
CA LYS A 119 0.71 1.20 -9.02
C LYS A 119 -0.26 2.34 -8.65
N VAL A 120 0.26 3.36 -7.97
CA VAL A 120 -0.58 4.48 -7.55
C VAL A 120 -1.07 5.26 -8.78
N GLU A 121 -0.15 5.49 -9.73
CA GLU A 121 -0.49 6.30 -10.89
C GLU A 121 -1.67 5.70 -11.65
N GLU A 122 -1.66 4.39 -11.84
CA GLU A 122 -2.80 3.70 -12.45
C GLU A 122 -3.97 3.63 -11.46
N ALA A 123 -3.69 3.54 -10.18
CA ALA A 123 -4.74 3.57 -9.17
C ALA A 123 -5.50 4.89 -9.24
N GLU A 124 -4.78 5.98 -9.47
CA GLU A 124 -5.41 7.29 -9.63
C GLU A 124 -6.33 7.29 -10.85
N GLU A 125 -5.90 6.63 -11.93
CA GLU A 125 -6.72 6.56 -13.14
C GLU A 125 -8.08 5.92 -12.82
N ARG A 126 -8.07 4.63 -12.52
CA ARG A 126 -9.31 3.91 -12.26
C ARG A 126 -10.14 4.58 -11.17
N LEU A 127 -9.46 5.15 -10.17
CA LEU A 127 -10.17 5.90 -9.14
C LEU A 127 -10.92 7.07 -9.75
N GLU A 128 -10.30 7.73 -10.72
CA GLU A 128 -10.98 8.79 -11.47
C GLU A 128 -12.00 8.23 -12.46
N ARG A 129 -11.69 7.10 -13.09
CA ARG A 129 -12.60 6.52 -14.08
C ARG A 129 -13.98 6.27 -13.49
N VAL A 130 -14.03 5.73 -12.28
CA VAL A 130 -15.30 5.39 -11.67
C VAL A 130 -16.09 6.64 -11.29
N LYS A 131 -15.41 7.65 -10.76
CA LYS A 131 -16.08 8.89 -10.42
C LYS A 131 -16.63 9.58 -11.66
N GLU A 132 -15.78 9.73 -12.67
CA GLU A 132 -16.19 10.37 -13.92
C GLU A 132 -17.36 9.61 -14.55
N ALA A 133 -17.34 8.29 -14.46
CA ALA A 133 -18.44 7.48 -14.98
C ALA A 133 -19.72 7.75 -14.20
N SER A 134 -19.59 7.86 -12.87
CA SER A 134 -20.75 8.10 -12.02
C SER A 134 -21.31 9.51 -12.22
N LYS A 135 -20.42 10.48 -12.42
CA LYS A 135 -20.86 11.86 -12.61
C LYS A 135 -21.79 11.99 -13.80
N ARG A 136 -21.43 11.35 -14.91
CA ARG A 136 -22.29 11.36 -16.10
C ARG A 136 -23.60 10.62 -15.83
N GLY A 137 -23.55 9.57 -15.01
CA GLY A 137 -24.76 8.82 -14.68
C GLY A 137 -24.79 7.47 -15.39
N VAL A 138 -23.67 6.75 -15.31
CA VAL A 138 -23.59 5.43 -15.92
C VAL A 138 -24.15 4.38 -14.96
N SER A 139 -24.85 3.39 -15.51
CA SER A 139 -25.49 2.38 -14.67
C SER A 139 -24.50 1.74 -13.72
N SER A 140 -24.99 1.29 -12.56
CA SER A 140 -24.12 0.76 -11.51
C SER A 140 -23.37 -0.48 -11.96
N ASP A 141 -23.97 -1.29 -12.82
CA ASP A 141 -23.38 -2.55 -13.23
C ASP A 141 -22.04 -2.33 -13.93
N GLN A 142 -21.97 -1.28 -14.75
CA GLN A 142 -20.73 -0.96 -15.45
C GLN A 142 -19.63 -0.57 -14.45
N LEU A 143 -20.02 0.14 -13.40
CA LEU A 143 -19.07 0.59 -12.38
C LEU A 143 -18.38 -0.59 -11.70
N LEU A 144 -19.08 -1.71 -11.56
CA LEU A 144 -18.54 -2.90 -10.90
C LEU A 144 -17.20 -3.31 -11.52
N ASP A 145 -17.16 -3.31 -12.84
CA ASP A 145 -15.96 -3.76 -13.54
C ASP A 145 -14.74 -2.94 -13.13
N LEU A 146 -14.91 -1.63 -13.07
CA LEU A 146 -13.80 -0.73 -12.79
C LEU A 146 -13.27 -0.89 -11.38
N ILE A 147 -14.19 -1.04 -10.42
CA ILE A 147 -13.79 -1.09 -9.01
C ILE A 147 -13.08 -2.39 -8.67
N ARG A 148 -13.44 -3.49 -9.33
CA ARG A 148 -12.78 -4.75 -9.07
C ARG A 148 -11.31 -4.69 -9.44
N GLU A 149 -11.00 -4.07 -10.58
CA GLU A 149 -9.60 -3.94 -11.00
C GLU A 149 -8.88 -3.08 -9.96
N LEU A 150 -9.51 -1.95 -9.60
CA LEU A 150 -8.99 -1.06 -8.57
C LEU A 150 -8.71 -1.82 -7.29
N ALA A 151 -9.65 -2.67 -6.90
CA ALA A 151 -9.46 -3.49 -5.71
C ALA A 151 -8.21 -4.36 -5.84
N GLU A 152 -7.98 -4.89 -7.03
CA GLU A 152 -6.78 -5.66 -7.30
C GLU A 152 -5.55 -4.75 -7.29
N ILE A 153 -5.69 -3.57 -7.90
CA ILE A 153 -4.57 -2.62 -7.94
C ILE A 153 -4.15 -2.28 -6.51
N ILE A 154 -5.13 -2.08 -5.62
CA ILE A 154 -4.84 -1.91 -4.20
C ILE A 154 -4.14 -3.17 -3.69
N GLU A 155 -4.77 -4.32 -3.92
CA GLU A 155 -4.27 -5.59 -3.40
C GLU A 155 -2.81 -5.82 -3.78
N GLU A 156 -2.44 -5.48 -5.02
CA GLU A 156 -1.06 -5.66 -5.46
C GLU A 156 -0.12 -4.79 -4.61
N LEU A 157 -0.55 -3.57 -4.33
CA LEU A 157 0.31 -2.64 -3.58
C LEU A 157 0.46 -3.12 -2.13
N ILE A 158 -0.60 -3.71 -1.56
CA ILE A 158 -0.51 -4.27 -0.21
C ILE A 158 0.60 -5.32 -0.15
N ARG A 159 0.69 -6.14 -1.19
CA ARG A 159 1.76 -7.14 -1.29
C ARG A 159 3.12 -6.46 -1.30
N ILE A 160 3.22 -5.32 -1.99
CA ILE A 160 4.48 -4.60 -2.07
C ILE A 160 4.84 -3.99 -0.71
N ILE A 161 3.91 -3.24 -0.13
CA ILE A 161 4.14 -2.65 1.19
C ILE A 161 4.40 -3.78 2.20
N ARG A 162 3.63 -4.85 2.12
CA ARG A 162 3.83 -6.00 3.00
C ARG A 162 5.22 -6.58 2.77
N ARG A 163 5.53 -6.87 1.51
CA ARG A 163 6.79 -7.53 1.17
C ARG A 163 7.98 -6.63 1.51
N SER A 164 7.86 -5.34 1.23
CA SER A 164 8.94 -4.42 1.54
C SER A 164 9.14 -4.35 3.05
N ASN A 165 8.05 -4.32 3.81
CA ASN A 165 8.13 -4.30 5.27
C ASN A 165 8.93 -5.51 5.75
N GLU A 166 8.69 -6.66 5.15
CA GLU A 166 9.50 -7.85 5.43
C GLU A 166 10.96 -7.60 5.02
N ALA A 167 11.15 -6.88 3.92
CA ALA A 167 12.49 -6.56 3.44
C ALA A 167 13.22 -5.67 4.45
N ILE A 168 12.51 -4.67 4.98
CA ILE A 168 13.08 -3.82 6.02
C ILE A 168 13.42 -4.63 7.27
N LYS A 169 12.60 -5.63 7.58
CA LYS A 169 12.81 -6.44 8.78
C LYS A 169 14.21 -7.04 8.77
N GLU A 170 14.52 -7.77 7.69
CA GLU A 170 15.77 -8.51 7.61
C GLU A 170 16.97 -7.57 7.65
N LEU A 171 16.84 -6.43 6.98
CA LEU A 171 17.94 -5.48 6.90
C LEU A 171 18.42 -5.08 8.30
N ILE A 172 17.48 -4.81 9.19
CA ILE A 172 17.82 -4.47 10.57
C ILE A 172 18.31 -5.71 11.31
N LYS A 173 17.64 -6.84 11.08
CA LYS A 173 17.94 -8.07 11.81
C LYS A 173 19.33 -8.60 11.50
N ASN A 174 19.74 -8.54 10.23
CA ASN A 174 20.99 -9.17 9.80
C ASN A 174 22.08 -8.15 9.45
N GLN A 175 22.05 -6.99 10.08
CA GLN A 175 23.11 -6.00 9.89
C GLN A 175 23.87 -5.75 11.19
N MET A 22 23.67 -8.53 14.37
CA MET A 22 22.93 -7.46 15.03
C MET A 22 23.77 -6.79 16.11
N THR A 23 23.61 -5.48 16.24
CA THR A 23 24.32 -4.72 17.26
C THR A 23 23.36 -3.81 18.03
N SER A 24 23.76 -3.42 19.24
CA SER A 24 22.92 -2.56 20.05
C SER A 24 23.15 -1.09 19.71
N ASP A 25 22.07 -0.43 19.28
CA ASP A 25 22.15 0.99 18.94
C ASP A 25 20.74 1.56 18.83
N TYR A 26 20.63 2.88 18.94
CA TYR A 26 19.32 3.53 18.91
C TYR A 26 18.65 3.37 17.56
N ILE A 27 19.43 3.46 16.48
CA ILE A 27 18.88 3.39 15.13
C ILE A 27 18.17 2.05 14.87
N ILE A 28 18.65 0.98 15.50
CA ILE A 28 18.04 -0.34 15.30
C ILE A 28 16.59 -0.29 15.81
N GLU A 29 16.37 0.32 16.97
CA GLU A 29 15.05 0.34 17.58
C GLU A 29 14.05 1.15 16.76
N GLN A 30 14.49 2.33 16.31
CA GLN A 30 13.58 3.27 15.67
C GLN A 30 12.99 2.70 14.38
N ILE A 31 13.77 1.96 13.61
CA ILE A 31 13.26 1.30 12.42
C ILE A 31 12.16 0.33 12.84
N GLN A 32 12.44 -0.48 13.85
CA GLN A 32 11.47 -1.44 14.35
C GLN A 32 10.21 -0.75 14.88
N ARG A 33 10.36 0.45 15.43
CA ARG A 33 9.22 1.18 15.97
C ARG A 33 8.11 1.34 14.92
N LYS A 34 8.46 1.90 13.77
CA LYS A 34 7.46 2.16 12.75
C LYS A 34 7.14 0.94 11.87
N GLN A 35 7.82 -0.18 12.08
CA GLN A 35 7.30 -1.46 11.58
C GLN A 35 6.05 -1.82 12.37
N GLU A 36 6.13 -1.65 13.69
CA GLU A 36 5.00 -1.91 14.58
C GLU A 36 3.85 -0.96 14.30
N GLU A 37 4.18 0.30 14.01
CA GLU A 37 3.14 1.28 13.67
C GLU A 37 2.40 0.87 12.39
N ALA A 38 3.14 0.31 11.43
CA ALA A 38 2.53 -0.17 10.20
C ALA A 38 1.51 -1.27 10.48
N ARG A 39 1.78 -2.09 11.48
CA ARG A 39 0.90 -3.20 11.81
C ARG A 39 -0.53 -2.71 12.07
N LEU A 40 -0.65 -1.59 12.77
CA LEU A 40 -1.96 -1.11 13.17
C LEU A 40 -2.83 -0.75 11.96
N LYS A 41 -2.26 -0.02 11.01
CA LYS A 41 -3.05 0.45 9.87
C LYS A 41 -3.09 -0.61 8.76
N VAL A 42 -1.96 -1.27 8.51
CA VAL A 42 -1.90 -2.32 7.50
C VAL A 42 -2.90 -3.42 7.86
N GLU A 43 -2.94 -3.78 9.13
CA GLU A 43 -3.94 -4.74 9.61
C GLU A 43 -5.35 -4.20 9.42
N GLU A 44 -5.52 -2.90 9.64
CA GLU A 44 -6.83 -2.27 9.55
C GLU A 44 -7.41 -2.35 8.14
N MET A 45 -6.58 -2.14 7.13
CA MET A 45 -7.07 -2.09 5.75
C MET A 45 -7.71 -3.41 5.34
N GLU A 46 -7.16 -4.53 5.80
CA GLU A 46 -7.61 -5.83 5.32
C GLU A 46 -9.09 -6.04 5.58
N ARG A 47 -9.58 -5.59 6.74
CA ARG A 47 -10.99 -5.73 7.05
C ARG A 47 -11.84 -5.02 6.01
N LYS A 48 -11.41 -3.83 5.61
CA LYS A 48 -12.14 -3.08 4.59
C LYS A 48 -11.89 -3.66 3.20
N LEU A 49 -10.64 -4.03 2.94
CA LEU A 49 -10.26 -4.58 1.64
C LEU A 49 -11.10 -5.81 1.31
N GLU A 50 -11.27 -6.68 2.30
CA GLU A 50 -12.07 -7.88 2.14
C GLU A 50 -13.56 -7.54 2.19
N ALA A 51 -13.94 -6.61 3.06
CA ALA A 51 -15.34 -6.25 3.23
C ALA A 51 -15.91 -5.67 1.94
N VAL A 52 -15.12 -4.87 1.23
CA VAL A 52 -15.57 -4.29 -0.02
C VAL A 52 -15.95 -5.40 -1.01
N LYS A 53 -15.18 -6.48 -1.03
CA LYS A 53 -15.51 -7.61 -1.90
C LYS A 53 -16.90 -8.12 -1.59
N GLU A 54 -17.17 -8.30 -0.31
CA GLU A 54 -18.49 -8.77 0.13
C GLU A 54 -19.56 -7.72 -0.19
N ALA A 55 -19.23 -6.45 -0.01
CA ALA A 55 -20.15 -5.38 -0.32
C ALA A 55 -20.45 -5.34 -1.81
N SER A 56 -19.42 -5.54 -2.63
CA SER A 56 -19.59 -5.55 -4.07
C SER A 56 -20.57 -6.66 -4.50
N LYS A 57 -20.47 -7.81 -3.84
CA LYS A 57 -21.38 -8.92 -4.14
C LYS A 57 -22.83 -8.51 -3.91
N ARG A 58 -23.07 -7.72 -2.88
CA ARG A 58 -24.44 -7.29 -2.56
C ARG A 58 -24.78 -5.91 -3.14
N GLY A 59 -23.84 -5.27 -3.85
CA GLY A 59 -24.05 -3.91 -4.33
C GLY A 59 -24.99 -3.90 -5.54
N VAL A 60 -26.25 -4.24 -5.32
CA VAL A 60 -27.25 -4.20 -6.38
C VAL A 60 -27.62 -2.77 -6.75
N SER A 61 -27.49 -1.83 -5.81
CA SER A 61 -27.87 -0.44 -6.06
C SER A 61 -26.64 0.46 -6.09
N SER A 62 -26.72 1.51 -6.89
CA SER A 62 -25.61 2.45 -7.02
C SER A 62 -25.24 3.08 -5.67
N ASP A 63 -26.25 3.30 -4.82
CA ASP A 63 -26.01 3.96 -3.53
C ASP A 63 -24.93 3.22 -2.74
N GLN A 64 -24.96 1.90 -2.77
CA GLN A 64 -23.95 1.11 -2.08
C GLN A 64 -22.60 1.27 -2.76
N LEU A 65 -22.61 1.26 -4.09
CA LEU A 65 -21.37 1.42 -4.85
C LEU A 65 -20.74 2.79 -4.58
N LEU A 66 -21.59 3.81 -4.52
CA LEU A 66 -21.12 5.15 -4.18
C LEU A 66 -20.44 5.17 -2.81
N ASN A 67 -21.02 4.44 -1.88
CA ASN A 67 -20.48 4.34 -0.52
C ASN A 67 -19.03 3.87 -0.52
N LEU A 68 -18.70 2.96 -1.44
CA LEU A 68 -17.37 2.35 -1.48
C LEU A 68 -16.27 3.37 -1.76
N ILE A 69 -16.58 4.39 -2.56
CA ILE A 69 -15.54 5.26 -3.11
C ILE A 69 -14.63 5.82 -2.01
N LEU A 70 -15.21 6.40 -0.96
CA LEU A 70 -14.41 6.95 0.14
C LEU A 70 -13.63 5.84 0.83
N ASP A 71 -14.25 4.68 0.99
CA ASP A 71 -13.57 3.54 1.60
C ASP A 71 -12.41 3.09 0.73
N LEU A 72 -12.62 3.05 -0.58
CA LEU A 72 -11.57 2.69 -1.51
C LEU A 72 -10.43 3.70 -1.47
N ALA A 73 -10.78 4.98 -1.37
CA ALA A 73 -9.78 6.03 -1.28
C ALA A 73 -8.88 5.81 -0.06
N ASP A 74 -9.48 5.42 1.05
CA ASP A 74 -8.74 5.20 2.28
C ASP A 74 -7.63 4.17 2.07
N ILE A 75 -8.00 3.07 1.39
CA ILE A 75 -7.03 2.01 1.15
C ILE A 75 -5.83 2.55 0.38
N ILE A 76 -6.10 3.36 -0.64
CA ILE A 76 -5.03 3.97 -1.42
C ILE A 76 -4.25 4.95 -0.56
N THR A 77 -4.95 5.94 0.00
CA THR A 77 -4.27 7.00 0.75
C THR A 77 -3.49 6.42 1.93
N THR A 78 -4.03 5.39 2.57
CA THR A 78 -3.33 4.73 3.66
C THR A 78 -1.99 4.19 3.16
N LEU A 79 -2.01 3.56 2.00
CA LEU A 79 -0.80 2.97 1.43
C LEU A 79 0.24 4.03 1.08
N ILE A 80 -0.21 5.17 0.56
CA ILE A 80 0.72 6.22 0.15
C ILE A 80 1.67 6.59 1.29
N GLN A 81 1.13 6.74 2.49
CA GLN A 81 1.97 7.04 3.66
C GLN A 81 2.92 5.88 3.94
N ILE A 82 2.47 4.64 3.75
CA ILE A 82 3.33 3.49 3.94
C ILE A 82 4.50 3.56 2.97
N ILE A 83 4.21 3.83 1.70
CA ILE A 83 5.27 3.91 0.69
C ILE A 83 6.25 5.03 1.04
N GLU A 84 5.72 6.18 1.47
CA GLU A 84 6.58 7.30 1.82
C GLU A 84 7.41 6.99 3.07
N GLU A 85 6.73 6.58 4.14
CA GLU A 85 7.44 6.27 5.38
C GLU A 85 8.39 5.09 5.18
N SER A 86 7.97 4.10 4.41
CA SER A 86 8.84 2.98 4.09
C SER A 86 10.04 3.44 3.25
N ASN A 87 9.77 4.33 2.29
CA ASN A 87 10.83 4.87 1.46
C ASN A 87 11.82 5.67 2.30
N GLU A 88 11.30 6.47 3.22
CA GLU A 88 12.16 7.26 4.11
C GLU A 88 12.94 6.35 5.06
N ALA A 89 12.34 5.25 5.49
CA ALA A 89 12.95 4.38 6.48
C ALA A 89 14.34 3.93 6.04
N ILE A 90 14.45 3.43 4.81
CA ILE A 90 15.73 2.92 4.32
C ILE A 90 16.74 4.05 4.08
N LYS A 91 16.25 5.19 3.58
CA LYS A 91 17.14 6.31 3.28
C LYS A 91 17.88 6.79 4.52
N GLU A 92 17.27 6.66 5.70
CA GLU A 92 17.94 7.10 6.92
C GLU A 92 19.23 6.31 7.16
N LEU A 93 19.21 5.02 6.85
CA LEU A 93 20.41 4.20 7.00
C LEU A 93 21.52 4.69 6.07
N ILE A 94 21.14 5.08 4.86
CA ILE A 94 22.10 5.62 3.90
C ILE A 94 22.53 7.02 4.33
N LYS A 95 21.56 7.82 4.75
CA LYS A 95 21.78 9.21 5.11
C LYS A 95 22.82 9.33 6.21
N ASN A 96 22.64 8.58 7.30
CA ASN A 96 23.65 8.52 8.37
C ASN A 96 24.49 7.24 8.28
N GLN A 97 24.73 6.81 7.02
CA GLN A 97 25.51 5.62 6.65
C GLN A 97 25.87 4.67 7.78
N LYS A 98 24.92 3.83 8.17
CA LYS A 98 25.19 2.70 9.05
C LYS A 98 25.18 1.42 8.22
N GLY A 99 26.13 0.54 8.47
CA GLY A 99 26.27 -0.67 7.65
C GLY A 99 26.54 -0.28 6.19
N PRO A 100 26.51 -1.21 5.27
CA PRO A 100 26.82 -0.91 3.85
C PRO A 100 25.75 -0.03 3.20
N THR A 101 26.15 1.16 2.76
CA THR A 101 25.22 2.05 2.07
C THR A 101 24.79 1.45 0.73
N SER A 102 25.72 0.78 0.05
CA SER A 102 25.42 0.13 -1.22
C SER A 102 25.59 -1.39 -1.07
N ASP A 103 24.61 -2.14 -1.58
CA ASP A 103 24.67 -3.60 -1.49
C ASP A 103 23.57 -4.21 -2.37
N TYR A 104 23.66 -5.52 -2.59
CA TYR A 104 22.67 -6.20 -3.41
C TYR A 104 21.26 -5.98 -2.87
N ILE A 105 21.11 -6.13 -1.56
CA ILE A 105 19.81 -5.95 -0.91
C ILE A 105 19.31 -4.52 -1.20
N ILE A 106 20.16 -3.53 -0.98
CA ILE A 106 19.76 -2.13 -1.14
C ILE A 106 19.16 -1.89 -2.53
N GLU A 107 19.83 -2.40 -3.56
CA GLU A 107 19.41 -2.16 -4.93
C GLU A 107 18.06 -2.83 -5.22
N GLN A 108 17.88 -4.04 -4.72
CA GLN A 108 16.62 -4.77 -4.96
C GLN A 108 15.43 -4.05 -4.34
N ILE A 109 15.64 -3.44 -3.17
CA ILE A 109 14.57 -2.71 -2.49
C ILE A 109 14.03 -1.62 -3.42
N GLN A 110 14.92 -0.78 -3.93
CA GLN A 110 14.52 0.38 -4.72
C GLN A 110 13.67 -0.03 -5.91
N ARG A 111 13.98 -1.18 -6.51
CA ARG A 111 13.16 -1.70 -7.61
C ARG A 111 11.72 -1.87 -7.15
N ASP A 112 11.54 -2.39 -5.95
CA ASP A 112 10.20 -2.60 -5.40
C ASP A 112 9.49 -1.28 -5.14
N GLN A 113 10.24 -0.30 -4.63
CA GLN A 113 9.62 0.98 -4.24
C GLN A 113 9.11 1.75 -5.44
N GLU A 114 9.91 1.82 -6.49
CA GLU A 114 9.53 2.57 -7.68
C GLU A 114 8.33 1.92 -8.38
N GLU A 115 8.32 0.60 -8.41
CA GLU A 115 7.16 -0.12 -8.95
C GLU A 115 5.92 0.12 -8.08
N ALA A 116 6.11 0.25 -6.77
CA ALA A 116 5.00 0.50 -5.86
C ALA A 116 4.34 1.85 -6.17
N ARG A 117 5.16 2.86 -6.46
CA ARG A 117 4.63 4.17 -6.81
C ARG A 117 3.75 4.10 -8.05
N LYS A 118 4.22 3.39 -9.09
CA LYS A 118 3.42 3.25 -10.31
C LYS A 118 2.50 2.03 -10.30
N LYS A 119 2.30 1.40 -9.14
CA LYS A 119 1.17 0.48 -8.97
C LYS A 119 -0.02 1.21 -8.33
N VAL A 120 0.28 2.15 -7.42
CA VAL A 120 -0.74 2.90 -6.71
C VAL A 120 -1.53 3.79 -7.67
N GLU A 121 -0.83 4.55 -8.50
CA GLU A 121 -1.51 5.47 -9.43
C GLU A 121 -2.39 4.71 -10.42
N GLU A 122 -1.98 3.49 -10.78
CA GLU A 122 -2.85 2.62 -11.58
C GLU A 122 -4.18 2.39 -10.84
N ALA A 123 -4.10 2.26 -9.52
CA ALA A 123 -5.30 2.19 -8.69
C ALA A 123 -6.04 3.53 -8.68
N GLU A 124 -5.27 4.62 -8.62
CA GLU A 124 -5.88 5.95 -8.57
C GLU A 124 -6.63 6.27 -9.86
N GLU A 125 -6.07 5.87 -11.00
CA GLU A 125 -6.73 6.15 -12.28
C GLU A 125 -8.08 5.45 -12.33
N ARG A 126 -8.12 4.16 -11.99
CA ARG A 126 -9.38 3.45 -11.93
C ARG A 126 -10.30 4.05 -10.87
N LEU A 127 -9.73 4.54 -9.77
CA LEU A 127 -10.52 5.21 -8.75
C LEU A 127 -11.22 6.42 -9.36
N GLU A 128 -10.50 7.17 -10.20
CA GLU A 128 -11.08 8.32 -10.87
C GLU A 128 -12.15 7.89 -11.87
N ARG A 129 -11.91 6.81 -12.59
CA ARG A 129 -12.91 6.30 -13.53
C ARG A 129 -14.19 5.92 -12.80
N VAL A 130 -14.07 5.38 -11.60
CA VAL A 130 -15.24 5.10 -10.77
C VAL A 130 -15.91 6.41 -10.38
N LYS A 131 -15.11 7.41 -10.00
CA LYS A 131 -15.65 8.71 -9.63
C LYS A 131 -16.36 9.35 -10.82
N GLU A 132 -15.74 9.28 -11.99
CA GLU A 132 -16.34 9.83 -13.21
C GLU A 132 -17.53 8.99 -13.66
N ALA A 133 -17.41 7.67 -13.53
CA ALA A 133 -18.46 6.77 -13.97
C ALA A 133 -19.74 7.00 -13.17
N SER A 134 -19.59 7.05 -11.85
CA SER A 134 -20.75 7.32 -10.99
C SER A 134 -21.29 8.73 -11.23
N LYS A 135 -20.40 9.68 -11.48
CA LYS A 135 -20.79 11.06 -11.72
C LYS A 135 -21.67 11.16 -12.96
N ARG A 136 -21.20 10.59 -14.07
CA ARG A 136 -21.99 10.58 -15.30
C ARG A 136 -23.24 9.73 -15.12
N GLY A 137 -23.11 8.60 -14.45
CA GLY A 137 -24.26 7.74 -14.18
C GLY A 137 -24.34 6.60 -15.21
N VAL A 138 -23.25 5.86 -15.37
CA VAL A 138 -23.23 4.71 -16.26
C VAL A 138 -23.95 3.53 -15.61
N SER A 139 -24.20 2.48 -16.40
CA SER A 139 -24.89 1.30 -15.87
C SER A 139 -24.13 0.72 -14.68
N SER A 140 -24.87 0.18 -13.72
CA SER A 140 -24.27 -0.33 -12.50
C SER A 140 -23.32 -1.49 -12.78
N ASP A 141 -23.66 -2.32 -13.77
CA ASP A 141 -22.85 -3.49 -14.08
C ASP A 141 -21.46 -3.10 -14.57
N GLN A 142 -21.40 -2.11 -15.47
CA GLN A 142 -20.11 -1.63 -15.96
C GLN A 142 -19.36 -0.89 -14.85
N LEU A 143 -20.10 -0.11 -14.05
CA LEU A 143 -19.52 0.62 -12.94
C LEU A 143 -18.81 -0.33 -11.99
N LEU A 144 -19.46 -1.46 -11.71
CA LEU A 144 -18.89 -2.46 -10.81
C LEU A 144 -17.58 -3.01 -11.34
N ASP A 145 -17.48 -3.17 -12.67
CA ASP A 145 -16.34 -3.82 -13.27
C ASP A 145 -15.02 -3.20 -12.82
N LEU A 146 -14.94 -1.87 -12.84
CA LEU A 146 -13.70 -1.18 -12.49
C LEU A 146 -13.26 -1.53 -11.07
N ILE A 147 -14.24 -1.61 -10.17
CA ILE A 147 -13.95 -1.86 -8.76
C ILE A 147 -13.33 -3.24 -8.56
N ARG A 148 -13.88 -4.24 -9.24
CA ARG A 148 -13.40 -5.61 -9.05
C ARG A 148 -11.96 -5.79 -9.50
N GLU A 149 -11.57 -5.17 -10.62
CA GLU A 149 -10.17 -5.21 -11.04
C GLU A 149 -9.31 -4.30 -10.16
N LEU A 150 -9.88 -3.19 -9.69
CA LEU A 150 -9.18 -2.32 -8.75
C LEU A 150 -8.73 -3.10 -7.51
N ALA A 151 -9.57 -4.02 -7.06
CA ALA A 151 -9.24 -4.84 -5.90
C ALA A 151 -8.01 -5.69 -6.18
N GLU A 152 -7.92 -6.25 -7.39
CA GLU A 152 -6.82 -7.12 -7.75
C GLU A 152 -5.49 -6.36 -7.76
N ILE A 153 -5.52 -5.13 -8.26
CA ILE A 153 -4.30 -4.33 -8.37
C ILE A 153 -3.72 -4.08 -6.98
N ILE A 154 -4.59 -3.77 -6.02
CA ILE A 154 -4.13 -3.45 -4.67
C ILE A 154 -3.46 -4.67 -4.04
N GLU A 155 -4.04 -5.85 -4.24
CA GLU A 155 -3.51 -7.07 -3.61
C GLU A 155 -2.03 -7.26 -3.90
N GLU A 156 -1.64 -7.01 -5.15
CA GLU A 156 -0.23 -7.14 -5.52
C GLU A 156 0.61 -6.14 -4.72
N LEU A 157 0.09 -4.93 -4.53
CA LEU A 157 0.79 -3.90 -3.78
C LEU A 157 0.99 -4.31 -2.32
N ILE A 158 0.04 -5.03 -1.75
CA ILE A 158 0.15 -5.47 -0.36
C ILE A 158 1.38 -6.34 -0.15
N ARG A 159 1.63 -7.25 -1.10
CA ARG A 159 2.70 -8.25 -0.90
C ARG A 159 4.08 -7.62 -1.07
N ILE A 160 4.20 -6.65 -1.99
CA ILE A 160 5.47 -5.97 -2.19
C ILE A 160 5.92 -5.31 -0.89
N ILE A 161 4.97 -4.69 -0.18
CA ILE A 161 5.27 -4.04 1.09
C ILE A 161 5.78 -5.06 2.10
N ARG A 162 5.21 -6.27 2.10
CA ARG A 162 5.72 -7.32 2.97
C ARG A 162 7.18 -7.62 2.67
N ARG A 163 7.48 -7.85 1.40
CA ARG A 163 8.84 -8.19 1.00
C ARG A 163 9.81 -7.07 1.38
N SER A 164 9.36 -5.82 1.26
CA SER A 164 10.19 -4.68 1.64
C SER A 164 10.47 -4.72 3.14
N ASN A 165 9.42 -4.86 3.93
CA ASN A 165 9.56 -4.86 5.39
C ASN A 165 10.40 -6.05 5.86
N GLU A 166 10.13 -7.22 5.30
CA GLU A 166 10.89 -8.42 5.67
C GLU A 166 12.37 -8.26 5.32
N ALA A 167 12.64 -7.61 4.18
CA ALA A 167 14.01 -7.42 3.74
C ALA A 167 14.77 -6.47 4.67
N ILE A 168 14.09 -5.42 5.12
CA ILE A 168 14.72 -4.42 5.98
C ILE A 168 15.04 -4.99 7.36
N LYS A 169 14.15 -5.79 7.94
CA LYS A 169 14.42 -6.40 9.23
C LYS A 169 15.69 -7.26 9.15
N GLU A 170 15.79 -8.04 8.09
CA GLU A 170 16.98 -8.86 7.88
C GLU A 170 18.20 -7.98 7.66
N LEU A 171 18.02 -6.86 6.96
CA LEU A 171 19.10 -5.90 6.77
C LEU A 171 19.59 -5.36 8.11
N ILE A 172 18.64 -5.10 9.01
CA ILE A 172 18.97 -4.64 10.36
C ILE A 172 19.73 -5.75 11.09
N LYS A 173 19.28 -6.99 10.95
CA LYS A 173 19.94 -8.11 11.62
C LYS A 173 21.39 -8.24 11.16
N ASN A 174 21.62 -8.03 9.86
CA ASN A 174 22.96 -8.18 9.30
C ASN A 174 23.94 -7.14 9.84
N GLN A 175 23.44 -5.98 10.28
CA GLN A 175 24.28 -4.87 10.74
C GLN A 175 25.36 -5.36 11.72
N MET A 22 23.54 -8.22 13.19
CA MET A 22 24.53 -7.19 13.47
C MET A 22 24.61 -6.92 14.96
N THR A 23 25.51 -6.02 15.35
CA THR A 23 25.60 -5.61 16.75
C THR A 23 24.29 -4.94 17.16
N SER A 24 23.87 -5.13 18.40
CA SER A 24 22.65 -4.50 18.88
C SER A 24 22.88 -3.01 19.07
N ASP A 25 21.88 -2.21 18.72
CA ASP A 25 22.00 -0.76 18.84
C ASP A 25 20.62 -0.13 19.00
N TYR A 26 20.58 0.96 19.74
CA TYR A 26 19.33 1.67 19.98
C TYR A 26 18.71 2.16 18.67
N ILE A 27 19.56 2.62 17.76
CA ILE A 27 19.07 3.24 16.52
C ILE A 27 18.17 2.28 15.75
N ILE A 28 18.65 1.07 15.51
CA ILE A 28 17.90 0.11 14.70
C ILE A 28 16.57 -0.27 15.36
N GLU A 29 16.55 -0.33 16.69
CA GLU A 29 15.33 -0.68 17.40
C GLU A 29 14.24 0.36 17.16
N GLN A 30 14.63 1.63 17.12
CA GLN A 30 13.67 2.70 16.82
C GLN A 30 13.13 2.53 15.40
N ILE A 31 13.99 2.15 14.47
CA ILE A 31 13.57 1.89 13.10
C ILE A 31 12.50 0.79 13.11
N GLN A 32 12.80 -0.34 13.72
CA GLN A 32 11.85 -1.46 13.72
C GLN A 32 10.52 -1.03 14.32
N ARG A 33 10.55 -0.32 15.44
CA ARG A 33 9.32 0.14 16.07
C ARG A 33 8.57 1.13 15.20
N LYS A 34 9.30 1.97 14.46
CA LYS A 34 8.67 2.88 13.51
C LYS A 34 7.83 2.09 12.50
N GLN A 35 8.41 0.99 12.02
CA GLN A 35 7.71 0.13 11.07
C GLN A 35 6.49 -0.53 11.73
N GLU A 36 6.60 -0.87 13.00
CA GLU A 36 5.48 -1.45 13.74
C GLU A 36 4.31 -0.49 13.78
N GLU A 37 4.59 0.80 13.96
CA GLU A 37 3.54 1.80 13.99
C GLU A 37 2.85 1.90 12.63
N ALA A 38 3.65 1.85 11.57
CA ALA A 38 3.10 1.84 10.22
C ALA A 38 2.36 0.54 9.95
N ARG A 39 2.92 -0.57 10.42
CA ARG A 39 2.37 -1.88 10.14
C ARG A 39 0.87 -1.96 10.45
N LEU A 40 0.46 -1.40 11.58
CA LEU A 40 -0.93 -1.52 12.02
C LEU A 40 -1.89 -1.02 10.95
N LYS A 41 -1.64 0.18 10.42
CA LYS A 41 -2.52 0.76 9.40
C LYS A 41 -2.51 -0.06 8.12
N VAL A 42 -1.34 -0.59 7.75
CA VAL A 42 -1.23 -1.34 6.49
C VAL A 42 -2.17 -2.55 6.52
N GLU A 43 -2.26 -3.21 7.67
CA GLU A 43 -3.15 -4.38 7.79
C GLU A 43 -4.60 -3.92 7.77
N GLU A 44 -4.88 -2.80 8.44
CA GLU A 44 -6.23 -2.26 8.50
C GLU A 44 -6.77 -1.98 7.11
N MET A 45 -5.91 -1.47 6.23
CA MET A 45 -6.33 -1.11 4.87
C MET A 45 -6.74 -2.34 4.06
N GLU A 46 -6.08 -3.47 4.27
CA GLU A 46 -6.39 -4.67 3.48
C GLU A 46 -7.69 -5.31 3.96
N ARG A 47 -8.00 -5.22 5.26
CA ARG A 47 -9.28 -5.72 5.74
C ARG A 47 -10.41 -4.96 5.06
N LYS A 48 -10.26 -3.64 4.94
CA LYS A 48 -11.24 -2.86 4.20
C LYS A 48 -11.27 -3.30 2.74
N LEU A 49 -10.09 -3.56 2.17
CA LEU A 49 -10.02 -4.07 0.80
C LEU A 49 -10.79 -5.39 0.70
N GLU A 50 -10.56 -6.30 1.62
CA GLU A 50 -11.30 -7.56 1.66
C GLU A 50 -12.79 -7.30 1.86
N ALA A 51 -13.13 -6.29 2.67
CA ALA A 51 -14.52 -5.90 2.86
C ALA A 51 -15.12 -5.45 1.54
N VAL A 52 -14.35 -4.67 0.77
CA VAL A 52 -14.81 -4.23 -0.55
C VAL A 52 -14.87 -5.44 -1.50
N LYS A 53 -13.83 -6.27 -1.46
CA LYS A 53 -13.81 -7.47 -2.29
C LYS A 53 -15.02 -8.36 -1.97
N GLU A 54 -15.31 -8.52 -0.69
CA GLU A 54 -16.47 -9.28 -0.27
C GLU A 54 -17.75 -8.57 -0.72
N ALA A 55 -17.78 -7.26 -0.55
CA ALA A 55 -18.96 -6.48 -0.93
C ALA A 55 -19.26 -6.68 -2.41
N SER A 56 -18.25 -6.49 -3.25
CA SER A 56 -18.40 -6.75 -4.68
C SER A 56 -18.75 -8.22 -4.93
N LYS A 57 -18.16 -9.11 -4.14
CA LYS A 57 -18.39 -10.54 -4.28
C LYS A 57 -19.85 -10.86 -4.00
N ARG A 58 -20.39 -10.26 -2.95
CA ARG A 58 -21.79 -10.43 -2.59
C ARG A 58 -22.71 -9.81 -3.64
N GLY A 59 -22.32 -8.64 -4.14
CA GLY A 59 -23.17 -7.90 -5.08
C GLY A 59 -24.12 -6.98 -4.32
N VAL A 60 -23.53 -6.14 -3.46
CA VAL A 60 -24.30 -5.23 -2.62
C VAL A 60 -25.12 -4.24 -3.45
N SER A 61 -25.95 -3.46 -2.76
CA SER A 61 -26.84 -2.50 -3.41
C SER A 61 -26.05 -1.27 -3.87
N SER A 62 -26.60 -0.53 -4.83
CA SER A 62 -25.88 0.60 -5.42
C SER A 62 -25.71 1.76 -4.45
N ASP A 63 -26.76 2.07 -3.69
CA ASP A 63 -26.69 3.18 -2.74
C ASP A 63 -25.66 2.88 -1.65
N GLN A 64 -25.67 1.65 -1.13
CA GLN A 64 -24.65 1.21 -0.18
C GLN A 64 -23.26 1.26 -0.82
N LEU A 65 -23.20 0.91 -2.11
CA LEU A 65 -21.92 0.81 -2.81
C LEU A 65 -21.11 2.10 -2.70
N LEU A 66 -21.79 3.23 -2.69
CA LEU A 66 -21.11 4.53 -2.74
C LEU A 66 -20.04 4.64 -1.64
N ASN A 67 -20.34 4.10 -0.47
CA ASN A 67 -19.43 4.17 0.65
C ASN A 67 -18.06 3.57 0.32
N LEU A 68 -18.08 2.50 -0.47
CA LEU A 68 -16.86 1.75 -0.78
C LEU A 68 -15.83 2.61 -1.52
N ILE A 69 -16.31 3.51 -2.38
CA ILE A 69 -15.42 4.35 -3.17
C ILE A 69 -14.49 5.14 -2.26
N LEU A 70 -15.05 5.71 -1.19
CA LEU A 70 -14.23 6.47 -0.25
C LEU A 70 -13.18 5.57 0.40
N ASP A 71 -13.60 4.35 0.76
CA ASP A 71 -12.68 3.40 1.37
C ASP A 71 -11.58 3.01 0.38
N LEU A 72 -11.97 2.79 -0.88
CA LEU A 72 -11.02 2.45 -1.92
C LEU A 72 -9.99 3.57 -2.10
N ALA A 73 -10.46 4.81 -2.04
CA ALA A 73 -9.57 5.97 -2.17
C ALA A 73 -8.62 6.05 -0.98
N ASP A 74 -9.13 5.73 0.21
CA ASP A 74 -8.32 5.80 1.42
C ASP A 74 -7.09 4.90 1.35
N ILE A 75 -7.25 3.71 0.77
CA ILE A 75 -6.15 2.76 0.67
C ILE A 75 -4.99 3.40 -0.09
N ILE A 76 -5.30 4.09 -1.18
CA ILE A 76 -4.28 4.81 -1.93
C ILE A 76 -3.67 5.87 -1.02
N THR A 77 -4.50 6.81 -0.58
CA THR A 77 -4.00 7.94 0.22
C THR A 77 -3.18 7.48 1.41
N THR A 78 -3.66 6.44 2.10
CA THR A 78 -2.98 5.95 3.30
C THR A 78 -1.58 5.43 2.98
N LEU A 79 -1.47 4.69 1.88
CA LEU A 79 -0.20 4.04 1.54
C LEU A 79 0.86 5.02 1.07
N ILE A 80 0.45 6.11 0.42
CA ILE A 80 1.41 7.11 -0.05
C ILE A 80 2.26 7.62 1.11
N GLN A 81 1.62 7.80 2.26
CA GLN A 81 2.34 8.25 3.46
C GLN A 81 3.36 7.20 3.90
N ILE A 82 2.94 5.94 3.84
CA ILE A 82 3.81 4.84 4.26
C ILE A 82 5.10 4.83 3.46
N ILE A 83 4.96 4.96 2.14
CA ILE A 83 6.12 4.94 1.26
C ILE A 83 7.08 6.08 1.64
N GLU A 84 6.52 7.24 1.94
CA GLU A 84 7.34 8.40 2.31
C GLU A 84 8.02 8.17 3.65
N GLU A 85 7.29 7.60 4.62
CA GLU A 85 7.84 7.33 5.93
C GLU A 85 8.97 6.31 5.83
N SER A 86 8.76 5.26 5.05
CA SER A 86 9.79 4.26 4.84
C SER A 86 10.97 4.85 4.05
N ASN A 87 10.65 5.71 3.09
CA ASN A 87 11.70 6.35 2.29
C ASN A 87 12.68 7.10 3.19
N GLU A 88 12.16 7.75 4.22
CA GLU A 88 13.01 8.45 5.19
C GLU A 88 13.87 7.45 5.94
N ALA A 89 13.28 6.32 6.31
CA ALA A 89 13.97 5.31 7.11
C ALA A 89 15.20 4.78 6.39
N ILE A 90 15.08 4.54 5.09
CA ILE A 90 16.19 3.99 4.31
C ILE A 90 17.40 4.91 4.37
N LYS A 91 17.17 6.22 4.25
CA LYS A 91 18.29 7.17 4.26
C LYS A 91 18.81 7.40 5.68
N GLU A 92 17.95 7.24 6.70
CA GLU A 92 18.44 7.28 8.07
C GLU A 92 19.45 6.16 8.32
N LEU A 93 19.20 4.99 7.74
CA LEU A 93 20.11 3.85 7.89
C LEU A 93 21.44 4.13 7.17
N ILE A 94 21.36 4.60 5.93
CA ILE A 94 22.56 4.84 5.14
C ILE A 94 23.30 6.07 5.66
N LYS A 95 22.56 7.13 5.98
CA LYS A 95 23.17 8.36 6.44
C LYS A 95 24.00 8.12 7.70
N ASN A 96 23.47 7.29 8.60
CA ASN A 96 24.23 6.87 9.78
C ASN A 96 25.03 5.58 9.56
N GLN A 97 24.94 4.98 8.37
CA GLN A 97 25.73 3.80 8.03
C GLN A 97 25.40 2.61 8.93
N LYS A 98 24.12 2.38 9.17
CA LYS A 98 23.66 1.21 9.93
C LYS A 98 23.34 0.01 9.03
N GLY A 99 23.45 0.16 7.70
CA GLY A 99 23.12 -0.92 6.78
C GLY A 99 24.32 -1.34 5.93
N PRO A 100 24.20 -2.33 5.07
CA PRO A 100 25.34 -2.78 4.23
C PRO A 100 25.68 -1.76 3.13
N THR A 101 26.97 -1.59 2.85
CA THR A 101 27.39 -0.65 1.83
C THR A 101 26.77 -1.00 0.47
N SER A 102 26.73 -2.29 0.17
CA SER A 102 26.12 -2.75 -1.07
C SER A 102 25.70 -4.20 -0.94
N ASP A 103 24.45 -4.49 -1.29
CA ASP A 103 23.94 -5.85 -1.22
C ASP A 103 22.81 -6.06 -2.22
N TYR A 104 22.48 -7.31 -2.50
CA TYR A 104 21.40 -7.60 -3.44
C TYR A 104 20.06 -7.12 -2.91
N ILE A 105 19.84 -7.27 -1.60
CA ILE A 105 18.54 -6.97 -1.00
C ILE A 105 18.17 -5.50 -1.27
N ILE A 106 19.07 -4.58 -0.96
CA ILE A 106 18.73 -3.16 -0.98
C ILE A 106 18.28 -2.71 -2.37
N GLU A 107 18.83 -3.32 -3.42
CA GLU A 107 18.38 -3.00 -4.78
C GLU A 107 16.94 -3.44 -4.99
N GLN A 108 16.57 -4.58 -4.42
CA GLN A 108 15.19 -5.05 -4.53
C GLN A 108 14.25 -4.05 -3.89
N ILE A 109 14.64 -3.53 -2.72
CA ILE A 109 13.80 -2.56 -2.03
C ILE A 109 13.63 -1.31 -2.88
N GLN A 110 14.70 -0.88 -3.55
CA GLN A 110 14.62 0.35 -4.35
C GLN A 110 13.54 0.24 -5.41
N ARG A 111 13.57 -0.85 -6.17
CA ARG A 111 12.55 -1.09 -7.19
C ARG A 111 11.18 -1.31 -6.54
N ASP A 112 11.16 -1.97 -5.38
CA ASP A 112 9.90 -2.25 -4.69
C ASP A 112 9.13 -0.96 -4.47
N GLN A 113 9.82 0.11 -4.07
CA GLN A 113 9.17 1.40 -3.93
C GLN A 113 8.69 1.88 -5.29
N GLU A 114 9.54 1.75 -6.31
CA GLU A 114 9.20 2.23 -7.64
C GLU A 114 7.91 1.57 -8.13
N GLU A 115 7.86 0.24 -8.07
CA GLU A 115 6.67 -0.49 -8.48
C GLU A 115 5.46 -0.02 -7.67
N ALA A 116 5.66 0.20 -6.39
CA ALA A 116 4.57 0.64 -5.52
C ALA A 116 3.97 1.94 -6.03
N ARG A 117 4.84 2.86 -6.44
CA ARG A 117 4.38 4.16 -6.92
C ARG A 117 3.69 4.06 -8.28
N LYS A 118 4.24 3.24 -9.18
CA LYS A 118 3.67 3.12 -10.52
C LYS A 118 2.26 2.54 -10.49
N LYS A 119 2.05 1.57 -9.61
CA LYS A 119 0.72 0.98 -9.45
C LYS A 119 -0.32 2.04 -9.05
N VAL A 120 0.11 3.04 -8.29
CA VAL A 120 -0.79 4.11 -7.87
C VAL A 120 -1.36 4.83 -9.09
N GLU A 121 -0.55 5.02 -10.12
CA GLU A 121 -0.99 5.75 -11.31
C GLU A 121 -2.07 4.98 -12.07
N GLU A 122 -1.87 3.68 -12.24
CA GLU A 122 -2.88 2.86 -12.92
C GLU A 122 -4.09 2.65 -12.01
N ALA A 123 -3.85 2.47 -10.72
CA ALA A 123 -4.94 2.45 -9.75
C ALA A 123 -5.71 3.78 -9.78
N GLU A 124 -4.97 4.88 -9.96
CA GLU A 124 -5.58 6.20 -10.04
C GLU A 124 -6.47 6.31 -11.27
N GLU A 125 -6.01 5.76 -12.38
CA GLU A 125 -6.76 5.82 -13.62
C GLU A 125 -8.09 5.09 -13.47
N ARG A 126 -8.04 3.88 -12.93
CA ARG A 126 -9.25 3.11 -12.66
C ARG A 126 -10.14 3.87 -11.68
N LEU A 127 -9.54 4.47 -10.67
CA LEU A 127 -10.30 5.21 -9.67
C LEU A 127 -11.13 6.32 -10.32
N GLU A 128 -10.51 7.03 -11.25
CA GLU A 128 -11.20 8.15 -11.90
C GLU A 128 -12.35 7.65 -12.76
N ARG A 129 -12.15 6.51 -13.41
CA ARG A 129 -13.21 5.90 -14.20
C ARG A 129 -14.41 5.55 -13.32
N VAL A 130 -14.13 5.07 -12.11
CA VAL A 130 -15.19 4.73 -11.17
C VAL A 130 -15.98 5.98 -10.78
N LYS A 131 -15.28 7.07 -10.48
CA LYS A 131 -15.96 8.30 -10.10
C LYS A 131 -16.82 8.82 -11.25
N GLU A 132 -16.20 8.97 -12.41
CA GLU A 132 -16.90 9.49 -13.58
C GLU A 132 -18.09 8.61 -13.94
N ALA A 133 -17.93 7.29 -13.78
CA ALA A 133 -19.01 6.36 -14.02
C ALA A 133 -20.16 6.60 -13.05
N SER A 134 -19.82 6.86 -11.78
CA SER A 134 -20.83 7.11 -10.77
C SER A 134 -21.49 8.47 -10.95
N LYS A 135 -20.71 9.47 -11.36
CA LYS A 135 -21.26 10.79 -11.64
C LYS A 135 -22.33 10.73 -12.74
N ARG A 136 -22.06 9.98 -13.79
CA ARG A 136 -22.89 10.02 -14.98
C ARG A 136 -23.99 8.94 -15.01
N GLY A 137 -24.10 8.13 -13.95
CA GLY A 137 -25.20 7.18 -13.85
C GLY A 137 -24.96 5.93 -14.68
N VAL A 138 -23.80 5.30 -14.50
CA VAL A 138 -23.52 4.03 -15.16
C VAL A 138 -24.15 2.90 -14.34
N SER A 139 -24.80 1.95 -15.03
CA SER A 139 -25.51 0.88 -14.34
C SER A 139 -24.59 0.13 -13.38
N SER A 140 -25.18 -0.44 -12.33
CA SER A 140 -24.39 -1.11 -11.30
C SER A 140 -23.61 -2.29 -11.87
N ASP A 141 -24.20 -3.00 -12.84
CA ASP A 141 -23.55 -4.18 -13.40
C ASP A 141 -22.25 -3.80 -14.12
N GLN A 142 -22.32 -2.71 -14.89
CA GLN A 142 -21.13 -2.22 -15.58
C GLN A 142 -20.15 -1.60 -14.59
N LEU A 143 -20.67 -0.88 -13.60
CA LEU A 143 -19.85 -0.17 -12.63
C LEU A 143 -18.99 -1.15 -11.82
N LEU A 144 -19.56 -2.28 -11.43
CA LEU A 144 -18.86 -3.22 -10.57
C LEU A 144 -17.56 -3.68 -11.22
N ASP A 145 -17.58 -3.88 -12.53
CA ASP A 145 -16.38 -4.30 -13.24
C ASP A 145 -15.25 -3.29 -13.04
N LEU A 146 -15.60 -2.02 -13.05
CA LEU A 146 -14.61 -0.96 -12.83
C LEU A 146 -13.99 -1.08 -11.44
N ILE A 147 -14.83 -1.39 -10.46
CA ILE A 147 -14.34 -1.64 -9.10
C ILE A 147 -13.42 -2.86 -9.10
N ARG A 148 -13.82 -3.91 -9.82
CA ARG A 148 -13.09 -5.17 -9.82
C ARG A 148 -11.64 -4.96 -10.28
N GLU A 149 -11.46 -4.19 -11.36
CA GLU A 149 -10.11 -3.91 -11.84
C GLU A 149 -9.34 -3.08 -10.82
N LEU A 150 -10.01 -2.13 -10.20
CA LEU A 150 -9.38 -1.30 -9.17
C LEU A 150 -8.89 -2.17 -8.01
N ALA A 151 -9.68 -3.18 -7.64
CA ALA A 151 -9.33 -4.04 -6.53
C ALA A 151 -8.05 -4.81 -6.81
N GLU A 152 -7.91 -5.29 -8.05
CA GLU A 152 -6.74 -6.07 -8.43
C GLU A 152 -5.47 -5.22 -8.36
N ILE A 153 -5.58 -3.97 -8.77
CA ILE A 153 -4.40 -3.09 -8.77
C ILE A 153 -3.94 -2.85 -7.33
N ILE A 154 -4.88 -2.54 -6.46
CA ILE A 154 -4.57 -2.36 -5.04
C ILE A 154 -4.12 -3.67 -4.41
N GLU A 155 -4.72 -4.78 -4.83
CA GLU A 155 -4.38 -6.09 -4.27
C GLU A 155 -2.89 -6.36 -4.39
N GLU A 156 -2.34 -6.04 -5.56
CA GLU A 156 -0.90 -6.15 -5.77
C GLU A 156 -0.14 -5.05 -5.02
N LEU A 157 -0.73 -3.86 -4.96
CA LEU A 157 -0.08 -2.71 -4.35
C LEU A 157 0.28 -2.98 -2.89
N ILE A 158 -0.71 -3.37 -2.09
CA ILE A 158 -0.51 -3.48 -0.65
C ILE A 158 0.52 -4.54 -0.29
N ARG A 159 0.58 -5.63 -1.07
CA ARG A 159 1.56 -6.67 -0.81
C ARG A 159 2.97 -6.12 -0.90
N ILE A 160 3.20 -5.24 -1.88
CA ILE A 160 4.50 -4.60 -2.04
C ILE A 160 4.83 -3.78 -0.80
N ILE A 161 3.84 -3.07 -0.26
CA ILE A 161 4.05 -2.24 0.93
C ILE A 161 4.41 -3.12 2.12
N ARG A 162 3.70 -4.25 2.25
CA ARG A 162 4.02 -5.21 3.30
C ARG A 162 5.42 -5.77 3.11
N ARG A 163 5.73 -6.15 1.87
CA ARG A 163 7.05 -6.69 1.55
C ARG A 163 8.12 -5.63 1.81
N SER A 164 7.84 -4.39 1.44
CA SER A 164 8.75 -3.29 1.74
C SER A 164 8.85 -3.10 3.25
N ASN A 165 7.71 -3.13 3.91
CA ASN A 165 7.67 -2.90 5.35
C ASN A 165 8.45 -3.96 6.12
N GLU A 166 8.20 -5.23 5.79
CA GLU A 166 8.87 -6.33 6.48
C GLU A 166 10.34 -6.43 6.09
N ALA A 167 10.64 -6.16 4.83
CA ALA A 167 12.00 -6.27 4.34
C ALA A 167 12.96 -5.43 5.16
N ILE A 168 12.51 -4.26 5.61
CA ILE A 168 13.34 -3.36 6.41
C ILE A 168 13.71 -4.08 7.72
N LYS A 169 12.73 -4.65 8.39
CA LYS A 169 12.99 -5.37 9.63
C LYS A 169 13.95 -6.53 9.37
N GLU A 170 13.68 -7.26 8.29
CA GLU A 170 14.50 -8.41 7.93
C GLU A 170 15.92 -8.00 7.56
N LEU A 171 16.05 -6.85 6.89
CA LEU A 171 17.35 -6.38 6.43
C LEU A 171 18.33 -6.21 7.59
N ILE A 172 17.86 -5.67 8.71
CA ILE A 172 18.74 -5.45 9.86
C ILE A 172 19.21 -6.79 10.45
N LYS A 173 18.29 -7.74 10.53
CA LYS A 173 18.57 -8.99 11.23
C LYS A 173 19.64 -9.83 10.53
N ASN A 174 19.59 -9.88 9.20
CA ASN A 174 20.43 -10.82 8.44
C ASN A 174 21.59 -10.09 7.76
N GLN A 175 22.68 -9.91 8.51
CA GLN A 175 23.91 -9.37 7.94
C GLN A 175 25.11 -9.94 8.69
N MET A 22 21.85 -8.35 18.91
CA MET A 22 21.38 -6.96 18.87
C MET A 22 22.21 -6.08 19.81
N THR A 23 22.21 -4.78 19.51
CA THR A 23 22.82 -3.80 20.41
C THR A 23 21.87 -2.63 20.61
N SER A 24 21.90 -2.01 21.78
CA SER A 24 20.98 -0.92 22.09
C SER A 24 21.48 0.39 21.52
N ASP A 25 20.72 0.94 20.57
CA ASP A 25 21.06 2.22 19.97
C ASP A 25 19.79 2.92 19.50
N TYR A 26 19.83 4.24 19.44
CA TYR A 26 18.65 5.02 19.08
C TYR A 26 18.13 4.62 17.71
N ILE A 27 19.03 4.41 16.77
CA ILE A 27 18.63 4.13 15.39
C ILE A 27 17.92 2.77 15.28
N ILE A 28 18.49 1.72 15.88
CA ILE A 28 17.94 0.38 15.71
C ILE A 28 16.51 0.30 16.26
N GLU A 29 16.30 0.86 17.44
CA GLU A 29 14.98 0.81 18.08
C GLU A 29 13.94 1.59 17.27
N GLN A 30 14.36 2.69 16.66
CA GLN A 30 13.44 3.55 15.91
C GLN A 30 12.92 2.83 14.68
N ILE A 31 13.80 2.21 13.91
CA ILE A 31 13.38 1.53 12.69
C ILE A 31 12.37 0.44 12.99
N GLN A 32 12.66 -0.40 13.98
CA GLN A 32 11.81 -1.54 14.27
C GLN A 32 10.37 -1.11 14.58
N ARG A 33 10.22 -0.04 15.34
CA ARG A 33 8.89 0.45 15.69
C ARG A 33 8.09 0.79 14.43
N LYS A 34 8.71 1.52 13.51
CA LYS A 34 8.00 1.95 12.30
C LYS A 34 7.54 0.74 11.49
N GLN A 35 8.33 -0.33 11.48
CA GLN A 35 7.91 -1.57 10.83
C GLN A 35 6.63 -2.08 11.47
N GLU A 36 6.56 -2.01 12.80
CA GLU A 36 5.40 -2.45 13.53
C GLU A 36 4.22 -1.50 13.32
N GLU A 37 4.51 -0.20 13.34
CA GLU A 37 3.46 0.79 13.09
C GLU A 37 2.90 0.62 11.68
N ALA A 38 3.77 0.33 10.72
CA ALA A 38 3.32 0.06 9.37
C ALA A 38 2.51 -1.23 9.34
N ARG A 39 3.03 -2.25 10.00
CA ARG A 39 2.37 -3.56 10.04
C ARG A 39 0.93 -3.41 10.55
N LEU A 40 0.76 -2.61 11.60
CA LEU A 40 -0.57 -2.38 12.15
C LEU A 40 -1.49 -1.74 11.11
N LYS A 41 -0.98 -0.73 10.43
CA LYS A 41 -1.77 -0.05 9.40
C LYS A 41 -1.98 -0.95 8.18
N VAL A 42 -1.02 -1.84 7.88
CA VAL A 42 -1.19 -2.79 6.79
C VAL A 42 -2.44 -3.63 7.02
N GLU A 43 -2.53 -4.27 8.18
CA GLU A 43 -3.69 -5.09 8.50
C GLU A 43 -4.98 -4.27 8.40
N GLU A 44 -4.92 -3.01 8.79
CA GLU A 44 -6.08 -2.13 8.70
C GLU A 44 -6.51 -1.97 7.25
N MET A 45 -5.55 -1.74 6.37
CA MET A 45 -5.86 -1.47 4.97
C MET A 45 -6.46 -2.67 4.25
N GLU A 46 -6.01 -3.89 4.60
CA GLU A 46 -6.57 -5.09 3.96
C GLU A 46 -7.99 -5.36 4.47
N ARG A 47 -8.23 -5.08 5.75
CA ARG A 47 -9.59 -5.21 6.28
C ARG A 47 -10.57 -4.34 5.49
N LYS A 48 -10.17 -3.09 5.21
CA LYS A 48 -11.02 -2.21 4.43
C LYS A 48 -11.18 -2.74 3.00
N LEU A 49 -10.09 -3.22 2.43
CA LEU A 49 -10.12 -3.74 1.06
C LEU A 49 -11.07 -4.91 0.96
N GLU A 50 -11.05 -5.80 1.95
CA GLU A 50 -11.95 -6.95 1.94
C GLU A 50 -13.40 -6.50 2.03
N ALA A 51 -13.66 -5.47 2.83
CA ALA A 51 -15.02 -4.96 2.98
C ALA A 51 -15.62 -4.58 1.63
N VAL A 52 -14.79 -4.03 0.75
CA VAL A 52 -15.25 -3.61 -0.57
C VAL A 52 -15.60 -4.82 -1.43
N LYS A 53 -14.71 -5.82 -1.44
CA LYS A 53 -14.93 -7.02 -2.25
C LYS A 53 -16.15 -7.80 -1.78
N GLU A 54 -16.20 -8.04 -0.48
CA GLU A 54 -17.26 -8.85 0.10
C GLU A 54 -18.63 -8.26 -0.17
N ALA A 55 -18.72 -6.93 -0.13
CA ALA A 55 -19.99 -6.24 -0.37
C ALA A 55 -20.35 -6.27 -1.86
N SER A 56 -19.35 -6.10 -2.71
CA SER A 56 -19.58 -6.00 -4.15
C SER A 56 -20.15 -7.30 -4.72
N LYS A 57 -19.64 -8.43 -4.23
CA LYS A 57 -20.08 -9.73 -4.76
C LYS A 57 -21.36 -10.26 -4.09
N ARG A 58 -21.94 -9.50 -3.16
CA ARG A 58 -23.31 -9.75 -2.73
C ARG A 58 -24.34 -8.96 -3.55
N GLY A 59 -23.90 -8.30 -4.63
CA GLY A 59 -24.76 -7.39 -5.37
C GLY A 59 -24.46 -5.96 -4.98
N VAL A 60 -24.30 -5.08 -5.97
CA VAL A 60 -23.99 -3.68 -5.70
C VAL A 60 -25.22 -2.81 -5.94
N SER A 61 -25.49 -1.91 -5.00
CA SER A 61 -26.68 -1.05 -5.08
C SER A 61 -26.27 0.41 -5.14
N SER A 62 -27.16 1.24 -5.67
CA SER A 62 -26.88 2.66 -5.82
C SER A 62 -26.52 3.31 -4.48
N ASP A 63 -27.25 2.94 -3.42
CA ASP A 63 -26.97 3.51 -2.10
C ASP A 63 -25.67 2.97 -1.54
N GLN A 64 -25.43 1.68 -1.75
CA GLN A 64 -24.19 1.04 -1.29
C GLN A 64 -22.97 1.60 -2.04
N LEU A 65 -23.15 1.92 -3.31
CA LEU A 65 -22.07 2.38 -4.16
C LEU A 65 -21.34 3.57 -3.54
N LEU A 66 -22.10 4.48 -2.92
CA LEU A 66 -21.51 5.70 -2.39
C LEU A 66 -20.37 5.43 -1.42
N ASN A 67 -20.61 4.54 -0.45
CA ASN A 67 -19.67 4.36 0.64
C ASN A 67 -18.46 3.52 0.25
N LEU A 68 -18.63 2.62 -0.71
CA LEU A 68 -17.51 1.80 -1.16
C LEU A 68 -16.41 2.69 -1.75
N ILE A 69 -16.80 3.73 -2.49
CA ILE A 69 -15.84 4.67 -3.04
C ILE A 69 -15.14 5.42 -1.90
N LEU A 70 -15.88 5.75 -0.84
CA LEU A 70 -15.25 6.37 0.32
C LEU A 70 -14.24 5.41 0.94
N ASP A 71 -14.61 4.14 1.03
CA ASP A 71 -13.69 3.13 1.53
C ASP A 71 -12.49 2.99 0.60
N LEU A 72 -12.76 3.00 -0.70
CA LEU A 72 -11.70 2.91 -1.70
C LEU A 72 -10.79 4.13 -1.65
N ALA A 73 -11.39 5.30 -1.43
CA ALA A 73 -10.62 6.54 -1.37
C ALA A 73 -9.74 6.59 -0.12
N ASP A 74 -10.26 6.06 0.99
CA ASP A 74 -9.55 6.13 2.25
C ASP A 74 -8.19 5.43 2.18
N ILE A 75 -8.17 4.25 1.55
CA ILE A 75 -6.93 3.47 1.47
C ILE A 75 -5.87 4.17 0.61
N ILE A 76 -6.31 4.94 -0.39
CA ILE A 76 -5.37 5.70 -1.23
C ILE A 76 -4.56 6.66 -0.35
N THR A 77 -5.27 7.42 0.48
CA THR A 77 -4.62 8.42 1.32
C THR A 77 -3.65 7.76 2.29
N THR A 78 -4.09 6.65 2.88
CA THR A 78 -3.27 5.98 3.89
C THR A 78 -1.98 5.43 3.27
N LEU A 79 -2.10 4.83 2.09
CA LEU A 79 -0.97 4.15 1.47
C LEU A 79 0.23 5.08 1.28
N ILE A 80 0.01 6.23 0.68
CA ILE A 80 1.11 7.12 0.34
C ILE A 80 1.95 7.52 1.56
N GLN A 81 1.32 7.57 2.73
CA GLN A 81 2.04 7.93 3.95
C GLN A 81 3.07 6.84 4.30
N ILE A 82 2.64 5.58 4.22
CA ILE A 82 3.53 4.46 4.51
C ILE A 82 4.67 4.42 3.50
N ILE A 83 4.36 4.68 2.22
CA ILE A 83 5.36 4.57 1.17
C ILE A 83 6.54 5.50 1.47
N GLU A 84 6.23 6.74 1.85
CA GLU A 84 7.28 7.73 2.09
C GLU A 84 8.14 7.31 3.28
N GLU A 85 7.49 6.92 4.37
CA GLU A 85 8.22 6.52 5.57
C GLU A 85 9.09 5.29 5.30
N SER A 86 8.60 4.37 4.47
CA SER A 86 9.38 3.21 4.10
C SER A 86 10.69 3.64 3.44
N ASN A 87 10.60 4.63 2.55
CA ASN A 87 11.78 5.20 1.92
C ASN A 87 12.69 5.87 2.95
N GLU A 88 12.08 6.53 3.93
CA GLU A 88 12.85 7.16 4.99
C GLU A 88 13.58 6.11 5.84
N ALA A 89 12.94 4.97 6.07
CA ALA A 89 13.54 3.93 6.88
C ALA A 89 14.86 3.44 6.26
N ILE A 90 14.80 3.00 5.01
CA ILE A 90 16.01 2.54 4.33
C ILE A 90 17.04 3.66 4.20
N LYS A 91 16.56 4.89 4.04
CA LYS A 91 17.46 6.03 3.88
C LYS A 91 18.40 6.18 5.07
N GLU A 92 17.87 5.97 6.27
CA GLU A 92 18.68 6.12 7.48
C GLU A 92 19.81 5.11 7.52
N LEU A 93 19.53 3.88 7.07
CA LEU A 93 20.51 2.81 7.13
C LEU A 93 21.70 3.11 6.20
N ILE A 94 21.39 3.56 5.00
CA ILE A 94 22.43 3.85 4.01
C ILE A 94 23.22 5.08 4.47
N LYS A 95 22.52 6.12 4.89
CA LYS A 95 23.18 7.35 5.31
C LYS A 95 24.12 7.08 6.48
N ASN A 96 23.67 6.25 7.41
CA ASN A 96 24.49 5.88 8.56
C ASN A 96 25.42 4.69 8.30
N GLN A 97 25.47 4.21 7.05
CA GLN A 97 26.40 3.16 6.62
C GLN A 97 26.12 1.80 7.27
N LYS A 98 24.91 1.60 7.76
CA LYS A 98 24.50 0.28 8.26
C LYS A 98 24.20 -0.68 7.11
N GLY A 99 23.63 -0.14 6.03
CA GLY A 99 23.21 -0.98 4.90
C GLY A 99 24.42 -1.64 4.21
N PRO A 100 24.20 -2.64 3.40
CA PRO A 100 25.31 -3.30 2.65
C PRO A 100 25.51 -2.65 1.29
N THR A 101 26.57 -1.86 1.15
CA THR A 101 26.84 -1.16 -0.09
C THR A 101 27.25 -2.14 -1.18
N SER A 102 27.11 -1.70 -2.43
CA SER A 102 27.46 -2.53 -3.59
C SER A 102 26.60 -3.79 -3.71
N ASP A 103 25.57 -3.95 -2.87
CA ASP A 103 24.65 -5.07 -2.99
C ASP A 103 23.37 -4.57 -3.68
N TYR A 104 23.06 -5.12 -4.84
CA TYR A 104 21.96 -4.62 -5.65
C TYR A 104 20.58 -4.84 -5.02
N ILE A 105 20.51 -5.61 -3.93
CA ILE A 105 19.24 -5.81 -3.23
C ILE A 105 18.65 -4.45 -2.81
N ILE A 106 19.52 -3.52 -2.41
CA ILE A 106 19.08 -2.17 -2.07
C ILE A 106 18.43 -1.51 -3.29
N GLU A 107 19.00 -1.71 -4.47
CA GLU A 107 18.41 -1.16 -5.69
C GLU A 107 17.05 -1.79 -5.96
N GLN A 108 16.91 -3.09 -5.67
CA GLN A 108 15.62 -3.74 -5.82
C GLN A 108 14.61 -3.18 -4.82
N ILE A 109 15.07 -2.93 -3.60
CA ILE A 109 14.23 -2.28 -2.61
C ILE A 109 13.90 -0.86 -3.10
N GLN A 110 14.93 -0.13 -3.51
CA GLN A 110 14.75 1.23 -4.00
C GLN A 110 13.78 1.25 -5.18
N ARG A 111 13.91 0.26 -6.07
CA ARG A 111 12.96 0.11 -7.16
C ARG A 111 11.55 -0.06 -6.60
N ASP A 112 11.41 -1.01 -5.67
CA ASP A 112 10.09 -1.36 -5.14
C ASP A 112 9.35 -0.13 -4.64
N GLN A 113 10.04 0.77 -3.95
CA GLN A 113 9.40 1.98 -3.43
C GLN A 113 8.90 2.86 -4.56
N GLU A 114 9.69 2.93 -5.64
CA GLU A 114 9.33 3.73 -6.79
C GLU A 114 8.11 3.16 -7.49
N GLU A 115 8.02 1.84 -7.57
CA GLU A 115 6.84 1.20 -8.18
C GLU A 115 5.64 1.41 -7.27
N ALA A 116 5.85 1.26 -5.96
CA ALA A 116 4.77 1.28 -4.99
C ALA A 116 3.94 2.55 -5.11
N ARG A 117 4.60 3.69 -5.26
CA ARG A 117 3.89 4.96 -5.48
C ARG A 117 3.70 5.31 -6.97
N LYS A 118 3.93 4.34 -7.85
CA LYS A 118 3.34 4.38 -9.19
C LYS A 118 2.01 3.62 -9.18
N LYS A 119 1.96 2.50 -8.46
CA LYS A 119 0.70 1.79 -8.22
C LYS A 119 -0.33 2.70 -7.54
N VAL A 120 0.13 3.65 -6.73
CA VAL A 120 -0.76 4.62 -6.11
C VAL A 120 -1.40 5.47 -7.21
N GLU A 121 -0.59 5.90 -8.17
CA GLU A 121 -1.10 6.69 -9.29
C GLU A 121 -2.05 5.86 -10.14
N GLU A 122 -1.70 4.59 -10.36
CA GLU A 122 -2.58 3.68 -11.07
C GLU A 122 -3.86 3.43 -10.28
N ALA A 123 -3.73 3.31 -8.96
CA ALA A 123 -4.88 3.11 -8.08
C ALA A 123 -5.84 4.30 -8.19
N GLU A 124 -5.28 5.50 -8.22
CA GLU A 124 -6.08 6.71 -8.38
C GLU A 124 -6.67 6.78 -9.79
N GLU A 125 -5.84 6.47 -10.78
CA GLU A 125 -6.25 6.61 -12.17
C GLU A 125 -7.54 5.83 -12.45
N ARG A 126 -7.59 4.59 -11.98
CA ARG A 126 -8.78 3.77 -12.14
C ARG A 126 -9.88 4.15 -11.13
N LEU A 127 -9.51 4.73 -9.99
CA LEU A 127 -10.50 5.31 -9.08
C LEU A 127 -11.25 6.45 -9.78
N GLU A 128 -10.56 7.20 -10.62
CA GLU A 128 -11.20 8.26 -11.40
C GLU A 128 -12.24 7.68 -12.37
N ARG A 129 -11.95 6.50 -12.90
CA ARG A 129 -12.81 5.88 -13.91
C ARG A 129 -14.22 5.61 -13.37
N VAL A 130 -14.30 5.02 -12.18
CA VAL A 130 -15.60 4.67 -11.61
C VAL A 130 -16.45 5.92 -11.36
N LYS A 131 -15.80 7.01 -10.96
CA LYS A 131 -16.51 8.27 -10.72
C LYS A 131 -17.26 8.69 -11.97
N GLU A 132 -16.56 8.61 -13.10
CA GLU A 132 -17.15 8.99 -14.39
C GLU A 132 -18.29 8.03 -14.76
N ALA A 133 -18.13 6.76 -14.45
CA ALA A 133 -19.16 5.77 -14.76
C ALA A 133 -20.43 6.06 -13.98
N SER A 134 -20.28 6.31 -12.68
CA SER A 134 -21.42 6.66 -11.84
C SER A 134 -22.06 7.98 -12.30
N LYS A 135 -21.23 8.90 -12.78
CA LYS A 135 -21.71 10.21 -13.17
C LYS A 135 -22.79 10.10 -14.24
N ARG A 136 -22.47 9.36 -15.30
CA ARG A 136 -23.35 9.30 -16.47
C ARG A 136 -24.53 8.37 -16.22
N GLY A 137 -24.29 7.27 -15.50
CA GLY A 137 -25.32 6.28 -15.25
C GLY A 137 -25.04 5.00 -16.02
N VAL A 138 -23.85 4.43 -15.78
CA VAL A 138 -23.43 3.21 -16.47
C VAL A 138 -23.92 1.99 -15.70
N SER A 139 -24.31 0.95 -16.43
CA SER A 139 -24.87 -0.25 -15.81
C SER A 139 -23.95 -0.79 -14.72
N SER A 140 -24.55 -1.40 -13.70
CA SER A 140 -23.79 -1.87 -12.54
C SER A 140 -22.78 -2.95 -12.93
N ASP A 141 -23.11 -3.76 -13.92
CA ASP A 141 -22.24 -4.87 -14.30
C ASP A 141 -20.86 -4.36 -14.70
N GLN A 142 -20.83 -3.26 -15.43
CA GLN A 142 -19.57 -2.64 -15.84
C GLN A 142 -18.81 -2.11 -14.63
N LEU A 143 -19.54 -1.56 -13.65
CA LEU A 143 -18.90 -1.01 -12.46
C LEU A 143 -18.10 -2.09 -11.76
N LEU A 144 -18.68 -3.29 -11.64
CA LEU A 144 -18.01 -4.38 -10.95
C LEU A 144 -16.64 -4.65 -11.54
N ASP A 145 -16.54 -4.58 -12.87
CA ASP A 145 -15.25 -4.74 -13.52
C ASP A 145 -14.29 -3.64 -13.07
N LEU A 146 -14.80 -2.42 -12.94
CA LEU A 146 -13.99 -1.30 -12.50
C LEU A 146 -13.52 -1.50 -11.06
N ILE A 147 -14.41 -1.96 -10.20
CA ILE A 147 -14.06 -2.18 -8.80
C ILE A 147 -13.05 -3.33 -8.68
N ARG A 148 -13.20 -4.37 -9.51
CA ARG A 148 -12.25 -5.49 -9.47
C ARG A 148 -10.85 -5.01 -9.84
N GLU A 149 -10.71 -4.29 -10.95
CA GLU A 149 -9.41 -3.76 -11.34
C GLU A 149 -8.86 -2.86 -10.24
N LEU A 150 -9.67 -1.92 -9.77
CA LEU A 150 -9.23 -1.05 -8.69
C LEU A 150 -8.83 -1.87 -7.46
N ALA A 151 -9.58 -2.93 -7.21
CA ALA A 151 -9.30 -3.79 -6.05
C ALA A 151 -7.97 -4.51 -6.21
N GLU A 152 -7.74 -5.08 -7.39
CA GLU A 152 -6.52 -5.85 -7.62
C GLU A 152 -5.26 -5.01 -7.48
N ILE A 153 -5.31 -3.75 -7.91
CA ILE A 153 -4.14 -2.89 -7.81
C ILE A 153 -3.68 -2.77 -6.35
N ILE A 154 -4.64 -2.60 -5.44
CA ILE A 154 -4.31 -2.44 -4.03
C ILE A 154 -3.64 -3.69 -3.46
N GLU A 155 -4.32 -4.84 -3.56
CA GLU A 155 -3.84 -6.07 -2.92
C GLU A 155 -2.37 -6.33 -3.26
N GLU A 156 -2.04 -6.38 -4.55
CA GLU A 156 -0.66 -6.61 -4.97
C GLU A 156 0.26 -5.55 -4.37
N LEU A 157 -0.21 -4.30 -4.33
CA LEU A 157 0.58 -3.23 -3.72
C LEU A 157 0.85 -3.55 -2.25
N ILE A 158 -0.16 -4.07 -1.57
CA ILE A 158 0.01 -4.49 -0.18
C ILE A 158 1.00 -5.67 -0.11
N ARG A 159 0.95 -6.57 -1.07
CA ARG A 159 1.87 -7.70 -1.09
C ARG A 159 3.32 -7.22 -1.13
N ILE A 160 3.58 -6.19 -1.92
CA ILE A 160 4.90 -5.56 -1.93
C ILE A 160 5.19 -5.01 -0.52
N ILE A 161 4.30 -4.14 -0.02
CA ILE A 161 4.50 -3.54 1.30
C ILE A 161 4.72 -4.62 2.37
N ARG A 162 4.03 -5.75 2.22
CA ARG A 162 4.21 -6.86 3.15
C ARG A 162 5.65 -7.37 3.12
N ARG A 163 6.20 -7.55 1.91
CA ARG A 163 7.54 -8.09 1.78
C ARG A 163 8.60 -7.03 2.06
N SER A 164 8.37 -5.80 1.61
CA SER A 164 9.31 -4.72 1.87
C SER A 164 9.42 -4.51 3.38
N ASN A 165 8.28 -4.51 4.07
CA ASN A 165 8.27 -4.34 5.52
C ASN A 165 9.15 -5.39 6.19
N GLU A 166 9.00 -6.63 5.75
CA GLU A 166 9.78 -7.74 6.30
C GLU A 166 11.26 -7.63 5.90
N ALA A 167 11.52 -7.13 4.69
CA ALA A 167 12.89 -7.05 4.18
C ALA A 167 13.76 -6.18 5.08
N ILE A 168 13.22 -5.05 5.53
CA ILE A 168 13.99 -4.14 6.38
C ILE A 168 14.44 -4.85 7.66
N LYS A 169 13.58 -5.70 8.20
CA LYS A 169 13.87 -6.38 9.46
C LYS A 169 15.15 -7.20 9.39
N GLU A 170 15.34 -7.89 8.26
CA GLU A 170 16.45 -8.83 8.13
C GLU A 170 17.79 -8.15 8.36
N LEU A 171 17.93 -6.91 7.90
CA LEU A 171 19.17 -6.18 8.09
C LEU A 171 19.52 -6.04 9.57
N ILE A 172 18.49 -5.80 10.38
CA ILE A 172 18.68 -5.61 11.83
C ILE A 172 18.96 -6.94 12.54
N LYS A 173 18.34 -8.01 12.05
CA LYS A 173 18.35 -9.31 12.74
C LYS A 173 19.74 -9.96 12.80
N ASN A 174 20.70 -9.47 12.02
CA ASN A 174 22.04 -10.05 12.02
C ASN A 174 23.10 -9.00 12.36
N GLN A 175 22.79 -8.17 13.35
CA GLN A 175 23.73 -7.14 13.80
C GLN A 175 24.44 -7.60 15.07
N MET A 22 23.39 -9.87 14.11
CA MET A 22 22.49 -8.98 14.83
C MET A 22 23.26 -7.83 15.49
N THR A 23 22.91 -6.60 15.13
CA THR A 23 23.48 -5.43 15.78
C THR A 23 22.36 -4.46 16.15
N SER A 24 22.50 -3.79 17.29
CA SER A 24 21.42 -2.93 17.79
C SER A 24 21.95 -1.57 18.24
N ASP A 25 21.10 -0.56 18.08
CA ASP A 25 21.39 0.79 18.57
C ASP A 25 20.08 1.51 18.82
N TYR A 26 20.14 2.63 19.53
CA TYR A 26 18.92 3.34 19.92
C TYR A 26 18.09 3.73 18.69
N ILE A 27 18.74 4.21 17.65
CA ILE A 27 18.03 4.56 16.43
C ILE A 27 17.39 3.32 15.80
N ILE A 28 18.08 2.20 15.86
CA ILE A 28 17.60 0.95 15.26
C ILE A 28 16.21 0.59 15.81
N GLU A 29 16.02 0.82 17.11
CA GLU A 29 14.73 0.49 17.73
C GLU A 29 13.60 1.26 17.04
N GLN A 30 13.86 2.50 16.66
CA GLN A 30 12.85 3.29 15.96
C GLN A 30 12.53 2.68 14.60
N ILE A 31 13.55 2.20 13.91
CA ILE A 31 13.35 1.56 12.61
C ILE A 31 12.47 0.33 12.81
N GLN A 32 12.81 -0.51 13.79
CA GLN A 32 12.04 -1.72 14.04
C GLN A 32 10.59 -1.38 14.34
N ARG A 33 10.38 -0.39 15.19
CA ARG A 33 9.01 0.05 15.53
C ARG A 33 8.34 0.73 14.34
N LYS A 34 9.10 1.45 13.53
CA LYS A 34 8.55 2.12 12.36
C LYS A 34 7.97 1.13 11.36
N GLN A 35 8.68 0.04 11.11
CA GLN A 35 8.18 -0.97 10.18
C GLN A 35 6.98 -1.69 10.78
N GLU A 36 7.06 -2.03 12.07
CA GLU A 36 5.95 -2.66 12.76
C GLU A 36 4.74 -1.72 12.87
N GLU A 37 5.00 -0.43 13.02
CA GLU A 37 3.92 0.56 13.04
C GLU A 37 3.25 0.62 11.67
N ALA A 38 4.04 0.58 10.61
CA ALA A 38 3.50 0.52 9.26
C ALA A 38 2.71 -0.77 9.05
N ARG A 39 3.26 -1.87 9.57
CA ARG A 39 2.60 -3.17 9.49
C ARG A 39 1.17 -3.10 10.00
N LEU A 40 0.97 -2.37 11.10
CA LEU A 40 -0.35 -2.34 11.73
C LEU A 40 -1.37 -1.72 10.79
N LYS A 41 -1.03 -0.59 10.19
CA LYS A 41 -1.96 0.12 9.33
C LYS A 41 -2.19 -0.65 8.02
N VAL A 42 -1.17 -1.34 7.54
CA VAL A 42 -1.33 -2.21 6.37
C VAL A 42 -2.36 -3.29 6.70
N GLU A 43 -2.26 -3.87 7.89
CA GLU A 43 -3.22 -4.90 8.31
C GLU A 43 -4.61 -4.30 8.53
N GLU A 44 -4.69 -3.10 9.10
CA GLU A 44 -5.98 -2.47 9.34
C GLU A 44 -6.66 -2.10 8.02
N MET A 45 -5.93 -1.43 7.15
CA MET A 45 -6.46 -1.10 5.83
C MET A 45 -6.79 -2.37 5.04
N GLU A 46 -6.00 -3.42 5.21
CA GLU A 46 -6.26 -4.68 4.54
C GLU A 46 -7.64 -5.22 4.89
N ARG A 47 -8.06 -5.03 6.15
CA ARG A 47 -9.38 -5.49 6.58
C ARG A 47 -10.48 -4.81 5.78
N LYS A 48 -10.34 -3.51 5.50
CA LYS A 48 -11.30 -2.83 4.64
C LYS A 48 -11.32 -3.47 3.25
N LEU A 49 -10.13 -3.76 2.72
CA LEU A 49 -10.02 -4.42 1.42
C LEU A 49 -10.80 -5.73 1.42
N GLU A 50 -10.66 -6.48 2.50
CA GLU A 50 -11.43 -7.72 2.67
C GLU A 50 -12.92 -7.43 2.73
N ALA A 51 -13.28 -6.32 3.39
CA ALA A 51 -14.69 -5.95 3.52
C ALA A 51 -15.27 -5.59 2.15
N VAL A 52 -14.52 -4.84 1.36
CA VAL A 52 -14.98 -4.46 0.03
C VAL A 52 -15.11 -5.70 -0.85
N LYS A 53 -14.06 -6.51 -0.91
CA LYS A 53 -14.11 -7.74 -1.71
C LYS A 53 -15.19 -8.68 -1.20
N GLU A 54 -15.36 -8.74 0.12
CA GLU A 54 -16.42 -9.55 0.70
C GLU A 54 -17.79 -9.07 0.23
N ALA A 55 -17.96 -7.75 0.17
CA ALA A 55 -19.26 -7.17 -0.18
C ALA A 55 -19.59 -7.37 -1.65
N SER A 56 -18.61 -7.13 -2.51
CA SER A 56 -18.85 -7.21 -3.95
C SER A 56 -19.36 -8.60 -4.35
N LYS A 57 -18.86 -9.63 -3.68
CA LYS A 57 -19.33 -10.99 -3.95
C LYS A 57 -20.82 -11.10 -3.65
N ARG A 58 -21.24 -10.53 -2.51
CA ARG A 58 -22.63 -10.59 -2.09
C ARG A 58 -23.53 -9.74 -3.00
N GLY A 59 -23.00 -8.60 -3.44
CA GLY A 59 -23.82 -7.64 -4.17
C GLY A 59 -24.44 -6.65 -3.20
N VAL A 60 -24.43 -5.37 -3.54
CA VAL A 60 -24.93 -4.32 -2.65
C VAL A 60 -25.87 -3.37 -3.39
N SER A 61 -26.86 -2.85 -2.67
CA SER A 61 -27.84 -1.94 -3.27
C SER A 61 -27.13 -0.74 -3.90
N SER A 62 -27.75 -0.18 -4.93
CA SER A 62 -27.15 0.92 -5.67
C SER A 62 -26.84 2.12 -4.76
N ASP A 63 -27.77 2.46 -3.89
CA ASP A 63 -27.59 3.62 -3.01
C ASP A 63 -26.36 3.43 -2.12
N GLN A 64 -26.14 2.20 -1.66
CA GLN A 64 -24.96 1.89 -0.86
C GLN A 64 -23.77 1.42 -1.70
N LEU A 65 -23.86 1.49 -3.02
CA LEU A 65 -22.72 1.23 -3.89
C LEU A 65 -21.58 2.22 -3.62
N LEU A 66 -21.94 3.46 -3.27
CA LEU A 66 -20.97 4.54 -3.17
C LEU A 66 -19.92 4.27 -2.09
N ASN A 67 -20.33 3.66 -0.97
CA ASN A 67 -19.44 3.57 0.18
C ASN A 67 -18.22 2.67 -0.10
N LEU A 68 -18.37 1.69 -1.00
CA LEU A 68 -17.22 0.86 -1.38
C LEU A 68 -16.10 1.74 -1.93
N ILE A 69 -16.48 2.70 -2.76
CA ILE A 69 -15.52 3.68 -3.27
C ILE A 69 -14.90 4.45 -2.12
N LEU A 70 -15.74 4.86 -1.16
CA LEU A 70 -15.28 5.62 -0.02
C LEU A 70 -14.23 4.82 0.77
N ASP A 71 -14.49 3.53 0.95
CA ASP A 71 -13.55 2.68 1.66
C ASP A 71 -12.26 2.51 0.87
N LEU A 72 -12.39 2.25 -0.43
CA LEU A 72 -11.22 2.06 -1.28
C LEU A 72 -10.38 3.34 -1.34
N ALA A 73 -11.06 4.48 -1.41
CA ALA A 73 -10.36 5.76 -1.45
C ALA A 73 -9.54 5.97 -0.18
N ASP A 74 -10.11 5.59 0.96
CA ASP A 74 -9.42 5.75 2.23
C ASP A 74 -8.08 5.03 2.22
N ILE A 75 -8.03 3.84 1.61
CA ILE A 75 -6.80 3.06 1.63
C ILE A 75 -5.69 3.78 0.88
N ILE A 76 -5.95 4.20 -0.36
CA ILE A 76 -4.92 4.82 -1.18
C ILE A 76 -4.35 6.04 -0.48
N THR A 77 -5.21 6.84 0.14
CA THR A 77 -4.76 8.05 0.82
C THR A 77 -3.92 7.70 2.04
N THR A 78 -4.26 6.63 2.74
CA THR A 78 -3.52 6.21 3.92
C THR A 78 -2.13 5.68 3.54
N LEU A 79 -2.07 4.86 2.50
CA LEU A 79 -0.83 4.19 2.14
C LEU A 79 0.24 5.19 1.70
N ILE A 80 -0.15 6.27 1.03
CA ILE A 80 0.84 7.22 0.51
C ILE A 80 1.78 7.71 1.62
N GLN A 81 1.25 7.84 2.83
CA GLN A 81 2.08 8.17 3.99
C GLN A 81 3.09 7.05 4.26
N ILE A 82 2.62 5.83 4.16
CA ILE A 82 3.45 4.65 4.41
C ILE A 82 4.49 4.46 3.30
N ILE A 83 4.13 4.79 2.06
CA ILE A 83 5.09 4.68 0.95
C ILE A 83 6.32 5.51 1.26
N GLU A 84 6.11 6.79 1.59
CA GLU A 84 7.22 7.68 1.89
C GLU A 84 7.91 7.29 3.20
N GLU A 85 7.10 6.89 4.18
CA GLU A 85 7.64 6.57 5.50
C GLU A 85 8.66 5.43 5.42
N SER A 86 8.36 4.41 4.63
CA SER A 86 9.26 3.28 4.50
C SER A 86 10.42 3.59 3.55
N ASN A 87 10.16 4.40 2.53
CA ASN A 87 11.22 4.77 1.58
C ASN A 87 12.32 5.55 2.28
N GLU A 88 11.91 6.48 3.15
CA GLU A 88 12.87 7.26 3.92
C GLU A 88 13.67 6.38 4.89
N ALA A 89 13.03 5.34 5.42
CA ALA A 89 13.70 4.46 6.38
C ALA A 89 14.98 3.88 5.77
N ILE A 90 14.90 3.43 4.53
CA ILE A 90 16.07 2.92 3.83
C ILE A 90 17.14 4.02 3.73
N LYS A 91 16.69 5.24 3.46
CA LYS A 91 17.59 6.38 3.33
C LYS A 91 18.39 6.60 4.61
N GLU A 92 17.70 6.51 5.75
CA GLU A 92 18.33 6.79 7.04
C GLU A 92 19.42 5.77 7.39
N LEU A 93 19.18 4.51 7.06
CA LEU A 93 20.13 3.46 7.42
C LEU A 93 21.50 3.75 6.82
N ILE A 94 21.53 4.20 5.57
CA ILE A 94 22.79 4.49 4.91
C ILE A 94 23.27 5.92 5.20
N LYS A 95 22.33 6.85 5.37
CA LYS A 95 22.69 8.22 5.72
C LYS A 95 23.36 8.24 7.09
N ASN A 96 22.80 7.50 8.04
CA ASN A 96 23.42 7.36 9.36
C ASN A 96 24.53 6.30 9.39
N GLN A 97 24.96 5.84 8.21
CA GLN A 97 26.00 4.81 8.08
C GLN A 97 25.90 3.70 9.13
N LYS A 98 24.69 3.42 9.61
CA LYS A 98 24.46 2.21 10.39
C LYS A 98 24.29 1.04 9.44
N GLY A 99 23.40 1.23 8.47
CA GLY A 99 23.21 0.25 7.41
C GLY A 99 24.50 0.08 6.61
N PRO A 100 24.55 -0.84 5.66
CA PRO A 100 25.81 -1.12 4.92
C PRO A 100 26.29 0.09 4.12
N THR A 101 27.60 0.30 4.08
CA THR A 101 28.18 1.36 3.28
C THR A 101 27.82 1.16 1.80
N SER A 102 27.89 -0.09 1.36
CA SER A 102 27.52 -0.44 -0.01
C SER A 102 26.98 -1.87 -0.05
N ASP A 103 25.84 -2.06 -0.72
CA ASP A 103 25.24 -3.39 -0.81
C ASP A 103 24.27 -3.46 -1.99
N TYR A 104 24.18 -4.62 -2.61
CA TYR A 104 23.31 -4.80 -3.76
C TYR A 104 21.86 -5.13 -3.36
N ILE A 105 21.66 -5.68 -2.17
CA ILE A 105 20.31 -5.97 -1.67
C ILE A 105 19.47 -4.69 -1.66
N ILE A 106 20.09 -3.57 -1.32
CA ILE A 106 19.38 -2.29 -1.25
C ILE A 106 18.79 -1.94 -2.60
N GLU A 107 19.57 -2.19 -3.66
CA GLU A 107 19.09 -1.91 -5.01
C GLU A 107 17.86 -2.75 -5.34
N GLN A 108 17.81 -3.99 -4.84
CA GLN A 108 16.67 -4.85 -5.10
C GLN A 108 15.41 -4.23 -4.48
N ILE A 109 15.53 -3.77 -3.25
CA ILE A 109 14.39 -3.23 -2.53
C ILE A 109 13.83 -1.99 -3.25
N GLN A 110 14.70 -1.19 -3.88
CA GLN A 110 14.24 -0.02 -4.62
C GLN A 110 13.25 -0.44 -5.70
N ARG A 111 13.55 -1.52 -6.42
CA ARG A 111 12.66 -1.99 -7.47
C ARG A 111 11.29 -2.32 -6.89
N ASP A 112 11.28 -2.98 -5.74
CA ASP A 112 10.02 -3.29 -5.06
C ASP A 112 9.26 -2.02 -4.75
N GLN A 113 9.98 -1.00 -4.30
CA GLN A 113 9.37 0.31 -4.05
C GLN A 113 8.86 0.91 -5.35
N GLU A 114 9.65 0.83 -6.42
CA GLU A 114 9.25 1.42 -7.69
C GLU A 114 7.97 0.77 -8.20
N GLU A 115 7.88 -0.55 -8.09
CA GLU A 115 6.64 -1.24 -8.42
C GLU A 115 5.50 -0.76 -7.52
N ALA A 116 5.81 -0.43 -6.27
CA ALA A 116 4.81 0.13 -5.37
C ALA A 116 4.29 1.46 -5.91
N ARG A 117 5.18 2.26 -6.50
CA ARG A 117 4.77 3.53 -7.08
C ARG A 117 3.75 3.32 -8.20
N LYS A 118 4.02 2.33 -9.06
CA LYS A 118 3.19 2.13 -10.25
C LYS A 118 1.76 1.73 -9.88
N LYS A 119 1.64 0.74 -9.00
CA LYS A 119 0.31 0.26 -8.59
C LYS A 119 -0.52 1.42 -8.01
N VAL A 120 0.13 2.34 -7.31
CA VAL A 120 -0.55 3.53 -6.84
C VAL A 120 -1.02 4.34 -8.04
N GLU A 121 -0.14 4.54 -9.02
CA GLU A 121 -0.51 5.27 -10.23
C GLU A 121 -1.66 4.57 -10.94
N GLU A 122 -1.61 3.24 -10.99
CA GLU A 122 -2.68 2.46 -11.61
C GLU A 122 -3.96 2.54 -10.79
N ALA A 123 -3.81 2.48 -9.47
CA ALA A 123 -4.96 2.57 -8.58
C ALA A 123 -5.62 3.94 -8.68
N GLU A 124 -4.80 4.98 -8.76
CA GLU A 124 -5.32 6.34 -8.90
C GLU A 124 -6.10 6.49 -10.20
N GLU A 125 -5.63 5.87 -11.27
CA GLU A 125 -6.27 6.04 -12.58
C GLU A 125 -7.67 5.44 -12.58
N ARG A 126 -7.77 4.16 -12.23
CA ARG A 126 -9.07 3.49 -12.17
C ARG A 126 -9.96 4.07 -11.08
N LEU A 127 -9.37 4.59 -10.00
CA LEU A 127 -10.15 5.32 -9.00
C LEU A 127 -10.84 6.52 -9.66
N GLU A 128 -10.09 7.21 -10.54
CA GLU A 128 -10.67 8.31 -11.31
C GLU A 128 -11.67 7.81 -12.35
N ARG A 129 -11.43 6.61 -12.90
CA ARG A 129 -12.36 6.05 -13.88
C ARG A 129 -13.76 5.92 -13.30
N VAL A 130 -13.84 5.44 -12.06
CA VAL A 130 -15.14 5.27 -11.42
C VAL A 130 -15.79 6.64 -11.22
N LYS A 131 -15.02 7.61 -10.75
CA LYS A 131 -15.53 8.96 -10.58
C LYS A 131 -15.94 9.56 -11.92
N GLU A 132 -15.12 9.30 -12.94
CA GLU A 132 -15.40 9.82 -14.28
C GLU A 132 -16.67 9.19 -14.85
N ALA A 133 -16.82 7.88 -14.62
CA ALA A 133 -18.00 7.17 -15.11
C ALA A 133 -19.27 7.72 -14.48
N SER A 134 -19.21 8.06 -13.20
CA SER A 134 -20.37 8.57 -12.49
C SER A 134 -20.89 9.86 -13.12
N LYS A 135 -19.97 10.78 -13.42
CA LYS A 135 -20.35 12.06 -13.98
C LYS A 135 -21.00 11.88 -15.36
N ARG A 136 -20.38 11.04 -16.19
CA ARG A 136 -20.92 10.77 -17.53
C ARG A 136 -22.30 10.11 -17.44
N GLY A 137 -22.50 9.28 -16.42
CA GLY A 137 -23.77 8.56 -16.28
C GLY A 137 -23.65 7.13 -16.78
N VAL A 138 -22.53 6.48 -16.47
CA VAL A 138 -22.31 5.09 -16.89
C VAL A 138 -23.19 4.15 -16.08
N SER A 139 -23.76 3.14 -16.74
CA SER A 139 -24.68 2.22 -16.09
C SER A 139 -24.01 1.54 -14.89
N SER A 140 -24.81 1.22 -13.88
CA SER A 140 -24.31 0.56 -12.68
C SER A 140 -23.62 -0.75 -13.01
N ASP A 141 -24.13 -1.45 -14.02
CA ASP A 141 -23.54 -2.73 -14.44
C ASP A 141 -22.05 -2.59 -14.72
N GLN A 142 -21.70 -1.73 -15.66
CA GLN A 142 -20.29 -1.50 -16.00
C GLN A 142 -19.54 -0.90 -14.81
N LEU A 143 -20.20 -0.01 -14.08
CA LEU A 143 -19.56 0.68 -12.97
C LEU A 143 -19.13 -0.31 -11.88
N LEU A 144 -19.97 -1.31 -11.63
CA LEU A 144 -19.67 -2.29 -10.59
C LEU A 144 -18.37 -3.03 -10.89
N ASP A 145 -18.18 -3.38 -12.16
CA ASP A 145 -16.99 -4.12 -12.57
C ASP A 145 -15.73 -3.33 -12.24
N LEU A 146 -15.79 -2.02 -12.47
CA LEU A 146 -14.63 -1.16 -12.21
C LEU A 146 -14.22 -1.21 -10.75
N ILE A 147 -15.22 -1.18 -9.86
CA ILE A 147 -14.95 -1.18 -8.43
C ILE A 147 -14.23 -2.46 -8.00
N ARG A 148 -14.71 -3.62 -8.48
CA ARG A 148 -14.05 -4.89 -8.17
C ARG A 148 -12.63 -4.89 -8.71
N GLU A 149 -12.47 -4.36 -9.92
CA GLU A 149 -11.15 -4.31 -10.57
C GLU A 149 -10.20 -3.45 -9.74
N LEU A 150 -10.71 -2.35 -9.19
CA LEU A 150 -9.90 -1.47 -8.36
C LEU A 150 -9.39 -2.21 -7.12
N ALA A 151 -10.26 -3.05 -6.54
CA ALA A 151 -9.93 -3.71 -5.29
C ALA A 151 -8.69 -4.58 -5.40
N GLU A 152 -8.62 -5.41 -6.44
CA GLU A 152 -7.52 -6.36 -6.57
C GLU A 152 -6.20 -5.68 -6.93
N ILE A 153 -6.26 -4.52 -7.58
CA ILE A 153 -5.06 -3.72 -7.79
C ILE A 153 -4.56 -3.20 -6.44
N ILE A 154 -5.48 -2.69 -5.63
CA ILE A 154 -5.14 -2.29 -4.27
C ILE A 154 -4.64 -3.50 -3.49
N GLU A 155 -5.23 -4.67 -3.72
CA GLU A 155 -4.75 -5.88 -3.07
C GLU A 155 -3.27 -6.09 -3.35
N GLU A 156 -2.91 -6.07 -4.64
CA GLU A 156 -1.51 -6.19 -5.02
C GLU A 156 -0.68 -5.08 -4.38
N LEU A 157 -1.23 -3.87 -4.28
CA LEU A 157 -0.54 -2.79 -3.59
C LEU A 157 -0.29 -3.18 -2.14
N ILE A 158 -1.28 -3.81 -1.51
CA ILE A 158 -1.09 -4.33 -0.15
C ILE A 158 -0.05 -5.46 -0.16
N ARG A 159 -0.04 -6.28 -1.23
CA ARG A 159 0.96 -7.34 -1.31
C ARG A 159 2.37 -6.76 -1.28
N ILE A 160 2.61 -5.68 -2.02
CA ILE A 160 3.96 -5.14 -2.14
C ILE A 160 4.42 -4.44 -0.86
N ILE A 161 3.57 -3.64 -0.23
CA ILE A 161 3.99 -2.94 1.00
C ILE A 161 4.32 -3.96 2.09
N ARG A 162 3.40 -4.89 2.34
CA ARG A 162 3.64 -5.94 3.34
C ARG A 162 4.90 -6.73 2.98
N ARG A 163 5.05 -7.01 1.70
CA ARG A 163 6.23 -7.68 1.16
C ARG A 163 7.51 -6.87 1.40
N SER A 164 7.43 -5.57 1.14
CA SER A 164 8.62 -4.72 1.07
C SER A 164 9.23 -4.47 2.45
N ASN A 165 8.39 -4.20 3.45
CA ASN A 165 8.89 -3.87 4.77
C ASN A 165 9.44 -5.10 5.51
N GLU A 166 9.03 -6.31 5.11
CA GLU A 166 9.68 -7.52 5.61
C GLU A 166 11.14 -7.57 5.13
N ALA A 167 11.38 -7.13 3.90
CA ALA A 167 12.74 -7.10 3.36
C ALA A 167 13.61 -6.07 4.09
N ILE A 168 13.00 -4.95 4.48
CA ILE A 168 13.71 -3.93 5.24
C ILE A 168 14.21 -4.53 6.56
N LYS A 169 13.38 -5.36 7.19
CA LYS A 169 13.77 -6.03 8.42
C LYS A 169 15.00 -6.92 8.22
N GLU A 170 15.12 -7.52 7.04
CA GLU A 170 16.26 -8.39 6.75
C GLU A 170 17.58 -7.65 6.93
N LEU A 171 17.59 -6.36 6.57
CA LEU A 171 18.83 -5.57 6.57
C LEU A 171 19.48 -5.60 7.95
N ILE A 172 18.67 -5.46 8.98
CA ILE A 172 19.20 -5.42 10.35
C ILE A 172 19.76 -6.78 10.75
N LYS A 173 19.07 -7.87 10.38
CA LYS A 173 19.45 -9.19 10.89
C LYS A 173 20.36 -9.97 9.93
N ASN A 174 21.19 -9.23 9.20
CA ASN A 174 22.34 -9.82 8.52
C ASN A 174 23.49 -8.81 8.55
N GLN A 175 23.73 -8.26 9.74
CA GLN A 175 24.70 -7.19 9.91
C GLN A 175 25.04 -7.00 11.39
N MET A 22 27.71 -5.54 17.43
CA MET A 22 26.64 -5.14 18.33
C MET A 22 27.06 -3.93 19.16
N THR A 23 26.59 -2.76 18.73
CA THR A 23 26.87 -1.52 19.46
C THR A 23 25.60 -0.69 19.60
N SER A 24 25.58 0.19 20.60
CA SER A 24 24.39 1.00 20.86
C SER A 24 24.16 2.00 19.73
N ASP A 25 23.24 1.66 18.83
CA ASP A 25 22.88 2.56 17.73
C ASP A 25 21.36 2.74 17.70
N TYR A 26 20.91 3.99 17.72
CA TYR A 26 19.50 4.29 17.78
C TYR A 26 18.76 3.82 16.53
N ILE A 27 19.41 3.93 15.37
CA ILE A 27 18.74 3.70 14.10
C ILE A 27 18.04 2.34 14.04
N ILE A 28 18.58 1.35 14.75
CA ILE A 28 17.95 0.02 14.76
C ILE A 28 16.53 0.13 15.32
N GLU A 29 16.40 0.82 16.45
CA GLU A 29 15.10 0.97 17.10
C GLU A 29 14.17 1.85 16.28
N GLN A 30 14.71 2.93 15.73
CA GLN A 30 13.87 3.91 15.05
C GLN A 30 13.12 3.29 13.89
N ILE A 31 13.81 2.48 13.09
CA ILE A 31 13.14 1.77 12.00
C ILE A 31 12.23 0.68 12.56
N GLN A 32 12.76 -0.10 13.50
CA GLN A 32 12.02 -1.23 14.05
C GLN A 32 10.65 -0.80 14.57
N ARG A 33 10.64 0.20 15.43
CA ARG A 33 9.38 0.71 15.98
C ARG A 33 8.49 1.25 14.87
N LYS A 34 9.10 1.92 13.90
CA LYS A 34 8.35 2.53 12.82
C LYS A 34 7.58 1.47 12.04
N GLN A 35 8.23 0.33 11.79
CA GLN A 35 7.59 -0.75 11.05
C GLN A 35 6.49 -1.40 11.87
N GLU A 36 6.69 -1.53 13.18
CA GLU A 36 5.71 -2.17 14.04
C GLU A 36 4.41 -1.38 14.10
N GLU A 37 4.51 -0.07 14.24
CA GLU A 37 3.31 0.77 14.23
C GLU A 37 2.71 0.86 12.82
N ALA A 38 3.55 0.78 11.79
CA ALA A 38 3.08 0.77 10.42
C ALA A 38 2.29 -0.52 10.14
N ARG A 39 2.86 -1.66 10.52
CA ARG A 39 2.24 -2.95 10.21
C ARG A 39 0.79 -2.99 10.71
N LEU A 40 0.54 -2.46 11.90
CA LEU A 40 -0.81 -2.44 12.44
C LEU A 40 -1.77 -1.73 11.48
N LYS A 41 -1.34 -0.57 11.00
CA LYS A 41 -2.14 0.15 10.02
C LYS A 41 -2.27 -0.68 8.75
N VAL A 42 -1.16 -1.26 8.30
CA VAL A 42 -1.17 -2.07 7.08
C VAL A 42 -2.20 -3.19 7.20
N GLU A 43 -2.28 -3.80 8.38
CA GLU A 43 -3.24 -4.88 8.61
C GLU A 43 -4.67 -4.33 8.64
N GLU A 44 -4.89 -3.24 9.37
CA GLU A 44 -6.24 -2.71 9.51
C GLU A 44 -6.85 -2.33 8.16
N MET A 45 -6.10 -1.59 7.36
CA MET A 45 -6.60 -1.20 6.03
C MET A 45 -6.84 -2.43 5.16
N GLU A 46 -6.04 -3.48 5.34
CA GLU A 46 -6.24 -4.72 4.61
C GLU A 46 -7.61 -5.32 4.94
N ARG A 47 -8.01 -5.24 6.20
CA ARG A 47 -9.31 -5.77 6.61
C ARG A 47 -10.44 -5.02 5.89
N LYS A 48 -10.28 -3.72 5.70
CA LYS A 48 -11.21 -2.97 4.85
C LYS A 48 -11.18 -3.54 3.43
N LEU A 49 -9.97 -3.75 2.92
CA LEU A 49 -9.80 -4.22 1.54
C LEU A 49 -10.46 -5.58 1.36
N GLU A 50 -10.30 -6.47 2.33
CA GLU A 50 -10.94 -7.78 2.25
C GLU A 50 -12.47 -7.65 2.29
N ALA A 51 -12.97 -6.69 3.07
CA ALA A 51 -14.41 -6.47 3.16
C ALA A 51 -14.96 -6.05 1.80
N VAL A 52 -14.23 -5.18 1.10
CA VAL A 52 -14.67 -4.73 -0.22
C VAL A 52 -14.61 -5.89 -1.23
N LYS A 53 -13.53 -6.66 -1.19
CA LYS A 53 -13.36 -7.76 -2.14
C LYS A 53 -14.50 -8.77 -2.01
N GLU A 54 -14.86 -9.11 -0.77
CA GLU A 54 -15.94 -10.07 -0.54
C GLU A 54 -17.28 -9.50 -0.98
N ALA A 55 -17.48 -8.20 -0.79
CA ALA A 55 -18.73 -7.57 -1.17
C ALA A 55 -18.91 -7.59 -2.68
N SER A 56 -17.87 -7.18 -3.41
CA SER A 56 -17.92 -7.13 -4.87
C SER A 56 -18.11 -8.52 -5.46
N LYS A 57 -17.49 -9.53 -4.85
CA LYS A 57 -17.62 -10.91 -5.33
C LYS A 57 -19.06 -11.40 -5.22
N ARG A 58 -19.56 -11.45 -3.98
CA ARG A 58 -20.89 -11.98 -3.73
C ARG A 58 -21.98 -11.19 -4.47
N GLY A 59 -21.77 -9.88 -4.64
CA GLY A 59 -22.73 -9.06 -5.38
C GLY A 59 -23.29 -7.93 -4.52
N VAL A 60 -23.38 -6.73 -5.09
CA VAL A 60 -23.91 -5.58 -4.37
C VAL A 60 -24.92 -4.82 -5.24
N SER A 61 -25.74 -3.99 -4.59
CA SER A 61 -26.71 -3.17 -5.30
C SER A 61 -26.17 -1.75 -5.48
N SER A 62 -26.70 -1.04 -6.47
CA SER A 62 -26.19 0.29 -6.79
C SER A 62 -26.19 1.22 -5.58
N ASP A 63 -27.24 1.14 -4.76
CA ASP A 63 -27.37 2.05 -3.63
C ASP A 63 -26.24 1.85 -2.62
N GLN A 64 -25.85 0.60 -2.38
CA GLN A 64 -24.77 0.31 -1.44
C GLN A 64 -23.39 0.30 -2.10
N LEU A 65 -23.34 0.16 -3.42
CA LEU A 65 -22.07 0.17 -4.15
C LEU A 65 -21.30 1.45 -3.86
N LEU A 66 -22.02 2.56 -3.80
CA LEU A 66 -21.41 3.88 -3.60
C LEU A 66 -20.49 3.89 -2.39
N ASN A 67 -20.92 3.24 -1.30
CA ASN A 67 -20.16 3.25 -0.06
C ASN A 67 -18.74 2.71 -0.25
N LEU A 68 -18.60 1.71 -1.12
CA LEU A 68 -17.32 1.02 -1.27
C LEU A 68 -16.24 1.95 -1.83
N ILE A 69 -16.62 2.82 -2.76
CA ILE A 69 -15.63 3.68 -3.42
C ILE A 69 -14.89 4.53 -2.39
N LEU A 70 -15.63 5.13 -1.45
CA LEU A 70 -15.03 6.03 -0.47
C LEU A 70 -13.96 5.33 0.35
N ASP A 71 -14.25 4.09 0.77
CA ASP A 71 -13.30 3.36 1.60
C ASP A 71 -11.97 3.19 0.87
N LEU A 72 -12.04 2.82 -0.41
CA LEU A 72 -10.83 2.63 -1.20
C LEU A 72 -10.05 3.94 -1.32
N ALA A 73 -10.77 5.05 -1.46
CA ALA A 73 -10.14 6.36 -1.52
C ALA A 73 -9.40 6.64 -0.21
N ASP A 74 -10.01 6.25 0.91
CA ASP A 74 -9.38 6.44 2.22
C ASP A 74 -8.13 5.59 2.32
N ILE A 75 -8.22 4.34 1.86
CA ILE A 75 -7.07 3.44 1.91
C ILE A 75 -5.91 4.03 1.12
N ILE A 76 -6.11 4.23 -0.18
CA ILE A 76 -5.01 4.67 -1.05
C ILE A 76 -4.38 5.94 -0.51
N THR A 77 -5.21 6.87 -0.05
CA THR A 77 -4.71 8.12 0.52
C THR A 77 -3.86 7.81 1.75
N THR A 78 -4.35 6.90 2.59
CA THR A 78 -3.61 6.50 3.78
C THR A 78 -2.27 5.91 3.39
N LEU A 79 -2.24 5.12 2.33
CA LEU A 79 -1.00 4.46 1.92
C LEU A 79 0.07 5.46 1.50
N ILE A 80 -0.32 6.56 0.83
CA ILE A 80 0.68 7.53 0.36
C ILE A 80 1.51 8.03 1.54
N GLN A 81 0.86 8.36 2.64
CA GLN A 81 1.59 8.80 3.83
C GLN A 81 2.56 7.73 4.28
N ILE A 82 2.10 6.48 4.31
CA ILE A 82 2.94 5.36 4.72
C ILE A 82 4.19 5.28 3.84
N ILE A 83 4.00 5.31 2.52
CA ILE A 83 5.12 5.18 1.59
C ILE A 83 6.15 6.27 1.86
N GLU A 84 5.67 7.49 2.14
CA GLU A 84 6.59 8.60 2.40
C GLU A 84 7.47 8.31 3.61
N GLU A 85 6.93 7.64 4.63
CA GLU A 85 7.74 7.30 5.81
C GLU A 85 8.78 6.25 5.44
N SER A 86 8.34 5.24 4.70
CA SER A 86 9.22 4.13 4.34
C SER A 86 10.38 4.66 3.51
N ASN A 87 10.07 5.48 2.51
CA ASN A 87 11.10 6.03 1.64
C ASN A 87 12.14 6.79 2.45
N GLU A 88 11.68 7.61 3.38
CA GLU A 88 12.59 8.35 4.25
C GLU A 88 13.39 7.40 5.14
N ALA A 89 12.71 6.37 5.64
CA ALA A 89 13.35 5.40 6.52
C ALA A 89 14.46 4.64 5.79
N ILE A 90 14.17 4.20 4.57
CA ILE A 90 15.14 3.42 3.80
C ILE A 90 16.38 4.23 3.45
N LYS A 91 16.21 5.47 2.96
CA LYS A 91 17.34 6.27 2.52
C LYS A 91 18.42 6.38 3.60
N GLU A 92 18.00 6.61 4.83
CA GLU A 92 18.96 6.67 5.94
C GLU A 92 19.44 5.28 6.36
N LEU A 93 18.63 4.25 6.13
CA LEU A 93 19.08 2.88 6.36
C LEU A 93 20.30 2.57 5.50
N ILE A 94 20.32 3.07 4.26
CA ILE A 94 21.49 2.93 3.41
C ILE A 94 22.69 3.64 4.04
N LYS A 95 22.45 4.88 4.49
CA LYS A 95 23.52 5.71 5.03
C LYS A 95 24.18 5.06 6.25
N ASN A 96 23.37 4.40 7.07
CA ASN A 96 23.87 3.79 8.31
C ASN A 96 24.04 2.28 8.20
N GLN A 97 24.20 1.76 6.97
CA GLN A 97 24.36 0.32 6.78
C GLN A 97 25.76 -0.11 7.18
N LYS A 98 25.87 -0.84 8.28
CA LYS A 98 27.17 -1.32 8.74
C LYS A 98 27.82 -2.21 7.69
N GLY A 99 27.02 -3.09 7.09
CA GLY A 99 27.52 -3.98 6.05
C GLY A 99 27.56 -3.27 4.70
N PRO A 100 27.71 -3.98 3.60
CA PRO A 100 27.74 -3.34 2.25
C PRO A 100 26.60 -2.34 2.07
N THR A 101 26.94 -1.08 1.78
CA THR A 101 25.93 -0.06 1.58
C THR A 101 24.93 -0.46 0.50
N SER A 102 25.42 -1.14 -0.54
CA SER A 102 24.56 -1.66 -1.59
C SER A 102 24.62 -3.18 -1.60
N ASP A 103 23.49 -3.83 -1.88
CA ASP A 103 23.43 -5.28 -1.85
C ASP A 103 22.12 -5.79 -2.47
N TYR A 104 22.05 -7.09 -2.72
CA TYR A 104 20.86 -7.68 -3.31
C TYR A 104 19.61 -7.38 -2.49
N ILE A 105 19.72 -7.53 -1.17
CA ILE A 105 18.60 -7.22 -0.29
C ILE A 105 18.23 -5.74 -0.43
N ILE A 106 19.25 -4.89 -0.42
CA ILE A 106 19.04 -3.44 -0.46
C ILE A 106 18.30 -3.02 -1.74
N GLU A 107 18.74 -3.54 -2.88
CA GLU A 107 18.19 -3.10 -4.16
C GLU A 107 16.71 -3.45 -4.28
N GLN A 108 16.33 -4.63 -3.83
CA GLN A 108 14.96 -5.10 -4.00
C GLN A 108 13.97 -4.29 -3.16
N ILE A 109 14.39 -3.82 -1.99
CA ILE A 109 13.47 -3.15 -1.07
C ILE A 109 13.14 -1.72 -1.50
N GLN A 110 14.06 -1.06 -2.20
CA GLN A 110 13.82 0.32 -2.62
C GLN A 110 13.05 0.39 -3.93
N ARG A 111 13.36 -0.52 -4.87
CA ARG A 111 12.59 -0.60 -6.11
C ARG A 111 11.11 -0.87 -5.80
N ASP A 112 10.85 -1.70 -4.80
CA ASP A 112 9.47 -2.02 -4.42
C ASP A 112 8.66 -0.75 -4.19
N GLN A 113 9.29 0.24 -3.55
CA GLN A 113 8.71 1.56 -3.41
C GLN A 113 8.69 2.30 -4.75
N GLU A 114 9.75 2.11 -5.54
CA GLU A 114 9.86 2.77 -6.83
C GLU A 114 8.70 2.36 -7.74
N GLU A 115 8.41 1.06 -7.78
CA GLU A 115 7.27 0.57 -8.58
C GLU A 115 5.96 1.07 -7.97
N ALA A 116 5.90 1.18 -6.64
CA ALA A 116 4.70 1.64 -5.96
C ALA A 116 4.25 2.99 -6.50
N ARG A 117 5.20 3.85 -6.89
CA ARG A 117 4.87 5.18 -7.42
C ARG A 117 3.87 5.07 -8.56
N LYS A 118 4.13 4.14 -9.48
CA LYS A 118 3.22 3.94 -10.60
C LYS A 118 1.87 3.42 -10.10
N LYS A 119 1.89 2.45 -9.19
CA LYS A 119 0.66 1.85 -8.68
C LYS A 119 -0.27 2.93 -8.11
N VAL A 120 0.31 3.95 -7.48
CA VAL A 120 -0.49 5.05 -6.97
C VAL A 120 -1.18 5.79 -8.11
N GLU A 121 -0.42 6.12 -9.16
CA GLU A 121 -0.96 6.92 -10.26
C GLU A 121 -2.14 6.24 -10.93
N GLU A 122 -2.04 4.93 -11.15
CA GLU A 122 -3.17 4.19 -11.73
C GLU A 122 -4.30 4.03 -10.72
N ALA A 123 -3.97 3.92 -9.43
CA ALA A 123 -4.98 3.82 -8.39
C ALA A 123 -5.87 5.05 -8.42
N GLU A 124 -5.28 6.22 -8.63
CA GLU A 124 -6.06 7.45 -8.76
C GLU A 124 -6.83 7.45 -10.08
N GLU A 125 -6.16 7.02 -11.14
CA GLU A 125 -6.72 7.08 -12.48
C GLU A 125 -8.08 6.40 -12.55
N ARG A 126 -8.13 5.15 -12.09
CA ARG A 126 -9.38 4.41 -12.08
C ARG A 126 -10.39 4.99 -11.10
N LEU A 127 -9.92 5.57 -10.00
CA LEU A 127 -10.82 6.25 -9.08
C LEU A 127 -11.55 7.39 -9.80
N GLU A 128 -10.82 8.10 -10.65
CA GLU A 128 -11.43 9.17 -11.45
C GLU A 128 -12.43 8.61 -12.45
N ARG A 129 -12.09 7.47 -13.05
CA ARG A 129 -12.97 6.83 -14.02
C ARG A 129 -14.30 6.44 -13.38
N VAL A 130 -14.24 5.94 -12.16
CA VAL A 130 -15.45 5.59 -11.44
C VAL A 130 -16.28 6.85 -11.16
N LYS A 131 -15.60 7.92 -10.74
CA LYS A 131 -16.28 9.19 -10.50
C LYS A 131 -16.90 9.71 -11.80
N GLU A 132 -16.16 9.58 -12.89
CA GLU A 132 -16.66 10.03 -14.20
C GLU A 132 -17.80 9.14 -14.68
N ALA A 133 -17.65 7.83 -14.47
CA ALA A 133 -18.67 6.88 -14.90
C ALA A 133 -19.98 7.12 -14.15
N SER A 134 -19.88 7.31 -12.84
CA SER A 134 -21.06 7.59 -12.03
C SER A 134 -21.73 8.88 -12.50
N LYS A 135 -20.91 9.89 -12.78
CA LYS A 135 -21.42 11.19 -13.21
C LYS A 135 -22.16 11.07 -14.54
N ARG A 136 -21.60 10.30 -15.47
CA ARG A 136 -22.18 10.19 -16.80
C ARG A 136 -23.45 9.35 -16.77
N GLY A 137 -23.41 8.22 -16.06
CA GLY A 137 -24.58 7.34 -15.96
C GLY A 137 -24.30 5.97 -16.57
N VAL A 138 -23.20 5.34 -16.12
CA VAL A 138 -22.85 4.01 -16.61
C VAL A 138 -23.62 2.96 -15.80
N SER A 139 -24.03 1.89 -16.47
CA SER A 139 -24.83 0.86 -15.82
C SER A 139 -24.12 0.31 -14.58
N SER A 140 -24.89 -0.22 -13.64
CA SER A 140 -24.34 -0.65 -12.36
C SER A 140 -23.41 -1.84 -12.49
N ASP A 141 -23.76 -2.80 -13.35
CA ASP A 141 -22.97 -4.02 -13.47
C ASP A 141 -21.56 -3.71 -13.97
N GLN A 142 -21.46 -2.89 -15.01
CA GLN A 142 -20.16 -2.42 -15.48
C GLN A 142 -19.51 -1.52 -14.44
N LEU A 143 -20.32 -0.70 -13.78
CA LEU A 143 -19.81 0.18 -12.73
C LEU A 143 -19.12 -0.64 -11.65
N LEU A 144 -19.71 -1.76 -11.28
CA LEU A 144 -19.14 -2.65 -10.27
C LEU A 144 -17.78 -3.18 -10.72
N ASP A 145 -17.67 -3.48 -12.00
CA ASP A 145 -16.43 -4.05 -12.54
C ASP A 145 -15.24 -3.14 -12.24
N LEU A 146 -15.45 -1.84 -12.34
CA LEU A 146 -14.37 -0.88 -12.11
C LEU A 146 -13.84 -1.00 -10.68
N ILE A 147 -14.74 -1.21 -9.71
CA ILE A 147 -14.33 -1.37 -8.32
C ILE A 147 -13.48 -2.64 -8.19
N ARG A 148 -13.90 -3.72 -8.86
CA ARG A 148 -13.14 -4.95 -8.82
C ARG A 148 -11.74 -4.72 -9.39
N GLU A 149 -11.69 -4.00 -10.51
CA GLU A 149 -10.42 -3.68 -11.15
C GLU A 149 -9.59 -2.73 -10.27
N LEU A 150 -10.27 -1.78 -9.64
CA LEU A 150 -9.61 -0.85 -8.73
C LEU A 150 -9.02 -1.59 -7.53
N ALA A 151 -9.77 -2.56 -7.02
CA ALA A 151 -9.34 -3.30 -5.83
C ALA A 151 -8.01 -4.01 -6.05
N GLU A 152 -7.77 -4.48 -7.27
CA GLU A 152 -6.55 -5.23 -7.54
C GLU A 152 -5.31 -4.37 -7.31
N ILE A 153 -5.32 -3.15 -7.83
CA ILE A 153 -4.17 -2.27 -7.68
C ILE A 153 -3.95 -1.89 -6.22
N ILE A 154 -5.04 -1.63 -5.50
CA ILE A 154 -4.96 -1.34 -4.08
C ILE A 154 -4.33 -2.52 -3.36
N GLU A 155 -4.75 -3.73 -3.73
CA GLU A 155 -4.20 -4.93 -3.10
C GLU A 155 -2.69 -4.99 -3.29
N GLU A 156 -2.22 -4.68 -4.49
CA GLU A 156 -0.79 -4.74 -4.78
C GLU A 156 -0.01 -3.82 -3.87
N LEU A 157 -0.51 -2.61 -3.64
CA LEU A 157 0.17 -1.68 -2.74
C LEU A 157 0.31 -2.28 -1.35
N ILE A 158 -0.71 -3.01 -0.89
CA ILE A 158 -0.60 -3.71 0.38
C ILE A 158 0.49 -4.78 0.31
N ARG A 159 0.57 -5.48 -0.83
CA ARG A 159 1.62 -6.49 -1.00
C ARG A 159 2.99 -5.84 -0.89
N ILE A 160 3.17 -4.74 -1.62
CA ILE A 160 4.46 -4.04 -1.65
C ILE A 160 4.94 -3.71 -0.22
N ILE A 161 4.04 -3.15 0.60
CA ILE A 161 4.46 -2.69 1.93
C ILE A 161 4.91 -3.87 2.79
N ARG A 162 4.05 -4.88 2.96
CA ARG A 162 4.42 -6.06 3.76
C ARG A 162 5.64 -6.76 3.15
N ARG A 163 5.65 -6.84 1.82
CA ARG A 163 6.77 -7.42 1.07
C ARG A 163 8.09 -6.76 1.48
N SER A 164 8.07 -5.44 1.60
CA SER A 164 9.25 -4.70 2.05
C SER A 164 9.41 -4.77 3.56
N ASN A 165 8.29 -4.82 4.28
CA ASN A 165 8.31 -4.82 5.73
C ASN A 165 9.11 -6.01 6.27
N GLU A 166 8.82 -7.20 5.76
CA GLU A 166 9.56 -8.39 6.17
C GLU A 166 11.00 -8.35 5.66
N ALA A 167 11.21 -7.74 4.49
CA ALA A 167 12.54 -7.63 3.92
C ALA A 167 13.46 -6.84 4.86
N ILE A 168 12.94 -5.74 5.37
CA ILE A 168 13.71 -4.92 6.32
C ILE A 168 13.91 -5.68 7.65
N LYS A 169 12.90 -6.46 8.05
CA LYS A 169 12.99 -7.25 9.28
C LYS A 169 14.23 -8.13 9.28
N GLU A 170 14.54 -8.72 8.13
CA GLU A 170 15.70 -9.59 8.00
C GLU A 170 17.01 -8.82 7.81
N LEU A 171 16.93 -7.59 7.29
CA LEU A 171 18.14 -6.80 7.06
C LEU A 171 18.62 -6.13 8.34
N ILE A 172 17.81 -5.26 8.92
CA ILE A 172 18.21 -4.57 10.16
C ILE A 172 18.68 -5.57 11.25
N LYS A 173 18.25 -6.82 11.11
CA LYS A 173 18.68 -7.93 11.97
C LYS A 173 20.20 -8.02 12.06
N ASN A 174 20.87 -7.77 10.95
CA ASN A 174 22.31 -8.00 10.87
C ASN A 174 23.16 -6.79 11.25
N GLN A 175 22.55 -5.73 11.80
CA GLN A 175 23.29 -4.53 12.16
C GLN A 175 23.93 -4.69 13.53
N MET A 22 23.60 -4.75 15.05
CA MET A 22 23.10 -3.40 15.20
C MET A 22 23.79 -2.69 16.36
N THR A 23 23.42 -1.44 16.59
CA THR A 23 23.94 -0.67 17.71
C THR A 23 22.81 0.05 18.43
N SER A 24 23.00 0.33 19.72
CA SER A 24 21.99 1.01 20.50
C SER A 24 21.94 2.49 20.14
N ASP A 25 20.74 3.01 19.89
CA ASP A 25 20.59 4.42 19.53
C ASP A 25 19.11 4.79 19.43
N TYR A 26 18.79 6.03 19.78
CA TYR A 26 17.42 6.52 19.70
C TYR A 26 16.91 6.48 18.26
N ILE A 27 17.74 6.93 17.32
CA ILE A 27 17.31 7.02 15.92
C ILE A 27 17.11 5.63 15.31
N ILE A 28 17.99 4.68 15.64
CA ILE A 28 17.88 3.33 15.08
C ILE A 28 16.59 2.67 15.57
N GLU A 29 16.27 2.86 16.84
CA GLU A 29 15.08 2.24 17.42
C GLU A 29 13.81 2.77 16.76
N GLN A 30 13.75 4.08 16.53
CA GLN A 30 12.55 4.69 15.98
C GLN A 30 12.18 4.06 14.63
N ILE A 31 13.18 3.79 13.81
CA ILE A 31 12.96 3.14 12.52
C ILE A 31 12.22 1.82 12.72
N GLN A 32 12.72 1.01 13.64
CA GLN A 32 12.13 -0.30 13.92
C GLN A 32 10.69 -0.15 14.42
N ARG A 33 10.46 0.81 15.31
CA ARG A 33 9.13 1.00 15.86
C ARG A 33 8.14 1.32 14.75
N LYS A 34 8.55 2.15 13.80
CA LYS A 34 7.67 2.51 12.69
C LYS A 34 7.32 1.27 11.86
N GLN A 35 8.31 0.42 11.62
CA GLN A 35 8.05 -0.84 10.91
C GLN A 35 7.03 -1.68 11.69
N GLU A 36 7.16 -1.67 13.02
CA GLU A 36 6.20 -2.38 13.86
C GLU A 36 4.83 -1.72 13.75
N GLU A 37 4.80 -0.39 13.82
CA GLU A 37 3.55 0.34 13.76
C GLU A 37 2.88 0.16 12.40
N ALA A 38 3.69 0.25 11.34
CA ALA A 38 3.18 0.03 9.99
C ALA A 38 2.68 -1.40 9.83
N ARG A 39 3.40 -2.35 10.41
CA ARG A 39 3.02 -3.76 10.32
C ARG A 39 1.59 -3.97 10.80
N LEU A 40 1.23 -3.27 11.87
CA LEU A 40 -0.13 -3.34 12.39
C LEU A 40 -1.13 -2.81 11.37
N LYS A 41 -0.92 -1.56 10.95
CA LYS A 41 -1.92 -0.90 10.12
C LYS A 41 -2.01 -1.60 8.77
N VAL A 42 -0.86 -1.94 8.17
CA VAL A 42 -0.84 -2.63 6.90
C VAL A 42 -1.71 -3.90 6.96
N GLU A 43 -1.73 -4.57 8.11
CA GLU A 43 -2.63 -5.69 8.31
C GLU A 43 -4.06 -5.20 8.42
N GLU A 44 -4.27 -4.16 9.22
CA GLU A 44 -5.61 -3.61 9.43
C GLU A 44 -6.27 -3.25 8.09
N MET A 45 -5.57 -2.49 7.26
CA MET A 45 -6.13 -2.10 5.98
C MET A 45 -6.43 -3.32 5.11
N GLU A 46 -5.62 -4.37 5.24
CA GLU A 46 -5.86 -5.61 4.52
C GLU A 46 -7.18 -6.23 4.97
N ARG A 47 -7.42 -6.21 6.29
CA ARG A 47 -8.68 -6.69 6.83
C ARG A 47 -9.83 -5.87 6.25
N LYS A 48 -9.64 -4.55 6.25
CA LYS A 48 -10.65 -3.62 5.75
C LYS A 48 -10.88 -3.83 4.25
N LEU A 49 -9.79 -4.09 3.52
CA LEU A 49 -9.89 -4.35 2.09
C LEU A 49 -10.80 -5.54 1.82
N GLU A 50 -10.64 -6.58 2.64
CA GLU A 50 -11.47 -7.78 2.48
C GLU A 50 -12.95 -7.42 2.62
N ALA A 51 -13.26 -6.51 3.55
CA ALA A 51 -14.63 -6.03 3.69
C ALA A 51 -15.09 -5.33 2.41
N VAL A 52 -14.20 -4.55 1.82
CA VAL A 52 -14.49 -3.88 0.55
C VAL A 52 -14.70 -4.93 -0.54
N LYS A 53 -13.86 -5.95 -0.56
CA LYS A 53 -13.94 -6.98 -1.58
C LYS A 53 -15.29 -7.71 -1.52
N GLU A 54 -15.58 -8.33 -0.39
CA GLU A 54 -16.78 -9.14 -0.24
C GLU A 54 -18.03 -8.35 -0.63
N ALA A 55 -18.05 -7.07 -0.29
CA ALA A 55 -19.18 -6.22 -0.64
C ALA A 55 -19.22 -5.94 -2.15
N SER A 56 -18.06 -5.85 -2.77
CA SER A 56 -17.96 -5.50 -4.19
C SER A 56 -18.10 -6.71 -5.12
N LYS A 57 -17.91 -7.92 -4.60
CA LYS A 57 -17.92 -9.11 -5.44
C LYS A 57 -19.20 -9.23 -6.26
N ARG A 58 -20.32 -8.74 -5.74
CA ARG A 58 -21.59 -8.86 -6.44
C ARG A 58 -22.45 -7.60 -6.30
N GLY A 59 -23.49 -7.53 -7.13
CA GLY A 59 -24.32 -6.34 -7.26
C GLY A 59 -24.67 -5.68 -5.92
N VAL A 60 -24.74 -4.35 -5.94
CA VAL A 60 -25.15 -3.58 -4.77
C VAL A 60 -26.15 -2.49 -5.17
N SER A 61 -26.87 -1.95 -4.20
CA SER A 61 -27.80 -0.87 -4.47
C SER A 61 -27.06 0.47 -4.51
N SER A 62 -27.62 1.44 -5.22
CA SER A 62 -26.93 2.71 -5.43
C SER A 62 -26.56 3.37 -4.12
N ASP A 63 -27.43 3.26 -3.12
CA ASP A 63 -27.19 3.92 -1.83
C ASP A 63 -25.91 3.39 -1.18
N GLN A 64 -25.74 2.07 -1.18
CA GLN A 64 -24.52 1.46 -0.65
C GLN A 64 -23.30 1.83 -1.48
N LEU A 65 -23.49 1.92 -2.78
CA LEU A 65 -22.38 2.05 -3.73
C LEU A 65 -21.42 3.19 -3.37
N LEU A 66 -21.96 4.35 -2.98
CA LEU A 66 -21.13 5.54 -2.80
C LEU A 66 -20.09 5.37 -1.71
N ASN A 67 -20.46 4.71 -0.62
CA ASN A 67 -19.56 4.62 0.53
C ASN A 67 -18.47 3.57 0.35
N LEU A 68 -18.66 2.61 -0.55
CA LEU A 68 -17.62 1.62 -0.84
C LEU A 68 -16.41 2.31 -1.46
N ILE A 69 -16.67 3.24 -2.38
CA ILE A 69 -15.60 3.94 -3.07
C ILE A 69 -14.79 4.79 -2.10
N LEU A 70 -15.48 5.52 -1.23
CA LEU A 70 -14.79 6.36 -0.25
C LEU A 70 -13.93 5.51 0.67
N ASP A 71 -14.45 4.36 1.09
CA ASP A 71 -13.69 3.48 1.94
C ASP A 71 -12.48 2.93 1.18
N LEU A 72 -12.72 2.49 -0.05
CA LEU A 72 -11.64 1.98 -0.89
C LEU A 72 -10.62 3.07 -1.19
N ALA A 73 -11.08 4.31 -1.34
CA ALA A 73 -10.16 5.44 -1.47
C ALA A 73 -9.34 5.60 -0.19
N ASP A 74 -9.98 5.40 0.95
CA ASP A 74 -9.28 5.46 2.24
C ASP A 74 -8.18 4.41 2.31
N ILE A 75 -8.34 3.27 1.63
CA ILE A 75 -7.30 2.26 1.60
C ILE A 75 -6.01 2.84 1.03
N ILE A 76 -6.10 3.36 -0.19
CA ILE A 76 -4.93 3.92 -0.85
C ILE A 76 -4.48 5.21 -0.16
N THR A 77 -5.43 6.02 0.30
CA THR A 77 -5.09 7.26 0.98
C THR A 77 -4.33 6.98 2.28
N THR A 78 -4.77 5.96 3.02
CA THR A 78 -4.08 5.58 4.24
C THR A 78 -2.80 4.80 3.92
N LEU A 79 -2.92 3.86 2.99
CA LEU A 79 -1.78 3.01 2.64
C LEU A 79 -0.60 3.84 2.13
N ILE A 80 -0.89 4.85 1.32
CA ILE A 80 0.18 5.63 0.69
C ILE A 80 1.04 6.35 1.74
N GLN A 81 0.43 6.77 2.85
CA GLN A 81 1.17 7.44 3.90
C GLN A 81 2.26 6.52 4.45
N ILE A 82 1.89 5.25 4.64
CA ILE A 82 2.81 4.26 5.21
C ILE A 82 4.04 4.10 4.31
N ILE A 83 3.79 4.10 2.99
CA ILE A 83 4.86 3.97 2.01
C ILE A 83 5.80 5.17 2.09
N GLU A 84 5.24 6.36 2.25
CA GLU A 84 6.04 7.57 2.33
C GLU A 84 6.90 7.60 3.58
N GLU A 85 6.30 7.25 4.71
CA GLU A 85 7.03 7.26 5.98
C GLU A 85 8.03 6.12 6.03
N SER A 86 7.62 4.94 5.55
CA SER A 86 8.49 3.78 5.56
C SER A 86 9.68 3.98 4.62
N ASN A 87 9.43 4.61 3.47
CA ASN A 87 10.50 4.86 2.51
C ASN A 87 11.61 5.70 3.16
N GLU A 88 11.21 6.70 3.94
CA GLU A 88 12.18 7.52 4.65
C GLU A 88 12.97 6.69 5.66
N ALA A 89 12.30 5.73 6.29
CA ALA A 89 12.95 4.87 7.26
C ALA A 89 14.10 4.09 6.62
N ILE A 90 13.85 3.55 5.42
CA ILE A 90 14.88 2.80 4.71
C ILE A 90 16.06 3.72 4.39
N LYS A 91 15.75 4.91 3.92
CA LYS A 91 16.79 5.89 3.57
C LYS A 91 17.67 6.18 4.78
N GLU A 92 17.05 6.28 5.96
CA GLU A 92 17.80 6.43 7.20
C GLU A 92 18.53 5.14 7.56
N LEU A 93 17.87 4.00 7.32
CA LEU A 93 18.43 2.71 7.68
C LEU A 93 19.76 2.47 6.99
N ILE A 94 19.83 2.80 5.70
CA ILE A 94 21.06 2.57 4.93
C ILE A 94 22.14 3.62 5.23
N LYS A 95 21.72 4.82 5.64
CA LYS A 95 22.67 5.91 5.83
C LYS A 95 23.51 5.71 7.08
N ASN A 96 22.88 5.18 8.14
CA ASN A 96 23.55 5.01 9.42
C ASN A 96 24.42 3.74 9.46
N GLN A 97 24.08 2.73 8.65
CA GLN A 97 24.80 1.46 8.68
C GLN A 97 25.77 1.32 7.50
N LYS A 98 25.25 0.98 6.32
CA LYS A 98 26.12 0.72 5.17
C LYS A 98 26.79 2.00 4.68
N GLY A 99 26.04 3.10 4.71
CA GLY A 99 26.54 4.38 4.20
C GLY A 99 25.75 4.80 2.97
N PRO A 100 26.18 5.82 2.25
CA PRO A 100 25.44 6.29 1.03
C PRO A 100 25.68 5.41 -0.20
N THR A 101 26.36 4.28 -0.04
CA THR A 101 26.63 3.39 -1.17
C THR A 101 25.55 2.33 -1.30
N SER A 102 25.48 1.68 -2.46
CA SER A 102 24.48 0.66 -2.71
C SER A 102 25.06 -0.72 -2.49
N ASP A 103 24.20 -1.70 -2.16
CA ASP A 103 24.66 -3.05 -1.93
C ASP A 103 23.66 -4.07 -2.51
N TYR A 104 24.12 -5.31 -2.67
CA TYR A 104 23.33 -6.34 -3.35
C TYR A 104 21.90 -6.42 -2.83
N ILE A 105 21.74 -6.52 -1.52
CA ILE A 105 20.40 -6.66 -0.95
C ILE A 105 19.54 -5.43 -1.20
N ILE A 106 20.15 -4.25 -1.18
CA ILE A 106 19.40 -3.01 -1.37
C ILE A 106 18.79 -2.94 -2.77
N GLU A 107 19.53 -3.38 -3.78
CA GLU A 107 19.04 -3.33 -5.15
C GLU A 107 17.71 -4.07 -5.27
N GLN A 108 17.61 -5.21 -4.61
CA GLN A 108 16.41 -6.03 -4.67
C GLN A 108 15.22 -5.27 -4.08
N ILE A 109 15.47 -4.56 -2.99
CA ILE A 109 14.41 -3.83 -2.29
C ILE A 109 13.88 -2.68 -3.15
N GLN A 110 14.79 -1.94 -3.78
CA GLN A 110 14.41 -0.79 -4.57
C GLN A 110 13.39 -1.17 -5.65
N ARG A 111 13.61 -2.30 -6.32
CA ARG A 111 12.67 -2.74 -7.36
C ARG A 111 11.30 -3.01 -6.74
N ASP A 112 11.28 -3.59 -5.55
CA ASP A 112 10.01 -3.83 -4.87
C ASP A 112 9.27 -2.50 -4.65
N GLN A 113 10.01 -1.44 -4.31
CA GLN A 113 9.41 -0.12 -4.19
C GLN A 113 8.91 0.35 -5.55
N GLU A 114 9.76 0.14 -6.55
CA GLU A 114 9.49 0.60 -7.90
C GLU A 114 8.16 0.05 -8.41
N GLU A 115 7.90 -1.23 -8.14
CA GLU A 115 6.64 -1.83 -8.55
C GLU A 115 5.46 -1.19 -7.83
N ALA A 116 5.65 -0.83 -6.57
CA ALA A 116 4.56 -0.25 -5.79
C ALA A 116 4.11 1.07 -6.42
N ARG A 117 5.05 1.92 -6.77
CA ARG A 117 4.72 3.19 -7.40
C ARG A 117 3.89 2.97 -8.67
N LYS A 118 4.21 1.93 -9.42
CA LYS A 118 3.48 1.65 -10.65
C LYS A 118 2.01 1.40 -10.34
N LYS A 119 1.74 0.50 -9.40
CA LYS A 119 0.37 0.17 -9.03
C LYS A 119 -0.32 1.38 -8.39
N VAL A 120 0.42 2.17 -7.61
CA VAL A 120 -0.16 3.39 -7.02
C VAL A 120 -0.68 4.29 -8.14
N GLU A 121 0.12 4.42 -9.20
CA GLU A 121 -0.30 5.22 -10.34
C GLU A 121 -1.56 4.65 -10.97
N GLU A 122 -1.59 3.32 -11.13
CA GLU A 122 -2.75 2.67 -11.72
C GLU A 122 -3.97 2.78 -10.80
N ALA A 123 -3.75 2.68 -9.50
CA ALA A 123 -4.83 2.75 -8.53
C ALA A 123 -5.50 4.11 -8.59
N GLU A 124 -4.70 5.17 -8.73
CA GLU A 124 -5.24 6.52 -8.81
C GLU A 124 -6.10 6.68 -10.07
N GLU A 125 -5.65 6.10 -11.17
CA GLU A 125 -6.38 6.21 -12.43
C GLU A 125 -7.77 5.59 -12.32
N ARG A 126 -7.83 4.34 -11.89
CA ARG A 126 -9.10 3.66 -11.71
C ARG A 126 -9.99 4.44 -10.74
N LEU A 127 -9.40 4.87 -9.64
CA LEU A 127 -10.13 5.66 -8.65
C LEU A 127 -10.75 6.91 -9.30
N GLU A 128 -10.02 7.51 -10.25
CA GLU A 128 -10.54 8.69 -10.94
C GLU A 128 -11.60 8.30 -11.97
N ARG A 129 -11.33 7.24 -12.73
CA ARG A 129 -12.31 6.76 -13.69
C ARG A 129 -13.61 6.36 -13.00
N VAL A 130 -13.50 5.79 -11.79
CA VAL A 130 -14.69 5.46 -11.01
C VAL A 130 -15.51 6.73 -10.76
N LYS A 131 -14.83 7.84 -10.45
CA LYS A 131 -15.52 9.11 -10.30
C LYS A 131 -16.16 9.51 -11.63
N GLU A 132 -15.41 9.33 -12.71
CA GLU A 132 -15.90 9.71 -14.04
C GLU A 132 -17.13 8.89 -14.43
N ALA A 133 -17.10 7.60 -14.11
CA ALA A 133 -18.20 6.71 -14.49
C ALA A 133 -19.47 7.09 -13.74
N SER A 134 -19.35 7.30 -12.44
CA SER A 134 -20.49 7.70 -11.62
C SER A 134 -20.89 9.14 -11.92
N LYS A 135 -19.90 10.00 -12.17
CA LYS A 135 -20.15 11.41 -12.46
C LYS A 135 -20.91 11.58 -13.78
N ARG A 136 -20.57 10.77 -14.77
CA ARG A 136 -21.20 10.90 -16.09
C ARG A 136 -22.44 10.01 -16.26
N GLY A 137 -22.74 9.15 -15.29
CA GLY A 137 -23.95 8.32 -15.35
C GLY A 137 -23.71 7.00 -16.07
N VAL A 138 -22.47 6.49 -16.04
CA VAL A 138 -22.19 5.19 -16.64
C VAL A 138 -22.89 4.10 -15.84
N SER A 139 -23.43 3.10 -16.55
CA SER A 139 -24.23 2.06 -15.89
C SER A 139 -23.47 1.42 -14.73
N SER A 140 -24.21 0.98 -13.73
CA SER A 140 -23.61 0.38 -12.54
C SER A 140 -23.05 -1.02 -12.82
N ASP A 141 -23.62 -1.72 -13.80
CA ASP A 141 -23.26 -3.11 -14.02
C ASP A 141 -21.77 -3.29 -14.28
N GLN A 142 -21.20 -2.46 -15.17
CA GLN A 142 -19.76 -2.56 -15.44
C GLN A 142 -18.94 -1.45 -14.74
N LEU A 143 -19.60 -0.53 -14.04
CA LEU A 143 -18.90 0.36 -13.11
C LEU A 143 -18.22 -0.49 -12.03
N LEU A 144 -18.95 -1.49 -11.52
CA LEU A 144 -18.41 -2.39 -10.52
C LEU A 144 -17.16 -3.10 -11.04
N ASP A 145 -17.15 -3.43 -12.34
CA ASP A 145 -16.00 -4.10 -12.93
C ASP A 145 -14.73 -3.28 -12.76
N LEU A 146 -14.86 -1.97 -12.90
CA LEU A 146 -13.73 -1.07 -12.64
C LEU A 146 -13.39 -1.06 -11.15
N ILE A 147 -14.40 -1.12 -10.30
CA ILE A 147 -14.18 -1.10 -8.85
C ILE A 147 -13.39 -2.33 -8.40
N ARG A 148 -13.76 -3.51 -8.90
CA ARG A 148 -13.04 -4.72 -8.51
C ARG A 148 -11.60 -4.68 -9.03
N GLU A 149 -11.41 -4.15 -10.23
CA GLU A 149 -10.06 -3.93 -10.74
C GLU A 149 -9.28 -3.02 -9.79
N LEU A 150 -9.94 -1.96 -9.33
CA LEU A 150 -9.32 -1.10 -8.32
C LEU A 150 -9.02 -1.90 -7.05
N ALA A 151 -9.93 -2.79 -6.69
CA ALA A 151 -9.73 -3.64 -5.52
C ALA A 151 -8.52 -4.56 -5.72
N GLU A 152 -8.37 -5.10 -6.92
CA GLU A 152 -7.28 -6.02 -7.19
C GLU A 152 -5.93 -5.31 -7.22
N ILE A 153 -5.85 -4.19 -7.91
CA ILE A 153 -4.60 -3.44 -7.98
C ILE A 153 -4.16 -3.04 -6.57
N ILE A 154 -5.11 -2.60 -5.74
CA ILE A 154 -4.81 -2.33 -4.34
C ILE A 154 -4.30 -3.62 -3.67
N GLU A 155 -4.95 -4.74 -3.98
CA GLU A 155 -4.57 -6.02 -3.39
C GLU A 155 -3.17 -6.44 -3.83
N GLU A 156 -2.84 -6.17 -5.09
CA GLU A 156 -1.52 -6.47 -5.60
C GLU A 156 -0.46 -5.55 -4.98
N LEU A 157 -0.83 -4.29 -4.77
CA LEU A 157 0.07 -3.33 -4.15
C LEU A 157 0.30 -3.70 -2.69
N ILE A 158 -0.76 -3.93 -1.94
CA ILE A 158 -0.64 -4.13 -0.50
C ILE A 158 0.28 -5.33 -0.22
N ARG A 159 0.14 -6.41 -0.98
CA ARG A 159 0.95 -7.61 -0.73
C ARG A 159 2.42 -7.36 -0.98
N ILE A 160 2.75 -6.56 -2.00
CA ILE A 160 4.15 -6.22 -2.25
C ILE A 160 4.74 -5.52 -1.02
N ILE A 161 3.95 -4.66 -0.38
CA ILE A 161 4.40 -3.98 0.83
C ILE A 161 4.75 -5.00 1.92
N ARG A 162 3.96 -6.06 2.00
CA ARG A 162 4.21 -7.11 2.98
C ARG A 162 5.58 -7.74 2.76
N ARG A 163 5.82 -8.21 1.55
CA ARG A 163 7.09 -8.89 1.26
C ARG A 163 8.26 -7.92 1.39
N SER A 164 8.06 -6.66 1.00
CA SER A 164 9.10 -5.65 1.20
C SER A 164 9.35 -5.46 2.70
N ASN A 165 8.27 -5.31 3.46
CA ASN A 165 8.37 -5.15 4.90
C ASN A 165 9.14 -6.30 5.52
N GLU A 166 8.88 -7.51 5.03
CA GLU A 166 9.60 -8.69 5.49
C GLU A 166 11.09 -8.59 5.14
N ALA A 167 11.38 -8.04 3.97
CA ALA A 167 12.76 -7.87 3.53
C ALA A 167 13.50 -6.86 4.43
N ILE A 168 12.79 -5.81 4.84
CA ILE A 168 13.40 -4.82 5.72
C ILE A 168 13.65 -5.42 7.11
N LYS A 169 12.60 -5.95 7.72
CA LYS A 169 12.70 -6.39 9.10
C LYS A 169 13.75 -7.48 9.28
N GLU A 170 13.84 -8.41 8.32
CA GLU A 170 14.84 -9.47 8.40
C GLU A 170 16.27 -8.99 8.15
N LEU A 171 16.41 -7.80 7.56
CA LEU A 171 17.72 -7.23 7.23
C LEU A 171 18.60 -7.10 8.46
N ILE A 172 18.01 -6.74 9.60
CA ILE A 172 18.80 -6.38 10.78
C ILE A 172 19.57 -7.57 11.34
N LYS A 173 19.11 -8.79 11.08
CA LYS A 173 19.83 -9.97 11.55
C LYS A 173 21.24 -9.98 10.97
N ASN A 174 21.34 -9.64 9.69
CA ASN A 174 22.61 -9.68 8.95
C ASN A 174 23.56 -8.55 9.34
N GLN A 175 23.21 -7.72 10.34
CA GLN A 175 24.07 -6.62 10.75
C GLN A 175 24.86 -7.02 11.98
N MET A 22 11.36 -1.97 22.38
CA MET A 22 12.29 -1.34 21.43
C MET A 22 12.34 0.17 21.71
N THR A 23 13.55 0.69 21.93
CA THR A 23 13.70 2.10 22.28
C THR A 23 13.55 2.99 21.04
N SER A 24 13.33 4.27 21.27
CA SER A 24 13.06 5.19 20.18
C SER A 24 14.29 6.00 19.77
N ASP A 25 15.10 6.39 20.74
CA ASP A 25 16.22 7.29 20.47
C ASP A 25 17.14 6.73 19.38
N TYR A 26 17.38 5.42 19.41
CA TYR A 26 18.33 4.82 18.48
C TYR A 26 17.68 4.55 17.13
N ILE A 27 18.39 4.90 16.06
CA ILE A 27 17.84 4.81 14.71
C ILE A 27 17.53 3.37 14.31
N ILE A 28 18.39 2.41 14.67
CA ILE A 28 18.16 1.01 14.30
C ILE A 28 16.82 0.55 14.90
N GLU A 29 16.70 0.66 16.22
CA GLU A 29 15.45 0.27 16.88
C GLU A 29 14.28 1.16 16.46
N GLN A 30 14.55 2.42 16.13
CA GLN A 30 13.52 3.30 15.61
C GLN A 30 12.91 2.70 14.34
N ILE A 31 13.78 2.17 13.48
CA ILE A 31 13.31 1.49 12.26
C ILE A 31 12.43 0.30 12.68
N GLN A 32 12.89 -0.47 13.65
CA GLN A 32 12.13 -1.62 14.12
C GLN A 32 10.75 -1.17 14.62
N ARG A 33 10.73 -0.07 15.37
CA ARG A 33 9.47 0.52 15.79
C ARG A 33 8.66 0.94 14.58
N LYS A 34 9.32 1.54 13.58
CA LYS A 34 8.60 2.09 12.44
C LYS A 34 7.79 0.99 11.74
N GLN A 35 8.39 -0.17 11.54
CA GLN A 35 7.71 -1.25 10.83
C GLN A 35 6.51 -1.75 11.64
N GLU A 36 6.65 -1.80 12.96
CA GLU A 36 5.56 -2.22 13.83
C GLU A 36 4.38 -1.28 13.68
N GLU A 37 4.66 0.01 13.64
CA GLU A 37 3.61 1.01 13.43
C GLU A 37 2.96 0.83 12.06
N ALA A 38 3.75 0.43 11.07
CA ALA A 38 3.22 0.21 9.73
C ALA A 38 2.28 -1.00 9.72
N ARG A 39 2.77 -2.14 10.19
CA ARG A 39 2.01 -3.39 10.12
C ARG A 39 0.64 -3.24 10.79
N LEU A 40 0.59 -2.49 11.89
CA LEU A 40 -0.67 -2.31 12.62
C LEU A 40 -1.75 -1.76 11.68
N LYS A 41 -1.37 -0.79 10.84
CA LYS A 41 -2.30 -0.27 9.85
C LYS A 41 -2.60 -1.33 8.78
N VAL A 42 -1.56 -2.02 8.31
CA VAL A 42 -1.71 -2.99 7.24
C VAL A 42 -2.76 -4.04 7.62
N GLU A 43 -2.65 -4.60 8.81
CA GLU A 43 -3.60 -5.61 9.27
C GLU A 43 -5.03 -5.09 9.19
N GLU A 44 -5.21 -3.80 9.45
CA GLU A 44 -6.53 -3.19 9.36
C GLU A 44 -6.99 -3.10 7.91
N MET A 45 -6.05 -2.77 7.00
CA MET A 45 -6.39 -2.66 5.60
C MET A 45 -6.87 -3.99 5.04
N GLU A 46 -6.16 -5.06 5.40
CA GLU A 46 -6.41 -6.36 4.80
C GLU A 46 -7.82 -6.87 5.05
N ARG A 47 -8.35 -6.59 6.25
CA ARG A 47 -9.70 -7.05 6.59
C ARG A 47 -10.75 -6.21 5.87
N LYS A 48 -10.49 -4.92 5.70
CA LYS A 48 -11.33 -4.09 4.85
C LYS A 48 -11.25 -4.60 3.41
N LEU A 49 -10.01 -4.70 2.92
CA LEU A 49 -9.76 -5.12 1.55
C LEU A 49 -10.42 -6.46 1.27
N GLU A 50 -10.31 -7.37 2.23
CA GLU A 50 -10.99 -8.66 2.13
C GLU A 50 -12.50 -8.46 2.06
N ALA A 51 -13.01 -7.51 2.85
CA ALA A 51 -14.44 -7.25 2.87
C ALA A 51 -14.91 -6.66 1.54
N VAL A 52 -14.11 -5.76 0.97
CA VAL A 52 -14.48 -5.11 -0.28
C VAL A 52 -14.64 -6.14 -1.40
N LYS A 53 -13.66 -7.03 -1.54
CA LYS A 53 -13.71 -8.04 -2.60
C LYS A 53 -14.91 -8.96 -2.43
N GLU A 54 -15.19 -9.35 -1.19
CA GLU A 54 -16.34 -10.21 -0.92
C GLU A 54 -17.65 -9.50 -1.25
N ALA A 55 -17.70 -8.19 -0.99
CA ALA A 55 -18.91 -7.42 -1.25
C ALA A 55 -19.24 -7.41 -2.74
N SER A 56 -18.22 -7.26 -3.57
CA SER A 56 -18.42 -7.21 -5.02
C SER A 56 -18.89 -8.57 -5.55
N LYS A 57 -18.30 -9.64 -5.00
CA LYS A 57 -18.66 -10.99 -5.42
C LYS A 57 -20.13 -11.30 -5.10
N ARG A 58 -20.60 -10.81 -3.96
CA ARG A 58 -21.94 -11.17 -3.49
C ARG A 58 -23.02 -10.13 -3.84
N GLY A 59 -22.63 -9.01 -4.46
CA GLY A 59 -23.61 -8.03 -4.92
C GLY A 59 -24.01 -7.05 -3.82
N VAL A 60 -24.03 -5.77 -4.17
CA VAL A 60 -24.42 -4.72 -3.24
C VAL A 60 -25.40 -3.75 -3.90
N SER A 61 -26.16 -3.03 -3.08
CA SER A 61 -27.15 -2.08 -3.60
C SER A 61 -26.48 -0.77 -4.02
N SER A 62 -27.18 0.00 -4.85
CA SER A 62 -26.62 1.24 -5.40
C SER A 62 -26.21 2.22 -4.31
N ASP A 63 -27.03 2.32 -3.26
CA ASP A 63 -26.71 3.20 -2.14
C ASP A 63 -25.43 2.75 -1.47
N GLN A 64 -25.28 1.43 -1.31
CA GLN A 64 -24.05 0.85 -0.78
C GLN A 64 -22.86 1.07 -1.72
N LEU A 65 -23.13 1.15 -3.02
CA LEU A 65 -22.08 1.24 -4.04
C LEU A 65 -21.03 2.29 -3.69
N LEU A 66 -21.48 3.45 -3.21
CA LEU A 66 -20.55 4.52 -2.87
C LEU A 66 -19.57 4.09 -1.79
N ASN A 67 -20.05 3.31 -0.82
CA ASN A 67 -19.23 2.90 0.31
C ASN A 67 -17.91 2.27 -0.13
N LEU A 68 -17.95 1.49 -1.20
CA LEU A 68 -16.75 0.81 -1.66
C LEU A 68 -15.68 1.83 -2.07
N ILE A 69 -16.12 2.87 -2.78
CA ILE A 69 -15.19 3.91 -3.22
C ILE A 69 -14.58 4.60 -2.00
N LEU A 70 -15.40 4.92 -1.00
CA LEU A 70 -14.89 5.57 0.20
C LEU A 70 -13.90 4.66 0.92
N ASP A 71 -14.22 3.37 0.99
CA ASP A 71 -13.33 2.41 1.63
C ASP A 71 -11.98 2.36 0.92
N LEU A 72 -12.03 2.25 -0.41
CA LEU A 72 -10.81 2.25 -1.21
C LEU A 72 -10.08 3.59 -1.10
N ALA A 73 -10.85 4.67 -1.02
CA ALA A 73 -10.25 6.00 -0.85
C ALA A 73 -9.51 6.09 0.48
N ASP A 74 -10.03 5.43 1.51
CA ASP A 74 -9.36 5.41 2.80
C ASP A 74 -8.06 4.61 2.72
N ILE A 75 -8.14 3.42 2.13
CA ILE A 75 -6.97 2.56 2.02
C ILE A 75 -5.87 3.22 1.16
N ILE A 76 -6.25 3.72 -0.01
CA ILE A 76 -5.26 4.32 -0.91
C ILE A 76 -4.57 5.51 -0.22
N THR A 77 -5.35 6.38 0.40
CA THR A 77 -4.78 7.57 1.04
C THR A 77 -3.83 7.17 2.15
N THR A 78 -4.21 6.16 2.93
CA THR A 78 -3.35 5.66 3.99
C THR A 78 -2.04 5.15 3.41
N LEU A 79 -2.13 4.42 2.29
CA LEU A 79 -0.95 3.84 1.68
C LEU A 79 0.01 4.92 1.19
N ILE A 80 -0.55 6.02 0.67
CA ILE A 80 0.28 7.14 0.23
C ILE A 80 1.09 7.68 1.41
N GLN A 81 0.49 7.74 2.60
CA GLN A 81 1.18 8.25 3.76
C GLN A 81 2.31 7.32 4.19
N ILE A 82 2.05 6.02 4.12
CA ILE A 82 3.05 5.03 4.55
C ILE A 82 4.27 5.07 3.63
N ILE A 83 4.05 5.05 2.32
CA ILE A 83 5.17 5.06 1.38
C ILE A 83 6.06 6.30 1.57
N GLU A 84 5.47 7.42 1.96
CA GLU A 84 6.24 8.63 2.23
C GLU A 84 7.07 8.48 3.49
N GLU A 85 6.47 7.92 4.53
CA GLU A 85 7.18 7.68 5.78
C GLU A 85 8.24 6.60 5.60
N SER A 86 7.90 5.56 4.86
CA SER A 86 8.83 4.47 4.63
C SER A 86 10.05 4.95 3.84
N ASN A 87 9.80 5.59 2.70
CA ASN A 87 10.88 6.02 1.83
C ASN A 87 11.89 6.88 2.59
N GLU A 88 11.40 7.81 3.39
CA GLU A 88 12.31 8.69 4.14
C GLU A 88 13.16 7.89 5.13
N ALA A 89 12.56 6.86 5.72
CA ALA A 89 13.28 6.01 6.67
C ALA A 89 14.40 5.25 5.97
N ILE A 90 14.14 4.79 4.75
CA ILE A 90 15.15 4.10 3.96
C ILE A 90 16.34 5.02 3.73
N LYS A 91 16.06 6.29 3.41
CA LYS A 91 17.12 7.26 3.18
C LYS A 91 18.03 7.38 4.40
N GLU A 92 17.43 7.37 5.59
CA GLU A 92 18.20 7.41 6.83
C GLU A 92 18.98 6.12 7.02
N LEU A 93 18.34 4.99 6.68
CA LEU A 93 18.96 3.69 6.88
C LEU A 93 20.13 3.48 5.92
N ILE A 94 19.92 3.78 4.63
CA ILE A 94 20.92 3.49 3.61
C ILE A 94 22.22 4.25 3.88
N LYS A 95 22.12 5.52 4.26
CA LYS A 95 23.31 6.32 4.54
C LYS A 95 24.01 5.84 5.82
N ASN A 96 23.22 5.41 6.80
CA ASN A 96 23.79 4.86 8.03
C ASN A 96 24.74 3.70 7.72
N GLN A 97 24.41 2.89 6.72
CA GLN A 97 25.32 1.86 6.24
C GLN A 97 26.35 2.40 5.23
N LYS A 98 26.54 3.72 5.20
CA LYS A 98 27.56 4.36 4.37
C LYS A 98 27.24 4.29 2.88
N GLY A 99 26.04 4.74 2.51
CA GLY A 99 25.71 5.01 1.11
C GLY A 99 25.03 3.84 0.41
N PRO A 100 24.56 4.02 -0.81
CA PRO A 100 23.94 2.90 -1.58
C PRO A 100 24.96 1.83 -1.93
N THR A 101 24.52 0.57 -1.98
CA THR A 101 25.43 -0.53 -2.28
C THR A 101 24.76 -1.56 -3.19
N SER A 102 25.57 -2.39 -3.83
CA SER A 102 25.05 -3.46 -4.68
C SER A 102 24.64 -4.70 -3.89
N ASP A 103 24.57 -4.60 -2.55
CA ASP A 103 24.17 -5.74 -1.73
C ASP A 103 22.80 -6.26 -2.17
N TYR A 104 22.64 -7.57 -2.15
CA TYR A 104 21.46 -8.20 -2.72
C TYR A 104 20.17 -7.67 -2.10
N ILE A 105 20.08 -7.71 -0.78
CA ILE A 105 18.84 -7.35 -0.10
C ILE A 105 18.47 -5.88 -0.33
N ILE A 106 19.48 -5.02 -0.36
CA ILE A 106 19.24 -3.59 -0.55
C ILE A 106 18.60 -3.34 -1.91
N GLU A 107 19.06 -4.06 -2.93
CA GLU A 107 18.49 -3.89 -4.27
C GLU A 107 16.99 -4.19 -4.26
N GLN A 108 16.58 -5.20 -3.50
CA GLN A 108 15.17 -5.56 -3.42
C GLN A 108 14.37 -4.43 -2.76
N ILE A 109 14.94 -3.85 -1.72
CA ILE A 109 14.27 -2.77 -0.99
C ILE A 109 14.06 -1.57 -1.91
N GLN A 110 15.11 -1.17 -2.62
CA GLN A 110 15.02 0.04 -3.44
C GLN A 110 14.00 -0.15 -4.55
N ARG A 111 14.09 -1.27 -5.25
CA ARG A 111 13.19 -1.56 -6.37
C ARG A 111 11.74 -1.68 -5.92
N ASP A 112 11.50 -2.30 -4.76
CA ASP A 112 10.14 -2.51 -4.28
C ASP A 112 9.45 -1.17 -4.06
N GLN A 113 10.18 -0.22 -3.49
CA GLN A 113 9.64 1.10 -3.24
C GLN A 113 9.29 1.79 -4.57
N GLU A 114 10.14 1.60 -5.58
CA GLU A 114 9.87 2.17 -6.90
C GLU A 114 8.59 1.59 -7.47
N GLU A 115 8.41 0.27 -7.33
CA GLU A 115 7.22 -0.38 -7.85
C GLU A 115 5.96 0.13 -7.14
N ALA A 116 6.08 0.39 -5.84
CA ALA A 116 4.96 0.92 -5.07
C ALA A 116 4.52 2.27 -5.63
N ARG A 117 5.50 3.11 -5.95
CA ARG A 117 5.19 4.40 -6.55
C ARG A 117 4.44 4.23 -7.86
N LYS A 118 4.87 3.25 -8.67
CA LYS A 118 4.20 2.98 -9.93
C LYS A 118 2.80 2.43 -9.72
N LYS A 119 2.63 1.59 -8.71
CA LYS A 119 1.35 0.89 -8.55
C LYS A 119 0.35 1.73 -7.75
N VAL A 120 0.82 2.63 -6.89
CA VAL A 120 -0.07 3.65 -6.32
C VAL A 120 -0.62 4.51 -7.44
N GLU A 121 0.24 4.86 -8.41
CA GLU A 121 -0.19 5.67 -9.54
C GLU A 121 -1.32 4.98 -10.31
N GLU A 122 -1.25 3.66 -10.44
CA GLU A 122 -2.31 2.91 -11.11
C GLU A 122 -3.63 3.03 -10.36
N ALA A 123 -3.55 2.99 -9.03
CA ALA A 123 -4.73 3.14 -8.20
C ALA A 123 -5.37 4.51 -8.43
N GLU A 124 -4.54 5.54 -8.39
CA GLU A 124 -5.02 6.90 -8.62
C GLU A 124 -5.49 7.05 -10.06
N GLU A 125 -4.71 6.53 -11.00
CA GLU A 125 -5.03 6.64 -12.42
C GLU A 125 -6.40 6.04 -12.70
N ARG A 126 -6.66 4.84 -12.17
CA ARG A 126 -7.97 4.22 -12.33
C ARG A 126 -9.01 4.89 -11.42
N LEU A 127 -8.59 5.36 -10.26
CA LEU A 127 -9.51 6.05 -9.36
C LEU A 127 -10.11 7.27 -10.06
N GLU A 128 -9.28 8.02 -10.77
CA GLU A 128 -9.76 9.20 -11.47
C GLU A 128 -10.81 8.83 -12.51
N ARG A 129 -10.58 7.71 -13.18
CA ARG A 129 -11.54 7.21 -14.16
C ARG A 129 -12.87 6.88 -13.47
N VAL A 130 -12.80 6.31 -12.26
CA VAL A 130 -14.01 6.00 -11.51
C VAL A 130 -14.76 7.29 -11.18
N LYS A 131 -14.03 8.30 -10.75
CA LYS A 131 -14.65 9.60 -10.44
C LYS A 131 -15.37 10.15 -11.67
N GLU A 132 -14.71 10.04 -12.82
CA GLU A 132 -15.32 10.46 -14.08
C GLU A 132 -16.50 9.56 -14.45
N ALA A 133 -16.37 8.27 -14.16
CA ALA A 133 -17.44 7.33 -14.47
C ALA A 133 -18.71 7.70 -13.73
N SER A 134 -18.60 7.89 -12.42
CA SER A 134 -19.73 8.36 -11.63
C SER A 134 -20.17 9.76 -12.07
N LYS A 135 -19.21 10.59 -12.44
CA LYS A 135 -19.51 11.95 -12.90
C LYS A 135 -20.38 11.91 -14.17
N ARG A 136 -20.08 10.97 -15.07
CA ARG A 136 -20.77 10.89 -16.35
C ARG A 136 -21.98 9.95 -16.35
N GLY A 137 -22.30 9.35 -15.21
CA GLY A 137 -23.50 8.51 -15.10
C GLY A 137 -23.29 7.12 -15.69
N VAL A 138 -22.26 6.42 -15.24
CA VAL A 138 -22.01 5.04 -15.66
C VAL A 138 -22.87 4.09 -14.83
N SER A 139 -23.45 3.09 -15.49
CA SER A 139 -24.35 2.17 -14.80
C SER A 139 -23.64 1.46 -13.66
N SER A 140 -24.42 1.06 -12.65
CA SER A 140 -23.87 0.46 -11.44
C SER A 140 -23.13 -0.84 -11.73
N ASP A 141 -23.68 -1.66 -12.63
CA ASP A 141 -23.13 -2.98 -12.88
C ASP A 141 -21.73 -2.90 -13.47
N GLN A 142 -21.54 -2.07 -14.49
CA GLN A 142 -20.24 -1.92 -15.13
C GLN A 142 -19.29 -1.11 -14.27
N LEU A 143 -19.82 -0.10 -13.57
CA LEU A 143 -19.01 0.72 -12.68
C LEU A 143 -18.25 -0.14 -11.68
N LEU A 144 -18.92 -1.17 -11.18
CA LEU A 144 -18.31 -2.09 -10.23
C LEU A 144 -17.06 -2.74 -10.83
N ASP A 145 -17.11 -3.07 -12.12
CA ASP A 145 -15.99 -3.72 -12.79
C ASP A 145 -14.70 -2.92 -12.61
N LEU A 146 -14.81 -1.59 -12.61
CA LEU A 146 -13.66 -0.74 -12.35
C LEU A 146 -13.18 -0.89 -10.91
N ILE A 147 -14.12 -0.99 -9.98
CA ILE A 147 -13.80 -1.05 -8.56
C ILE A 147 -13.07 -2.35 -8.22
N ARG A 148 -13.48 -3.45 -8.84
CA ARG A 148 -12.87 -4.75 -8.56
C ARG A 148 -11.39 -4.72 -8.98
N GLU A 149 -11.10 -4.10 -10.12
CA GLU A 149 -9.72 -3.96 -10.55
C GLU A 149 -8.95 -3.12 -9.55
N LEU A 150 -9.54 -2.01 -9.12
CA LEU A 150 -8.91 -1.16 -8.11
C LEU A 150 -8.67 -1.96 -6.84
N ALA A 151 -9.69 -2.70 -6.43
CA ALA A 151 -9.62 -3.47 -5.20
C ALA A 151 -8.44 -4.43 -5.20
N GLU A 152 -8.16 -5.03 -6.36
CA GLU A 152 -7.08 -6.01 -6.45
C GLU A 152 -5.72 -5.38 -6.79
N ILE A 153 -5.72 -4.17 -7.35
CA ILE A 153 -4.47 -3.43 -7.52
C ILE A 153 -3.93 -3.00 -6.15
N ILE A 154 -4.83 -2.61 -5.25
CA ILE A 154 -4.45 -2.38 -3.86
C ILE A 154 -3.93 -3.69 -3.25
N GLU A 155 -4.52 -4.82 -3.62
CA GLU A 155 -4.12 -6.11 -3.04
C GLU A 155 -2.63 -6.35 -3.28
N GLU A 156 -2.15 -6.03 -4.48
CA GLU A 156 -0.73 -6.24 -4.79
C GLU A 156 0.08 -5.14 -4.12
N LEU A 157 -0.39 -3.90 -4.21
CA LEU A 157 0.25 -2.78 -3.53
C LEU A 157 0.43 -3.09 -2.03
N ILE A 158 -0.57 -3.72 -1.44
CA ILE A 158 -0.46 -4.21 -0.07
C ILE A 158 0.71 -5.21 0.02
N ARG A 159 0.86 -6.08 -0.98
CA ARG A 159 1.97 -7.02 -0.99
C ARG A 159 3.30 -6.29 -1.16
N ILE A 160 3.33 -5.28 -2.04
CA ILE A 160 4.52 -4.46 -2.19
C ILE A 160 4.91 -3.83 -0.87
N ILE A 161 3.99 -3.05 -0.30
CA ILE A 161 4.25 -2.40 0.99
C ILE A 161 4.56 -3.47 2.04
N ARG A 162 3.78 -4.55 2.05
CA ARG A 162 3.97 -5.62 3.04
C ARG A 162 5.37 -6.20 2.91
N ARG A 163 5.81 -6.43 1.69
CA ARG A 163 7.12 -7.02 1.45
C ARG A 163 8.24 -6.10 1.93
N SER A 164 8.04 -4.79 1.84
CA SER A 164 9.09 -3.85 2.21
C SER A 164 9.41 -3.94 3.70
N ASN A 165 8.39 -4.05 4.55
CA ASN A 165 8.64 -4.17 6.00
C ASN A 165 9.30 -5.53 6.29
N GLU A 166 8.79 -6.58 5.65
CA GLU A 166 9.36 -7.91 5.82
C GLU A 166 10.85 -7.91 5.47
N ALA A 167 11.21 -7.17 4.43
CA ALA A 167 12.60 -7.06 4.01
C ALA A 167 13.42 -6.44 5.14
N ILE A 168 12.89 -5.39 5.75
CA ILE A 168 13.54 -4.78 6.91
C ILE A 168 13.67 -5.81 8.02
N LYS A 169 12.60 -6.56 8.28
CA LYS A 169 12.64 -7.60 9.30
C LYS A 169 13.71 -8.63 8.97
N GLU A 170 13.77 -9.07 7.72
CA GLU A 170 14.80 -10.02 7.31
C GLU A 170 16.20 -9.42 7.45
N LEU A 171 16.32 -8.11 7.20
CA LEU A 171 17.61 -7.45 7.28
C LEU A 171 18.21 -7.56 8.68
N ILE A 172 17.37 -7.38 9.70
CA ILE A 172 17.82 -7.45 11.09
C ILE A 172 17.72 -8.89 11.60
N LYS A 173 16.67 -9.61 11.19
CA LYS A 173 16.46 -10.98 11.64
C LYS A 173 17.68 -11.85 11.35
N ASN A 174 18.33 -11.60 10.20
CA ASN A 174 19.52 -12.33 9.78
C ASN A 174 19.18 -13.79 9.46
N GLN A 175 18.83 -14.56 10.48
CA GLN A 175 18.52 -15.98 10.30
C GLN A 175 17.01 -16.21 10.35
N MET A 22 15.26 2.83 29.80
CA MET A 22 15.43 1.40 29.61
C MET A 22 15.30 1.02 28.14
N THR A 23 14.28 1.57 27.50
CA THR A 23 14.04 1.30 26.08
C THR A 23 13.65 2.58 25.37
N SER A 24 13.39 2.46 24.06
CA SER A 24 13.05 3.61 23.22
C SER A 24 14.02 4.77 23.42
N ASP A 25 15.29 4.45 23.67
CA ASP A 25 16.32 5.46 23.85
C ASP A 25 17.28 5.56 22.66
N TYR A 26 17.27 4.57 21.76
CA TYR A 26 18.20 4.55 20.63
C TYR A 26 17.45 4.67 19.29
N ILE A 27 18.15 5.20 18.29
CA ILE A 27 17.53 5.46 16.99
C ILE A 27 16.99 4.18 16.35
N ILE A 28 17.73 3.09 16.48
CA ILE A 28 17.29 1.81 15.90
C ILE A 28 15.91 1.41 16.42
N GLU A 29 15.66 1.69 17.70
CA GLU A 29 14.41 1.29 18.32
C GLU A 29 13.23 2.02 17.70
N GLN A 30 13.43 3.28 17.32
CA GLN A 30 12.38 4.05 16.65
C GLN A 30 12.04 3.41 15.31
N ILE A 31 13.06 2.95 14.60
CA ILE A 31 12.85 2.32 13.30
C ILE A 31 12.03 1.05 13.44
N GLN A 32 12.30 0.27 14.47
CA GLN A 32 11.55 -0.96 14.70
C GLN A 32 10.08 -0.63 14.90
N ARG A 33 9.81 0.37 15.74
CA ARG A 33 8.44 0.79 16.02
C ARG A 33 7.76 1.22 14.73
N LYS A 34 8.49 1.95 13.88
CA LYS A 34 7.93 2.44 12.63
C LYS A 34 7.50 1.25 11.76
N GLN A 35 8.33 0.21 11.73
CA GLN A 35 8.01 -0.99 10.97
C GLN A 35 6.73 -1.62 11.52
N GLU A 36 6.59 -1.65 12.85
CA GLU A 36 5.38 -2.16 13.46
C GLU A 36 4.16 -1.37 13.02
N GLU A 37 4.34 -0.05 12.87
CA GLU A 37 3.25 0.79 12.35
C GLU A 37 2.93 0.38 10.92
N ALA A 38 3.96 0.15 10.12
CA ALA A 38 3.76 -0.29 8.74
C ALA A 38 3.07 -1.65 8.74
N ARG A 39 3.53 -2.54 9.60
CA ARG A 39 2.92 -3.86 9.74
C ARG A 39 1.47 -3.72 10.18
N LEU A 40 1.24 -2.82 11.14
CA LEU A 40 -0.10 -2.66 11.72
C LEU A 40 -1.05 -1.98 10.76
N LYS A 41 -0.62 -0.86 10.17
CA LYS A 41 -1.51 -0.09 9.30
C LYS A 41 -1.97 -0.98 8.14
N VAL A 42 -1.02 -1.52 7.39
CA VAL A 42 -1.35 -2.35 6.22
C VAL A 42 -2.31 -3.47 6.61
N GLU A 43 -2.07 -4.10 7.75
CA GLU A 43 -2.91 -5.20 8.21
C GLU A 43 -4.37 -4.76 8.31
N GLU A 44 -4.58 -3.54 8.81
CA GLU A 44 -5.94 -3.03 8.95
C GLU A 44 -6.56 -2.77 7.59
N MET A 45 -5.80 -2.12 6.71
CA MET A 45 -6.30 -1.78 5.38
C MET A 45 -6.55 -3.04 4.54
N GLU A 46 -5.87 -4.15 4.84
CA GLU A 46 -6.22 -5.42 4.22
C GLU A 46 -7.68 -5.77 4.48
N ARG A 47 -8.14 -5.50 5.70
CA ARG A 47 -9.53 -5.73 6.04
C ARG A 47 -10.44 -4.83 5.21
N LYS A 48 -10.01 -3.59 4.95
CA LYS A 48 -10.75 -2.71 4.06
C LYS A 48 -10.88 -3.36 2.69
N LEU A 49 -9.76 -3.89 2.20
CA LEU A 49 -9.75 -4.61 0.94
C LEU A 49 -10.63 -5.86 1.02
N GLU A 50 -10.55 -6.56 2.14
CA GLU A 50 -11.33 -7.79 2.31
C GLU A 50 -12.82 -7.51 2.13
N ALA A 51 -13.28 -6.36 2.63
CA ALA A 51 -14.68 -6.00 2.52
C ALA A 51 -15.07 -5.76 1.06
N VAL A 52 -14.19 -5.09 0.32
CA VAL A 52 -14.47 -4.78 -1.08
C VAL A 52 -14.59 -6.07 -1.89
N LYS A 53 -13.70 -7.02 -1.64
CA LYS A 53 -13.74 -8.29 -2.37
C LYS A 53 -15.08 -8.99 -2.16
N GLU A 54 -15.54 -9.03 -0.92
CA GLU A 54 -16.79 -9.71 -0.59
C GLU A 54 -18.00 -8.97 -1.18
N ALA A 55 -17.96 -7.65 -1.15
CA ALA A 55 -19.08 -6.85 -1.62
C ALA A 55 -19.36 -7.12 -3.09
N SER A 56 -18.29 -7.17 -3.88
CA SER A 56 -18.42 -7.46 -5.31
C SER A 56 -18.93 -8.89 -5.53
N LYS A 57 -18.43 -9.82 -4.73
CA LYS A 57 -18.84 -11.22 -4.87
C LYS A 57 -20.33 -11.39 -4.56
N ARG A 58 -20.76 -10.84 -3.43
CA ARG A 58 -22.14 -10.97 -3.00
C ARG A 58 -23.11 -10.21 -3.91
N GLY A 59 -22.65 -9.10 -4.49
CA GLY A 59 -23.50 -8.30 -5.37
C GLY A 59 -24.40 -7.38 -4.56
N VAL A 60 -23.80 -6.66 -3.61
CA VAL A 60 -24.54 -5.76 -2.73
C VAL A 60 -25.19 -4.63 -3.52
N SER A 61 -26.19 -3.98 -2.90
CA SER A 61 -26.91 -2.90 -3.56
C SER A 61 -25.95 -1.76 -3.94
N SER A 62 -26.41 -0.91 -4.85
CA SER A 62 -25.59 0.18 -5.36
C SER A 62 -25.24 1.19 -4.27
N ASP A 63 -26.20 1.46 -3.38
CA ASP A 63 -25.99 2.48 -2.36
C ASP A 63 -24.75 2.18 -1.52
N GLN A 64 -24.56 0.92 -1.16
CA GLN A 64 -23.36 0.51 -0.44
C GLN A 64 -22.15 0.63 -1.37
N LEU A 65 -22.31 0.17 -2.61
CA LEU A 65 -21.24 0.18 -3.59
C LEU A 65 -20.63 1.58 -3.70
N LEU A 66 -21.49 2.60 -3.74
CA LEU A 66 -21.00 3.97 -3.78
C LEU A 66 -20.25 4.32 -2.49
N ASN A 67 -20.78 3.86 -1.36
CA ASN A 67 -20.14 4.12 -0.07
C ASN A 67 -18.75 3.47 0.02
N LEU A 68 -18.56 2.34 -0.66
CA LEU A 68 -17.24 1.71 -0.68
C LEU A 68 -16.18 2.68 -1.21
N ILE A 69 -16.56 3.61 -2.09
CA ILE A 69 -15.61 4.56 -2.68
C ILE A 69 -14.83 5.26 -1.57
N LEU A 70 -15.54 5.64 -0.50
CA LEU A 70 -14.89 6.34 0.61
C LEU A 70 -13.78 5.49 1.19
N ASP A 71 -14.06 4.20 1.38
CA ASP A 71 -13.04 3.29 1.89
C ASP A 71 -11.87 3.21 0.92
N LEU A 72 -12.18 3.12 -0.37
CA LEU A 72 -11.13 3.04 -1.38
C LEU A 72 -10.23 4.28 -1.33
N ALA A 73 -10.82 5.44 -1.04
CA ALA A 73 -10.04 6.67 -0.92
C ALA A 73 -9.09 6.59 0.25
N ASP A 74 -9.56 6.03 1.37
CA ASP A 74 -8.74 5.90 2.56
C ASP A 74 -7.49 5.07 2.27
N ILE A 75 -7.65 4.03 1.46
CA ILE A 75 -6.54 3.17 1.08
C ILE A 75 -5.43 4.00 0.44
N ILE A 76 -5.77 4.62 -0.69
CA ILE A 76 -4.78 5.26 -1.55
C ILE A 76 -4.09 6.42 -0.82
N THR A 77 -4.86 7.24 -0.13
CA THR A 77 -4.31 8.43 0.51
C THR A 77 -3.40 8.07 1.69
N THR A 78 -3.78 7.02 2.42
CA THR A 78 -3.07 6.66 3.64
C THR A 78 -1.73 5.96 3.34
N LEU A 79 -1.76 4.98 2.44
CA LEU A 79 -0.59 4.13 2.21
C LEU A 79 0.59 4.91 1.62
N ILE A 80 0.31 5.85 0.71
CA ILE A 80 1.39 6.60 0.08
C ILE A 80 2.26 7.30 1.13
N GLN A 81 1.62 7.83 2.17
CA GLN A 81 2.34 8.52 3.23
C GLN A 81 3.32 7.59 3.92
N ILE A 82 2.88 6.35 4.16
CA ILE A 82 3.74 5.34 4.75
C ILE A 82 4.95 5.08 3.85
N ILE A 83 4.70 5.01 2.54
CA ILE A 83 5.78 4.83 1.57
C ILE A 83 6.79 5.97 1.69
N GLU A 84 6.30 7.19 1.90
CA GLU A 84 7.18 8.34 2.06
C GLU A 84 8.04 8.21 3.30
N GLU A 85 7.42 7.74 4.39
CA GLU A 85 8.12 7.63 5.66
C GLU A 85 9.18 6.53 5.63
N SER A 86 8.85 5.40 5.00
CA SER A 86 9.81 4.31 4.88
C SER A 86 11.06 4.76 4.13
N ASN A 87 10.89 5.65 3.15
CA ASN A 87 12.02 6.22 2.43
C ASN A 87 12.97 6.92 3.43
N GLU A 88 12.39 7.61 4.41
CA GLU A 88 13.20 8.24 5.46
C GLU A 88 13.86 7.21 6.36
N ALA A 89 13.13 6.13 6.65
CA ALA A 89 13.63 5.11 7.56
C ALA A 89 14.76 4.29 6.93
N ILE A 90 14.65 4.01 5.63
CA ILE A 90 15.56 3.08 4.98
C ILE A 90 16.98 3.66 4.86
N LYS A 91 17.10 4.98 4.71
CA LYS A 91 18.41 5.57 4.43
C LYS A 91 19.33 5.67 5.64
N GLU A 92 18.87 5.23 6.81
CA GLU A 92 19.80 4.92 7.90
C GLU A 92 20.62 3.67 7.55
N LEU A 93 19.96 2.69 6.92
CA LEU A 93 20.61 1.45 6.52
C LEU A 93 21.59 1.70 5.38
N ILE A 94 21.23 2.59 4.46
CA ILE A 94 22.11 2.92 3.33
C ILE A 94 23.48 3.37 3.85
N LYS A 95 23.51 4.09 4.96
CA LYS A 95 24.78 4.44 5.59
C LYS A 95 25.54 3.17 5.97
N ASN A 96 24.81 2.22 6.56
CA ASN A 96 25.45 0.99 7.05
C ASN A 96 25.94 0.13 5.88
N GLN A 97 25.12 0.03 4.83
CA GLN A 97 25.50 -0.78 3.67
C GLN A 97 26.30 0.00 2.61
N LYS A 98 26.45 1.32 2.80
CA LYS A 98 27.37 2.12 2.00
C LYS A 98 26.97 2.22 0.52
N GLY A 99 25.69 2.48 0.26
CA GLY A 99 25.24 2.72 -1.11
C GLY A 99 23.94 1.97 -1.42
N PRO A 100 23.20 2.40 -2.43
CA PRO A 100 21.97 1.67 -2.84
C PRO A 100 22.27 0.51 -3.78
N THR A 101 23.25 0.71 -4.66
CA THR A 101 23.63 -0.32 -5.63
C THR A 101 24.66 -1.33 -5.07
N SER A 102 25.21 -1.06 -3.89
CA SER A 102 26.30 -1.87 -3.35
C SER A 102 25.82 -3.18 -2.71
N ASP A 103 24.51 -3.36 -2.52
CA ASP A 103 23.99 -4.57 -1.88
C ASP A 103 22.75 -5.08 -2.60
N TYR A 104 22.66 -6.39 -2.74
CA TYR A 104 21.53 -7.02 -3.42
C TYR A 104 20.25 -6.87 -2.61
N ILE A 105 20.37 -6.99 -1.28
CA ILE A 105 19.21 -6.81 -0.39
C ILE A 105 18.62 -5.41 -0.63
N ILE A 106 19.46 -4.39 -0.55
CA ILE A 106 18.99 -3.02 -0.71
C ILE A 106 18.35 -2.81 -2.07
N GLU A 107 18.91 -3.41 -3.12
CA GLU A 107 18.37 -3.24 -4.47
C GLU A 107 16.91 -3.68 -4.53
N GLN A 108 16.63 -4.86 -3.98
CA GLN A 108 15.27 -5.39 -4.02
C GLN A 108 14.33 -4.49 -3.24
N ILE A 109 14.80 -3.96 -2.12
CA ILE A 109 13.96 -3.09 -1.30
C ILE A 109 13.65 -1.80 -2.06
N GLN A 110 14.66 -1.26 -2.74
CA GLN A 110 14.50 0.04 -3.40
C GLN A 110 13.48 -0.02 -4.53
N ARG A 111 13.64 -0.99 -5.44
CA ARG A 111 12.76 -1.05 -6.61
C ARG A 111 11.31 -1.24 -6.18
N ASP A 112 11.08 -2.08 -5.18
CA ASP A 112 9.72 -2.39 -4.76
C ASP A 112 8.92 -1.13 -4.43
N GLN A 113 9.56 -0.17 -3.76
CA GLN A 113 8.84 1.02 -3.28
C GLN A 113 8.57 2.01 -4.41
N GLU A 114 9.50 2.11 -5.36
CA GLU A 114 9.27 2.98 -6.51
C GLU A 114 8.19 2.40 -7.42
N GLU A 115 8.14 1.07 -7.53
CA GLU A 115 7.00 0.42 -8.17
C GLU A 115 5.73 0.67 -7.38
N ALA A 116 5.84 0.61 -6.05
CA ALA A 116 4.70 0.84 -5.16
C ALA A 116 4.03 2.18 -5.48
N ARG A 117 4.84 3.23 -5.60
CA ARG A 117 4.31 4.55 -5.91
C ARG A 117 3.54 4.52 -7.24
N LYS A 118 4.12 3.85 -8.22
CA LYS A 118 3.50 3.76 -9.53
C LYS A 118 2.12 3.11 -9.43
N LYS A 119 2.00 2.10 -8.57
CA LYS A 119 0.71 1.45 -8.34
C LYS A 119 -0.29 2.44 -7.73
N VAL A 120 0.17 3.31 -6.84
CA VAL A 120 -0.70 4.32 -6.22
C VAL A 120 -1.28 5.22 -7.31
N GLU A 121 -0.43 5.65 -8.24
CA GLU A 121 -0.88 6.50 -9.33
C GLU A 121 -1.94 5.78 -10.16
N GLU A 122 -1.73 4.48 -10.40
CA GLU A 122 -2.72 3.69 -11.10
C GLU A 122 -4.01 3.60 -10.28
N ALA A 123 -3.86 3.46 -8.97
CA ALA A 123 -5.02 3.39 -8.08
C ALA A 123 -5.81 4.69 -8.15
N GLU A 124 -5.08 5.81 -8.13
CA GLU A 124 -5.70 7.13 -8.24
C GLU A 124 -6.31 7.32 -9.63
N GLU A 125 -5.55 6.96 -10.65
CA GLU A 125 -6.00 7.15 -12.03
C GLU A 125 -7.34 6.46 -12.26
N ARG A 126 -7.41 5.18 -11.89
CA ARG A 126 -8.65 4.43 -12.02
C ARG A 126 -9.70 4.86 -10.98
N LEU A 127 -9.25 5.38 -9.83
CA LEU A 127 -10.18 6.01 -8.90
C LEU A 127 -10.89 7.17 -9.59
N GLU A 128 -10.14 7.95 -10.37
CA GLU A 128 -10.72 9.05 -11.13
C GLU A 128 -11.72 8.55 -12.16
N ARG A 129 -11.40 7.45 -12.82
CA ARG A 129 -12.30 6.88 -13.82
C ARG A 129 -13.64 6.54 -13.18
N VAL A 130 -13.60 5.98 -11.98
CA VAL A 130 -14.83 5.71 -11.23
C VAL A 130 -15.54 7.03 -10.96
N LYS A 131 -14.78 8.05 -10.55
CA LYS A 131 -15.37 9.35 -10.30
C LYS A 131 -16.04 9.91 -11.55
N GLU A 132 -15.44 9.66 -12.72
CA GLU A 132 -16.05 10.05 -13.97
C GLU A 132 -17.29 9.21 -14.26
N ALA A 133 -17.23 7.92 -13.94
CA ALA A 133 -18.33 7.01 -14.23
C ALA A 133 -19.58 7.37 -13.44
N SER A 134 -19.41 7.70 -12.16
CA SER A 134 -20.57 8.01 -11.31
C SER A 134 -21.33 9.24 -11.82
N LYS A 135 -20.60 10.24 -12.28
CA LYS A 135 -21.22 11.48 -12.76
C LYS A 135 -21.98 11.24 -14.08
N ARG A 136 -21.44 10.38 -14.92
CA ARG A 136 -21.98 10.21 -16.28
C ARG A 136 -23.04 9.12 -16.40
N GLY A 137 -23.46 8.53 -15.28
CA GLY A 137 -24.55 7.56 -15.29
C GLY A 137 -24.11 6.22 -15.87
N VAL A 138 -22.95 5.73 -15.44
CA VAL A 138 -22.47 4.43 -15.89
C VAL A 138 -23.22 3.33 -15.15
N SER A 139 -23.61 2.28 -15.88
CA SER A 139 -24.38 1.19 -15.30
C SER A 139 -23.56 0.44 -14.25
N SER A 140 -24.26 -0.23 -13.35
CA SER A 140 -23.61 -0.95 -12.26
C SER A 140 -22.67 -2.03 -12.79
N ASP A 141 -23.09 -2.72 -13.84
CA ASP A 141 -22.29 -3.81 -14.39
C ASP A 141 -20.91 -3.31 -14.81
N GLN A 142 -20.88 -2.20 -15.54
CA GLN A 142 -19.61 -1.60 -15.95
C GLN A 142 -18.88 -1.03 -14.74
N LEU A 143 -19.64 -0.39 -13.85
CA LEU A 143 -19.06 0.27 -12.69
C LEU A 143 -18.38 -0.74 -11.77
N LEU A 144 -19.03 -1.88 -11.56
CA LEU A 144 -18.49 -2.89 -10.64
C LEU A 144 -17.11 -3.36 -11.11
N ASP A 145 -16.97 -3.53 -12.42
CA ASP A 145 -15.69 -3.98 -12.97
C ASP A 145 -14.57 -3.03 -12.56
N LEU A 146 -14.85 -1.74 -12.60
CA LEU A 146 -13.87 -0.73 -12.22
C LEU A 146 -13.44 -0.91 -10.76
N ILE A 147 -14.41 -1.21 -9.90
CA ILE A 147 -14.14 -1.32 -8.47
C ILE A 147 -13.26 -2.53 -8.18
N ARG A 148 -13.67 -3.69 -8.67
CA ARG A 148 -12.91 -4.91 -8.40
C ARG A 148 -11.54 -4.87 -9.06
N GLU A 149 -11.46 -4.27 -10.25
CA GLU A 149 -10.15 -4.05 -10.89
C GLU A 149 -9.28 -3.20 -9.97
N LEU A 150 -9.84 -2.09 -9.50
CA LEU A 150 -9.14 -1.24 -8.53
C LEU A 150 -8.82 -2.03 -7.26
N ALA A 151 -9.74 -2.92 -6.86
CA ALA A 151 -9.55 -3.68 -5.63
C ALA A 151 -8.26 -4.51 -5.69
N GLU A 152 -7.99 -5.13 -6.84
CA GLU A 152 -6.81 -5.98 -6.96
C GLU A 152 -5.54 -5.20 -7.29
N ILE A 153 -5.67 -3.96 -7.78
CA ILE A 153 -4.51 -3.07 -7.86
C ILE A 153 -4.06 -2.70 -6.45
N ILE A 154 -5.03 -2.40 -5.57
CA ILE A 154 -4.74 -2.23 -4.15
C ILE A 154 -4.06 -3.49 -3.62
N GLU A 155 -4.61 -4.65 -3.98
CA GLU A 155 -4.08 -5.91 -3.50
C GLU A 155 -2.60 -6.03 -3.83
N GLU A 156 -2.21 -5.73 -5.08
CA GLU A 156 -0.81 -5.78 -5.45
C GLU A 156 0.00 -4.83 -4.59
N LEU A 157 -0.47 -3.59 -4.44
CA LEU A 157 0.21 -2.63 -3.59
C LEU A 157 0.34 -3.16 -2.17
N ILE A 158 -0.74 -3.73 -1.66
CA ILE A 158 -0.75 -4.31 -0.32
C ILE A 158 0.36 -5.36 -0.19
N ARG A 159 0.48 -6.24 -1.18
CA ARG A 159 1.50 -7.29 -1.14
C ARG A 159 2.90 -6.70 -1.12
N ILE A 160 3.13 -5.64 -1.90
CA ILE A 160 4.45 -5.03 -1.97
C ILE A 160 4.82 -4.39 -0.63
N ILE A 161 3.85 -3.79 0.07
CA ILE A 161 4.15 -3.09 1.32
C ILE A 161 4.81 -4.05 2.31
N ARG A 162 4.20 -5.22 2.56
CA ARG A 162 4.79 -6.19 3.49
C ARG A 162 5.42 -7.39 2.80
N ARG A 163 5.84 -7.22 1.55
CA ARG A 163 6.92 -8.01 1.01
C ARG A 163 8.25 -7.34 1.37
N SER A 164 8.30 -6.02 1.22
CA SER A 164 9.47 -5.24 1.59
C SER A 164 9.57 -5.06 3.11
N ASN A 165 8.43 -4.83 3.77
CA ASN A 165 8.44 -4.63 5.21
C ASN A 165 9.04 -5.84 5.91
N GLU A 166 8.68 -7.03 5.44
CA GLU A 166 9.26 -8.26 5.95
C GLU A 166 10.76 -8.30 5.65
N ALA A 167 11.13 -7.87 4.44
CA ALA A 167 12.53 -7.84 4.05
C ALA A 167 13.31 -6.89 4.96
N ILE A 168 12.73 -5.73 5.25
CA ILE A 168 13.39 -4.74 6.10
C ILE A 168 13.69 -5.37 7.47
N LYS A 169 12.64 -5.91 8.11
CA LYS A 169 12.76 -6.38 9.49
C LYS A 169 13.85 -7.44 9.65
N GLU A 170 13.93 -8.36 8.69
CA GLU A 170 14.97 -9.39 8.74
C GLU A 170 16.36 -8.76 8.76
N LEU A 171 16.54 -7.71 7.99
CA LEU A 171 17.83 -7.01 7.96
C LEU A 171 18.15 -6.40 9.31
N ILE A 172 17.13 -5.90 10.01
CA ILE A 172 17.35 -5.23 11.28
C ILE A 172 17.91 -6.19 12.33
N LYS A 173 17.54 -7.46 12.27
CA LYS A 173 17.94 -8.42 13.30
C LYS A 173 19.46 -8.52 13.43
N ASN A 174 20.18 -8.48 12.31
CA ASN A 174 21.64 -8.67 12.35
C ASN A 174 22.43 -7.38 12.56
N GLN A 175 21.74 -6.27 12.86
CA GLN A 175 22.43 -5.00 13.10
C GLN A 175 22.91 -4.91 14.55
#